data_5E9U
#
_entry.id   5E9U
#
_cell.length_a   148.975
_cell.length_b   196.005
_cell.length_c   215.673
_cell.angle_alpha   90.000
_cell.angle_beta   90.000
_cell.angle_gamma   90.000
#
_symmetry.space_group_name_H-M   'P 21 21 21'
#
loop_
_entity.id
_entity.type
_entity.pdbx_description
1 polymer 'Glycosyltransferase Gtf1'
2 polymer 'Glycosyltransferase-stabilizing protein Gtf2'
3 non-polymer "URIDINE-5'-DIPHOSPHATE"
4 non-polymer 2-acetamido-2-deoxy-beta-D-glucopyranose
5 non-polymer 'MAGNESIUM ION'
#
loop_
_entity_poly.entity_id
_entity_poly.type
_entity_poly.pdbx_seq_one_letter_code
_entity_poly.pdbx_strand_id
1 'polypeptide(L)'
;STVYNINLGIGWASSGVEYAQAYRAQILRRIQQPAKFIF(MSE)D(MSE)ILADNIQHLTENIGFLDEEIIWLYNYFTDI
KIAPTTVTLDQVLAQVAGQPERSEKEGKIVRYFYPQDDQFITCYLRQEDQDFVEHVEYVSRGRLIRKDYFSYVRYASEYF
APHNDAATLYQRRFYHEDGSVAYD(MSE)LIEDGQEKLYRFPDRIFYSKAELVRYFLQCLQLQADDVVILDRETGIGQVV
FEESQKAKLGVVVHAEHFSENASSDDYILWNNFYDYQFTNADKVDFFIVATEAQKRILEQQFQHYSDKQPQIATIPVGSL
DQLTYPKEPRKPYS(MSE)ITASRLATEKHIDWLVAATVQAHAQLPELTLDIYGKGSEEDKLRRRIEEAGAQDYIRLKGH
ADLSQIYAGYELYLTASTSEGFGLTL(MSE)EAVGSGLPLIGFDVRYGNQTFIDDGKNGYLLPVSSNHVEDQIIAAFVEK
IIALFSQGRQQE(MSE)SQHSYQVAENYLTSRVEAAWTQLLKEVRDD
;
A,C,E,G
2 'polypeptide(L)'
;(MSE)IQLFDYYNQETQDLHDSLLAAGYACPTIVIEANGFLPDD(MSE)ISPYTYFLGDEEGVDHPLFFNQVPVPPFWEI
TGDHQVARVSD(MSE)GEERARIHYASQARGRLVKQVDWLDKKGQLRLSERYNKQGRCFAKTAYKSGQEAFNTTYYSTDG
QERIVENHVTGDIILTLDQEPLRIFKSRVDFIRFFLERLDLDLDHILFNSLAYSFLVSHSLTGRAGQDILFWQEPLYDEL
PGN(MSE)QLILDNSQLRTQTIVIPDLATYEKA(MSE)SLAAADQQQKFLHLGYHYDFKRDNYLRKDALILTHSDQIEGL
DTLVQSLPQLVFRIAALTE(MSE)SPKLLS(MSE)LSYKNVVLYQNASLKQIEQLYLESDIYLDINHGGQVLQAVRKAFE
NNLLILGFEQTLHDRHYIAQQHIFDSSQPAQLASILEEALCGVEQ(MSE)RSALQAQGRHANDVPVSLYQETLQSLLG
;
B,D,F,H
#
loop_
_chem_comp.id
_chem_comp.type
_chem_comp.name
_chem_comp.formula
MG non-polymer 'MAGNESIUM ION' 'Mg 2'
NAG D-saccharide, beta linking 2-acetamido-2-deoxy-beta-D-glucopyranose 'C8 H15 N O6'
UDP RNA linking URIDINE-5'-DIPHOSPHATE 'C9 H14 N2 O12 P2'
#
# COMPACT_ATOMS: atom_id res chain seq x y z
N SER A 1 16.58 -31.25 -25.48
CA SER A 1 17.97 -30.80 -25.48
C SER A 1 18.78 -31.54 -26.53
N THR A 2 20.08 -31.29 -26.54
CA THR A 2 21.00 -31.93 -27.47
C THR A 2 22.39 -31.86 -26.86
N VAL A 3 23.30 -32.69 -27.36
CA VAL A 3 24.67 -32.76 -26.88
C VAL A 3 25.61 -32.40 -28.04
N TYR A 4 26.23 -31.23 -27.96
CA TYR A 4 27.13 -30.77 -29.01
C TYR A 4 28.58 -31.14 -28.69
N ASN A 5 29.29 -31.59 -29.71
CA ASN A 5 30.67 -32.08 -29.55
C ASN A 5 31.59 -31.32 -30.50
N ILE A 6 32.60 -30.67 -29.93
CA ILE A 6 33.46 -29.76 -30.67
C ILE A 6 34.78 -30.46 -30.97
N ASN A 7 35.06 -30.69 -32.25
CA ASN A 7 36.33 -31.23 -32.71
C ASN A 7 36.81 -30.42 -33.91
N LEU A 8 38.11 -30.14 -33.93
CA LEU A 8 38.70 -29.33 -35.00
C LEU A 8 38.50 -29.94 -36.39
N GLY A 9 39.13 -31.08 -36.67
CA GLY A 9 39.10 -31.62 -38.01
C GLY A 9 39.23 -33.13 -38.08
N ILE A 10 39.23 -33.64 -39.31
CA ILE A 10 39.27 -35.09 -39.56
C ILE A 10 39.90 -35.39 -40.92
N GLY A 11 40.60 -36.51 -40.99
CA GLY A 11 41.01 -37.10 -42.24
C GLY A 11 40.32 -38.42 -42.52
N TRP A 12 40.93 -39.21 -43.40
CA TRP A 12 40.57 -40.62 -43.50
C TRP A 12 41.22 -41.43 -42.39
N ALA A 13 42.49 -41.12 -42.11
CA ALA A 13 43.40 -41.83 -41.22
C ALA A 13 43.36 -41.31 -39.80
N SER A 14 42.35 -40.52 -39.47
CA SER A 14 42.40 -39.60 -38.33
C SER A 14 42.69 -40.36 -37.03
N SER A 15 43.13 -39.57 -36.04
CA SER A 15 43.70 -40.10 -34.82
C SER A 15 42.64 -40.79 -33.96
N GLY A 16 43.09 -41.33 -32.83
CA GLY A 16 42.20 -41.97 -31.88
C GLY A 16 41.32 -41.02 -31.11
N VAL A 17 41.77 -39.76 -30.94
CA VAL A 17 40.88 -38.71 -30.46
C VAL A 17 39.63 -38.68 -31.32
N GLU A 18 39.81 -38.73 -32.65
CA GLU A 18 38.68 -38.66 -33.56
C GLU A 18 37.84 -39.93 -33.50
N TYR A 19 38.49 -41.09 -33.35
CA TYR A 19 37.74 -42.34 -33.24
C TYR A 19 36.87 -42.35 -31.99
N ALA A 20 37.35 -41.74 -30.89
CA ALA A 20 36.60 -41.73 -29.64
C ALA A 20 35.21 -41.15 -29.85
N GLN A 21 35.14 -40.02 -30.56
CA GLN A 21 33.85 -39.44 -30.90
C GLN A 21 32.99 -40.44 -31.67
N ALA A 22 33.58 -41.12 -32.66
CA ALA A 22 32.81 -42.08 -33.44
C ALA A 22 32.21 -43.15 -32.56
N TYR A 23 33.05 -43.78 -31.72
CA TYR A 23 32.53 -44.73 -30.74
C TYR A 23 31.50 -44.05 -29.84
N ARG A 24 31.83 -42.86 -29.34
CA ARG A 24 30.92 -42.12 -28.48
C ARG A 24 29.59 -41.85 -29.16
N ALA A 25 29.58 -41.76 -30.50
CA ALA A 25 28.35 -41.46 -31.22
C ALA A 25 27.36 -42.61 -31.16
N GLN A 26 27.81 -43.80 -31.54
CA GLN A 26 26.92 -44.96 -31.51
C GLN A 26 26.45 -45.26 -30.09
N ILE A 27 27.23 -44.85 -29.09
CA ILE A 27 26.77 -44.92 -27.70
C ILE A 27 25.49 -44.10 -27.54
N LEU A 28 25.56 -42.81 -27.86
CA LEU A 28 24.41 -41.93 -27.67
C LEU A 28 23.24 -42.30 -28.55
N ARG A 29 23.48 -42.99 -29.67
CA ARG A 29 22.39 -43.38 -30.54
C ARG A 29 21.45 -44.36 -29.85
N ARG A 30 21.93 -45.12 -28.87
CA ARG A 30 21.12 -46.10 -28.17
C ARG A 30 20.63 -45.63 -26.80
N ILE A 31 20.99 -44.42 -26.36
CA ILE A 31 20.50 -43.85 -25.11
C ILE A 31 19.32 -42.93 -25.34
N GLN A 32 18.83 -42.82 -26.57
CA GLN A 32 17.72 -41.94 -26.95
C GLN A 32 18.05 -40.47 -26.74
N GLN A 33 19.33 -40.11 -26.70
CA GLN A 33 19.75 -38.73 -26.54
C GLN A 33 20.40 -38.23 -27.82
N PRO A 34 19.80 -37.28 -28.53
CA PRO A 34 20.41 -36.78 -29.75
C PRO A 34 21.67 -35.98 -29.44
N ALA A 35 22.51 -35.82 -30.47
CA ALA A 35 23.77 -35.12 -30.34
C ALA A 35 24.18 -34.59 -31.70
N LYS A 36 25.28 -33.84 -31.73
CA LYS A 36 25.89 -33.33 -32.94
C LYS A 36 27.40 -33.25 -32.74
N PHE A 37 28.14 -33.51 -33.81
CA PHE A 37 29.59 -33.46 -33.79
C PHE A 37 30.06 -32.35 -34.72
N ILE A 38 30.59 -31.28 -34.13
CA ILE A 38 30.97 -30.07 -34.87
C ILE A 38 32.41 -30.21 -35.34
N PHE A 39 32.69 -29.73 -36.55
CA PHE A 39 34.04 -29.77 -37.11
C PHE A 39 34.41 -28.40 -37.68
N MSE A 40 35.43 -27.78 -37.09
CA MSE A 40 35.90 -26.43 -37.45
C MSE A 40 36.94 -26.32 -38.57
O MSE A 40 37.09 -25.24 -39.15
CB MSE A 40 36.50 -25.77 -36.21
CG MSE A 40 35.70 -25.96 -34.93
SE MSE A 40 33.95 -25.09 -35.00
CE MSE A 40 33.40 -25.32 -33.14
N ASP A 41 37.67 -27.39 -38.85
CA ASP A 41 38.81 -27.28 -39.72
C ASP A 41 38.40 -27.17 -41.19
N MSE A 42 39.33 -26.70 -42.01
CA MSE A 42 39.10 -26.64 -43.44
C MSE A 42 39.29 -28.02 -44.05
O MSE A 42 40.38 -28.58 -44.02
CB MSE A 42 40.04 -25.64 -44.10
CG MSE A 42 39.61 -25.26 -45.51
SE MSE A 42 37.71 -24.79 -45.51
CE MSE A 42 37.45 -24.36 -47.40
N ILE A 43 38.22 -28.56 -44.63
CA ILE A 43 38.20 -29.92 -45.16
C ILE A 43 37.86 -29.81 -46.64
N LEU A 44 38.87 -30.05 -47.49
CA LEU A 44 38.73 -29.84 -48.92
C LEU A 44 39.26 -31.03 -49.70
N ALA A 45 40.50 -31.45 -49.41
CA ALA A 45 41.22 -32.48 -50.14
C ALA A 45 40.32 -33.63 -50.54
N ASP A 46 39.37 -33.99 -49.69
CA ASP A 46 38.24 -34.81 -50.10
C ASP A 46 36.96 -34.20 -49.52
N ASN A 47 35.83 -34.86 -49.76
CA ASN A 47 34.57 -34.39 -49.22
C ASN A 47 34.52 -34.68 -47.72
N ILE A 48 33.88 -33.77 -46.98
CA ILE A 48 33.71 -33.96 -45.55
C ILE A 48 33.00 -35.26 -45.25
N GLN A 49 32.00 -35.62 -46.07
CA GLN A 49 31.09 -36.69 -45.72
C GLN A 49 31.79 -38.05 -45.76
N HIS A 50 32.57 -38.33 -46.80
CA HIS A 50 33.23 -39.63 -46.87
C HIS A 50 34.09 -39.88 -45.65
N LEU A 51 34.58 -38.81 -45.01
CA LEU A 51 35.34 -38.97 -43.79
C LEU A 51 34.43 -39.31 -42.61
N THR A 52 33.29 -38.63 -42.52
CA THR A 52 32.30 -38.87 -41.48
C THR A 52 31.83 -40.31 -41.45
N GLU A 53 31.13 -40.72 -42.52
CA GLU A 53 30.61 -42.08 -42.61
C GLU A 53 31.69 -43.12 -42.37
N ASN A 54 32.91 -42.83 -42.84
CA ASN A 54 34.02 -43.78 -42.75
C ASN A 54 34.21 -44.28 -41.33
N ILE A 55 34.24 -43.35 -40.36
CA ILE A 55 34.59 -43.71 -39.00
C ILE A 55 33.40 -44.22 -38.20
N GLY A 56 32.22 -44.34 -38.81
CA GLY A 56 31.04 -44.82 -38.14
C GLY A 56 29.97 -43.78 -37.89
N PHE A 57 30.23 -42.51 -38.17
CA PHE A 57 29.24 -41.47 -37.94
C PHE A 57 28.06 -41.61 -38.90
N LEU A 58 26.95 -40.98 -38.52
CA LEU A 58 25.79 -40.83 -39.38
C LEU A 58 25.77 -39.40 -39.93
N ASP A 59 25.37 -39.27 -41.20
CA ASP A 59 25.43 -37.97 -41.87
C ASP A 59 24.66 -36.89 -41.11
N GLU A 60 23.49 -37.24 -40.59
CA GLU A 60 22.63 -36.26 -39.95
C GLU A 60 23.07 -35.96 -38.53
N GLU A 61 24.13 -36.59 -38.06
CA GLU A 61 24.73 -36.33 -36.77
C GLU A 61 25.87 -35.31 -36.82
N ILE A 62 26.33 -34.94 -38.01
CA ILE A 62 27.50 -34.06 -38.16
C ILE A 62 27.04 -32.66 -38.51
N ILE A 63 27.57 -31.67 -37.80
CA ILE A 63 27.44 -30.27 -38.16
C ILE A 63 28.82 -29.78 -38.55
N TRP A 64 29.04 -29.56 -39.83
CA TRP A 64 30.29 -28.98 -40.31
C TRP A 64 30.16 -27.46 -40.25
N LEU A 65 31.12 -26.83 -39.59
CA LEU A 65 31.03 -25.39 -39.35
C LEU A 65 30.81 -24.61 -40.63
N TYR A 66 31.63 -24.86 -41.64
CA TYR A 66 31.51 -24.15 -42.91
C TYR A 66 30.32 -24.62 -43.73
N ASN A 67 29.64 -25.68 -43.29
CA ASN A 67 28.42 -26.20 -43.93
C ASN A 67 27.16 -25.58 -43.36
N TYR A 68 26.94 -25.76 -42.05
CA TYR A 68 25.63 -25.53 -41.41
C TYR A 68 25.02 -24.19 -41.79
N PHE A 69 25.85 -23.21 -42.14
CA PHE A 69 25.32 -21.90 -42.52
C PHE A 69 24.44 -22.00 -43.75
N THR A 70 24.73 -22.93 -44.65
CA THR A 70 23.99 -23.06 -45.89
C THR A 70 22.83 -24.03 -45.74
N ASP A 71 22.02 -24.16 -46.80
CA ASP A 71 20.94 -25.15 -46.83
C ASP A 71 21.46 -26.54 -47.21
N ILE A 72 22.48 -26.60 -48.07
CA ILE A 72 23.08 -27.88 -48.43
C ILE A 72 23.57 -28.56 -47.16
N LYS A 73 23.09 -29.76 -46.90
CA LYS A 73 23.49 -30.45 -45.68
C LYS A 73 24.22 -31.73 -46.07
N ILE A 74 25.05 -32.21 -45.14
CA ILE A 74 26.12 -33.14 -45.48
C ILE A 74 25.54 -34.37 -46.15
N ALA A 75 26.30 -34.92 -47.12
CA ALA A 75 25.87 -36.03 -47.97
C ALA A 75 27.00 -36.46 -48.90
N PRO A 76 27.00 -37.71 -49.36
CA PRO A 76 28.05 -38.16 -50.30
C PRO A 76 27.93 -37.44 -51.64
N THR A 77 28.99 -37.54 -52.44
CA THR A 77 29.05 -36.80 -53.69
C THR A 77 28.31 -37.57 -54.77
N THR A 78 27.20 -36.99 -55.26
CA THR A 78 26.31 -37.63 -56.22
C THR A 78 26.54 -37.19 -57.66
N VAL A 79 27.57 -36.38 -57.92
CA VAL A 79 27.72 -35.72 -59.22
C VAL A 79 28.50 -36.62 -60.17
N THR A 80 27.95 -36.81 -61.38
CA THR A 80 28.57 -37.58 -62.45
C THR A 80 29.59 -36.75 -63.24
N LEU A 81 30.51 -37.46 -63.90
CA LEU A 81 31.41 -36.85 -64.87
C LEU A 81 30.66 -36.11 -65.97
N ASP A 82 29.62 -36.74 -66.53
CA ASP A 82 28.90 -36.11 -67.64
C ASP A 82 28.20 -34.84 -67.21
N GLN A 83 27.83 -34.74 -65.93
CA GLN A 83 27.07 -33.58 -65.46
C GLN A 83 27.89 -32.31 -65.55
N VAL A 84 29.20 -32.40 -65.36
CA VAL A 84 30.06 -31.22 -65.37
C VAL A 84 30.37 -30.78 -66.80
N LEU A 85 30.77 -31.71 -67.66
CA LEU A 85 31.14 -31.33 -69.01
C LEU A 85 29.92 -30.82 -69.79
N ALA A 86 28.71 -31.15 -69.34
CA ALA A 86 27.51 -30.53 -69.90
C ALA A 86 27.39 -29.07 -69.52
N GLN A 87 28.07 -28.64 -68.44
CA GLN A 87 28.01 -27.27 -67.97
C GLN A 87 28.95 -26.34 -68.72
N VAL A 88 29.66 -26.83 -69.74
CA VAL A 88 30.70 -26.07 -70.41
C VAL A 88 30.31 -25.83 -71.87
N ALA A 89 30.76 -24.71 -72.41
CA ALA A 89 30.57 -24.42 -73.82
C ALA A 89 31.55 -25.22 -74.68
N GLY A 90 31.10 -25.55 -75.88
CA GLY A 90 31.85 -26.40 -76.78
C GLY A 90 31.93 -27.83 -76.28
N GLN A 91 32.88 -28.55 -76.86
CA GLN A 91 33.09 -29.96 -76.60
C GLN A 91 34.57 -30.28 -76.69
N PRO A 92 35.02 -31.33 -76.00
CA PRO A 92 36.40 -31.77 -76.15
C PRO A 92 36.54 -32.84 -77.23
N GLU A 93 37.80 -33.21 -77.49
CA GLU A 93 38.14 -34.36 -78.31
C GLU A 93 39.18 -35.21 -77.58
N ARG A 94 40.35 -34.63 -77.32
CA ARG A 94 41.40 -35.28 -76.55
C ARG A 94 41.08 -35.26 -75.07
N SER A 95 41.32 -36.38 -74.39
CA SER A 95 41.05 -36.51 -72.96
C SER A 95 42.12 -37.38 -72.32
N GLU A 96 42.71 -36.90 -71.22
CA GLU A 96 43.66 -37.71 -70.46
C GLU A 96 42.99 -38.32 -69.24
N LYS A 97 43.73 -39.22 -68.58
CA LYS A 97 43.38 -39.67 -67.24
C LYS A 97 44.62 -40.24 -66.57
N GLU A 98 44.74 -40.03 -65.25
CA GLU A 98 45.64 -40.84 -64.44
C GLU A 98 45.13 -40.78 -63.00
N GLY A 99 45.31 -41.89 -62.29
CA GLY A 99 44.87 -41.95 -60.89
C GLY A 99 43.40 -41.62 -60.74
N LYS A 100 43.11 -40.66 -59.85
CA LYS A 100 41.77 -40.15 -59.65
C LYS A 100 41.46 -38.95 -60.54
N ILE A 101 42.37 -38.62 -61.46
CA ILE A 101 42.34 -37.36 -62.21
C ILE A 101 41.86 -37.60 -63.63
N VAL A 102 41.02 -36.68 -64.12
CA VAL A 102 40.60 -36.62 -65.52
C VAL A 102 40.80 -35.21 -66.00
N ARG A 103 41.36 -35.06 -67.21
CA ARG A 103 41.60 -33.73 -67.79
C ARG A 103 41.03 -33.69 -69.21
N TYR A 104 39.94 -32.93 -69.39
CA TYR A 104 39.36 -32.62 -70.69
C TYR A 104 40.07 -31.42 -71.33
N PHE A 105 39.97 -31.33 -72.66
CA PHE A 105 40.67 -30.29 -73.41
C PHE A 105 39.76 -29.67 -74.46
N TYR A 106 39.70 -28.34 -74.48
CA TYR A 106 38.96 -27.59 -75.49
C TYR A 106 39.89 -26.53 -76.09
N PRO A 107 41.02 -26.92 -76.66
CA PRO A 107 42.10 -25.96 -76.91
C PRO A 107 41.98 -25.19 -78.23
N GLN A 108 40.79 -24.66 -78.53
CA GLN A 108 40.71 -23.61 -79.54
C GLN A 108 40.98 -22.24 -78.93
N ASP A 109 40.38 -21.95 -77.78
CA ASP A 109 40.91 -21.00 -76.81
C ASP A 109 41.52 -21.83 -75.70
N ASP A 110 42.65 -21.39 -75.16
CA ASP A 110 43.49 -22.34 -74.45
C ASP A 110 42.93 -22.44 -73.05
N GLN A 111 42.17 -23.51 -72.82
CA GLN A 111 41.40 -23.68 -71.61
C GLN A 111 41.11 -25.17 -71.46
N PHE A 112 40.94 -25.61 -70.23
CA PHE A 112 40.74 -27.03 -69.96
C PHE A 112 40.33 -27.21 -68.50
N ILE A 113 40.06 -28.47 -68.14
CA ILE A 113 39.47 -28.83 -66.86
C ILE A 113 40.28 -29.97 -66.26
N THR A 114 40.68 -29.82 -64.99
CA THR A 114 41.29 -30.90 -64.23
C THR A 114 40.25 -31.39 -63.23
N CYS A 115 39.80 -32.62 -63.40
CA CYS A 115 38.73 -33.19 -62.59
C CYS A 115 39.29 -34.19 -61.59
N TYR A 116 38.66 -34.26 -60.42
CA TYR A 116 39.14 -35.08 -59.31
C TYR A 116 38.04 -36.06 -58.92
N LEU A 117 38.31 -37.35 -59.07
CA LEU A 117 37.33 -38.39 -58.79
C LEU A 117 37.47 -38.87 -57.36
N ARG A 118 36.33 -39.18 -56.73
CA ARG A 118 36.35 -39.73 -55.38
C ARG A 118 37.17 -41.01 -55.32
N GLN A 119 37.05 -41.85 -56.35
CA GLN A 119 37.92 -43.01 -56.51
C GLN A 119 37.94 -43.39 -57.98
N GLU A 120 38.95 -44.20 -58.33
CA GLU A 120 39.36 -44.47 -59.71
C GLU A 120 38.23 -44.98 -60.61
N ASP A 121 37.76 -46.20 -60.34
CA ASP A 121 36.84 -46.87 -61.25
C ASP A 121 35.52 -46.12 -61.40
N GLN A 122 35.18 -45.24 -60.46
CA GLN A 122 33.92 -44.52 -60.56
C GLN A 122 34.09 -43.24 -61.35
N ASP A 123 32.94 -42.63 -61.68
CA ASP A 123 32.88 -41.40 -62.45
C ASP A 123 32.48 -40.17 -61.63
N PHE A 124 32.37 -40.30 -60.32
CA PHE A 124 31.98 -39.17 -59.48
C PHE A 124 33.13 -38.22 -59.24
N VAL A 125 32.83 -36.91 -59.26
CA VAL A 125 33.83 -35.84 -59.30
C VAL A 125 33.74 -35.03 -58.01
N GLU A 126 34.81 -35.06 -57.21
CA GLU A 126 34.90 -34.17 -56.05
C GLU A 126 35.26 -32.74 -56.46
N HIS A 127 36.44 -32.56 -57.05
CA HIS A 127 36.93 -31.25 -57.43
C HIS A 127 36.88 -31.07 -58.94
N VAL A 128 36.69 -29.82 -59.35
CA VAL A 128 36.76 -29.41 -60.75
C VAL A 128 37.56 -28.12 -60.83
N GLU A 129 38.66 -28.14 -61.57
CA GLU A 129 39.50 -26.95 -61.75
C GLU A 129 39.46 -26.49 -63.19
N TYR A 130 39.52 -25.17 -63.38
CA TYR A 130 39.50 -24.54 -64.70
C TYR A 130 40.80 -23.76 -64.90
N VAL A 131 41.47 -23.97 -66.03
CA VAL A 131 42.72 -23.27 -66.33
C VAL A 131 42.63 -22.71 -67.75
N SER A 132 42.67 -21.38 -67.86
CA SER A 132 42.69 -20.70 -69.15
C SER A 132 44.09 -20.16 -69.41
N ARG A 133 44.60 -20.39 -70.62
CA ARG A 133 45.86 -19.81 -71.09
C ARG A 133 47.05 -20.35 -70.29
N GLY A 134 46.79 -21.21 -69.30
CA GLY A 134 47.83 -21.71 -68.42
C GLY A 134 47.81 -21.19 -67.00
N ARG A 135 46.76 -20.48 -66.58
CA ARG A 135 46.60 -20.05 -65.20
C ARG A 135 45.26 -20.57 -64.65
N LEU A 136 45.25 -20.91 -63.37
CA LEU A 136 44.05 -21.46 -62.72
C LEU A 136 43.17 -20.33 -62.23
N ILE A 137 41.97 -20.20 -62.81
CA ILE A 137 41.07 -19.12 -62.42
C ILE A 137 39.86 -19.54 -61.58
N ARG A 138 39.55 -20.85 -61.48
CA ARG A 138 38.42 -21.23 -60.62
C ARG A 138 38.52 -22.72 -60.28
N LYS A 139 38.02 -23.09 -59.10
CA LYS A 139 37.99 -24.50 -58.69
C LYS A 139 36.71 -24.78 -57.92
N ASP A 140 35.92 -25.75 -58.38
CA ASP A 140 34.60 -26.03 -57.82
C ASP A 140 34.58 -27.37 -57.09
N TYR A 141 34.02 -27.36 -55.87
CA TYR A 141 33.86 -28.57 -55.06
C TYR A 141 32.39 -28.99 -55.04
N PHE A 142 32.17 -30.30 -54.93
CA PHE A 142 30.86 -30.90 -55.20
C PHE A 142 30.46 -31.87 -54.10
N SER A 143 29.15 -31.92 -53.83
CA SER A 143 28.55 -33.12 -53.23
C SER A 143 27.43 -33.64 -54.13
N TYR A 144 26.20 -33.10 -54.01
CA TYR A 144 25.21 -33.34 -55.05
C TYR A 144 25.03 -32.16 -55.98
N VAL A 145 25.66 -31.02 -55.66
CA VAL A 145 25.65 -29.80 -56.46
C VAL A 145 26.95 -29.06 -56.14
N ARG A 146 27.05 -27.80 -56.54
CA ARG A 146 28.25 -27.02 -56.29
C ARG A 146 28.11 -26.40 -54.91
N TYR A 147 28.90 -26.90 -53.95
CA TYR A 147 28.76 -26.47 -52.56
C TYR A 147 29.80 -25.47 -52.11
N ALA A 148 30.71 -25.07 -53.00
CA ALA A 148 31.70 -24.04 -52.77
C ALA A 148 32.54 -23.88 -54.03
N SER A 149 33.26 -22.77 -54.11
CA SER A 149 34.15 -22.45 -55.22
C SER A 149 35.33 -21.64 -54.71
N GLU A 150 36.51 -21.92 -55.24
CA GLU A 150 37.72 -21.16 -54.98
C GLU A 150 38.15 -20.43 -56.25
N TYR A 151 38.71 -19.24 -56.06
CA TYR A 151 39.25 -18.44 -57.15
C TYR A 151 40.73 -18.19 -56.87
N PHE A 152 41.50 -17.99 -57.95
CA PHE A 152 42.96 -17.95 -57.87
C PHE A 152 43.49 -16.84 -58.76
N ALA A 153 44.82 -16.76 -58.83
CA ALA A 153 45.56 -15.75 -59.60
C ALA A 153 47.05 -16.01 -59.47
N PRO A 154 47.86 -15.66 -60.47
CA PRO A 154 49.30 -15.85 -60.35
C PRO A 154 49.98 -14.83 -59.45
N HIS A 155 50.94 -15.31 -58.66
CA HIS A 155 51.89 -14.43 -57.99
C HIS A 155 53.25 -15.12 -57.97
N ASN A 156 54.28 -14.44 -58.47
CA ASN A 156 55.62 -15.01 -58.66
C ASN A 156 55.53 -16.37 -59.36
N ASP A 157 54.78 -16.40 -60.46
CA ASP A 157 54.58 -17.61 -61.27
C ASP A 157 54.16 -18.80 -60.40
N ALA A 158 53.12 -18.58 -59.61
CA ALA A 158 52.62 -19.61 -58.71
C ALA A 158 51.11 -19.49 -58.58
N ALA A 159 50.46 -20.63 -58.43
CA ALA A 159 49.03 -20.64 -58.13
C ALA A 159 48.81 -20.08 -56.73
N THR A 160 47.93 -19.09 -56.63
CA THR A 160 47.75 -18.35 -55.38
C THR A 160 46.27 -18.21 -55.09
N LEU A 161 45.86 -18.69 -53.92
CA LEU A 161 44.48 -18.59 -53.48
C LEU A 161 44.25 -17.24 -52.82
N TYR A 162 43.30 -16.48 -53.34
CA TYR A 162 42.96 -15.17 -52.81
C TYR A 162 41.60 -15.14 -52.12
N GLN A 163 40.53 -15.52 -52.82
CA GLN A 163 39.21 -15.55 -52.23
C GLN A 163 38.58 -16.94 -52.41
N ARG A 164 37.82 -17.38 -51.40
CA ARG A 164 36.93 -18.54 -51.50
C ARG A 164 35.49 -18.08 -51.41
N ARG A 165 34.57 -19.04 -51.52
CA ARG A 165 33.15 -18.72 -51.48
C ARG A 165 32.37 -19.97 -51.15
N PHE A 166 31.15 -19.78 -50.63
CA PHE A 166 30.22 -20.87 -50.33
C PHE A 166 28.86 -20.55 -50.93
N TYR A 167 28.11 -21.60 -51.25
CA TYR A 167 26.88 -21.45 -52.03
C TYR A 167 25.73 -22.23 -51.40
N HIS A 168 24.51 -21.89 -51.85
CA HIS A 168 23.30 -22.58 -51.47
C HIS A 168 22.86 -23.52 -52.60
N GLU A 169 21.79 -24.27 -52.36
CA GLU A 169 21.27 -25.19 -53.38
C GLU A 169 20.80 -24.45 -54.61
N ASP A 170 20.26 -23.24 -54.44
CA ASP A 170 19.82 -22.43 -55.56
C ASP A 170 20.98 -21.70 -56.22
N GLY A 171 22.20 -21.93 -55.75
CA GLY A 171 23.34 -21.24 -56.31
C GLY A 171 23.32 -19.78 -55.93
N SER A 172 23.00 -19.49 -54.66
CA SER A 172 22.98 -18.15 -54.10
C SER A 172 24.16 -17.98 -53.16
N VAL A 173 24.65 -16.75 -53.05
CA VAL A 173 25.86 -16.47 -52.30
C VAL A 173 25.49 -16.37 -50.82
N ALA A 174 26.03 -17.29 -50.02
CA ALA A 174 25.91 -17.18 -48.58
C ALA A 174 27.00 -16.25 -48.07
N TYR A 175 28.25 -16.66 -48.23
CA TYR A 175 29.38 -15.86 -47.82
C TYR A 175 30.60 -16.23 -48.67
N ASP A 176 31.48 -15.27 -48.85
CA ASP A 176 32.78 -15.50 -49.46
C ASP A 176 33.86 -15.02 -48.49
N MSE A 177 34.95 -15.78 -48.40
CA MSE A 177 36.04 -15.42 -47.50
C MSE A 177 37.28 -15.04 -48.32
O MSE A 177 37.49 -15.55 -49.42
CB MSE A 177 36.34 -16.56 -46.53
CG MSE A 177 36.62 -17.91 -47.20
SE MSE A 177 37.07 -19.35 -45.95
CE MSE A 177 35.33 -19.57 -45.10
N LEU A 178 38.11 -14.15 -47.77
CA LEU A 178 39.33 -13.72 -48.42
C LEU A 178 40.53 -14.39 -47.75
N ILE A 179 41.55 -14.67 -48.57
CA ILE A 179 42.71 -15.44 -48.15
C ILE A 179 43.96 -14.60 -48.39
N GLU A 180 44.67 -14.29 -47.32
CA GLU A 180 46.01 -13.71 -47.41
C GLU A 180 46.98 -14.74 -46.85
N ASP A 181 47.72 -15.41 -47.74
CA ASP A 181 48.83 -16.30 -47.38
C ASP A 181 48.39 -17.37 -46.37
N GLY A 182 47.59 -18.31 -46.88
CA GLY A 182 47.21 -19.50 -46.13
C GLY A 182 46.43 -19.27 -44.86
N GLN A 183 45.93 -18.05 -44.63
CA GLN A 183 45.17 -17.73 -43.44
C GLN A 183 43.93 -16.94 -43.83
N GLU A 184 42.76 -17.40 -43.39
CA GLU A 184 41.54 -16.65 -43.68
C GLU A 184 41.58 -15.30 -42.99
N LYS A 185 40.87 -14.33 -43.57
CA LYS A 185 40.91 -12.98 -43.02
C LYS A 185 39.51 -12.43 -42.79
N LEU A 186 38.72 -12.32 -43.85
CA LEU A 186 37.43 -11.67 -43.75
C LEU A 186 36.35 -12.55 -44.36
N TYR A 187 35.12 -12.38 -43.87
CA TYR A 187 33.96 -13.16 -44.29
C TYR A 187 32.85 -12.18 -44.65
N ARG A 188 32.36 -12.24 -45.88
CA ARG A 188 31.30 -11.32 -46.27
C ARG A 188 29.99 -12.09 -46.26
N PHE A 189 29.24 -11.90 -45.25
CA PHE A 189 27.83 -12.21 -45.21
C PHE A 189 27.03 -10.97 -45.59
N PRO A 190 25.83 -11.13 -46.14
CA PRO A 190 25.01 -9.93 -46.40
C PRO A 190 24.76 -9.11 -45.14
N ASP A 191 24.51 -9.74 -44.00
CA ASP A 191 24.16 -9.01 -42.79
C ASP A 191 25.31 -8.83 -41.78
N ARG A 192 26.47 -9.44 -42.00
CA ARG A 192 27.55 -9.33 -41.02
C ARG A 192 28.89 -9.31 -41.74
N ILE A 193 29.96 -9.10 -40.96
CA ILE A 193 31.33 -9.13 -41.47
C ILE A 193 32.24 -9.50 -40.32
N PHE A 194 33.36 -10.18 -40.62
CA PHE A 194 34.25 -10.63 -39.55
C PHE A 194 35.70 -10.67 -40.00
N TYR A 195 36.58 -10.31 -39.06
CA TYR A 195 38.03 -10.25 -39.26
C TYR A 195 38.82 -11.39 -38.63
N SER A 196 38.19 -12.31 -37.91
CA SER A 196 38.93 -13.42 -37.31
C SER A 196 38.06 -14.67 -37.24
N LYS A 197 38.67 -15.83 -37.48
CA LYS A 197 37.92 -17.08 -37.44
C LYS A 197 37.48 -17.40 -36.00
N ALA A 198 38.22 -16.89 -35.02
CA ALA A 198 37.76 -17.00 -33.64
C ALA A 198 36.39 -16.34 -33.48
N GLU A 199 36.23 -15.14 -34.02
CA GLU A 199 34.97 -14.43 -33.89
C GLU A 199 33.92 -14.88 -34.90
N LEU A 200 34.26 -15.80 -35.80
CA LEU A 200 33.25 -16.46 -36.61
C LEU A 200 32.58 -17.60 -35.85
N VAL A 201 33.38 -18.39 -35.11
CA VAL A 201 32.81 -19.44 -34.28
C VAL A 201 31.91 -18.83 -33.21
N ARG A 202 32.31 -17.67 -32.67
CA ARG A 202 31.45 -16.92 -31.76
C ARG A 202 30.08 -16.71 -32.37
N TYR A 203 30.02 -16.47 -33.68
CA TYR A 203 28.74 -16.31 -34.35
C TYR A 203 28.05 -17.65 -34.55
N PHE A 204 28.83 -18.70 -34.82
CA PHE A 204 28.26 -20.04 -35.01
C PHE A 204 27.57 -20.52 -33.75
N LEU A 205 28.30 -20.55 -32.63
CA LEU A 205 27.70 -20.91 -31.35
C LEU A 205 26.51 -20.01 -31.03
N GLN A 206 26.65 -18.72 -31.28
CA GLN A 206 25.59 -17.77 -30.96
C GLN A 206 24.29 -18.13 -31.67
N CYS A 207 24.38 -18.49 -32.95
CA CYS A 207 23.16 -18.83 -33.69
C CYS A 207 22.62 -20.20 -33.32
N LEU A 208 23.44 -21.06 -32.72
CA LEU A 208 22.95 -22.36 -32.29
C LEU A 208 21.89 -22.25 -31.21
N GLN A 209 21.84 -21.12 -30.51
CA GLN A 209 20.80 -20.84 -29.51
C GLN A 209 20.69 -21.99 -28.50
N LEU A 210 21.73 -22.08 -27.67
CA LEU A 210 21.81 -23.12 -26.66
C LEU A 210 20.85 -22.83 -25.51
N GLN A 211 20.23 -23.90 -25.01
CA GLN A 211 19.25 -23.82 -23.94
C GLN A 211 19.90 -24.20 -22.61
N ALA A 212 19.10 -24.20 -21.54
CA ALA A 212 19.63 -24.33 -20.18
C ALA A 212 20.39 -25.65 -20.01
N ASP A 213 19.76 -26.77 -20.41
CA ASP A 213 20.31 -28.10 -20.21
C ASP A 213 21.09 -28.63 -21.42
N ASP A 214 21.35 -27.80 -22.42
CA ASP A 214 22.27 -28.20 -23.50
C ASP A 214 23.69 -28.44 -22.95
N VAL A 215 24.46 -29.22 -23.71
CA VAL A 215 25.79 -29.65 -23.31
C VAL A 215 26.76 -29.41 -24.45
N VAL A 216 27.83 -28.67 -24.17
CA VAL A 216 28.93 -28.48 -25.09
C VAL A 216 30.13 -29.27 -24.57
N ILE A 217 30.69 -30.12 -25.42
CA ILE A 217 31.80 -30.99 -25.04
C ILE A 217 33.03 -30.61 -25.85
N LEU A 218 34.09 -30.24 -25.16
CA LEU A 218 35.34 -29.83 -25.80
C LEU A 218 36.29 -31.02 -25.87
N ASP A 219 36.79 -31.29 -27.07
CA ASP A 219 37.89 -32.23 -27.26
C ASP A 219 39.21 -31.49 -27.46
N ARG A 220 39.31 -30.66 -28.49
CA ARG A 220 40.53 -29.95 -28.81
C ARG A 220 40.37 -28.45 -28.60
N GLU A 221 41.22 -27.90 -27.74
CA GLU A 221 41.19 -26.46 -27.47
C GLU A 221 41.60 -25.63 -28.68
N THR A 222 42.58 -26.11 -29.45
CA THR A 222 43.52 -25.22 -30.14
C THR A 222 42.82 -24.18 -31.01
N GLY A 223 43.11 -22.91 -30.70
CA GLY A 223 42.72 -21.74 -31.46
C GLY A 223 41.30 -21.29 -31.23
N ILE A 224 40.44 -22.23 -30.86
CA ILE A 224 39.04 -21.96 -30.53
C ILE A 224 38.77 -22.00 -29.03
N GLY A 225 39.78 -22.28 -28.20
CA GLY A 225 39.52 -22.55 -26.80
C GLY A 225 38.79 -21.42 -26.10
N GLN A 226 39.26 -20.20 -26.30
CA GLN A 226 38.64 -19.03 -25.68
C GLN A 226 37.20 -18.85 -26.15
N VAL A 227 36.98 -18.90 -27.46
CA VAL A 227 35.65 -18.63 -27.99
C VAL A 227 34.65 -19.71 -27.59
N VAL A 228 35.13 -20.91 -27.26
CA VAL A 228 34.23 -21.94 -26.74
C VAL A 228 33.68 -21.54 -25.38
N PHE A 229 34.57 -21.12 -24.47
CA PHE A 229 34.18 -20.89 -23.09
C PHE A 229 33.18 -19.73 -22.96
N GLU A 230 33.51 -18.57 -23.53
CA GLU A 230 32.67 -17.38 -23.31
C GLU A 230 31.22 -17.63 -23.70
N GLU A 231 31.00 -18.24 -24.86
CA GLU A 231 29.65 -18.38 -25.40
C GLU A 231 28.95 -19.65 -24.95
N SER A 232 29.56 -20.49 -24.12
CA SER A 232 28.88 -21.68 -23.63
C SER A 232 28.33 -21.57 -22.21
N GLN A 233 28.59 -20.47 -21.48
CA GLN A 233 28.17 -20.48 -20.08
C GLN A 233 26.66 -20.39 -19.91
N LYS A 234 25.93 -20.09 -20.98
CA LYS A 234 24.48 -20.21 -20.96
C LYS A 234 24.07 -21.63 -20.59
N ALA A 235 24.66 -22.64 -21.25
CA ALA A 235 24.42 -24.05 -21.02
C ALA A 235 25.49 -24.63 -20.12
N LYS A 236 25.50 -25.95 -20.00
CA LYS A 236 26.53 -26.69 -19.28
C LYS A 236 27.64 -27.11 -20.22
N LEU A 237 28.88 -26.98 -19.74
CA LEU A 237 30.09 -27.18 -20.51
C LEU A 237 30.93 -28.28 -19.87
N GLY A 238 31.66 -29.01 -20.71
CA GLY A 238 32.56 -30.04 -20.22
C GLY A 238 33.71 -30.26 -21.16
N VAL A 239 34.82 -30.75 -20.61
CA VAL A 239 36.06 -30.96 -21.34
C VAL A 239 36.60 -32.34 -20.99
N VAL A 240 36.91 -33.15 -22.00
CA VAL A 240 37.40 -34.50 -21.82
C VAL A 240 38.88 -34.54 -22.19
N VAL A 241 39.72 -35.04 -21.28
CA VAL A 241 41.16 -35.04 -21.46
C VAL A 241 41.56 -36.40 -22.02
N HIS A 242 41.98 -36.42 -23.29
CA HIS A 242 42.31 -37.65 -23.97
C HIS A 242 43.73 -38.15 -23.72
N ALA A 243 44.72 -37.28 -23.70
CA ALA A 243 46.10 -37.72 -23.53
C ALA A 243 46.53 -37.58 -22.07
N GLU A 244 47.83 -37.82 -21.84
CA GLU A 244 48.37 -37.53 -20.51
C GLU A 244 48.25 -36.04 -20.24
N HIS A 245 47.92 -35.69 -18.99
CA HIS A 245 47.53 -34.34 -18.64
C HIS A 245 48.62 -33.48 -17.98
N PHE A 246 49.83 -33.97 -17.72
CA PHE A 246 50.90 -33.03 -17.34
C PHE A 246 52.26 -33.61 -17.68
N SER A 247 53.31 -32.87 -17.28
CA SER A 247 54.71 -33.31 -17.36
C SER A 247 55.23 -33.48 -15.93
N GLU A 248 55.44 -34.73 -15.52
CA GLU A 248 56.04 -34.97 -14.21
C GLU A 248 57.52 -34.62 -14.21
N ASN A 249 58.17 -34.67 -15.38
CA ASN A 249 59.57 -34.28 -15.47
C ASN A 249 59.77 -32.85 -15.00
N ALA A 250 59.34 -31.84 -15.76
CA ALA A 250 59.48 -30.51 -15.19
C ALA A 250 58.19 -30.25 -14.43
N SER A 251 58.23 -30.66 -13.17
CA SER A 251 57.28 -30.28 -12.14
C SER A 251 58.01 -30.47 -10.83
N SER A 252 57.94 -29.48 -9.97
CA SER A 252 58.38 -29.68 -8.61
C SER A 252 57.14 -30.05 -7.80
N ASP A 253 57.28 -30.11 -6.47
CA ASP A 253 56.08 -30.11 -5.65
C ASP A 253 55.41 -28.74 -5.64
N ASP A 254 56.20 -27.68 -5.88
CA ASP A 254 55.64 -26.34 -5.94
C ASP A 254 54.93 -26.11 -7.26
N TYR A 255 55.52 -26.56 -8.37
CA TYR A 255 55.05 -26.17 -9.68
C TYR A 255 54.75 -27.39 -10.54
N ILE A 256 53.66 -27.26 -11.30
CA ILE A 256 53.13 -28.29 -12.16
C ILE A 256 53.09 -27.73 -13.57
N LEU A 257 53.93 -28.26 -14.46
CA LEU A 257 53.90 -27.82 -15.85
C LEU A 257 52.86 -28.68 -16.56
N TRP A 258 51.81 -28.05 -17.02
CA TRP A 258 50.67 -28.77 -17.57
C TRP A 258 50.96 -29.14 -19.02
N ASN A 259 49.93 -29.61 -19.72
CA ASN A 259 50.01 -29.92 -21.13
C ASN A 259 49.28 -28.83 -21.90
N ASN A 260 49.93 -28.31 -22.95
CA ASN A 260 49.39 -27.15 -23.66
C ASN A 260 48.01 -27.41 -24.23
N PHE A 261 47.73 -28.66 -24.61
CA PHE A 261 46.43 -29.00 -25.18
C PHE A 261 45.30 -28.67 -24.19
N TYR A 262 45.48 -29.00 -22.91
CA TYR A 262 44.47 -28.77 -21.90
C TYR A 262 44.70 -27.60 -20.95
N ASP A 263 45.77 -26.80 -21.11
CA ASP A 263 46.12 -25.84 -20.07
C ASP A 263 45.04 -24.77 -19.86
N TYR A 264 44.54 -24.19 -20.96
CA TYR A 264 43.58 -23.09 -20.82
C TYR A 264 42.34 -23.52 -20.05
N GLN A 265 41.98 -24.80 -20.12
CA GLN A 265 40.82 -25.29 -19.40
C GLN A 265 41.12 -25.48 -17.92
N PHE A 266 42.29 -26.03 -17.58
CA PHE A 266 42.62 -26.24 -16.17
C PHE A 266 42.74 -24.92 -15.42
N THR A 267 43.38 -23.93 -16.02
CA THR A 267 43.54 -22.64 -15.37
C THR A 267 42.18 -22.01 -15.08
N ASN A 268 41.26 -22.09 -16.05
CA ASN A 268 39.93 -21.51 -15.98
C ASN A 268 38.83 -22.51 -15.60
N ALA A 269 39.19 -23.70 -15.11
CA ALA A 269 38.27 -24.81 -14.88
C ALA A 269 36.94 -24.43 -14.24
N ASP A 270 36.97 -23.48 -13.29
CA ASP A 270 35.75 -23.09 -12.57
C ASP A 270 34.60 -22.84 -13.52
N LYS A 271 34.85 -22.16 -14.63
CA LYS A 271 33.79 -21.84 -15.57
C LYS A 271 33.17 -23.09 -16.16
N VAL A 272 33.96 -24.16 -16.29
CA VAL A 272 33.48 -25.41 -16.84
C VAL A 272 32.71 -26.18 -15.76
N ASP A 273 31.57 -26.76 -16.13
CA ASP A 273 30.71 -27.41 -15.16
C ASP A 273 31.14 -28.84 -14.84
N PHE A 274 31.88 -29.52 -15.73
CA PHE A 274 32.33 -30.87 -15.43
C PHE A 274 33.51 -31.26 -16.32
N PHE A 275 34.21 -32.31 -15.89
CA PHE A 275 35.35 -32.87 -16.60
C PHE A 275 35.16 -34.36 -16.77
N ILE A 276 35.89 -34.94 -17.73
CA ILE A 276 35.78 -36.36 -18.03
C ILE A 276 37.15 -36.93 -18.34
N VAL A 277 37.49 -38.06 -17.71
CA VAL A 277 38.56 -38.93 -18.17
C VAL A 277 38.08 -40.38 -18.18
N ALA A 278 39.01 -41.30 -18.45
CA ALA A 278 38.68 -42.68 -18.81
C ALA A 278 39.08 -43.69 -17.74
N THR A 279 40.36 -43.76 -17.40
CA THR A 279 40.80 -44.54 -16.26
C THR A 279 40.64 -43.72 -14.99
N GLU A 280 39.94 -44.28 -13.98
CA GLU A 280 39.83 -43.56 -12.72
C GLU A 280 41.18 -43.39 -12.04
N ALA A 281 42.18 -44.18 -12.43
CA ALA A 281 43.55 -43.93 -11.98
C ALA A 281 43.96 -42.50 -12.33
N GLN A 282 43.73 -42.09 -13.57
CA GLN A 282 44.04 -40.72 -13.98
C GLN A 282 43.26 -39.71 -13.16
N LYS A 283 42.00 -40.01 -12.84
CA LYS A 283 41.17 -39.09 -12.09
C LYS A 283 41.81 -38.73 -10.75
N ARG A 284 42.11 -39.75 -9.93
CA ARG A 284 42.57 -39.46 -8.58
C ARG A 284 43.93 -38.79 -8.57
N ILE A 285 44.78 -39.08 -9.56
CA ILE A 285 46.05 -38.35 -9.65
C ILE A 285 45.78 -36.88 -9.92
N LEU A 286 45.11 -36.59 -11.03
CA LEU A 286 44.85 -35.20 -11.41
C LEU A 286 44.08 -34.47 -10.32
N GLU A 287 42.93 -35.01 -9.94
CA GLU A 287 42.07 -34.36 -8.95
C GLU A 287 42.82 -34.11 -7.65
N GLN A 288 43.79 -34.96 -7.30
CA GLN A 288 44.66 -34.68 -6.17
C GLN A 288 45.71 -33.64 -6.52
N GLN A 289 46.37 -33.82 -7.68
CA GLN A 289 47.24 -32.77 -8.20
C GLN A 289 46.48 -31.46 -8.31
N PHE A 290 45.18 -31.54 -8.57
CA PHE A 290 44.38 -30.34 -8.80
C PHE A 290 44.30 -29.48 -7.55
N GLN A 291 43.94 -30.08 -6.43
CA GLN A 291 43.73 -29.31 -5.21
C GLN A 291 45.04 -28.94 -4.52
N HIS A 292 46.04 -29.82 -4.56
CA HIS A 292 47.32 -29.49 -3.93
C HIS A 292 48.02 -28.32 -4.62
N TYR A 293 47.76 -28.12 -5.91
CA TYR A 293 48.44 -27.07 -6.66
C TYR A 293 47.59 -25.80 -6.74
N SER A 294 46.49 -25.82 -7.49
CA SER A 294 45.66 -24.63 -7.66
C SER A 294 44.46 -24.58 -6.74
N ASP A 295 44.21 -25.63 -5.94
CA ASP A 295 43.08 -25.68 -5.02
C ASP A 295 41.76 -25.35 -5.72
N LYS A 296 41.40 -26.19 -6.69
CA LYS A 296 40.10 -26.18 -7.34
C LYS A 296 39.59 -27.61 -7.44
N GLN A 297 38.29 -27.79 -7.16
CA GLN A 297 37.68 -29.10 -7.04
C GLN A 297 36.51 -29.22 -8.01
N PRO A 298 36.79 -29.32 -9.30
CA PRO A 298 35.71 -29.50 -10.27
C PRO A 298 35.21 -30.93 -10.27
N GLN A 299 33.99 -31.10 -10.77
CA GLN A 299 33.36 -32.41 -10.81
C GLN A 299 33.99 -33.21 -11.95
N ILE A 300 34.59 -34.35 -11.61
CA ILE A 300 35.31 -35.18 -12.58
C ILE A 300 34.78 -36.60 -12.50
N ALA A 301 34.38 -37.14 -13.64
CA ALA A 301 33.85 -38.49 -13.75
C ALA A 301 34.91 -39.46 -14.26
N THR A 302 34.49 -40.70 -14.53
CA THR A 302 35.33 -41.71 -15.17
C THR A 302 34.52 -42.44 -16.23
N ILE A 303 34.86 -42.28 -17.50
CA ILE A 303 34.16 -42.98 -18.58
C ILE A 303 35.14 -43.50 -19.62
N PRO A 304 35.00 -44.74 -20.08
CA PRO A 304 35.87 -45.23 -21.16
C PRO A 304 35.47 -44.60 -22.48
N VAL A 305 36.50 -44.35 -23.32
CA VAL A 305 36.28 -43.64 -24.58
C VAL A 305 36.08 -44.60 -25.74
N GLY A 306 36.12 -45.91 -25.51
CA GLY A 306 35.61 -46.85 -26.48
C GLY A 306 35.23 -48.14 -25.79
N SER A 307 34.24 -48.83 -26.36
CA SER A 307 33.57 -49.91 -25.64
C SER A 307 33.57 -51.19 -26.47
N LEU A 308 32.90 -52.20 -25.95
CA LEU A 308 32.68 -53.46 -26.64
C LEU A 308 31.19 -53.67 -26.83
N ASP A 309 30.75 -53.67 -28.09
CA ASP A 309 29.42 -54.16 -28.42
C ASP A 309 29.24 -55.59 -27.91
N GLN A 310 30.20 -56.46 -28.23
CA GLN A 310 30.38 -57.73 -27.53
C GLN A 310 31.82 -58.17 -27.74
N LEU A 311 32.30 -59.02 -26.85
CA LEU A 311 33.67 -59.51 -26.93
C LEU A 311 33.75 -60.64 -27.96
N THR A 312 34.73 -60.55 -28.86
CA THR A 312 34.75 -61.35 -30.08
C THR A 312 35.59 -62.62 -29.93
N TYR A 313 35.05 -63.74 -30.42
CA TYR A 313 35.76 -65.00 -30.57
C TYR A 313 36.01 -65.29 -32.05
N PRO A 314 37.27 -65.56 -32.44
CA PRO A 314 37.61 -65.83 -33.85
C PRO A 314 37.39 -67.27 -34.27
N LYS A 315 36.18 -67.59 -34.76
CA LYS A 315 35.80 -68.98 -35.06
C LYS A 315 36.88 -69.75 -35.82
N GLU A 316 37.39 -69.17 -36.90
CA GLU A 316 38.30 -69.85 -37.82
C GLU A 316 39.61 -70.21 -37.12
N PRO A 317 40.46 -71.08 -37.70
CA PRO A 317 41.58 -71.63 -36.93
C PRO A 317 42.43 -70.52 -36.32
N ARG A 318 42.84 -70.72 -35.07
CA ARG A 318 43.63 -69.72 -34.38
C ARG A 318 44.99 -69.65 -35.06
N LYS A 319 45.31 -68.50 -35.62
CA LYS A 319 46.49 -68.42 -36.48
C LYS A 319 47.73 -68.48 -35.62
N PRO A 320 48.71 -69.33 -35.94
CA PRO A 320 49.82 -69.57 -35.00
C PRO A 320 50.81 -68.41 -34.94
N TYR A 321 51.22 -68.10 -33.71
CA TYR A 321 52.37 -67.22 -33.42
C TYR A 321 52.34 -65.93 -34.25
N SER A 322 51.23 -65.22 -34.17
CA SER A 322 51.03 -63.97 -34.90
C SER A 322 51.13 -62.78 -33.98
N MSE A 323 51.69 -61.69 -34.48
CA MSE A 323 51.75 -60.43 -33.76
C MSE A 323 51.09 -59.33 -34.61
O MSE A 323 51.04 -59.42 -35.83
CB MSE A 323 53.19 -60.07 -33.41
CG MSE A 323 53.99 -61.24 -32.85
SE MSE A 323 55.66 -60.70 -31.97
CE MSE A 323 56.33 -62.44 -31.42
N ILE A 324 50.56 -58.30 -33.94
CA ILE A 324 49.88 -57.22 -34.64
C ILE A 324 50.09 -55.93 -33.86
N THR A 325 50.22 -54.82 -34.58
CA THR A 325 50.35 -53.52 -33.95
C THR A 325 49.58 -52.49 -34.77
N ALA A 326 49.10 -51.46 -34.08
CA ALA A 326 48.39 -50.36 -34.72
C ALA A 326 48.54 -49.11 -33.86
N SER A 327 48.60 -47.96 -34.54
CA SER A 327 48.70 -46.64 -33.90
C SER A 327 48.79 -45.53 -34.94
N ARG A 328 48.87 -44.27 -34.48
CA ARG A 328 49.05 -43.16 -35.39
C ARG A 328 50.28 -43.31 -36.27
N LEU A 329 51.20 -44.20 -35.91
CA LEU A 329 52.41 -44.47 -36.68
C LEU A 329 53.26 -43.20 -36.76
N ALA A 330 53.81 -42.85 -35.59
CA ALA A 330 54.51 -41.59 -35.42
C ALA A 330 55.74 -41.82 -34.56
N THR A 331 56.42 -40.73 -34.21
CA THR A 331 57.59 -40.81 -33.34
C THR A 331 57.23 -41.32 -31.96
N GLU A 332 56.10 -40.86 -31.42
CA GLU A 332 55.76 -41.13 -30.03
C GLU A 332 55.57 -42.61 -29.78
N LYS A 333 54.99 -43.33 -30.75
CA LYS A 333 54.61 -44.71 -30.53
C LYS A 333 55.82 -45.64 -30.39
N HIS A 334 57.00 -45.20 -30.81
CA HIS A 334 58.22 -46.00 -30.73
C HIS A 334 58.02 -47.35 -31.42
N ILE A 335 57.46 -47.29 -32.62
CA ILE A 335 57.33 -48.49 -33.45
C ILE A 335 58.69 -49.03 -33.87
N ASP A 336 59.72 -48.17 -33.86
CA ASP A 336 61.06 -48.58 -34.26
C ASP A 336 61.52 -49.84 -33.51
N TRP A 337 61.27 -49.90 -32.21
CA TRP A 337 61.85 -50.97 -31.39
C TRP A 337 61.15 -52.30 -31.63
N LEU A 338 59.87 -52.28 -31.98
CA LEU A 338 59.16 -53.52 -32.31
C LEU A 338 59.83 -54.22 -33.49
N VAL A 339 60.14 -53.45 -34.53
CA VAL A 339 60.87 -54.00 -35.68
C VAL A 339 62.19 -54.61 -35.24
N ALA A 340 62.78 -54.09 -34.16
CA ALA A 340 64.05 -54.60 -33.66
C ALA A 340 63.90 -55.89 -32.86
N ALA A 341 62.74 -56.13 -32.25
CA ALA A 341 62.56 -57.33 -31.43
C ALA A 341 62.23 -58.57 -32.24
N THR A 342 61.69 -58.41 -33.45
CA THR A 342 61.15 -59.53 -34.20
C THR A 342 62.19 -60.33 -34.99
N VAL A 343 63.13 -59.65 -35.68
CA VAL A 343 64.07 -60.38 -36.54
C VAL A 343 64.95 -61.32 -35.71
N GLN A 344 65.22 -60.96 -34.46
CA GLN A 344 65.90 -61.85 -33.53
C GLN A 344 64.94 -62.87 -32.92
N ALA A 345 63.66 -62.54 -32.80
CA ALA A 345 62.65 -63.56 -32.51
C ALA A 345 62.35 -64.42 -33.73
N HIS A 346 62.58 -63.89 -34.93
CA HIS A 346 62.59 -64.68 -36.17
C HIS A 346 63.59 -65.82 -36.09
N ALA A 347 64.56 -65.73 -35.16
CA ALA A 347 65.58 -66.76 -35.02
C ALA A 347 65.04 -67.97 -34.26
N GLN A 348 64.81 -67.83 -32.95
CA GLN A 348 64.39 -68.98 -32.17
C GLN A 348 63.03 -69.49 -32.59
N LEU A 349 62.15 -68.61 -33.04
CA LEU A 349 60.83 -69.00 -33.54
C LEU A 349 60.61 -68.36 -34.90
N PRO A 350 60.97 -69.05 -35.98
CA PRO A 350 60.71 -68.50 -37.32
C PRO A 350 59.24 -68.53 -37.66
N GLU A 351 58.89 -67.96 -38.82
CA GLU A 351 57.54 -67.97 -39.38
C GLU A 351 56.59 -67.06 -38.61
N LEU A 352 56.91 -66.73 -37.36
CA LEU A 352 55.95 -65.98 -36.56
C LEU A 352 55.75 -64.61 -37.20
N THR A 353 54.51 -64.18 -37.30
CA THR A 353 54.25 -62.99 -38.08
C THR A 353 54.22 -61.76 -37.19
N LEU A 354 54.16 -60.59 -37.84
CA LEU A 354 53.79 -59.35 -37.20
C LEU A 354 53.17 -58.46 -38.27
N ASP A 355 52.10 -57.78 -37.90
CA ASP A 355 51.38 -56.91 -38.82
C ASP A 355 51.35 -55.50 -38.25
N ILE A 356 51.57 -54.53 -39.12
CA ILE A 356 51.62 -53.12 -38.75
C ILE A 356 50.49 -52.41 -39.49
N TYR A 357 49.55 -51.87 -38.72
CA TYR A 357 48.37 -51.21 -39.27
C TYR A 357 48.36 -49.76 -38.82
N GLY A 358 48.58 -48.84 -39.77
CA GLY A 358 48.58 -47.42 -39.47
C GLY A 358 49.10 -46.59 -40.62
N LYS A 359 48.83 -45.28 -40.58
CA LYS A 359 49.28 -44.34 -41.60
C LYS A 359 49.75 -43.08 -40.90
N GLY A 360 51.00 -42.69 -41.13
CA GLY A 360 51.52 -41.53 -40.41
C GLY A 360 53.03 -41.34 -40.55
N SER A 361 53.59 -40.68 -39.55
CA SER A 361 54.99 -40.26 -39.61
C SER A 361 55.94 -41.44 -39.71
N GLU A 362 56.93 -41.30 -40.58
CA GLU A 362 58.07 -42.22 -40.67
C GLU A 362 57.64 -43.66 -40.94
N GLU A 363 56.46 -43.87 -41.54
CA GLU A 363 56.18 -45.19 -42.09
C GLU A 363 57.28 -45.61 -43.05
N ASP A 364 57.93 -44.62 -43.69
CA ASP A 364 58.91 -44.91 -44.73
C ASP A 364 60.21 -45.46 -44.13
N LYS A 365 60.75 -44.78 -43.13
CA LYS A 365 61.99 -45.26 -42.52
C LYS A 365 61.78 -46.55 -41.75
N LEU A 366 60.53 -46.97 -41.56
CA LEU A 366 60.26 -48.36 -41.20
C LEU A 366 60.38 -49.27 -42.41
N ARG A 367 59.73 -48.92 -43.53
CA ARG A 367 59.83 -49.71 -44.74
C ARG A 367 61.26 -49.73 -45.27
N ARG A 368 62.03 -48.68 -45.00
CA ARG A 368 63.46 -48.69 -45.29
C ARG A 368 64.20 -49.68 -44.40
N ARG A 369 63.62 -50.05 -43.25
CA ARG A 369 64.29 -50.94 -42.31
C ARG A 369 64.15 -52.41 -42.70
N ILE A 370 62.96 -52.85 -43.12
CA ILE A 370 62.73 -54.28 -43.26
C ILE A 370 63.43 -54.83 -44.51
N GLU A 371 63.52 -54.00 -45.57
CA GLU A 371 64.15 -54.42 -46.82
C GLU A 371 65.57 -54.92 -46.58
N GLU A 372 66.35 -54.15 -45.82
CA GLU A 372 67.73 -54.50 -45.51
C GLU A 372 67.82 -55.50 -44.37
N ALA A 373 66.93 -55.40 -43.38
CA ALA A 373 66.99 -56.24 -42.19
C ALA A 373 66.50 -57.65 -42.52
N GLY A 374 66.37 -58.48 -41.48
CA GLY A 374 66.20 -59.90 -41.66
C GLY A 374 64.78 -60.40 -41.81
N ALA A 375 63.85 -59.54 -42.20
CA ALA A 375 62.48 -59.94 -42.52
C ALA A 375 62.22 -59.67 -44.00
N GLN A 376 62.16 -60.70 -44.82
CA GLN A 376 61.89 -60.45 -46.23
C GLN A 376 60.39 -60.29 -46.45
N ASP A 377 59.66 -61.40 -46.44
CA ASP A 377 58.24 -61.35 -46.18
C ASP A 377 58.09 -61.97 -44.79
N TYR A 378 58.34 -61.16 -43.77
CA TYR A 378 58.05 -61.54 -42.39
C TYR A 378 57.16 -60.53 -41.66
N ILE A 379 56.91 -59.35 -42.25
CA ILE A 379 56.16 -58.26 -41.64
C ILE A 379 55.26 -57.65 -42.71
N ARG A 380 54.11 -57.13 -42.27
CA ARG A 380 53.11 -56.56 -43.17
C ARG A 380 52.88 -55.11 -42.78
N LEU A 381 53.30 -54.17 -43.63
CA LEU A 381 52.90 -52.78 -43.42
C LEU A 381 51.77 -52.55 -44.39
N LYS A 382 50.55 -52.64 -43.87
CA LYS A 382 49.35 -52.66 -44.68
C LYS A 382 48.59 -51.34 -44.68
N GLY A 383 49.09 -50.31 -44.01
CA GLY A 383 48.35 -49.06 -43.91
C GLY A 383 47.31 -49.12 -42.79
N HIS A 384 46.19 -48.43 -43.01
CA HIS A 384 45.12 -48.35 -42.01
C HIS A 384 43.85 -48.90 -42.64
N ALA A 385 43.40 -50.06 -42.15
CA ALA A 385 42.21 -50.72 -42.68
C ALA A 385 41.28 -51.08 -41.53
N ASP A 386 40.13 -51.66 -41.85
CA ASP A 386 39.14 -51.99 -40.84
C ASP A 386 39.54 -53.29 -40.14
N LEU A 387 39.77 -53.20 -38.83
CA LEU A 387 40.24 -54.29 -38.01
C LEU A 387 39.12 -55.03 -37.29
N SER A 388 37.86 -54.78 -37.67
CA SER A 388 36.70 -55.17 -36.86
C SER A 388 36.81 -56.58 -36.30
N GLN A 389 37.06 -57.58 -37.15
CA GLN A 389 37.43 -58.90 -36.66
C GLN A 389 38.93 -59.19 -36.77
N ILE A 390 39.74 -58.23 -37.23
CA ILE A 390 41.08 -58.58 -37.70
C ILE A 390 42.01 -58.89 -36.53
N TYR A 391 41.92 -58.13 -35.44
CA TYR A 391 42.71 -58.45 -34.24
C TYR A 391 42.58 -59.91 -33.87
N ALA A 392 41.33 -60.40 -33.84
CA ALA A 392 41.03 -61.74 -33.36
C ALA A 392 41.84 -62.81 -34.06
N GLY A 393 42.17 -62.59 -35.34
CA GLY A 393 42.90 -63.57 -36.11
C GLY A 393 44.39 -63.62 -35.89
N TYR A 394 44.90 -63.00 -34.83
CA TYR A 394 46.33 -62.92 -34.57
C TYR A 394 46.60 -63.27 -33.12
N GLU A 395 47.80 -63.79 -32.84
CA GLU A 395 48.04 -64.45 -31.56
C GLU A 395 48.30 -63.45 -30.44
N LEU A 396 49.20 -62.50 -30.65
CA LEU A 396 49.60 -61.60 -29.57
C LEU A 396 49.63 -60.17 -30.08
N TYR A 397 49.58 -59.24 -29.13
CA TYR A 397 49.61 -57.81 -29.41
C TYR A 397 50.82 -57.16 -28.76
N LEU A 398 51.29 -56.09 -29.39
CA LEU A 398 52.48 -55.37 -28.96
C LEU A 398 52.21 -53.88 -29.00
N THR A 399 52.60 -53.18 -27.93
CA THR A 399 52.66 -51.73 -27.94
C THR A 399 53.92 -51.27 -27.23
N ALA A 400 54.79 -50.58 -27.96
CA ALA A 400 55.98 -49.96 -27.41
C ALA A 400 55.76 -48.51 -27.03
N SER A 401 54.51 -48.05 -27.11
CA SER A 401 54.19 -46.67 -26.71
C SER A 401 54.63 -46.40 -25.28
N THR A 402 55.12 -45.19 -25.05
CA THR A 402 55.65 -44.82 -23.74
C THR A 402 54.55 -44.39 -22.76
N SER A 403 53.50 -43.74 -23.25
CA SER A 403 52.39 -43.37 -22.39
C SER A 403 51.10 -43.35 -23.20
N GLU A 404 50.01 -43.83 -22.59
CA GLU A 404 48.70 -43.80 -23.22
C GLU A 404 47.63 -43.56 -22.15
N GLY A 405 46.73 -42.62 -22.41
CA GLY A 405 45.65 -42.35 -21.47
C GLY A 405 44.63 -43.47 -21.42
N PHE A 406 44.33 -44.07 -22.57
CA PHE A 406 43.52 -45.28 -22.64
C PHE A 406 44.21 -46.31 -23.54
N GLY A 407 44.47 -45.96 -24.79
CA GLY A 407 45.15 -46.86 -25.70
C GLY A 407 44.27 -47.91 -26.34
N LEU A 408 43.18 -47.45 -26.94
CA LEU A 408 42.10 -48.31 -27.37
C LEU A 408 42.55 -49.49 -28.22
N THR A 409 43.65 -49.34 -28.97
CA THR A 409 44.08 -50.43 -29.86
C THR A 409 44.21 -51.75 -29.11
N LEU A 410 44.61 -51.69 -27.83
CA LEU A 410 44.60 -52.87 -26.98
C LEU A 410 43.28 -53.08 -26.23
N MSE A 411 42.40 -52.07 -26.18
CA MSE A 411 41.04 -52.27 -25.69
C MSE A 411 40.28 -53.18 -26.65
O MSE A 411 39.52 -54.05 -26.23
CB MSE A 411 40.31 -50.93 -25.54
CG MSE A 411 38.79 -51.05 -25.57
SE MSE A 411 38.00 -51.25 -23.79
CE MSE A 411 36.26 -51.93 -24.32
N GLU A 412 40.49 -52.96 -27.95
CA GLU A 412 39.96 -53.84 -28.97
C GLU A 412 40.73 -55.15 -29.07
N ALA A 413 41.92 -55.23 -28.45
CA ALA A 413 42.67 -56.48 -28.40
C ALA A 413 42.15 -57.40 -27.30
N VAL A 414 41.79 -56.84 -26.13
CA VAL A 414 41.24 -57.67 -25.06
C VAL A 414 39.84 -58.17 -25.38
N GLY A 415 39.17 -57.58 -26.37
CA GLY A 415 37.96 -58.16 -26.92
C GLY A 415 38.21 -59.31 -27.87
N SER A 416 39.44 -59.44 -28.40
CA SER A 416 39.90 -60.63 -29.08
C SER A 416 40.57 -61.61 -28.15
N GLY A 417 40.66 -61.26 -26.86
CA GLY A 417 41.31 -62.08 -25.87
C GLY A 417 42.83 -62.06 -25.91
N LEU A 418 43.43 -61.36 -26.87
CA LEU A 418 44.85 -61.54 -27.15
C LEU A 418 45.70 -61.14 -25.95
N PRO A 419 46.80 -61.85 -25.72
CA PRO A 419 47.79 -61.40 -24.73
C PRO A 419 48.47 -60.12 -25.18
N LEU A 420 49.11 -59.45 -24.23
CA LEU A 420 49.62 -58.11 -24.44
C LEU A 420 51.05 -58.01 -23.91
N ILE A 421 51.91 -57.26 -24.60
CA ILE A 421 53.28 -57.04 -24.15
C ILE A 421 53.61 -55.56 -24.31
N GLY A 422 53.93 -54.90 -23.21
CA GLY A 422 54.22 -53.49 -23.23
C GLY A 422 54.93 -53.05 -21.97
N PHE A 423 55.16 -51.75 -21.88
CA PHE A 423 55.78 -51.14 -20.71
C PHE A 423 54.79 -51.03 -19.56
N ASP A 424 55.33 -50.85 -18.35
CA ASP A 424 54.52 -50.56 -17.16
C ASP A 424 54.55 -49.06 -16.95
N VAL A 425 53.44 -48.41 -17.29
CA VAL A 425 53.28 -46.97 -17.14
C VAL A 425 51.80 -46.69 -17.09
N ARG A 426 51.45 -45.54 -16.54
CA ARG A 426 50.11 -44.97 -16.69
C ARG A 426 49.84 -44.73 -18.17
N TYR A 427 48.59 -44.87 -18.62
CA TYR A 427 47.47 -45.26 -17.78
C TYR A 427 46.90 -46.58 -18.32
N GLY A 428 46.48 -46.54 -19.59
CA GLY A 428 45.90 -47.73 -20.23
C GLY A 428 46.77 -48.97 -20.12
N ASN A 429 48.08 -48.81 -19.96
CA ASN A 429 48.94 -49.97 -19.76
C ASN A 429 48.84 -50.50 -18.32
N GLN A 430 48.69 -49.62 -17.33
CA GLN A 430 48.53 -50.04 -15.95
C GLN A 430 47.06 -50.31 -15.61
N THR A 431 46.17 -50.23 -16.60
CA THR A 431 44.78 -50.63 -16.49
C THR A 431 44.53 -52.02 -17.07
N PHE A 432 44.89 -52.23 -18.34
CA PHE A 432 44.53 -53.40 -19.12
C PHE A 432 45.51 -54.57 -18.98
N ILE A 433 46.52 -54.48 -18.13
CA ILE A 433 47.42 -55.61 -17.88
C ILE A 433 47.66 -55.74 -16.39
N ASP A 434 47.31 -56.89 -15.82
CA ASP A 434 47.81 -57.36 -14.53
C ASP A 434 48.75 -58.52 -14.81
N ASP A 435 50.05 -58.31 -14.57
CA ASP A 435 51.07 -59.22 -15.12
C ASP A 435 50.80 -60.70 -14.83
N GLY A 436 50.13 -61.00 -13.72
CA GLY A 436 49.85 -62.40 -13.39
C GLY A 436 49.05 -63.14 -14.46
N LYS A 437 48.04 -62.47 -15.01
CA LYS A 437 47.20 -63.03 -16.06
C LYS A 437 47.16 -62.08 -17.24
N ASN A 438 46.84 -62.61 -18.42
CA ASN A 438 46.93 -61.86 -19.68
C ASN A 438 48.39 -61.48 -19.90
N GLY A 439 48.74 -60.20 -20.02
CA GLY A 439 50.01 -59.81 -20.60
C GLY A 439 51.12 -59.44 -19.62
N TYR A 440 52.19 -58.88 -20.18
CA TYR A 440 53.39 -58.59 -19.44
C TYR A 440 53.73 -57.10 -19.48
N LEU A 441 54.15 -56.56 -18.34
CA LEU A 441 54.58 -55.18 -18.21
C LEU A 441 56.08 -55.14 -17.95
N LEU A 442 56.74 -54.13 -18.54
CA LEU A 442 58.19 -53.96 -18.42
C LEU A 442 58.53 -52.64 -17.73
N PRO A 443 59.20 -52.68 -16.57
CA PRO A 443 59.77 -51.44 -16.04
C PRO A 443 60.90 -50.96 -16.92
N VAL A 444 61.08 -49.64 -16.95
CA VAL A 444 61.95 -49.01 -17.92
C VAL A 444 62.80 -47.94 -17.24
N SER A 445 64.12 -48.02 -17.40
CA SER A 445 64.98 -46.92 -17.03
C SER A 445 64.55 -45.68 -17.80
N SER A 446 64.66 -44.50 -17.18
CA SER A 446 64.17 -43.33 -17.89
C SER A 446 65.34 -42.88 -18.75
N ASN A 447 65.28 -43.31 -20.01
CA ASN A 447 66.35 -43.23 -20.98
C ASN A 447 65.94 -43.99 -22.22
N HIS A 448 66.56 -43.68 -23.35
CA HIS A 448 66.49 -44.53 -24.52
C HIS A 448 67.92 -44.87 -24.89
N VAL A 449 68.30 -46.13 -24.63
CA VAL A 449 69.55 -46.70 -25.09
C VAL A 449 69.23 -48.10 -25.60
N GLU A 450 69.46 -48.33 -26.89
CA GLU A 450 68.80 -49.42 -27.62
C GLU A 450 68.96 -50.76 -26.92
N ASP A 451 70.20 -51.11 -26.57
CA ASP A 451 70.51 -52.47 -26.14
C ASP A 451 69.64 -52.92 -24.97
N GLN A 452 69.29 -52.01 -24.07
CA GLN A 452 68.61 -52.41 -22.83
C GLN A 452 67.19 -52.89 -23.11
N ILE A 453 66.41 -52.11 -23.85
CA ILE A 453 64.96 -52.31 -23.86
C ILE A 453 64.55 -53.44 -24.81
N ILE A 454 65.14 -53.51 -26.01
CA ILE A 454 64.65 -54.47 -26.99
C ILE A 454 64.95 -55.91 -26.57
N ALA A 455 66.08 -56.14 -25.91
CA ALA A 455 66.44 -57.50 -25.52
C ALA A 455 65.50 -58.05 -24.45
N ALA A 456 65.15 -57.23 -23.45
CA ALA A 456 64.19 -57.64 -22.44
C ALA A 456 62.79 -57.84 -23.02
N PHE A 457 62.53 -57.33 -24.23
CA PHE A 457 61.20 -57.45 -24.82
C PHE A 457 60.86 -58.90 -25.10
N VAL A 458 61.73 -59.60 -25.84
CA VAL A 458 61.47 -61.01 -26.17
C VAL A 458 61.70 -61.94 -24.99
N GLU A 459 62.26 -61.43 -23.88
CA GLU A 459 62.43 -62.24 -22.68
C GLU A 459 61.14 -62.93 -22.28
N LYS A 460 60.04 -62.19 -22.29
CA LYS A 460 58.73 -62.74 -22.00
C LYS A 460 57.90 -63.05 -23.24
N ILE A 461 58.45 -62.84 -24.45
CA ILE A 461 57.74 -63.27 -25.66
C ILE A 461 57.82 -64.78 -25.82
N ILE A 462 59.01 -65.36 -25.64
CA ILE A 462 59.21 -66.78 -25.91
C ILE A 462 58.72 -67.67 -24.77
N ALA A 463 58.50 -67.12 -23.57
CA ALA A 463 57.86 -67.89 -22.51
C ALA A 463 56.39 -68.12 -22.79
N LEU A 464 55.85 -67.49 -23.83
CA LEU A 464 54.46 -67.65 -24.27
C LEU A 464 54.35 -68.62 -25.44
N PHE A 465 54.96 -68.26 -26.57
CA PHE A 465 54.96 -69.15 -27.73
C PHE A 465 55.48 -70.53 -27.37
N SER A 466 56.53 -70.61 -26.56
CA SER A 466 56.90 -71.89 -25.98
C SER A 466 57.07 -71.86 -24.44
N GLN A 467 56.12 -72.41 -23.67
CA GLN A 467 54.71 -72.59 -24.08
C GLN A 467 53.79 -72.56 -22.86
N GLY A 468 52.50 -72.78 -23.11
CA GLY A 468 51.53 -73.10 -22.07
C GLY A 468 50.65 -71.96 -21.60
N ARG A 469 51.06 -70.71 -21.83
CA ARG A 469 50.28 -69.57 -21.35
C ARG A 469 49.43 -68.88 -22.41
N GLN A 470 49.55 -69.24 -23.69
CA GLN A 470 48.85 -68.52 -24.76
C GLN A 470 47.39 -68.96 -24.88
N GLN A 471 47.04 -70.08 -24.26
CA GLN A 471 45.67 -70.61 -24.27
C GLN A 471 44.77 -69.94 -23.23
N GLU A 472 45.20 -69.87 -21.97
CA GLU A 472 44.30 -69.48 -20.89
C GLU A 472 44.39 -68.03 -20.46
N MSE A 473 45.37 -67.26 -20.95
CA MSE A 473 45.40 -65.85 -20.62
C MSE A 473 44.72 -65.09 -21.72
O MSE A 473 44.57 -63.87 -21.68
CB MSE A 473 46.83 -65.37 -20.39
CG MSE A 473 47.60 -66.24 -19.42
SE MSE A 473 49.49 -65.82 -19.36
CE MSE A 473 49.75 -65.24 -21.20
N SER A 474 44.31 -65.85 -22.75
CA SER A 474 43.39 -65.31 -23.72
C SER A 474 41.99 -65.20 -23.15
N GLN A 475 41.65 -66.06 -22.19
CA GLN A 475 40.35 -65.98 -21.52
C GLN A 475 40.33 -64.94 -20.40
N HIS A 476 41.46 -64.71 -19.73
CA HIS A 476 41.48 -63.68 -18.69
C HIS A 476 41.37 -62.29 -19.31
N SER A 477 42.04 -62.07 -20.45
CA SER A 477 41.82 -60.84 -21.21
C SER A 477 40.34 -60.64 -21.50
N TYR A 478 39.63 -61.74 -21.77
CA TYR A 478 38.19 -61.69 -21.94
C TYR A 478 37.49 -61.30 -20.64
N GLN A 479 37.88 -61.94 -19.54
CA GLN A 479 37.21 -61.71 -18.26
C GLN A 479 37.49 -60.32 -17.71
N VAL A 480 38.59 -59.67 -18.09
CA VAL A 480 38.76 -58.26 -17.79
C VAL A 480 38.15 -57.35 -18.86
N ALA A 481 37.90 -57.87 -20.06
CA ALA A 481 37.14 -57.09 -21.04
C ALA A 481 35.71 -56.87 -20.55
N GLU A 482 35.21 -57.80 -19.74
CA GLU A 482 33.90 -57.66 -19.12
C GLU A 482 33.78 -56.39 -18.29
N ASN A 483 34.90 -55.83 -17.82
CA ASN A 483 34.85 -54.62 -17.01
C ASN A 483 34.35 -53.43 -17.83
N TYR A 484 34.96 -53.18 -18.99
CA TYR A 484 34.51 -52.11 -19.87
C TYR A 484 33.72 -52.76 -21.01
N LEU A 485 32.41 -52.62 -20.93
CA LEU A 485 31.48 -53.12 -21.94
C LEU A 485 30.38 -52.10 -22.09
N THR A 486 29.73 -52.10 -23.26
CA THR A 486 28.75 -51.08 -23.55
C THR A 486 27.68 -51.02 -22.48
N SER A 487 27.27 -52.20 -21.96
CA SER A 487 26.28 -52.22 -20.89
C SER A 487 26.74 -51.38 -19.71
N ARG A 488 28.04 -51.43 -19.38
CA ARG A 488 28.58 -50.54 -18.37
C ARG A 488 28.92 -49.17 -18.94
N VAL A 489 29.43 -49.11 -20.17
CA VAL A 489 29.78 -47.82 -20.76
C VAL A 489 28.53 -46.96 -20.92
N GLU A 490 27.46 -47.55 -21.47
CA GLU A 490 26.18 -46.86 -21.54
C GLU A 490 25.69 -46.45 -20.16
N ALA A 491 26.09 -47.19 -19.12
CA ALA A 491 25.57 -46.95 -17.78
C ALA A 491 26.08 -45.65 -17.20
N ALA A 492 27.40 -45.47 -17.18
CA ALA A 492 27.98 -44.31 -16.51
C ALA A 492 27.51 -43.01 -17.14
N TRP A 493 27.36 -42.99 -18.46
CA TRP A 493 26.89 -41.83 -19.19
C TRP A 493 25.52 -41.34 -18.71
N THR A 494 24.49 -42.17 -18.95
CA THR A 494 23.11 -41.72 -18.81
C THR A 494 22.86 -40.98 -17.51
N GLN A 495 23.46 -41.47 -16.42
CA GLN A 495 23.30 -40.79 -15.13
C GLN A 495 24.08 -39.49 -15.08
N LEU A 496 25.33 -39.52 -15.57
CA LEU A 496 26.17 -38.34 -15.51
C LEU A 496 25.52 -37.13 -16.19
N LEU A 497 24.74 -37.38 -17.24
CA LEU A 497 24.08 -36.30 -17.97
C LEU A 497 23.18 -35.48 -17.05
N LYS A 498 22.12 -36.09 -16.54
CA LYS A 498 21.23 -35.36 -15.64
C LYS A 498 21.87 -35.08 -14.29
N GLU A 499 22.97 -35.77 -13.97
CA GLU A 499 23.75 -35.39 -12.80
C GLU A 499 24.16 -33.92 -12.89
N VAL A 500 24.43 -33.44 -14.10
CA VAL A 500 24.70 -32.03 -14.33
C VAL A 500 23.41 -31.23 -14.41
N ARG A 501 22.41 -31.76 -15.13
CA ARG A 501 21.11 -31.10 -15.24
C ARG A 501 20.37 -31.04 -13.91
N ASP A 502 20.91 -31.68 -12.87
CA ASP A 502 20.36 -31.56 -11.52
C ASP A 502 20.10 -30.09 -11.16
N ASP A 503 21.07 -29.22 -11.43
CA ASP A 503 20.94 -27.81 -11.10
C ASP A 503 20.51 -26.99 -12.32
N MSE B 1 24.19 0.49 -86.68
CA MSE B 1 24.89 1.54 -85.95
C MSE B 1 24.69 1.40 -84.44
O MSE B 1 23.57 1.31 -83.96
CB MSE B 1 24.41 2.92 -86.39
CG MSE B 1 25.32 4.05 -85.95
SE MSE B 1 24.61 5.80 -86.41
CE MSE B 1 26.24 6.59 -87.14
N ILE B 2 25.80 1.35 -83.70
CA ILE B 2 25.75 1.32 -82.25
C ILE B 2 26.70 2.37 -81.69
N GLN B 3 26.49 2.71 -80.43
CA GLN B 3 27.40 3.55 -79.67
C GLN B 3 28.12 2.65 -78.66
N LEU B 4 29.45 2.69 -78.66
CA LEU B 4 30.22 1.93 -77.69
C LEU B 4 31.16 2.91 -77.00
N PHE B 5 30.88 3.24 -75.75
CA PHE B 5 31.76 4.10 -74.97
C PHE B 5 32.32 3.28 -73.83
N ASP B 6 33.62 3.46 -73.55
CA ASP B 6 34.19 2.81 -72.39
C ASP B 6 33.46 3.25 -71.12
N TYR B 7 33.38 4.54 -70.88
CA TYR B 7 32.93 5.07 -69.60
C TYR B 7 31.93 6.22 -69.79
N TYR B 8 30.94 6.26 -68.90
CA TYR B 8 29.91 7.30 -68.92
C TYR B 8 30.46 8.59 -68.32
N ASN B 9 30.34 9.69 -69.08
CA ASN B 9 30.95 10.95 -68.71
C ASN B 9 30.01 12.10 -69.00
N GLN B 10 30.21 13.22 -68.28
CA GLN B 10 29.67 14.49 -68.73
C GLN B 10 30.21 14.82 -70.12
N GLU B 11 31.41 14.36 -70.43
CA GLU B 11 31.86 14.30 -71.82
C GLU B 11 30.86 13.54 -72.68
N THR B 12 30.67 12.26 -72.38
CA THR B 12 29.93 11.36 -73.26
C THR B 12 28.44 11.68 -73.26
N GLN B 13 27.88 12.05 -72.11
CA GLN B 13 26.44 12.23 -72.01
C GLN B 13 25.94 13.35 -72.92
N ASP B 14 26.70 14.44 -73.00
CA ASP B 14 26.40 15.50 -73.95
C ASP B 14 26.78 15.12 -75.38
N LEU B 15 27.58 14.07 -75.57
CA LEU B 15 27.89 13.58 -76.91
C LEU B 15 26.75 12.74 -77.47
N HIS B 16 26.25 11.80 -76.68
CA HIS B 16 25.07 11.04 -77.07
C HIS B 16 23.84 11.95 -77.12
N ASP B 17 23.86 13.02 -76.33
CA ASP B 17 22.79 14.02 -76.37
C ASP B 17 22.70 14.66 -77.74
N SER B 18 23.83 15.15 -78.26
CA SER B 18 23.83 15.91 -79.50
C SER B 18 23.51 15.04 -80.71
N LEU B 19 23.88 13.76 -80.66
CA LEU B 19 23.67 12.91 -81.83
C LEU B 19 22.20 12.73 -82.14
N LEU B 20 21.37 12.62 -81.10
CA LEU B 20 19.93 12.47 -81.32
C LEU B 20 19.36 13.65 -82.09
N ALA B 21 19.93 14.85 -81.88
CA ALA B 21 19.41 16.04 -82.56
C ALA B 21 19.68 16.03 -84.06
N ALA B 22 20.63 15.22 -84.52
CA ALA B 22 20.87 15.07 -85.95
C ALA B 22 20.06 13.94 -86.56
N GLY B 23 19.25 13.25 -85.76
CA GLY B 23 18.44 12.15 -86.23
C GLY B 23 19.10 10.80 -86.18
N TYR B 24 20.34 10.72 -85.70
CA TYR B 24 21.05 9.44 -85.63
C TYR B 24 20.73 8.83 -84.27
N ALA B 25 19.88 7.81 -84.29
CA ALA B 25 19.15 7.29 -83.14
C ALA B 25 19.79 6.06 -82.51
N CYS B 26 20.99 5.68 -82.94
CA CYS B 26 21.60 4.38 -82.71
C CYS B 26 21.58 3.93 -81.25
N PRO B 27 21.49 2.62 -81.00
CA PRO B 27 21.54 2.10 -79.62
C PRO B 27 22.89 2.37 -78.97
N THR B 28 22.92 2.20 -77.65
CA THR B 28 24.07 2.64 -76.85
C THR B 28 24.48 1.54 -75.89
N ILE B 29 25.76 1.17 -75.94
CA ILE B 29 26.36 0.21 -75.02
C ILE B 29 27.54 0.91 -74.36
N VAL B 30 27.73 0.63 -73.07
CA VAL B 30 28.83 1.20 -72.30
C VAL B 30 29.68 0.06 -71.75
N ILE B 31 30.99 0.14 -72.00
CA ILE B 31 31.90 -0.89 -71.50
C ILE B 31 32.10 -0.76 -70.00
N GLU B 32 31.83 0.40 -69.42
CA GLU B 32 31.87 0.61 -67.98
C GLU B 32 30.74 -0.13 -67.29
N ALA B 33 30.91 -0.33 -65.97
CA ALA B 33 30.03 -1.15 -65.15
C ALA B 33 28.94 -0.36 -64.41
N ASN B 34 28.78 0.94 -64.68
CA ASN B 34 27.93 1.77 -63.86
C ASN B 34 26.47 1.30 -63.85
N GLY B 35 25.79 1.57 -62.73
CA GLY B 35 24.38 1.22 -62.58
C GLY B 35 23.42 2.40 -62.65
N PHE B 36 23.95 3.62 -62.69
CA PHE B 36 23.14 4.83 -62.71
C PHE B 36 22.87 5.34 -64.12
N LEU B 37 23.18 4.54 -65.12
CA LEU B 37 22.95 4.87 -66.52
C LEU B 37 21.49 5.26 -66.75
N PRO B 38 21.21 6.39 -67.41
CA PRO B 38 19.82 6.71 -67.77
C PRO B 38 19.23 5.67 -68.72
N ASP B 39 17.89 5.71 -68.81
CA ASP B 39 17.10 4.62 -69.37
C ASP B 39 17.45 4.26 -70.82
N ASP B 40 18.20 5.11 -71.54
CA ASP B 40 18.52 4.79 -72.93
C ASP B 40 19.46 3.60 -73.03
N MSE B 41 20.42 3.49 -72.11
CA MSE B 41 21.56 2.63 -72.33
C MSE B 41 21.56 1.31 -71.57
O MSE B 41 20.64 1.02 -70.80
CB MSE B 41 22.85 3.38 -71.99
CG MSE B 41 22.89 4.78 -72.55
SE MSE B 41 24.58 5.65 -72.14
CE MSE B 41 24.33 7.31 -73.13
N ILE B 42 22.61 0.55 -71.83
CA ILE B 42 22.83 -0.73 -71.16
C ILE B 42 24.32 -1.00 -71.20
N SER B 43 24.78 -1.90 -70.36
CA SER B 43 26.16 -2.34 -70.32
C SER B 43 26.19 -3.86 -70.33
N PRO B 44 27.21 -4.46 -70.94
CA PRO B 44 27.31 -5.93 -70.89
C PRO B 44 27.27 -6.48 -69.48
N TYR B 45 27.80 -5.72 -68.50
CA TYR B 45 27.81 -6.19 -67.12
C TYR B 45 26.44 -6.08 -66.47
N THR B 46 25.63 -5.08 -66.86
CA THR B 46 24.36 -4.83 -66.21
C THR B 46 23.16 -5.49 -66.87
N TYR B 47 23.30 -6.00 -68.10
CA TYR B 47 22.10 -6.39 -68.85
C TYR B 47 21.53 -7.70 -68.33
N PHE B 48 22.36 -8.72 -68.17
CA PHE B 48 21.87 -10.06 -67.88
C PHE B 48 21.45 -10.24 -66.43
N LEU B 49 21.77 -9.28 -65.56
CA LEU B 49 21.48 -9.46 -64.14
C LEU B 49 19.99 -9.59 -63.88
N GLY B 50 19.19 -8.85 -64.64
CA GLY B 50 17.76 -8.83 -64.44
C GLY B 50 17.25 -7.68 -63.59
N ASP B 51 18.11 -6.73 -63.25
CA ASP B 51 17.65 -5.53 -62.55
C ASP B 51 16.58 -4.85 -63.38
N GLU B 52 15.45 -4.56 -62.74
CA GLU B 52 14.27 -4.09 -63.46
C GLU B 52 14.55 -2.72 -64.07
N GLU B 53 14.33 -2.61 -65.39
CA GLU B 53 14.71 -1.42 -66.13
C GLU B 53 13.66 -0.33 -65.93
N GLY B 54 14.13 0.88 -65.60
CA GLY B 54 13.28 2.04 -65.42
C GLY B 54 13.03 2.44 -63.98
N VAL B 55 13.28 1.54 -63.02
CA VAL B 55 12.96 1.82 -61.62
C VAL B 55 13.98 2.80 -61.05
N ASP B 56 13.51 3.71 -60.21
CA ASP B 56 14.41 4.50 -59.37
C ASP B 56 13.92 4.46 -57.93
N HIS B 57 14.64 3.72 -57.08
CA HIS B 57 14.63 3.95 -55.64
C HIS B 57 16.01 3.60 -55.10
N PRO B 58 16.99 4.46 -55.29
CA PRO B 58 18.33 4.19 -54.76
C PRO B 58 18.29 4.15 -53.24
N LEU B 59 19.22 3.40 -52.67
CA LEU B 59 19.23 3.27 -51.23
C LEU B 59 19.69 4.57 -50.57
N PHE B 60 18.93 5.00 -49.57
CA PHE B 60 19.32 6.08 -48.69
C PHE B 60 20.57 5.70 -47.91
N PHE B 61 21.31 6.70 -47.44
CA PHE B 61 22.62 6.40 -46.85
C PHE B 61 22.47 5.51 -45.61
N ASN B 62 21.39 5.68 -44.84
CA ASN B 62 21.21 4.95 -43.60
C ASN B 62 20.47 3.62 -43.78
N GLN B 63 20.17 3.24 -45.01
CA GLN B 63 19.61 1.91 -45.28
C GLN B 63 20.63 0.85 -45.68
N VAL B 64 21.90 1.22 -45.91
CA VAL B 64 22.89 0.22 -46.33
C VAL B 64 22.91 -0.90 -45.32
N PRO B 65 22.70 -2.16 -45.73
CA PRO B 65 22.68 -3.24 -44.74
C PRO B 65 23.96 -3.25 -43.93
N VAL B 66 23.80 -3.17 -42.62
CA VAL B 66 24.91 -3.14 -41.68
C VAL B 66 24.64 -4.19 -40.63
N PRO B 67 25.65 -4.59 -39.85
CA PRO B 67 25.39 -5.56 -38.79
C PRO B 67 24.44 -4.96 -37.76
N PRO B 68 24.02 -5.76 -36.77
CA PRO B 68 23.24 -5.20 -35.68
C PRO B 68 23.99 -4.07 -34.99
N PHE B 69 23.29 -2.95 -34.77
CA PHE B 69 23.74 -1.84 -33.94
C PHE B 69 24.88 -1.03 -34.56
N TRP B 70 25.47 -1.50 -35.65
CA TRP B 70 26.63 -0.81 -36.20
C TRP B 70 26.18 0.54 -36.76
N GLU B 71 26.83 1.61 -36.32
CA GLU B 71 26.31 2.97 -36.51
C GLU B 71 26.71 3.55 -37.86
N ILE B 72 25.72 4.09 -38.56
CA ILE B 72 25.91 4.78 -39.84
C ILE B 72 26.04 6.26 -39.55
N THR B 73 27.06 6.90 -40.11
CA THR B 73 27.41 8.26 -39.75
C THR B 73 26.91 9.27 -40.78
N GLY B 74 27.21 10.54 -40.51
CA GLY B 74 26.56 11.64 -41.20
C GLY B 74 27.07 11.91 -42.60
N ASP B 75 26.35 12.82 -43.28
CA ASP B 75 26.48 12.99 -44.72
C ASP B 75 26.76 14.45 -45.07
N HIS B 76 27.90 14.70 -45.68
CA HIS B 76 28.02 15.89 -46.50
C HIS B 76 28.52 15.44 -47.87
N GLN B 77 29.80 15.10 -47.94
CA GLN B 77 30.39 14.51 -49.13
C GLN B 77 30.63 13.01 -49.01
N VAL B 78 30.46 12.43 -47.82
CA VAL B 78 30.84 11.04 -47.57
C VAL B 78 29.96 10.53 -46.43
N ALA B 79 29.82 9.21 -46.33
CA ALA B 79 29.27 8.55 -45.14
C ALA B 79 30.21 7.43 -44.72
N ARG B 80 30.12 7.07 -43.45
CA ARG B 80 31.06 6.12 -42.84
C ARG B 80 30.31 5.20 -41.88
N VAL B 81 30.86 4.01 -41.66
CA VAL B 81 30.27 2.99 -40.80
C VAL B 81 31.31 2.57 -39.76
N SER B 82 30.87 2.36 -38.52
CA SER B 82 31.79 2.09 -37.43
C SER B 82 31.20 1.06 -36.47
N ASP B 83 32.10 0.25 -35.87
CA ASP B 83 31.78 -0.63 -34.74
C ASP B 83 32.49 -0.03 -33.54
N MSE B 84 31.71 0.50 -32.61
CA MSE B 84 32.22 1.22 -31.43
C MSE B 84 33.03 2.44 -31.83
O MSE B 84 33.99 2.80 -31.14
CB MSE B 84 33.05 0.29 -30.55
CG MSE B 84 32.29 -0.93 -30.13
SE MSE B 84 30.71 -0.45 -29.10
CE MSE B 84 29.78 -2.16 -29.19
N GLY B 85 32.66 3.08 -32.93
CA GLY B 85 33.37 4.24 -33.43
C GLY B 85 34.61 3.91 -34.21
N GLU B 86 35.15 2.70 -34.05
CA GLU B 86 36.27 2.23 -34.86
C GLU B 86 35.85 2.18 -36.31
N GLU B 87 36.61 2.81 -37.19
CA GLU B 87 36.18 2.98 -38.57
C GLU B 87 36.15 1.63 -39.27
N ARG B 88 34.99 1.29 -39.83
CA ARG B 88 34.79 0.03 -40.53
C ARG B 88 34.53 0.25 -42.01
N ALA B 89 33.47 0.97 -42.36
CA ALA B 89 33.05 1.06 -43.75
C ALA B 89 32.88 2.53 -44.15
N ARG B 90 33.18 2.81 -45.41
CA ARG B 90 32.87 4.10 -46.02
C ARG B 90 31.75 3.93 -47.03
N ILE B 91 30.77 4.83 -47.00
CA ILE B 91 29.77 4.92 -48.05
C ILE B 91 30.17 6.07 -48.95
N HIS B 92 30.66 5.73 -50.13
CA HIS B 92 30.89 6.74 -51.15
C HIS B 92 29.56 7.09 -51.80
N TYR B 93 29.35 8.36 -52.08
CA TYR B 93 28.03 8.76 -52.52
C TYR B 93 27.89 8.57 -54.02
N ALA B 94 26.66 8.78 -54.49
CA ALA B 94 26.45 8.84 -55.92
C ALA B 94 26.68 10.27 -56.40
N SER B 95 26.62 10.47 -57.71
CA SER B 95 26.65 11.82 -58.26
C SER B 95 25.30 12.06 -58.91
N GLN B 96 24.45 12.83 -58.25
CA GLN B 96 23.07 13.10 -58.68
C GLN B 96 22.57 14.32 -57.91
N ALA B 97 21.32 14.71 -58.20
CA ALA B 97 20.80 15.97 -57.70
C ALA B 97 20.56 15.90 -56.20
N ARG B 98 19.61 15.07 -55.78
CA ARG B 98 19.51 14.72 -54.37
C ARG B 98 20.80 14.03 -53.95
N GLY B 99 21.35 14.45 -52.81
CA GLY B 99 22.60 13.88 -52.31
C GLY B 99 22.39 12.53 -51.64
N ARG B 100 23.47 12.06 -51.01
CA ARG B 100 23.45 10.94 -50.07
C ARG B 100 22.75 9.69 -50.63
N LEU B 101 22.99 9.40 -51.91
CA LEU B 101 22.58 8.15 -52.53
C LEU B 101 23.79 7.25 -52.75
N VAL B 102 23.59 5.95 -52.57
CA VAL B 102 24.72 5.02 -52.53
C VAL B 102 25.18 4.69 -53.95
N LYS B 103 26.47 4.93 -54.21
CA LYS B 103 27.13 4.41 -55.39
C LYS B 103 28.07 3.28 -55.01
N GLN B 104 29.08 3.58 -54.20
CA GLN B 104 29.99 2.58 -53.64
C GLN B 104 29.83 2.52 -52.13
N VAL B 105 29.98 1.31 -51.59
CA VAL B 105 30.06 1.09 -50.16
C VAL B 105 31.27 0.19 -49.94
N ASP B 106 32.27 0.70 -49.23
CA ASP B 106 33.52 -0.01 -48.99
C ASP B 106 33.56 -0.45 -47.54
N TRP B 107 34.22 -1.57 -47.29
CA TRP B 107 34.51 -2.04 -45.94
C TRP B 107 36.02 -2.00 -45.72
N LEU B 108 36.46 -2.44 -44.54
CA LEU B 108 37.86 -2.32 -44.14
C LEU B 108 38.18 -3.46 -43.18
N ASP B 109 39.33 -3.34 -42.51
CA ASP B 109 39.66 -4.19 -41.38
C ASP B 109 40.00 -3.29 -40.18
N LYS B 110 40.45 -3.91 -39.11
CA LYS B 110 40.85 -3.13 -37.93
C LYS B 110 42.06 -2.25 -38.20
N LYS B 111 42.77 -2.49 -39.30
CA LYS B 111 43.95 -1.72 -39.66
C LYS B 111 43.67 -0.59 -40.64
N GLY B 112 42.43 -0.44 -41.13
CA GLY B 112 42.10 0.58 -42.09
C GLY B 112 42.39 0.23 -43.53
N GLN B 113 42.76 -1.01 -43.82
CA GLN B 113 43.05 -1.50 -45.15
C GLN B 113 41.76 -1.75 -45.94
N LEU B 114 41.92 -1.86 -47.26
CA LEU B 114 40.82 -1.59 -48.18
C LEU B 114 39.84 -2.76 -48.22
N ARG B 115 40.24 -3.89 -48.79
CA ARG B 115 39.43 -5.11 -48.89
C ARG B 115 38.19 -4.85 -49.76
N LEU B 116 36.98 -5.08 -49.26
CA LEU B 116 35.82 -5.24 -50.14
C LEU B 116 35.28 -3.91 -50.69
N SER B 117 34.60 -4.00 -51.83
CA SER B 117 33.75 -2.91 -52.32
C SER B 117 32.48 -3.47 -52.93
N GLU B 118 31.32 -3.00 -52.49
CA GLU B 118 30.05 -3.50 -53.01
C GLU B 118 29.31 -2.37 -53.71
N ARG B 119 29.26 -2.43 -55.04
CA ARG B 119 28.60 -1.39 -55.82
C ARG B 119 27.08 -1.55 -55.84
N TYR B 120 26.41 -0.44 -56.14
CA TYR B 120 24.96 -0.36 -56.22
C TYR B 120 24.57 0.35 -57.51
N ASN B 121 23.40 -0.02 -58.04
CA ASN B 121 22.84 0.62 -59.21
C ASN B 121 21.84 1.69 -58.78
N LYS B 122 21.22 2.36 -59.75
CA LYS B 122 20.19 3.33 -59.42
C LYS B 122 18.97 2.65 -58.81
N GLN B 123 18.86 1.32 -58.90
CA GLN B 123 17.90 0.60 -58.08
C GLN B 123 18.44 0.35 -56.67
N GLY B 124 19.70 -0.04 -56.53
CA GLY B 124 20.24 -0.38 -55.24
C GLY B 124 20.41 -1.87 -54.93
N ARG B 125 20.40 -2.74 -55.92
CA ARG B 125 20.81 -4.12 -55.71
C ARG B 125 22.20 -4.14 -55.08
N CYS B 126 22.49 -5.14 -54.26
CA CYS B 126 23.91 -5.41 -54.02
C CYS B 126 24.22 -6.34 -55.16
N PHE B 127 24.64 -5.74 -56.27
CA PHE B 127 24.83 -6.44 -57.53
C PHE B 127 26.28 -6.70 -57.89
N ALA B 128 27.21 -5.98 -57.26
CA ALA B 128 28.64 -6.30 -57.42
C ALA B 128 29.33 -6.11 -56.08
N LYS B 129 29.81 -7.20 -55.50
CA LYS B 129 30.90 -7.14 -54.53
C LYS B 129 32.22 -7.12 -55.28
N THR B 130 33.25 -6.55 -54.64
CA THR B 130 34.56 -6.51 -55.27
C THR B 130 35.65 -6.70 -54.21
N ALA B 131 36.63 -7.56 -54.52
CA ALA B 131 37.64 -8.00 -53.57
C ALA B 131 39.00 -7.42 -53.94
N TYR B 132 39.84 -7.20 -52.93
CA TYR B 132 41.13 -6.55 -53.12
C TYR B 132 42.17 -7.29 -52.29
N LYS B 133 43.41 -7.39 -52.80
CA LYS B 133 44.45 -8.18 -52.16
C LYS B 133 45.40 -7.31 -51.32
N SER B 134 46.51 -7.93 -50.88
CA SER B 134 47.42 -7.41 -49.87
C SER B 134 47.78 -5.93 -50.04
N GLY B 135 48.39 -5.59 -51.18
CA GLY B 135 48.93 -4.26 -51.36
C GLY B 135 47.85 -3.21 -51.58
N GLN B 136 46.60 -3.59 -51.27
CA GLN B 136 45.41 -2.81 -51.60
C GLN B 136 45.23 -2.73 -53.11
N GLU B 137 45.77 -3.74 -53.81
CA GLU B 137 45.55 -3.92 -55.24
C GLU B 137 44.14 -4.43 -55.49
N ALA B 138 43.82 -4.68 -56.76
CA ALA B 138 42.54 -5.29 -57.09
C ALA B 138 42.64 -6.81 -57.01
N PHE B 139 41.50 -7.48 -57.17
CA PHE B 139 41.51 -8.91 -57.45
C PHE B 139 40.53 -9.35 -58.54
N ASN B 140 39.23 -9.31 -58.25
CA ASN B 140 38.22 -9.79 -59.18
C ASN B 140 36.93 -9.02 -58.93
N THR B 141 35.93 -9.27 -59.77
CA THR B 141 34.63 -8.64 -59.63
C THR B 141 33.54 -9.67 -59.93
N THR B 142 32.63 -9.88 -58.99
CA THR B 142 31.48 -10.73 -59.21
C THR B 142 30.26 -9.85 -59.45
N TYR B 143 29.67 -9.95 -60.65
CA TYR B 143 28.41 -9.30 -60.95
C TYR B 143 27.28 -10.26 -60.63
N TYR B 144 26.47 -9.90 -59.63
CA TYR B 144 25.51 -10.81 -59.05
C TYR B 144 24.18 -10.76 -59.79
N SER B 145 23.25 -11.60 -59.32
CA SER B 145 21.89 -11.62 -59.80
C SER B 145 21.10 -10.54 -59.06
N THR B 146 19.79 -10.57 -59.23
CA THR B 146 18.90 -10.08 -58.18
C THR B 146 18.48 -11.21 -57.24
N ASP B 147 18.77 -12.47 -57.60
CA ASP B 147 18.50 -13.62 -56.75
C ASP B 147 19.70 -14.04 -55.90
N GLY B 148 20.88 -13.49 -56.16
CA GLY B 148 22.08 -13.89 -55.45
C GLY B 148 22.97 -14.87 -56.19
N GLN B 149 22.70 -15.15 -57.46
CA GLN B 149 23.49 -16.11 -58.19
C GLN B 149 24.73 -15.45 -58.80
N GLU B 150 25.57 -16.27 -59.41
CA GLU B 150 26.73 -15.78 -60.15
C GLU B 150 26.35 -15.53 -61.60
N ARG B 151 26.92 -14.47 -62.18
CA ARG B 151 26.79 -14.25 -63.61
C ARG B 151 28.16 -14.07 -64.24
N ILE B 152 28.85 -13.00 -63.86
CA ILE B 152 30.12 -12.60 -64.44
C ILE B 152 31.19 -12.57 -63.34
N VAL B 153 32.36 -13.13 -63.63
CA VAL B 153 33.53 -12.98 -62.77
C VAL B 153 34.67 -12.49 -63.67
N GLU B 154 35.08 -11.25 -63.48
CA GLU B 154 36.22 -10.68 -64.20
C GLU B 154 37.42 -10.78 -63.28
N ASN B 155 38.39 -11.60 -63.66
CA ASN B 155 39.56 -11.84 -62.83
C ASN B 155 40.61 -10.81 -63.24
N HIS B 156 40.82 -9.80 -62.41
CA HIS B 156 41.49 -8.56 -62.83
C HIS B 156 42.97 -8.77 -63.11
N VAL B 157 43.52 -9.93 -62.81
CA VAL B 157 44.91 -10.22 -63.09
C VAL B 157 45.02 -10.70 -64.53
N THR B 158 44.51 -11.90 -64.80
CA THR B 158 44.54 -12.44 -66.16
C THR B 158 43.57 -11.71 -67.07
N GLY B 159 42.51 -11.13 -66.51
CA GLY B 159 41.45 -10.53 -67.30
C GLY B 159 40.34 -11.47 -67.70
N ASP B 160 40.43 -12.74 -67.30
CA ASP B 160 39.51 -13.75 -67.80
C ASP B 160 38.13 -13.57 -67.18
N ILE B 161 37.12 -13.43 -68.03
CA ILE B 161 35.76 -13.11 -67.61
C ILE B 161 34.93 -14.38 -67.64
N ILE B 162 34.57 -14.89 -66.47
CA ILE B 162 33.77 -16.10 -66.35
C ILE B 162 32.30 -15.70 -66.42
N LEU B 163 31.60 -16.16 -67.45
CA LEU B 163 30.18 -15.87 -67.63
C LEU B 163 29.39 -17.16 -67.47
N THR B 164 28.66 -17.28 -66.36
CA THR B 164 27.73 -18.39 -66.15
C THR B 164 26.33 -17.77 -66.08
N LEU B 165 25.55 -17.95 -67.14
CA LEU B 165 24.23 -17.33 -67.17
C LEU B 165 23.16 -18.32 -66.68
N ASP B 166 21.91 -17.89 -66.68
CA ASP B 166 20.83 -18.74 -66.21
C ASP B 166 20.56 -19.83 -67.25
N GLN B 167 20.63 -21.10 -66.82
CA GLN B 167 20.22 -22.28 -67.59
C GLN B 167 21.17 -22.60 -68.73
N GLU B 168 22.26 -21.85 -68.90
CA GLU B 168 23.13 -21.90 -70.07
C GLU B 168 24.51 -22.46 -69.72
N PRO B 169 25.23 -22.99 -70.71
CA PRO B 169 26.58 -23.52 -70.44
C PRO B 169 27.54 -22.42 -70.03
N LEU B 170 28.65 -22.85 -69.43
CA LEU B 170 29.67 -21.96 -68.88
C LEU B 170 30.66 -21.58 -69.97
N ARG B 171 30.95 -20.28 -70.08
CA ARG B 171 31.94 -19.79 -71.03
C ARG B 171 33.06 -19.07 -70.29
N ILE B 172 34.21 -18.98 -70.95
CA ILE B 172 35.42 -18.37 -70.41
C ILE B 172 36.01 -17.49 -71.50
N PHE B 173 36.21 -16.21 -71.19
CA PHE B 173 36.66 -15.23 -72.17
C PHE B 173 38.11 -14.86 -71.89
N LYS B 174 38.93 -14.78 -72.95
CA LYS B 174 40.35 -14.52 -72.75
C LYS B 174 40.58 -13.11 -72.22
N SER B 175 39.79 -12.14 -72.66
CA SER B 175 39.91 -10.79 -72.12
C SER B 175 38.57 -10.08 -72.22
N ARG B 176 38.54 -8.84 -71.73
CA ARG B 176 37.32 -8.03 -71.75
C ARG B 176 36.83 -7.80 -73.17
N VAL B 177 37.74 -7.79 -74.15
CA VAL B 177 37.38 -7.44 -75.52
C VAL B 177 36.47 -8.50 -76.11
N ASP B 178 36.86 -9.77 -76.02
CA ASP B 178 36.05 -10.85 -76.58
C ASP B 178 34.67 -10.92 -75.93
N PHE B 179 34.60 -10.58 -74.64
CA PHE B 179 33.31 -10.46 -73.97
C PHE B 179 32.42 -9.47 -74.70
N ILE B 180 32.96 -8.31 -75.06
CA ILE B 180 32.20 -7.32 -75.81
C ILE B 180 31.74 -7.91 -77.14
N ARG B 181 32.69 -8.46 -77.91
CA ARG B 181 32.35 -9.08 -79.19
C ARG B 181 31.29 -10.16 -79.03
N PHE B 182 31.33 -10.91 -77.92
CA PHE B 182 30.30 -11.90 -77.67
C PHE B 182 28.95 -11.24 -77.40
N PHE B 183 28.93 -10.30 -76.47
CA PHE B 183 27.67 -9.66 -76.07
C PHE B 183 26.94 -9.07 -77.26
N LEU B 184 27.67 -8.58 -78.26
CA LEU B 184 27.02 -7.97 -79.42
C LEU B 184 26.26 -9.02 -80.23
N GLU B 185 26.92 -10.13 -80.57
CA GLU B 185 26.35 -11.08 -81.51
C GLU B 185 24.99 -11.60 -81.05
N ARG B 186 24.82 -11.81 -79.74
CA ARG B 186 23.55 -12.36 -79.26
C ARG B 186 22.44 -11.34 -79.37
N LEU B 187 22.73 -10.06 -79.08
CA LEU B 187 21.73 -9.01 -79.23
C LEU B 187 21.40 -8.69 -80.68
N ASP B 188 22.20 -9.15 -81.65
CA ASP B 188 21.97 -8.97 -83.08
C ASP B 188 21.94 -7.47 -83.44
N LEU B 189 23.13 -6.88 -83.39
CA LEU B 189 23.30 -5.44 -83.52
C LEU B 189 24.11 -5.12 -84.77
N ASP B 190 23.59 -4.20 -85.58
CA ASP B 190 24.16 -3.89 -86.89
C ASP B 190 25.38 -2.99 -86.74
N LEU B 191 26.51 -3.44 -87.29
CA LEU B 191 27.82 -2.84 -87.08
C LEU B 191 28.30 -1.94 -88.22
N ASP B 192 27.47 -1.66 -89.23
CA ASP B 192 27.97 -1.07 -90.48
C ASP B 192 28.76 0.22 -90.26
N HIS B 193 28.38 1.03 -89.26
CA HIS B 193 29.15 2.19 -88.86
C HIS B 193 29.09 2.29 -87.34
N ILE B 194 30.21 2.62 -86.70
CA ILE B 194 30.34 2.47 -85.25
C ILE B 194 31.10 3.65 -84.65
N LEU B 195 30.68 4.07 -83.46
CA LEU B 195 31.15 5.28 -82.80
C LEU B 195 31.62 4.95 -81.39
N PHE B 196 32.80 5.45 -81.01
CA PHE B 196 33.36 5.16 -79.69
C PHE B 196 34.27 6.29 -79.23
N ASN B 197 34.29 6.53 -77.91
CA ASN B 197 35.00 7.67 -77.33
C ASN B 197 36.36 7.35 -76.70
N SER B 198 36.85 6.11 -76.72
CA SER B 198 38.05 5.75 -75.96
C SER B 198 39.08 5.03 -76.81
N LEU B 199 40.35 5.48 -76.72
CA LEU B 199 41.48 4.75 -77.29
C LEU B 199 41.63 3.37 -76.65
N ALA B 200 41.03 3.17 -75.48
CA ALA B 200 41.09 1.94 -74.70
C ALA B 200 40.13 0.92 -75.30
N TYR B 201 39.69 -0.05 -74.49
CA TYR B 201 38.98 -1.24 -74.94
C TYR B 201 37.99 -0.98 -76.06
N SER B 202 37.31 0.16 -76.03
CA SER B 202 36.45 0.56 -77.14
C SER B 202 37.18 0.44 -78.48
N PHE B 203 38.49 0.73 -78.50
CA PHE B 203 39.24 0.70 -79.75
C PHE B 203 39.61 -0.71 -80.16
N LEU B 204 40.03 -1.55 -79.21
CA LEU B 204 40.51 -2.89 -79.55
C LEU B 204 39.43 -3.76 -80.19
N VAL B 205 38.15 -3.43 -80.00
CA VAL B 205 37.10 -4.25 -80.61
C VAL B 205 37.16 -4.16 -82.13
N SER B 206 37.60 -3.02 -82.67
CA SER B 206 37.68 -2.86 -84.11
C SER B 206 38.81 -3.71 -84.70
N HIS B 207 40.03 -3.59 -84.15
CA HIS B 207 41.17 -4.29 -84.71
C HIS B 207 40.96 -5.80 -84.73
N SER B 208 40.01 -6.31 -83.96
CA SER B 208 39.64 -7.72 -84.06
C SER B 208 38.77 -7.98 -85.29
N LEU B 209 37.83 -7.06 -85.56
CA LEU B 209 36.78 -7.23 -86.56
C LEU B 209 37.13 -6.62 -87.91
N THR B 210 38.39 -6.25 -88.13
CA THR B 210 38.80 -5.54 -89.35
C THR B 210 38.24 -6.15 -90.62
N GLY B 211 37.94 -7.46 -90.62
CA GLY B 211 37.44 -8.11 -91.81
C GLY B 211 35.99 -7.83 -92.13
N ARG B 212 35.15 -7.65 -91.11
CA ARG B 212 33.74 -7.37 -91.35
C ARG B 212 33.59 -6.02 -92.04
N ALA B 213 32.50 -5.87 -92.79
CA ALA B 213 32.35 -4.76 -93.72
C ALA B 213 32.05 -3.45 -92.99
N GLY B 214 32.31 -2.34 -93.69
CA GLY B 214 31.99 -1.01 -93.23
C GLY B 214 33.20 -0.22 -92.77
N GLN B 215 32.91 0.93 -92.15
CA GLN B 215 33.88 1.89 -91.64
C GLN B 215 33.42 2.43 -90.31
N ASP B 216 34.37 2.87 -89.47
CA ASP B 216 34.12 3.26 -88.08
C ASP B 216 34.70 4.64 -87.77
N ILE B 217 34.28 5.21 -86.63
CA ILE B 217 34.60 6.57 -86.23
C ILE B 217 35.06 6.60 -84.78
N LEU B 218 36.17 7.30 -84.52
CA LEU B 218 36.71 7.49 -83.18
C LEU B 218 36.63 8.96 -82.79
N PHE B 219 36.28 9.22 -81.54
CA PHE B 219 36.04 10.56 -81.02
C PHE B 219 37.00 10.84 -79.87
N TRP B 220 37.58 12.03 -79.85
CA TRP B 220 38.58 12.37 -78.85
C TRP B 220 38.05 13.50 -77.95
N GLN B 221 37.65 13.14 -76.73
CA GLN B 221 37.37 14.11 -75.69
C GLN B 221 38.53 14.32 -74.74
N GLU B 222 39.57 13.48 -74.81
CA GLU B 222 40.68 13.55 -73.87
C GLU B 222 41.75 14.50 -74.40
N PRO B 223 42.34 15.32 -73.54
CA PRO B 223 43.33 16.30 -74.02
C PRO B 223 44.65 15.63 -74.41
N LEU B 224 45.39 16.32 -75.27
CA LEU B 224 46.74 15.89 -75.64
C LEU B 224 47.75 16.90 -75.12
N TYR B 225 49.03 16.56 -75.26
CA TYR B 225 50.07 17.48 -74.81
C TYR B 225 51.12 17.74 -75.88
N ASP B 226 52.00 16.76 -76.06
CA ASP B 226 53.19 16.86 -76.90
C ASP B 226 53.16 15.83 -78.01
N GLU B 227 53.12 14.55 -77.67
CA GLU B 227 53.11 13.45 -78.63
C GLU B 227 51.79 12.69 -78.55
N LEU B 228 51.46 11.98 -79.63
CA LEU B 228 50.23 11.23 -79.72
C LEU B 228 50.33 9.93 -78.92
N PRO B 229 49.20 9.38 -78.49
CA PRO B 229 49.22 8.01 -77.94
C PRO B 229 49.63 7.03 -79.02
N GLY B 230 50.42 6.02 -78.63
CA GLY B 230 50.99 5.09 -79.60
C GLY B 230 49.95 4.46 -80.50
N ASN B 231 48.73 4.25 -79.99
CA ASN B 231 47.67 3.68 -80.80
C ASN B 231 47.15 4.68 -81.84
N MSE B 232 47.38 5.97 -81.65
CA MSE B 232 46.90 6.99 -82.58
C MSE B 232 47.72 6.98 -83.85
O MSE B 232 47.20 7.20 -84.93
CB MSE B 232 46.96 8.38 -81.95
CG MSE B 232 46.10 9.40 -82.66
SE MSE B 232 45.64 10.89 -81.49
CE MSE B 232 44.06 11.55 -82.42
N GLN B 233 49.04 6.73 -83.70
CA GLN B 233 49.89 6.58 -84.86
C GLN B 233 49.41 5.44 -85.75
N LEU B 234 48.89 4.36 -85.15
CA LEU B 234 48.43 3.23 -85.94
C LEU B 234 47.23 3.60 -86.79
N ILE B 235 46.37 4.50 -86.29
CA ILE B 235 45.21 4.93 -87.06
C ILE B 235 45.64 5.67 -88.32
N LEU B 236 46.74 6.41 -88.24
CA LEU B 236 47.19 7.21 -89.37
C LEU B 236 47.53 6.33 -90.57
N ASP B 237 48.43 5.36 -90.37
CA ASP B 237 48.99 4.62 -91.49
C ASP B 237 48.04 3.53 -92.00
N ASN B 238 47.48 2.73 -91.09
CA ASN B 238 46.69 1.59 -91.52
C ASN B 238 45.35 2.03 -92.10
N SER B 239 44.83 1.24 -93.03
CA SER B 239 43.67 1.58 -93.83
C SER B 239 42.61 0.49 -93.74
N GLN B 240 42.98 -0.74 -94.09
CA GLN B 240 42.07 -1.89 -93.98
C GLN B 240 41.37 -1.93 -92.63
N LEU B 241 41.94 -1.33 -91.59
CA LEU B 241 41.24 -1.17 -90.32
C LEU B 241 39.86 -0.59 -90.54
N ARG B 242 38.88 -1.12 -89.81
CA ARG B 242 37.51 -0.60 -89.89
C ARG B 242 37.47 0.91 -89.64
N THR B 243 38.35 1.40 -88.78
CA THR B 243 38.38 2.81 -88.44
C THR B 243 39.29 3.56 -89.41
N GLN B 244 38.69 4.41 -90.27
CA GLN B 244 39.47 5.31 -91.11
C GLN B 244 39.48 6.78 -90.67
N THR B 245 38.69 7.18 -89.66
CA THR B 245 38.51 8.61 -89.42
C THR B 245 38.37 8.92 -87.93
N ILE B 246 39.04 9.99 -87.49
CA ILE B 246 39.03 10.42 -86.10
C ILE B 246 38.39 11.81 -86.01
N VAL B 247 37.89 12.13 -84.82
CA VAL B 247 37.09 13.32 -84.58
C VAL B 247 37.54 13.99 -83.28
N ILE B 248 37.83 15.29 -83.35
CA ILE B 248 38.09 16.06 -82.13
C ILE B 248 37.20 17.30 -82.12
N PRO B 249 36.54 17.59 -80.99
CA PRO B 249 35.71 18.80 -80.90
C PRO B 249 36.41 20.14 -80.75
N ASP B 250 37.37 20.21 -79.84
CA ASP B 250 37.72 21.49 -79.24
C ASP B 250 38.45 22.39 -80.23
N LEU B 251 38.06 23.67 -80.25
CA LEU B 251 38.74 24.62 -81.12
C LEU B 251 40.22 24.68 -80.79
N ALA B 252 40.60 24.45 -79.53
CA ALA B 252 42.00 24.37 -79.15
C ALA B 252 42.61 23.00 -79.46
N THR B 253 41.94 21.91 -79.02
CA THR B 253 42.55 20.58 -79.06
C THR B 253 42.68 20.04 -80.47
N TYR B 254 41.95 20.61 -81.43
CA TYR B 254 41.99 20.10 -82.80
C TYR B 254 43.32 20.40 -83.47
N GLU B 255 43.72 21.68 -83.50
CA GLU B 255 44.88 22.07 -84.30
C GLU B 255 46.19 21.69 -83.63
N LYS B 256 46.26 21.79 -82.30
CA LYS B 256 47.44 21.31 -81.59
C LYS B 256 47.65 19.82 -81.79
N ALA B 257 46.59 19.08 -82.11
CA ALA B 257 46.72 17.66 -82.43
C ALA B 257 47.21 17.46 -83.87
N MSE B 258 46.70 18.25 -84.81
CA MSE B 258 47.06 18.11 -86.21
C MSE B 258 48.40 18.77 -86.51
O MSE B 258 48.94 18.64 -87.62
CB MSE B 258 45.96 18.69 -87.10
CG MSE B 258 45.86 18.05 -88.48
SE MSE B 258 44.25 18.63 -89.40
CE MSE B 258 44.92 20.32 -90.11
N SER B 259 48.93 19.47 -85.51
CA SER B 259 50.26 20.05 -85.58
C SER B 259 51.36 19.00 -85.69
N LEU B 260 51.10 17.79 -85.21
CA LEU B 260 52.07 16.72 -85.09
C LEU B 260 52.04 15.76 -86.27
N ALA B 261 51.25 16.05 -87.29
CA ALA B 261 50.95 15.13 -88.37
C ALA B 261 51.39 15.72 -89.72
N ALA B 262 51.83 14.83 -90.62
CA ALA B 262 52.37 15.27 -91.89
C ALA B 262 51.26 15.74 -92.83
N ALA B 263 51.66 16.13 -94.03
CA ALA B 263 50.69 16.56 -95.04
C ALA B 263 49.72 15.42 -95.36
N ASP B 264 50.23 14.19 -95.43
CA ASP B 264 49.37 13.04 -95.69
C ASP B 264 48.35 12.84 -94.59
N GLN B 265 48.74 13.10 -93.34
CA GLN B 265 48.01 12.59 -92.18
C GLN B 265 46.69 13.31 -91.95
N GLN B 266 46.61 14.60 -92.29
CA GLN B 266 45.57 15.45 -91.71
C GLN B 266 44.17 15.14 -92.25
N GLN B 267 44.07 14.61 -93.47
CA GLN B 267 42.79 14.57 -94.17
C GLN B 267 41.80 13.59 -93.55
N LYS B 268 42.21 12.81 -92.54
CA LYS B 268 41.37 11.81 -91.93
C LYS B 268 40.60 12.30 -90.68
N PHE B 269 40.61 13.61 -90.41
CA PHE B 269 39.89 14.17 -89.27
C PHE B 269 38.77 15.11 -89.71
N LEU B 270 37.84 15.37 -88.79
CA LEU B 270 36.86 16.43 -88.94
C LEU B 270 36.61 17.07 -87.57
N HIS B 271 36.47 18.40 -87.56
CA HIS B 271 36.35 19.17 -86.34
C HIS B 271 34.96 19.78 -86.20
N LEU B 272 34.44 19.77 -84.97
CA LEU B 272 33.05 20.14 -84.70
C LEU B 272 32.80 19.99 -83.20
N GLY B 273 31.82 20.73 -82.69
CA GLY B 273 31.56 20.83 -81.27
C GLY B 273 30.42 19.96 -80.80
N TYR B 274 29.65 20.47 -79.84
CA TYR B 274 28.45 19.82 -79.34
C TYR B 274 27.30 20.81 -79.45
N HIS B 275 26.10 20.36 -79.09
CA HIS B 275 24.94 21.24 -79.03
C HIS B 275 24.37 21.20 -77.62
N TYR B 276 24.54 22.29 -76.88
CA TYR B 276 23.86 22.50 -75.61
C TYR B 276 22.59 23.29 -75.88
N ASP B 277 21.44 22.76 -75.45
CA ASP B 277 20.20 23.52 -75.48
C ASP B 277 19.99 24.15 -74.11
N PHE B 278 19.69 25.44 -74.10
CA PHE B 278 19.61 26.23 -72.89
C PHE B 278 18.15 26.46 -72.53
N LYS B 279 17.81 26.28 -71.26
CA LYS B 279 16.41 26.38 -70.83
C LYS B 279 15.83 27.78 -70.98
N ARG B 280 16.65 28.78 -71.32
CA ARG B 280 16.19 30.15 -71.50
C ARG B 280 17.36 31.01 -71.97
N ASP B 281 17.03 32.20 -72.46
CA ASP B 281 18.00 33.14 -73.01
C ASP B 281 18.68 33.90 -71.87
N ASN B 282 19.41 34.96 -72.20
CA ASN B 282 20.21 35.65 -71.19
C ASN B 282 19.39 36.67 -70.41
N TYR B 283 18.98 37.75 -71.07
CA TYR B 283 18.20 38.85 -70.50
C TYR B 283 18.93 39.68 -69.45
N LEU B 284 20.27 39.67 -69.47
CA LEU B 284 21.10 40.77 -68.94
C LEU B 284 20.60 41.32 -67.60
N ARG B 285 20.38 40.43 -66.64
CA ARG B 285 20.00 40.90 -65.32
C ARG B 285 21.20 41.53 -64.63
N LYS B 286 20.92 42.33 -63.60
CA LYS B 286 21.95 42.60 -62.61
C LYS B 286 21.53 41.81 -61.38
N ASP B 287 22.12 40.62 -61.23
CA ASP B 287 22.05 39.78 -60.04
C ASP B 287 23.16 38.76 -60.17
N ALA B 288 23.58 38.19 -59.04
CA ALA B 288 24.68 37.23 -59.02
C ALA B 288 24.44 36.16 -57.97
N LEU B 289 25.02 34.99 -58.21
CA LEU B 289 24.73 33.83 -57.38
C LEU B 289 26.00 33.04 -57.12
N ILE B 290 26.14 32.56 -55.87
CA ILE B 290 27.30 31.78 -55.45
C ILE B 290 26.81 30.65 -54.54
N LEU B 291 27.37 29.45 -54.74
CA LEU B 291 27.00 28.27 -53.96
C LEU B 291 28.25 27.67 -53.36
N THR B 292 28.31 27.60 -52.04
CA THR B 292 29.48 27.09 -51.32
C THR B 292 29.07 25.90 -50.47
N HIS B 293 30.03 25.42 -49.69
CA HIS B 293 29.77 24.49 -48.60
C HIS B 293 30.07 25.13 -47.26
N SER B 294 31.31 25.59 -47.03
CA SER B 294 31.58 26.46 -45.90
C SER B 294 32.22 27.76 -46.38
N ASP B 295 32.47 28.65 -45.42
CA ASP B 295 33.23 29.88 -45.61
C ASP B 295 34.65 29.57 -46.10
N GLN B 296 35.26 30.47 -46.87
CA GLN B 296 34.68 31.73 -47.27
C GLN B 296 35.15 32.01 -48.68
N ILE B 297 34.90 33.22 -49.17
CA ILE B 297 35.11 33.57 -50.56
C ILE B 297 36.22 34.61 -50.64
N GLU B 298 37.20 34.36 -51.52
CA GLU B 298 38.36 35.23 -51.64
C GLU B 298 37.95 36.55 -52.30
N GLY B 299 38.25 37.65 -51.62
CA GLY B 299 37.83 38.95 -52.10
C GLY B 299 36.33 39.14 -52.17
N LEU B 300 35.56 38.32 -51.44
CA LEU B 300 34.12 38.47 -51.45
C LEU B 300 33.72 39.89 -51.06
N ASP B 301 34.38 40.44 -50.04
CA ASP B 301 34.07 41.79 -49.60
C ASP B 301 34.55 42.82 -50.62
N THR B 302 35.78 42.68 -51.13
CA THR B 302 36.32 43.69 -52.02
C THR B 302 35.51 43.83 -53.30
N LEU B 303 34.71 42.81 -53.64
CA LEU B 303 33.78 42.93 -54.76
C LEU B 303 32.48 43.61 -54.33
N VAL B 304 32.01 43.30 -53.13
CA VAL B 304 30.80 43.93 -52.60
C VAL B 304 30.94 45.44 -52.61
N GLN B 305 32.13 45.94 -52.28
CA GLN B 305 32.37 47.38 -52.33
C GLN B 305 32.60 47.87 -53.75
N SER B 306 33.06 47.00 -54.65
CA SER B 306 33.29 47.41 -56.03
C SER B 306 32.03 47.35 -56.88
N LEU B 307 30.95 46.77 -56.37
CA LEU B 307 29.68 46.99 -57.00
C LEU B 307 28.56 47.22 -55.99
N PRO B 308 27.83 48.31 -56.12
CA PRO B 308 26.57 48.49 -55.38
C PRO B 308 25.37 47.83 -56.04
N GLN B 309 25.39 47.74 -57.36
CA GLN B 309 24.15 47.82 -58.12
C GLN B 309 23.33 46.54 -58.03
N LEU B 310 23.98 45.37 -58.01
CA LEU B 310 23.24 44.12 -58.07
C LEU B 310 23.52 43.25 -56.85
N VAL B 311 22.58 42.33 -56.63
CA VAL B 311 22.53 41.49 -55.43
C VAL B 311 23.52 40.33 -55.56
N PHE B 312 24.08 39.91 -54.43
CA PHE B 312 24.97 38.77 -54.37
C PHE B 312 24.26 37.66 -53.60
N ARG B 313 23.86 36.62 -54.31
CA ARG B 313 23.11 35.52 -53.70
C ARG B 313 24.08 34.38 -53.40
N ILE B 314 24.32 34.16 -52.12
CA ILE B 314 25.17 33.07 -51.65
C ILE B 314 24.27 32.12 -50.86
N ALA B 315 24.50 30.82 -51.01
CA ALA B 315 23.58 29.85 -50.43
C ALA B 315 24.35 28.64 -49.91
N ALA B 316 23.71 27.89 -49.03
CA ALA B 316 24.29 26.69 -48.45
C ALA B 316 23.19 25.73 -48.03
N LEU B 317 23.50 24.43 -48.11
CA LEU B 317 22.68 23.38 -47.52
C LEU B 317 23.06 23.07 -46.09
N THR B 318 24.20 23.59 -45.62
CA THR B 318 24.61 23.48 -44.23
C THR B 318 24.34 24.80 -43.53
N GLU B 319 23.96 24.73 -42.25
CA GLU B 319 23.76 25.94 -41.47
C GLU B 319 25.02 26.80 -41.50
N MSE B 320 24.86 28.04 -41.95
CA MSE B 320 26.03 28.81 -42.38
C MSE B 320 26.92 29.29 -41.24
O MSE B 320 26.47 29.46 -40.10
CB MSE B 320 25.59 30.00 -43.22
CG MSE B 320 25.46 29.66 -44.71
SE MSE B 320 25.12 31.24 -45.80
CE MSE B 320 25.90 30.63 -47.48
N SER B 321 28.19 29.52 -41.57
CA SER B 321 29.20 29.98 -40.63
C SER B 321 29.09 31.49 -40.44
N PRO B 322 29.42 31.99 -39.24
CA PRO B 322 29.20 33.42 -38.95
C PRO B 322 29.96 34.38 -39.87
N LYS B 323 31.11 33.97 -40.41
CA LYS B 323 31.80 34.82 -41.37
C LYS B 323 30.87 35.20 -42.52
N LEU B 324 30.06 34.25 -42.99
CA LEU B 324 29.10 34.56 -44.04
C LEU B 324 27.98 35.44 -43.51
N LEU B 325 27.55 35.22 -42.25
CA LEU B 325 26.50 36.04 -41.69
C LEU B 325 26.92 37.50 -41.53
N SER B 326 28.22 37.75 -41.30
CA SER B 326 28.67 39.12 -41.08
C SER B 326 28.53 39.98 -42.33
N MSE B 327 28.71 39.38 -43.51
CA MSE B 327 28.64 40.11 -44.76
C MSE B 327 27.21 40.61 -45.03
O MSE B 327 27.00 41.58 -45.76
CB MSE B 327 29.11 39.22 -45.92
CG MSE B 327 30.50 38.62 -45.73
SE MSE B 327 31.95 39.82 -46.26
CE MSE B 327 33.38 38.52 -46.53
N LEU B 328 26.24 39.97 -44.38
CA LEU B 328 24.84 40.34 -44.53
C LEU B 328 24.55 41.76 -44.06
N SER B 329 25.51 42.42 -43.40
CA SER B 329 25.32 43.81 -43.00
C SER B 329 25.01 44.72 -44.18
N TYR B 330 25.39 44.31 -45.39
CA TYR B 330 25.29 45.16 -46.57
C TYR B 330 24.15 44.69 -47.47
N LYS B 331 23.51 45.65 -48.14
CA LYS B 331 22.22 45.37 -48.80
C LYS B 331 22.36 44.42 -49.97
N ASN B 332 23.51 44.39 -50.63
CA ASN B 332 23.67 43.57 -51.81
C ASN B 332 24.07 42.13 -51.49
N VAL B 333 24.23 41.80 -50.21
CA VAL B 333 24.56 40.44 -49.79
C VAL B 333 23.30 39.80 -49.24
N VAL B 334 22.89 38.69 -49.84
CA VAL B 334 21.75 37.91 -49.39
C VAL B 334 22.18 36.46 -49.28
N LEU B 335 21.98 35.85 -48.12
CA LEU B 335 22.32 34.45 -47.95
C LEU B 335 21.07 33.58 -48.07
N TYR B 336 21.29 32.27 -48.12
CA TYR B 336 20.21 31.30 -48.03
C TYR B 336 20.70 30.18 -47.13
N GLN B 337 20.09 30.02 -45.96
CA GLN B 337 20.52 28.99 -45.03
C GLN B 337 19.79 27.70 -45.30
N ASN B 338 20.54 26.59 -45.29
CA ASN B 338 19.98 25.25 -45.42
C ASN B 338 18.98 25.19 -46.57
N ALA B 339 19.35 25.83 -47.68
CA ALA B 339 18.40 26.16 -48.74
C ALA B 339 17.80 24.89 -49.36
N SER B 340 16.64 25.07 -49.98
CA SER B 340 15.85 23.96 -50.50
C SER B 340 15.92 23.91 -52.02
N LEU B 341 15.82 22.69 -52.56
CA LEU B 341 15.75 22.49 -54.00
C LEU B 341 14.63 23.34 -54.62
N LYS B 342 13.58 23.62 -53.85
CA LYS B 342 12.59 24.60 -54.26
C LYS B 342 13.21 25.99 -54.39
N GLN B 343 13.91 26.44 -53.35
CA GLN B 343 14.59 27.72 -53.38
C GLN B 343 15.73 27.74 -54.41
N ILE B 344 16.16 26.59 -54.92
CA ILE B 344 17.35 26.56 -55.75
C ILE B 344 17.05 27.07 -57.17
N GLU B 345 16.19 26.36 -57.90
CA GLU B 345 15.90 26.75 -59.27
C GLU B 345 15.17 28.08 -59.37
N GLN B 346 14.74 28.65 -58.23
CA GLN B 346 14.32 30.04 -58.20
C GLN B 346 15.52 30.99 -58.26
N LEU B 347 16.55 30.72 -57.46
CA LEU B 347 17.73 31.58 -57.47
C LEU B 347 18.47 31.50 -58.80
N TYR B 348 18.44 30.34 -59.46
CA TYR B 348 19.06 30.26 -60.78
C TYR B 348 18.30 31.09 -61.80
N LEU B 349 17.00 31.23 -61.64
CA LEU B 349 16.20 32.03 -62.56
C LEU B 349 16.26 33.52 -62.25
N GLU B 350 16.37 33.89 -60.97
CA GLU B 350 16.38 35.30 -60.61
C GLU B 350 17.70 35.99 -60.95
N SER B 351 18.77 35.22 -61.16
CA SER B 351 20.10 35.76 -61.40
C SER B 351 20.55 35.51 -62.84
N ASP B 352 21.29 36.47 -63.41
CA ASP B 352 21.99 36.25 -64.67
C ASP B 352 23.48 35.98 -64.52
N ILE B 353 24.04 36.04 -63.32
CA ILE B 353 25.49 35.98 -63.14
C ILE B 353 25.84 34.90 -62.12
N TYR B 354 26.82 34.07 -62.47
CA TYR B 354 27.41 33.11 -61.55
C TYR B 354 28.87 33.47 -61.33
N LEU B 355 29.34 33.31 -60.10
CA LEU B 355 30.71 33.60 -59.72
C LEU B 355 31.30 32.37 -59.07
N ASP B 356 32.33 31.78 -59.68
CA ASP B 356 32.99 30.66 -59.03
C ASP B 356 34.24 31.25 -58.39
N ILE B 357 34.06 31.79 -57.19
CA ILE B 357 35.15 32.09 -56.26
C ILE B 357 35.09 31.24 -55.01
N ASN B 358 34.04 30.42 -54.84
CA ASN B 358 33.83 29.70 -53.61
C ASN B 358 34.94 28.71 -53.36
N HIS B 359 35.52 28.76 -52.16
CA HIS B 359 36.56 27.82 -51.81
C HIS B 359 35.93 26.44 -51.58
N GLY B 360 36.78 25.40 -51.56
CA GLY B 360 36.27 24.04 -51.56
C GLY B 360 36.03 23.54 -52.97
N GLY B 361 34.91 22.85 -53.19
CA GLY B 361 34.67 22.15 -54.43
C GLY B 361 33.23 22.27 -54.87
N GLN B 362 32.96 21.78 -56.07
CA GLN B 362 31.74 22.09 -56.80
C GLN B 362 30.51 21.61 -56.04
N VAL B 363 29.38 22.23 -56.34
CA VAL B 363 28.10 21.91 -55.71
C VAL B 363 27.22 21.28 -56.78
N LEU B 364 27.04 19.96 -56.72
CA LEU B 364 26.14 19.22 -57.59
C LEU B 364 26.25 19.66 -59.05
N GLN B 365 27.49 19.89 -59.50
CA GLN B 365 27.76 20.44 -60.83
C GLN B 365 27.03 21.78 -61.03
N ALA B 366 27.24 22.69 -60.08
CA ALA B 366 26.68 24.03 -60.22
C ALA B 366 27.24 24.75 -61.43
N VAL B 367 28.51 24.51 -61.75
CA VAL B 367 29.13 25.15 -62.90
C VAL B 367 28.37 24.81 -64.17
N ARG B 368 28.02 23.53 -64.34
CA ARG B 368 27.35 23.08 -65.56
C ARG B 368 25.99 23.76 -65.72
N LYS B 369 25.19 23.82 -64.64
CA LYS B 369 23.91 24.49 -64.72
C LYS B 369 24.05 26.00 -64.84
N ALA B 370 25.18 26.57 -64.41
CA ALA B 370 25.47 27.96 -64.73
C ALA B 370 25.60 28.14 -66.24
N PHE B 371 26.26 27.21 -66.91
CA PHE B 371 26.40 27.31 -68.36
C PHE B 371 25.11 26.96 -69.07
N GLU B 372 24.31 26.03 -68.52
CA GLU B 372 23.08 25.60 -69.18
C GLU B 372 22.07 26.74 -69.24
N ASN B 373 21.97 27.55 -68.20
CA ASN B 373 21.00 28.63 -68.17
C ASN B 373 21.55 29.92 -68.77
N ASN B 374 22.74 29.87 -69.37
CA ASN B 374 23.31 30.96 -70.15
C ASN B 374 23.62 32.18 -69.29
N LEU B 375 23.99 31.95 -68.03
CA LEU B 375 24.56 33.01 -67.23
C LEU B 375 25.95 33.33 -67.74
N LEU B 376 26.65 34.23 -67.06
CA LEU B 376 28.03 34.53 -67.41
C LEU B 376 28.92 33.77 -66.44
N ILE B 377 29.55 32.72 -66.93
CA ILE B 377 30.37 31.84 -66.12
C ILE B 377 31.77 32.42 -66.06
N LEU B 378 32.28 32.64 -64.85
CA LEU B 378 33.56 33.33 -64.70
C LEU B 378 34.10 33.11 -63.29
N GLY B 379 35.30 33.64 -63.07
CA GLY B 379 36.01 33.44 -61.83
C GLY B 379 37.49 33.71 -62.01
N PHE B 380 38.24 33.48 -60.93
CA PHE B 380 39.68 33.68 -60.87
C PHE B 380 40.39 32.38 -61.24
N GLU B 381 41.66 32.25 -60.86
CA GLU B 381 42.24 30.92 -60.72
C GLU B 381 41.83 30.35 -59.37
N GLN B 382 42.36 29.17 -59.05
CA GLN B 382 41.90 28.39 -57.89
C GLN B 382 40.39 28.25 -57.90
N THR B 383 39.87 27.79 -59.04
CA THR B 383 38.44 27.62 -59.25
C THR B 383 37.96 26.22 -58.88
N LEU B 384 36.73 25.94 -59.29
CA LEU B 384 36.09 24.65 -59.10
C LEU B 384 35.90 24.01 -60.47
N HIS B 385 36.50 22.84 -60.66
CA HIS B 385 36.25 22.04 -61.86
C HIS B 385 34.76 21.71 -61.89
N ASP B 386 34.17 21.61 -63.09
CA ASP B 386 34.90 21.60 -64.36
C ASP B 386 35.21 22.98 -64.94
N ARG B 387 36.48 23.17 -65.33
CA ARG B 387 36.88 24.30 -66.16
C ARG B 387 36.38 24.15 -67.59
N HIS B 388 35.71 23.03 -67.90
CA HIS B 388 35.24 22.75 -69.24
C HIS B 388 34.53 23.94 -69.87
N TYR B 389 33.72 24.66 -69.09
CA TYR B 389 33.06 25.84 -69.64
C TYR B 389 33.55 27.10 -68.91
N ILE B 390 34.59 27.74 -69.45
CA ILE B 390 34.97 29.12 -69.15
C ILE B 390 36.05 29.52 -70.16
N ALA B 391 36.15 30.81 -70.50
CA ALA B 391 37.16 31.23 -71.44
C ALA B 391 38.33 31.91 -70.73
N GLN B 392 39.36 32.28 -71.51
CA GLN B 392 40.47 33.03 -70.95
C GLN B 392 40.13 34.51 -70.83
N GLN B 393 39.32 35.03 -71.76
CA GLN B 393 38.92 36.43 -71.71
C GLN B 393 38.23 36.77 -70.40
N HIS B 394 37.48 35.82 -69.84
CA HIS B 394 36.63 36.04 -68.68
C HIS B 394 37.27 35.59 -67.35
N ILE B 395 38.55 35.21 -67.34
CA ILE B 395 39.17 34.62 -66.16
C ILE B 395 40.31 35.51 -65.66
N PHE B 396 40.63 35.36 -64.36
CA PHE B 396 41.57 36.21 -63.65
C PHE B 396 42.32 35.37 -62.61
N ASP B 397 43.02 36.04 -61.69
CA ASP B 397 43.78 35.36 -60.65
C ASP B 397 43.76 36.13 -59.32
N SER B 398 43.52 35.40 -58.23
CA SER B 398 43.82 35.84 -56.85
C SER B 398 43.27 37.23 -56.52
N SER B 399 42.09 37.54 -57.05
CA SER B 399 41.36 38.77 -56.75
C SER B 399 42.16 40.03 -57.10
N GLN B 400 43.20 39.89 -57.93
CA GLN B 400 44.02 41.04 -58.29
C GLN B 400 43.32 41.96 -59.30
N PRO B 401 42.84 41.46 -60.50
CA PRO B 401 41.95 42.28 -61.33
C PRO B 401 40.50 42.09 -60.93
N ALA B 402 40.25 42.16 -59.63
CA ALA B 402 38.88 42.17 -59.14
C ALA B 402 38.16 43.45 -59.55
N GLN B 403 38.93 44.52 -59.82
CA GLN B 403 38.35 45.77 -60.29
C GLN B 403 37.98 45.71 -61.76
N LEU B 404 38.89 45.20 -62.60
CA LEU B 404 38.56 45.04 -64.01
C LEU B 404 37.71 43.81 -64.28
N ALA B 405 37.63 42.87 -63.31
CA ALA B 405 36.56 41.88 -63.36
C ALA B 405 35.21 42.56 -63.41
N SER B 406 35.03 43.58 -62.58
CA SER B 406 33.80 44.38 -62.58
C SER B 406 33.59 45.04 -63.94
N ILE B 407 34.59 45.79 -64.42
CA ILE B 407 34.44 46.56 -65.64
C ILE B 407 34.13 45.65 -66.82
N LEU B 408 34.64 44.42 -66.81
CA LEU B 408 34.32 43.47 -67.88
C LEU B 408 32.82 43.26 -67.97
N GLU B 409 32.17 43.06 -66.83
CA GLU B 409 30.71 42.94 -66.81
C GLU B 409 30.06 44.30 -67.04
N GLU B 410 30.61 45.35 -66.42
CA GLU B 410 30.12 46.71 -66.67
C GLU B 410 30.27 47.09 -68.13
N ALA B 411 31.26 46.53 -68.83
CA ALA B 411 31.35 46.75 -70.27
C ALA B 411 30.14 46.21 -71.01
N LEU B 412 29.35 45.35 -70.38
CA LEU B 412 28.13 44.84 -71.00
C LEU B 412 26.99 45.71 -70.53
N CYS B 413 26.52 46.58 -71.42
CA CYS B 413 25.40 47.48 -71.21
C CYS B 413 24.49 47.37 -72.43
N GLY B 414 25.05 47.70 -73.59
CA GLY B 414 24.36 47.46 -74.84
C GLY B 414 23.80 46.06 -74.90
N VAL B 415 22.54 45.96 -75.34
CA VAL B 415 21.81 44.71 -75.31
C VAL B 415 22.64 43.58 -75.93
N GLU B 416 23.38 43.90 -77.00
CA GLU B 416 24.22 42.94 -77.69
C GLU B 416 25.70 43.03 -77.31
N GLN B 417 26.06 43.88 -76.35
CA GLN B 417 27.41 43.88 -75.82
C GLN B 417 27.67 42.64 -74.96
N MSE B 418 26.68 42.24 -74.17
CA MSE B 418 26.77 41.00 -73.40
C MSE B 418 26.93 39.81 -74.34
O MSE B 418 27.76 38.93 -74.11
CB MSE B 418 25.53 40.82 -72.53
CG MSE B 418 25.42 39.44 -71.93
SE MSE B 418 26.32 39.25 -70.22
CE MSE B 418 24.76 39.21 -69.03
N ARG B 419 26.12 39.80 -75.41
CA ARG B 419 26.16 38.73 -76.39
C ARG B 419 27.53 38.62 -77.06
N SER B 420 28.31 39.70 -77.08
CA SER B 420 29.69 39.60 -77.55
C SER B 420 30.57 38.90 -76.53
N ALA B 421 30.32 39.13 -75.24
CA ALA B 421 31.01 38.37 -74.19
C ALA B 421 30.41 36.98 -74.03
N LEU B 422 29.09 36.85 -74.23
CA LEU B 422 28.43 35.55 -74.17
C LEU B 422 29.08 34.56 -75.14
N GLN B 423 29.00 34.85 -76.44
CA GLN B 423 29.40 33.89 -77.45
C GLN B 423 30.90 33.82 -77.61
N ALA B 424 31.64 34.58 -76.81
CA ALA B 424 33.04 34.22 -76.52
C ALA B 424 33.10 32.95 -75.69
N GLN B 425 32.33 32.88 -74.59
CA GLN B 425 32.20 31.62 -73.88
C GLN B 425 31.42 30.60 -74.71
N GLY B 426 30.51 31.07 -75.55
CA GLY B 426 29.69 30.19 -76.36
C GLY B 426 30.45 29.41 -77.39
N ARG B 427 31.62 29.91 -77.81
CA ARG B 427 32.52 29.12 -78.63
C ARG B 427 33.63 28.43 -77.84
N HIS B 428 33.77 28.72 -76.54
CA HIS B 428 34.80 28.01 -75.77
C HIS B 428 34.33 26.61 -75.40
N ALA B 429 33.04 26.47 -75.10
CA ALA B 429 32.45 25.17 -74.87
C ALA B 429 32.16 24.46 -76.19
N ASN B 430 32.50 25.10 -77.30
CA ASN B 430 32.39 24.52 -78.64
C ASN B 430 30.92 24.27 -79.03
N ASP B 431 30.00 25.06 -78.46
CA ASP B 431 28.60 24.97 -78.87
C ASP B 431 28.49 25.27 -80.36
N VAL B 432 27.91 24.33 -81.10
CA VAL B 432 27.71 24.53 -82.53
C VAL B 432 26.38 23.93 -82.93
N PRO B 433 25.72 24.51 -83.93
CA PRO B 433 24.37 24.05 -84.28
C PRO B 433 24.41 22.70 -84.98
N VAL B 434 23.34 21.93 -84.74
CA VAL B 434 23.21 20.60 -85.31
C VAL B 434 23.23 20.64 -86.83
N SER B 435 22.97 21.82 -87.42
CA SER B 435 23.20 21.99 -88.85
C SER B 435 24.61 21.59 -89.23
N LEU B 436 25.55 21.68 -88.29
CA LEU B 436 26.94 21.34 -88.54
C LEU B 436 27.15 19.82 -88.53
N TYR B 437 26.60 19.12 -87.54
CA TYR B 437 26.76 17.67 -87.51
C TYR B 437 26.22 17.04 -88.79
N GLN B 438 25.14 17.59 -89.33
CA GLN B 438 24.51 16.99 -90.50
C GLN B 438 25.37 17.14 -91.73
N GLU B 439 25.99 18.31 -91.93
CA GLU B 439 26.81 18.54 -93.11
C GLU B 439 28.06 17.67 -93.11
N THR B 440 28.59 17.35 -91.93
CA THR B 440 29.84 16.60 -91.84
C THR B 440 29.65 15.11 -92.10
N LEU B 441 28.59 14.53 -91.53
CA LEU B 441 28.38 13.09 -91.58
C LEU B 441 27.39 12.66 -92.66
N GLN B 442 26.83 13.59 -93.44
CA GLN B 442 26.05 13.18 -94.61
C GLN B 442 26.91 12.40 -95.59
N SER B 443 28.22 12.66 -95.57
CA SER B 443 29.18 11.82 -96.29
C SER B 443 29.38 10.48 -95.59
N LEU B 444 29.15 10.43 -94.28
CA LEU B 444 29.50 9.29 -93.44
C LEU B 444 28.33 8.37 -93.05
N LEU B 445 27.13 8.56 -93.59
CA LEU B 445 26.02 7.66 -93.24
C LEU B 445 26.44 6.20 -93.30
N SER C 1 14.57 -2.08 -8.75
CA SER C 1 14.19 -1.39 -9.97
C SER C 1 14.55 0.09 -9.87
N THR C 2 14.98 0.68 -10.99
CA THR C 2 15.50 2.04 -10.99
C THR C 2 15.27 2.64 -12.38
N VAL C 3 15.64 3.91 -12.54
CA VAL C 3 15.55 4.64 -13.79
C VAL C 3 16.87 5.39 -13.99
N TYR C 4 17.59 5.07 -15.06
CA TYR C 4 18.91 5.65 -15.32
C TYR C 4 18.85 6.65 -16.46
N ASN C 5 19.61 7.73 -16.33
CA ASN C 5 19.60 8.83 -17.29
C ASN C 5 21.03 9.16 -17.70
N ILE C 6 21.22 9.45 -18.98
CA ILE C 6 22.55 9.49 -19.58
C ILE C 6 22.72 10.78 -20.38
N ASN C 7 23.87 11.44 -20.21
CA ASN C 7 24.18 12.66 -20.92
C ASN C 7 25.70 12.81 -20.97
N LEU C 8 26.17 13.67 -21.88
CA LEU C 8 27.59 13.84 -22.14
C LEU C 8 28.27 14.59 -20.99
N GLY C 9 27.96 15.87 -20.80
CA GLY C 9 28.64 16.68 -19.81
C GLY C 9 27.80 17.80 -19.25
N ILE C 10 28.40 18.58 -18.35
CA ILE C 10 27.70 19.66 -17.65
C ILE C 10 28.71 20.69 -17.15
N GLY C 11 28.22 21.90 -16.87
CA GLY C 11 29.05 22.97 -16.39
C GLY C 11 28.19 24.06 -15.80
N TRP C 12 28.85 25.12 -15.31
CA TRP C 12 28.11 26.30 -14.86
C TRP C 12 27.12 26.77 -15.91
N ALA C 13 27.62 27.28 -17.03
CA ALA C 13 26.73 27.68 -18.11
C ALA C 13 26.27 26.42 -18.82
N SER C 14 24.97 26.16 -18.77
CA SER C 14 24.41 24.92 -19.26
C SER C 14 23.44 25.21 -20.40
N SER C 15 22.92 24.14 -20.99
CA SER C 15 22.00 24.25 -22.12
C SER C 15 20.65 23.68 -21.74
N GLY C 16 19.71 23.81 -22.66
CA GLY C 16 18.34 23.39 -22.40
C GLY C 16 18.20 21.90 -22.16
N VAL C 17 19.15 21.11 -22.63
CA VAL C 17 19.07 19.66 -22.46
C VAL C 17 19.20 19.30 -20.98
N GLU C 18 20.14 19.91 -20.28
CA GLU C 18 20.39 19.55 -18.89
C GLU C 18 19.27 20.01 -17.98
N TYR C 19 18.85 21.27 -18.10
CA TYR C 19 17.77 21.78 -17.25
C TYR C 19 16.45 21.05 -17.52
N ALA C 20 16.19 20.67 -18.77
CA ALA C 20 15.09 19.76 -19.03
C ALA C 20 15.30 18.44 -18.30
N GLN C 21 16.52 17.92 -18.35
CA GLN C 21 16.86 16.71 -17.62
C GLN C 21 16.91 16.96 -16.12
N ALA C 22 17.36 18.15 -15.71
CA ALA C 22 17.38 18.48 -14.29
C ALA C 22 15.97 18.52 -13.72
N TYR C 23 15.07 19.24 -14.38
CA TYR C 23 13.66 19.23 -13.97
C TYR C 23 13.11 17.82 -13.98
N ARG C 24 13.48 17.01 -14.98
CA ARG C 24 12.98 15.64 -15.08
C ARG C 24 13.27 14.84 -13.82
N ALA C 25 14.33 15.17 -13.10
CA ALA C 25 14.62 14.51 -11.83
C ALA C 25 13.58 14.86 -10.78
N GLN C 26 13.29 16.17 -10.63
CA GLN C 26 12.39 16.62 -9.58
C GLN C 26 11.03 15.93 -9.68
N ILE C 27 10.53 15.76 -10.89
CA ILE C 27 9.28 15.02 -11.07
C ILE C 27 9.45 13.59 -10.59
N LEU C 28 10.47 12.90 -11.10
CA LEU C 28 10.71 11.52 -10.72
C LEU C 28 10.96 11.35 -9.23
N ARG C 29 11.27 12.44 -8.52
CA ARG C 29 11.36 12.38 -7.06
C ARG C 29 9.99 12.20 -6.44
N ARG C 30 9.01 13.02 -6.85
CA ARG C 30 7.66 12.87 -6.34
C ARG C 30 6.96 11.62 -6.86
N ILE C 31 7.55 10.92 -7.84
CA ILE C 31 6.97 9.65 -8.31
C ILE C 31 7.34 8.50 -7.40
N GLN C 32 8.17 8.74 -6.38
CA GLN C 32 8.84 7.67 -5.64
C GLN C 32 9.63 6.77 -6.58
N GLN C 33 10.10 7.36 -7.68
CA GLN C 33 10.86 6.63 -8.67
C GLN C 33 12.35 6.86 -8.47
N PRO C 34 13.09 5.87 -7.98
CA PRO C 34 14.53 6.08 -7.80
C PRO C 34 15.19 6.32 -9.14
N ALA C 35 15.98 7.40 -9.21
CA ALA C 35 16.54 7.86 -10.46
C ALA C 35 18.02 8.14 -10.30
N LYS C 36 18.80 7.71 -11.28
CA LYS C 36 20.22 8.00 -11.36
C LYS C 36 20.51 8.65 -12.70
N PHE C 37 21.36 9.66 -12.70
CA PHE C 37 21.67 10.45 -13.89
C PHE C 37 23.16 10.31 -14.16
N ILE C 38 23.50 9.64 -15.26
CA ILE C 38 24.88 9.24 -15.55
C ILE C 38 25.53 10.27 -16.47
N PHE C 39 26.68 10.78 -16.05
CA PHE C 39 27.44 11.76 -16.82
C PHE C 39 28.76 11.14 -17.28
N MSE C 40 29.13 11.45 -18.52
CA MSE C 40 30.15 10.72 -19.27
C MSE C 40 31.44 11.51 -19.46
O MSE C 40 32.52 11.04 -19.09
CB MSE C 40 29.59 10.30 -20.63
CG MSE C 40 28.42 9.31 -20.54
SE MSE C 40 28.85 7.67 -19.55
CE MSE C 40 27.37 6.52 -20.14
N ASP C 41 31.32 12.69 -20.05
CA ASP C 41 32.48 13.53 -20.38
C ASP C 41 33.37 13.75 -19.16
N MSE C 42 34.66 13.95 -19.44
CA MSE C 42 35.63 14.16 -18.38
C MSE C 42 35.53 15.58 -17.83
O MSE C 42 35.74 16.55 -18.54
CB MSE C 42 37.03 13.89 -18.89
CG MSE C 42 38.09 13.96 -17.81
SE MSE C 42 37.66 12.71 -16.39
CE MSE C 42 39.20 11.56 -16.56
N ILE C 43 35.23 15.65 -16.54
CA ILE C 43 34.90 16.89 -15.86
C ILE C 43 35.91 17.09 -14.73
N LEU C 44 36.78 18.08 -14.89
CA LEU C 44 37.88 18.32 -13.96
C LEU C 44 37.96 19.77 -13.50
N ALA C 45 38.04 20.71 -14.45
CA ALA C 45 38.32 22.12 -14.18
C ALA C 45 37.55 22.66 -12.98
N ASP C 46 36.30 22.22 -12.84
CA ASP C 46 35.59 22.33 -11.58
C ASP C 46 35.20 20.93 -11.14
N ASN C 47 34.90 20.77 -9.85
CA ASN C 47 34.49 19.47 -9.37
C ASN C 47 33.19 19.03 -10.05
N ILE C 48 32.99 17.72 -10.12
CA ILE C 48 31.72 17.21 -10.66
C ILE C 48 30.56 17.57 -9.74
N GLN C 49 30.81 17.63 -8.43
CA GLN C 49 29.73 17.90 -7.49
C GLN C 49 29.19 19.32 -7.65
N HIS C 50 30.07 20.33 -7.64
CA HIS C 50 29.61 21.72 -7.61
C HIS C 50 28.72 22.05 -8.81
N LEU C 51 28.88 21.35 -9.92
CA LEU C 51 28.00 21.55 -11.07
C LEU C 51 26.73 20.71 -10.99
N THR C 52 26.71 19.67 -10.16
CA THR C 52 25.45 18.99 -9.90
C THR C 52 24.60 19.77 -8.90
N GLU C 53 25.26 20.45 -7.96
CA GLU C 53 24.55 21.23 -6.95
C GLU C 53 23.82 22.41 -7.57
N ASN C 54 24.49 23.13 -8.47
CA ASN C 54 23.94 24.39 -8.97
C ASN C 54 22.87 24.17 -10.03
N ILE C 55 22.92 23.05 -10.77
CA ILE C 55 21.76 22.68 -11.57
C ILE C 55 20.69 22.03 -10.71
N GLY C 56 21.00 21.74 -9.44
CA GLY C 56 20.02 21.27 -8.47
C GLY C 56 20.12 19.80 -8.11
N PHE C 57 20.99 19.04 -8.77
CA PHE C 57 20.95 17.59 -8.67
C PHE C 57 21.21 17.12 -7.23
N LEU C 58 20.58 16.01 -6.88
CA LEU C 58 20.85 15.33 -5.61
C LEU C 58 22.07 14.45 -5.78
N ASP C 59 22.98 14.51 -4.78
CA ASP C 59 24.28 13.89 -4.92
C ASP C 59 24.17 12.37 -5.09
N GLU C 60 23.11 11.77 -4.57
CA GLU C 60 22.93 10.31 -4.64
C GLU C 60 22.09 9.89 -5.84
N GLU C 61 21.65 10.84 -6.66
CA GLU C 61 21.16 10.55 -8.01
C GLU C 61 22.26 10.70 -9.05
N ILE C 62 23.48 11.01 -8.62
CA ILE C 62 24.60 11.31 -9.50
C ILE C 62 25.53 10.11 -9.52
N ILE C 63 25.57 9.43 -10.66
CA ILE C 63 26.56 8.38 -10.90
C ILE C 63 27.50 8.91 -11.97
N TRP C 64 28.71 9.26 -11.57
CA TRP C 64 29.71 9.72 -12.52
C TRP C 64 30.47 8.51 -13.04
N LEU C 65 30.56 8.39 -14.37
CA LEU C 65 31.17 7.22 -14.98
C LEU C 65 32.57 6.96 -14.43
N TYR C 66 33.44 7.95 -14.52
CA TYR C 66 34.81 7.78 -14.09
C TYR C 66 34.95 7.72 -12.57
N ASN C 67 33.86 8.00 -11.82
CA ASN C 67 33.83 7.78 -10.39
C ASN C 67 33.32 6.40 -9.99
N TYR C 68 32.64 5.67 -10.89
CA TYR C 68 31.81 4.55 -10.43
C TYR C 68 32.64 3.44 -9.81
N PHE C 69 33.87 3.26 -10.28
CA PHE C 69 34.71 2.18 -9.80
C PHE C 69 35.37 2.51 -8.47
N THR C 70 35.54 3.79 -8.16
CA THR C 70 36.09 4.20 -6.88
C THR C 70 35.02 4.12 -5.80
N ASP C 71 35.37 3.54 -4.65
CA ASP C 71 34.45 3.46 -3.51
C ASP C 71 34.21 4.83 -2.87
N ILE C 72 34.89 5.87 -3.34
CA ILE C 72 34.53 7.24 -2.98
C ILE C 72 33.10 7.52 -3.42
N LYS C 73 32.38 8.29 -2.62
CA LYS C 73 31.04 8.76 -2.96
C LYS C 73 31.11 10.22 -3.41
N ILE C 74 30.21 10.57 -4.34
CA ILE C 74 30.21 11.91 -4.94
C ILE C 74 30.12 12.94 -3.83
N ALA C 75 31.06 13.88 -3.81
CA ALA C 75 31.18 14.74 -2.65
C ALA C 75 31.62 16.14 -3.06
N PRO C 76 31.14 17.16 -2.33
CA PRO C 76 31.69 18.51 -2.49
C PRO C 76 33.08 18.60 -1.84
N THR C 77 33.79 19.69 -2.15
CA THR C 77 35.16 19.84 -1.69
C THR C 77 35.17 20.28 -0.23
N THR C 78 35.67 19.41 0.65
CA THR C 78 35.91 19.75 2.05
C THR C 78 37.37 20.03 2.38
N VAL C 79 38.27 19.95 1.40
CA VAL C 79 39.70 19.95 1.66
C VAL C 79 40.21 21.39 1.67
N THR C 80 41.00 21.72 2.70
CA THR C 80 41.52 23.05 2.91
C THR C 80 42.91 23.16 2.27
N LEU C 81 43.58 24.29 2.48
CA LEU C 81 45.02 24.35 2.24
C LEU C 81 45.81 23.79 3.42
N ASP C 82 45.31 23.98 4.64
CA ASP C 82 46.00 23.45 5.81
C ASP C 82 46.04 21.93 5.77
N GLN C 83 44.96 21.30 5.31
CA GLN C 83 44.98 19.86 5.12
C GLN C 83 46.00 19.46 4.06
N VAL C 84 46.22 20.33 3.07
CA VAL C 84 47.20 20.04 2.02
C VAL C 84 48.62 20.17 2.55
N LEU C 85 48.93 21.30 3.19
CA LEU C 85 50.28 21.52 3.72
C LEU C 85 50.69 20.43 4.70
N ALA C 86 49.73 19.71 5.28
CA ALA C 86 50.06 18.62 6.20
C ALA C 86 50.62 17.40 5.46
N GLN C 87 50.27 17.23 4.19
CA GLN C 87 50.80 16.13 3.40
C GLN C 87 52.10 16.48 2.69
N VAL C 88 52.55 17.72 2.77
CA VAL C 88 53.77 18.18 2.10
C VAL C 88 54.87 18.32 3.13
N ALA C 89 56.11 18.05 2.71
CA ALA C 89 57.27 18.06 3.59
C ALA C 89 58.10 19.32 3.35
N GLY C 90 58.54 19.94 4.44
CA GLY C 90 59.18 21.24 4.41
C GLY C 90 58.23 22.31 4.93
N GLN C 91 58.70 23.56 4.87
CA GLN C 91 57.87 24.69 5.26
C GLN C 91 58.02 25.80 4.22
N PRO C 92 56.93 26.46 3.85
CA PRO C 92 56.98 27.44 2.77
C PRO C 92 57.52 28.80 3.23
N GLU C 93 58.05 29.54 2.26
CA GLU C 93 58.51 30.91 2.49
C GLU C 93 57.50 31.91 1.94
N ARG C 94 57.52 32.06 0.62
CA ARG C 94 56.62 32.97 -0.08
C ARG C 94 55.24 32.35 -0.21
N SER C 95 54.20 33.14 0.04
CA SER C 95 52.85 32.73 -0.31
C SER C 95 52.21 33.86 -1.10
N GLU C 96 52.02 33.65 -2.40
CA GLU C 96 51.41 34.63 -3.27
C GLU C 96 49.93 34.30 -3.43
N LYS C 97 49.12 35.34 -3.58
CA LYS C 97 47.72 35.18 -3.97
C LYS C 97 47.46 36.10 -5.15
N GLU C 98 47.24 35.50 -6.33
CA GLU C 98 46.87 36.21 -7.54
C GLU C 98 45.37 36.21 -7.77
N GLY C 99 44.61 35.56 -6.92
CA GLY C 99 43.26 35.17 -7.25
C GLY C 99 42.93 33.90 -6.50
N LYS C 100 42.10 33.08 -7.15
CA LYS C 100 42.05 31.65 -6.83
C LYS C 100 43.40 30.97 -7.02
N ILE C 101 44.38 31.64 -7.65
CA ILE C 101 45.69 31.07 -7.89
C ILE C 101 46.59 31.42 -6.70
N VAL C 102 46.93 30.42 -5.90
CA VAL C 102 47.73 30.60 -4.69
C VAL C 102 49.02 29.80 -4.88
N ARG C 103 50.16 30.50 -4.91
CA ARG C 103 51.43 29.87 -5.23
C ARG C 103 52.36 29.95 -4.02
N TYR C 104 52.62 28.80 -3.40
CA TYR C 104 53.60 28.66 -2.34
C TYR C 104 54.97 28.37 -2.92
N PHE C 105 56.01 28.90 -2.28
CA PHE C 105 57.37 28.73 -2.75
C PHE C 105 58.21 27.99 -1.72
N TYR C 106 59.05 27.07 -2.20
CA TYR C 106 60.09 26.44 -1.40
C TYR C 106 61.43 26.53 -2.12
N PRO C 107 61.91 27.76 -2.39
CA PRO C 107 63.18 27.89 -3.16
C PRO C 107 64.39 27.22 -2.51
N GLN C 108 64.28 26.81 -1.24
CA GLN C 108 65.33 25.99 -0.63
C GLN C 108 65.72 24.82 -1.53
N ASP C 109 64.73 24.03 -1.95
CA ASP C 109 64.86 23.16 -3.12
C ASP C 109 64.20 23.86 -4.30
N ASP C 110 64.12 23.21 -5.45
CA ASP C 110 63.57 23.87 -6.63
C ASP C 110 62.07 23.65 -6.79
N GLN C 111 61.43 23.03 -5.81
CA GLN C 111 60.01 22.69 -5.85
C GLN C 111 59.14 23.82 -5.32
N PHE C 112 57.96 23.98 -5.93
CA PHE C 112 56.97 24.95 -5.49
C PHE C 112 55.58 24.46 -5.84
N ILE C 113 54.57 24.90 -5.09
CA ILE C 113 53.19 24.52 -5.29
C ILE C 113 52.42 25.72 -5.81
N THR C 114 51.82 25.60 -6.99
CA THR C 114 50.70 26.44 -7.38
C THR C 114 49.41 25.71 -6.98
N CYS C 115 48.50 26.44 -6.36
CA CYS C 115 47.30 25.86 -5.80
C CYS C 115 46.07 26.59 -6.33
N TYR C 116 44.98 25.84 -6.53
CA TYR C 116 43.79 26.39 -7.18
C TYR C 116 42.64 26.41 -6.18
N LEU C 117 42.04 27.59 -6.01
CA LEU C 117 40.95 27.80 -5.05
C LEU C 117 39.60 27.71 -5.75
N ARG C 118 38.60 27.17 -5.05
CA ARG C 118 37.25 27.17 -5.58
C ARG C 118 36.70 28.58 -5.64
N GLN C 119 36.81 29.33 -4.55
CA GLN C 119 36.43 30.72 -4.50
C GLN C 119 37.53 31.49 -3.77
N GLU C 120 37.87 32.69 -4.29
CA GLU C 120 39.07 33.40 -3.87
C GLU C 120 39.10 33.64 -2.37
N ASP C 121 37.93 33.84 -1.75
CA ASP C 121 37.85 34.08 -0.31
C ASP C 121 37.95 32.78 0.50
N GLN C 122 37.45 31.68 -0.04
CA GLN C 122 37.30 30.44 0.71
C GLN C 122 38.65 29.77 0.99
N ASP C 123 38.64 28.84 1.95
CA ASP C 123 39.77 27.95 2.26
C ASP C 123 39.81 26.73 1.35
N PHE C 124 38.90 26.66 0.38
CA PHE C 124 38.61 25.42 -0.34
C PHE C 124 39.50 25.30 -1.57
N VAL C 125 40.15 24.15 -1.68
CA VAL C 125 41.06 23.82 -2.78
C VAL C 125 40.47 22.67 -3.59
N GLU C 126 40.39 22.86 -4.90
CA GLU C 126 39.95 21.79 -5.80
C GLU C 126 41.13 20.95 -6.27
N HIS C 127 42.09 21.55 -6.97
CA HIS C 127 43.25 20.83 -7.45
C HIS C 127 44.56 21.56 -7.16
N VAL C 128 45.63 20.77 -7.10
CA VAL C 128 46.98 21.22 -6.72
C VAL C 128 47.92 20.98 -7.89
N GLU C 129 48.84 21.91 -8.11
CA GLU C 129 49.91 21.72 -9.09
C GLU C 129 51.24 21.68 -8.36
N TYR C 130 51.87 20.50 -8.32
CA TYR C 130 53.23 20.36 -7.83
C TYR C 130 54.19 20.52 -9.00
N VAL C 131 55.28 21.26 -8.77
CA VAL C 131 56.22 21.58 -9.84
C VAL C 131 57.65 21.50 -9.29
N SER C 132 58.54 20.85 -10.03
CA SER C 132 59.97 20.84 -9.74
C SER C 132 60.71 21.52 -10.87
N ARG C 133 61.56 22.49 -10.53
CA ARG C 133 62.46 23.13 -11.48
C ARG C 133 61.68 23.78 -12.62
N GLY C 134 60.52 24.35 -12.28
CA GLY C 134 59.65 24.95 -13.28
C GLY C 134 58.90 23.97 -14.15
N ARG C 135 59.22 22.69 -14.10
CA ARG C 135 58.58 21.69 -14.92
C ARG C 135 57.43 21.05 -14.14
N LEU C 136 56.22 21.26 -14.62
CA LEU C 136 55.06 20.60 -14.02
C LEU C 136 55.21 19.09 -14.11
N ILE C 137 54.91 18.41 -13.01
CA ILE C 137 55.07 16.96 -12.92
C ILE C 137 53.77 16.28 -12.48
N ARG C 138 53.23 16.64 -11.32
CA ARG C 138 52.00 16.01 -10.84
C ARG C 138 50.92 17.04 -10.54
N LYS C 139 49.67 16.64 -10.79
CA LYS C 139 48.47 17.43 -10.52
C LYS C 139 47.49 16.53 -9.77
N ASP C 140 46.70 17.11 -8.87
CA ASP C 140 45.89 16.30 -7.96
C ASP C 140 44.54 16.96 -7.74
N TYR C 141 43.48 16.17 -7.78
CA TYR C 141 42.11 16.67 -7.64
C TYR C 141 41.49 16.12 -6.36
N PHE C 142 40.63 16.92 -5.71
CA PHE C 142 40.07 16.60 -4.40
C PHE C 142 38.55 16.73 -4.38
N SER C 143 37.88 15.76 -3.76
CA SER C 143 36.52 16.02 -3.27
C SER C 143 36.49 15.97 -1.74
N TYR C 144 36.40 14.79 -1.13
CA TYR C 144 36.78 14.65 0.28
C TYR C 144 38.09 13.92 0.50
N VAL C 145 38.66 13.31 -0.55
CA VAL C 145 39.99 12.71 -0.56
C VAL C 145 40.50 12.89 -1.98
N ARG C 146 41.82 12.81 -2.19
CA ARG C 146 42.28 12.85 -3.58
C ARG C 146 41.63 11.68 -4.31
N TYR C 147 40.77 11.98 -5.29
CA TYR C 147 40.07 10.98 -6.07
C TYR C 147 40.64 10.79 -7.47
N ALA C 148 41.57 11.64 -7.88
CA ALA C 148 42.12 11.60 -9.23
C ALA C 148 43.45 12.34 -9.23
N SER C 149 44.26 12.02 -10.22
CA SER C 149 45.54 12.70 -10.42
C SER C 149 45.89 12.67 -11.90
N GLU C 150 46.79 13.57 -12.28
CA GLU C 150 47.33 13.61 -13.63
C GLU C 150 48.85 13.67 -13.52
N TYR C 151 49.52 13.15 -14.54
CA TYR C 151 50.98 13.13 -14.58
C TYR C 151 51.41 13.69 -15.92
N PHE C 152 52.28 14.69 -15.88
CA PHE C 152 52.67 15.46 -17.05
C PHE C 152 54.13 15.18 -17.39
N ALA C 153 54.61 15.88 -18.42
CA ALA C 153 56.00 15.79 -18.88
C ALA C 153 56.25 16.78 -20.01
N PRO C 154 57.38 17.49 -19.98
CA PRO C 154 57.68 18.46 -21.05
C PRO C 154 57.78 17.81 -22.42
N HIS C 155 57.19 18.48 -23.42
CA HIS C 155 57.36 18.13 -24.82
C HIS C 155 57.53 19.43 -25.60
N ASN C 156 58.69 19.61 -26.24
CA ASN C 156 59.06 20.88 -26.88
C ASN C 156 58.97 22.03 -25.87
N ASP C 157 59.46 21.77 -24.66
CA ASP C 157 59.36 22.68 -23.52
C ASP C 157 57.93 23.21 -23.36
N ALA C 158 56.97 22.30 -23.46
CA ALA C 158 55.57 22.59 -23.16
C ALA C 158 55.02 21.42 -22.36
N ALA C 159 54.51 21.71 -21.17
CA ALA C 159 53.95 20.66 -20.32
C ALA C 159 52.83 19.95 -21.05
N THR C 160 52.93 18.62 -21.15
CA THR C 160 51.98 17.83 -21.91
C THR C 160 51.46 16.70 -21.04
N LEU C 161 50.14 16.51 -21.03
CA LEU C 161 49.49 15.55 -20.18
C LEU C 161 49.60 14.13 -20.74
N TYR C 162 49.91 13.17 -19.87
CA TYR C 162 50.19 11.80 -20.30
C TYR C 162 49.30 10.77 -19.62
N GLN C 163 49.45 10.51 -18.32
CA GLN C 163 48.62 9.51 -17.68
C GLN C 163 47.89 10.11 -16.49
N ARG C 164 46.73 9.52 -16.19
CA ARG C 164 45.82 10.04 -15.17
C ARG C 164 45.26 8.88 -14.36
N ARG C 165 45.25 9.04 -13.04
CA ARG C 165 45.06 7.94 -12.09
C ARG C 165 43.96 8.29 -11.10
N PHE C 166 43.08 7.33 -10.84
CA PHE C 166 41.95 7.52 -9.95
C PHE C 166 42.11 6.63 -8.71
N TYR C 167 41.99 7.24 -7.53
CA TYR C 167 42.32 6.56 -6.30
C TYR C 167 41.07 6.14 -5.55
N HIS C 168 41.26 5.47 -4.42
CA HIS C 168 40.17 5.05 -3.54
C HIS C 168 40.16 5.88 -2.27
N GLU C 169 39.19 5.58 -1.40
CA GLU C 169 39.05 6.30 -0.13
C GLU C 169 40.28 6.13 0.73
N ASP C 170 40.95 4.98 0.64
CA ASP C 170 42.14 4.68 1.41
C ASP C 170 43.43 5.09 0.69
N GLY C 171 43.33 5.71 -0.49
CA GLY C 171 44.51 6.13 -1.22
C GLY C 171 45.03 5.13 -2.23
N SER C 172 44.51 3.90 -2.25
CA SER C 172 44.95 2.91 -3.20
C SER C 172 44.38 3.20 -4.59
N VAL C 173 45.05 2.66 -5.60
CA VAL C 173 44.73 2.96 -6.99
C VAL C 173 43.52 2.13 -7.44
N ALA C 174 42.52 2.82 -8.01
CA ALA C 174 41.39 2.18 -8.67
C ALA C 174 41.70 1.76 -10.10
N TYR C 175 42.33 2.64 -10.89
CA TYR C 175 42.69 2.40 -12.29
C TYR C 175 43.47 3.60 -12.80
N ASP C 176 44.14 3.40 -13.94
CA ASP C 176 44.90 4.46 -14.59
C ASP C 176 44.63 4.43 -16.08
N MSE C 177 44.96 5.54 -16.75
CA MSE C 177 44.75 5.63 -18.19
C MSE C 177 45.88 6.36 -18.89
O MSE C 177 46.64 7.10 -18.27
CB MSE C 177 43.40 6.31 -18.49
CG MSE C 177 43.36 7.80 -18.22
SE MSE C 177 41.56 8.55 -18.39
CE MSE C 177 40.72 7.61 -16.90
N LEU C 178 45.99 6.13 -20.20
CA LEU C 178 47.05 6.70 -21.03
C LEU C 178 46.45 7.69 -22.00
N ILE C 179 47.07 8.86 -22.13
CA ILE C 179 46.58 9.93 -23.01
C ILE C 179 47.62 10.19 -24.10
N GLU C 180 47.25 9.89 -25.35
CA GLU C 180 48.04 10.23 -26.51
C GLU C 180 47.20 11.17 -27.37
N ASP C 181 47.74 12.36 -27.65
CA ASP C 181 47.08 13.34 -28.50
C ASP C 181 45.72 13.73 -27.92
N GLY C 182 45.71 14.08 -26.63
CA GLY C 182 44.50 14.50 -25.94
C GLY C 182 43.41 13.45 -25.92
N GLN C 183 43.77 12.21 -26.24
CA GLN C 183 42.83 11.12 -26.38
C GLN C 183 43.13 10.04 -25.36
N GLU C 184 42.09 9.34 -24.91
CA GLU C 184 42.23 8.33 -23.87
C GLU C 184 42.43 6.99 -24.55
N LYS C 185 43.68 6.48 -24.54
CA LYS C 185 43.96 5.29 -25.35
C LYS C 185 43.98 3.96 -24.59
N LEU C 186 44.21 3.95 -23.28
CA LEU C 186 44.20 2.68 -22.57
C LEU C 186 43.76 2.89 -21.13
N TYR C 187 42.85 2.03 -20.65
CA TYR C 187 42.47 2.01 -19.25
C TYR C 187 42.88 0.68 -18.64
N ARG C 188 43.38 0.74 -17.41
CA ARG C 188 43.90 -0.45 -16.72
C ARG C 188 43.29 -0.54 -15.33
N PHE C 189 42.47 -1.57 -15.11
CA PHE C 189 42.03 -1.96 -13.77
C PHE C 189 43.06 -2.95 -13.24
N PRO C 190 42.93 -3.42 -12.00
CA PRO C 190 43.68 -4.63 -11.63
C PRO C 190 43.17 -5.86 -12.36
N ASP C 191 41.87 -5.94 -12.62
CA ASP C 191 41.27 -7.09 -13.31
C ASP C 191 40.93 -6.87 -14.79
N ARG C 192 41.18 -5.69 -15.38
CA ARG C 192 40.71 -5.46 -16.75
C ARG C 192 41.74 -4.67 -17.56
N ILE C 193 41.53 -4.65 -18.87
CA ILE C 193 42.30 -3.79 -19.77
C ILE C 193 41.38 -3.33 -20.91
N PHE C 194 41.44 -2.05 -21.27
CA PHE C 194 40.51 -1.44 -22.22
C PHE C 194 41.21 -0.57 -23.24
N TYR C 195 40.97 -0.86 -24.52
CA TYR C 195 41.55 -0.11 -25.63
C TYR C 195 40.62 0.93 -26.25
N SER C 196 39.33 0.93 -25.93
CA SER C 196 38.38 1.86 -26.52
C SER C 196 37.54 2.47 -25.40
N LYS C 197 37.57 3.79 -25.27
CA LYS C 197 36.66 4.42 -24.32
C LYS C 197 35.23 4.08 -24.66
N ALA C 198 34.94 3.89 -25.95
CA ALA C 198 33.65 3.36 -26.36
C ALA C 198 33.34 2.04 -25.66
N GLU C 199 34.30 1.11 -25.70
CA GLU C 199 34.06 -0.17 -25.03
C GLU C 199 34.14 -0.05 -23.52
N LEU C 200 34.65 1.05 -22.98
CA LEU C 200 34.68 1.21 -21.53
C LEU C 200 33.28 1.32 -20.97
N VAL C 201 32.41 2.08 -21.65
CA VAL C 201 31.04 2.24 -21.22
C VAL C 201 30.34 0.89 -21.11
N ARG C 202 30.69 -0.06 -21.98
CA ARG C 202 30.10 -1.39 -21.90
C ARG C 202 30.38 -2.04 -20.56
N TYR C 203 31.59 -1.83 -20.02
CA TYR C 203 31.90 -2.35 -18.69
C TYR C 203 31.01 -1.73 -17.63
N PHE C 204 30.83 -0.41 -17.70
CA PHE C 204 29.95 0.29 -16.78
C PHE C 204 28.56 -0.33 -16.76
N LEU C 205 28.01 -0.63 -17.94
CA LEU C 205 26.64 -1.11 -18.03
C LEU C 205 26.46 -2.54 -17.55
N GLN C 206 27.49 -3.36 -17.58
CA GLN C 206 27.42 -4.69 -17.01
C GLN C 206 27.78 -4.74 -15.53
N CYS C 207 28.38 -3.66 -15.01
CA CYS C 207 28.59 -3.56 -13.57
C CYS C 207 27.34 -3.06 -12.84
N LEU C 208 26.54 -2.20 -13.50
CA LEU C 208 25.29 -1.72 -12.91
C LEU C 208 24.28 -2.85 -12.70
N GLN C 209 24.41 -3.95 -13.44
CA GLN C 209 23.53 -5.11 -13.27
C GLN C 209 22.06 -4.72 -13.51
N LEU C 210 21.77 -4.42 -14.77
CA LEU C 210 20.44 -3.95 -15.13
C LEU C 210 19.49 -5.14 -15.25
N GLN C 211 18.45 -5.14 -14.43
CA GLN C 211 17.39 -6.13 -14.58
C GLN C 211 16.35 -5.60 -15.57
N ALA C 212 15.36 -6.43 -15.89
CA ALA C 212 14.29 -5.98 -16.77
C ALA C 212 13.39 -4.97 -16.07
N ASP C 213 13.41 -4.92 -14.74
CA ASP C 213 12.62 -3.98 -13.97
C ASP C 213 13.14 -2.54 -14.08
N ASP C 214 14.26 -2.34 -14.77
CA ASP C 214 14.90 -1.04 -14.88
C ASP C 214 14.44 -0.32 -16.14
N VAL C 215 14.91 0.93 -16.29
CA VAL C 215 14.59 1.77 -17.44
C VAL C 215 15.80 2.64 -17.73
N VAL C 216 16.07 2.85 -19.03
CA VAL C 216 17.20 3.63 -19.50
C VAL C 216 16.68 4.74 -20.40
N ILE C 217 17.25 5.94 -20.24
CA ILE C 217 16.87 7.09 -21.04
C ILE C 217 18.14 7.73 -21.60
N LEU C 218 18.13 7.99 -22.90
CA LEU C 218 19.28 8.56 -23.59
C LEU C 218 18.95 9.95 -24.09
N ASP C 219 19.88 10.88 -23.89
CA ASP C 219 19.73 12.27 -24.28
C ASP C 219 20.60 12.63 -25.49
N ARG C 220 21.92 12.48 -25.37
CA ARG C 220 22.79 12.63 -26.53
C ARG C 220 23.35 11.27 -26.94
N GLU C 221 23.13 10.90 -28.20
CA GLU C 221 23.75 9.70 -28.78
C GLU C 221 25.25 9.85 -28.93
N THR C 222 25.75 11.10 -28.97
CA THR C 222 27.14 11.36 -29.33
C THR C 222 28.08 10.67 -28.36
N GLY C 223 28.96 9.82 -28.89
CA GLY C 223 29.97 9.14 -28.11
C GLY C 223 29.59 7.78 -27.56
N ILE C 224 28.29 7.49 -27.44
CA ILE C 224 27.78 6.34 -26.71
C ILE C 224 26.88 5.46 -27.58
N GLY C 225 25.86 6.06 -28.20
CA GLY C 225 24.65 5.39 -28.64
C GLY C 225 24.77 4.00 -29.23
N GLN C 226 25.87 3.69 -29.94
CA GLN C 226 26.04 2.31 -30.39
C GLN C 226 26.02 1.33 -29.22
N VAL C 227 26.95 1.50 -28.29
CA VAL C 227 27.10 0.49 -27.24
C VAL C 227 25.92 0.55 -26.27
N VAL C 228 25.32 1.72 -26.10
CA VAL C 228 24.18 1.85 -25.19
C VAL C 228 23.06 0.92 -25.63
N PHE C 229 22.63 1.06 -26.89
CA PHE C 229 21.60 0.18 -27.43
C PHE C 229 21.94 -1.29 -27.21
N GLU C 230 23.19 -1.66 -27.49
CA GLU C 230 23.56 -3.08 -27.47
C GLU C 230 23.48 -3.65 -26.06
N GLU C 231 23.93 -2.90 -25.06
CA GLU C 231 23.89 -3.39 -23.69
C GLU C 231 22.56 -3.14 -23.01
N SER C 232 21.63 -2.43 -23.64
CA SER C 232 20.40 -2.01 -22.99
C SER C 232 19.21 -2.92 -23.27
N GLN C 233 19.34 -3.93 -24.13
CA GLN C 233 18.14 -4.65 -24.52
C GLN C 233 17.69 -5.66 -23.47
N LYS C 234 18.51 -5.92 -22.46
CA LYS C 234 18.04 -6.61 -21.26
C LYS C 234 16.86 -5.86 -20.64
N ALA C 235 17.08 -4.59 -20.34
CA ALA C 235 16.11 -3.70 -19.71
C ALA C 235 15.34 -2.94 -20.79
N LYS C 236 14.62 -1.88 -20.38
CA LYS C 236 13.82 -1.07 -21.29
C LYS C 236 14.57 0.22 -21.65
N LEU C 237 14.61 0.54 -22.93
CA LEU C 237 15.40 1.65 -23.44
C LEU C 237 14.51 2.68 -24.11
N GLY C 238 14.89 3.95 -24.00
CA GLY C 238 14.16 5.02 -24.66
C GLY C 238 15.06 6.20 -24.94
N VAL C 239 14.69 6.97 -25.97
CA VAL C 239 15.49 8.08 -26.45
C VAL C 239 14.63 9.33 -26.44
N VAL C 240 15.03 10.32 -25.65
CA VAL C 240 14.37 11.61 -25.66
C VAL C 240 14.88 12.44 -26.83
N VAL C 241 14.04 13.32 -27.35
CA VAL C 241 14.38 14.17 -28.48
C VAL C 241 14.08 15.61 -28.11
N HIS C 242 15.12 16.45 -28.07
CA HIS C 242 14.95 17.89 -27.93
C HIS C 242 15.40 18.61 -29.20
N ALA C 243 14.82 19.79 -29.40
CA ALA C 243 14.85 20.63 -30.62
C ALA C 243 14.32 19.84 -31.82
N GLU C 244 14.89 20.07 -32.98
CA GLU C 244 14.27 19.62 -34.22
C GLU C 244 14.95 18.35 -34.70
N HIS C 245 14.13 17.41 -35.18
CA HIS C 245 14.63 16.10 -35.56
C HIS C 245 15.01 15.99 -37.03
N PHE C 246 14.69 16.98 -37.85
CA PHE C 246 14.93 16.87 -39.28
C PHE C 246 15.15 18.26 -39.87
N SER C 247 15.45 18.31 -41.16
CA SER C 247 15.51 19.55 -41.90
C SER C 247 14.64 19.39 -43.13
N GLU C 248 13.52 20.12 -43.16
CA GLU C 248 12.55 19.91 -44.23
C GLU C 248 13.07 20.40 -45.56
N ASN C 249 13.78 21.53 -45.55
CA ASN C 249 14.29 22.11 -46.77
C ASN C 249 15.27 21.17 -47.49
N ALA C 250 15.77 20.16 -46.80
CA ALA C 250 16.63 19.14 -47.40
C ALA C 250 15.91 17.84 -47.76
N SER C 251 14.60 17.71 -47.51
CA SER C 251 13.93 16.42 -47.65
C SER C 251 12.70 16.51 -48.54
N SER C 252 12.53 15.50 -49.42
CA SER C 252 11.41 15.38 -50.36
C SER C 252 10.45 14.28 -49.92
N ASP C 253 9.40 14.06 -50.74
CA ASP C 253 8.45 12.99 -50.44
C ASP C 253 9.10 11.62 -50.58
N ASP C 254 10.19 11.51 -51.32
CA ASP C 254 10.83 10.22 -51.52
C ASP C 254 11.71 9.82 -50.34
N TYR C 255 12.48 10.76 -49.79
CA TYR C 255 13.46 10.45 -48.76
C TYR C 255 13.35 11.46 -47.62
N ILE C 256 13.87 11.07 -46.46
CA ILE C 256 13.74 11.85 -45.24
C ILE C 256 15.11 11.94 -44.57
N LEU C 257 15.52 13.15 -44.22
CA LEU C 257 16.77 13.38 -43.50
C LEU C 257 16.47 13.69 -42.05
N TRP C 258 17.12 12.97 -41.14
CA TRP C 258 16.99 13.28 -39.74
C TRP C 258 18.12 14.22 -39.32
N ASN C 259 18.09 14.65 -38.05
CA ASN C 259 19.19 15.43 -37.53
C ASN C 259 20.36 14.51 -37.19
N ASN C 260 21.57 15.05 -37.26
CA ASN C 260 22.76 14.24 -37.01
C ASN C 260 22.81 13.69 -35.59
N PHE C 261 22.16 14.36 -34.65
CA PHE C 261 22.11 13.84 -33.29
C PHE C 261 21.03 12.78 -33.11
N TYR C 262 20.01 12.77 -33.97
CA TYR C 262 18.93 11.79 -33.88
C TYR C 262 18.95 10.70 -34.96
N ASP C 263 19.92 10.69 -35.88
CA ASP C 263 19.81 9.82 -37.04
C ASP C 263 19.98 8.35 -36.67
N TYR C 264 20.91 8.02 -35.78
CA TYR C 264 21.13 6.62 -35.43
C TYR C 264 19.89 6.02 -34.76
N GLN C 265 19.39 6.69 -33.72
CA GLN C 265 18.26 6.15 -32.97
C GLN C 265 17.08 5.89 -33.87
N PHE C 266 16.71 6.89 -34.68
CA PHE C 266 15.52 6.76 -35.52
C PHE C 266 15.67 5.62 -36.53
N THR C 267 16.85 5.46 -37.12
CA THR C 267 17.04 4.43 -38.13
C THR C 267 16.91 3.03 -37.51
N ASN C 268 17.47 2.85 -36.31
CA ASN C 268 17.42 1.62 -35.55
C ASN C 268 16.28 1.60 -34.53
N ALA C 269 15.33 2.52 -34.65
CA ALA C 269 14.27 2.71 -33.66
C ALA C 269 13.59 1.43 -33.21
N ASP C 270 13.57 0.38 -34.05
CA ASP C 270 12.83 -0.81 -33.68
C ASP C 270 13.37 -1.47 -32.41
N LYS C 271 14.63 -1.24 -32.06
CA LYS C 271 15.18 -1.77 -30.82
C LYS C 271 14.77 -0.97 -29.59
N VAL C 272 14.54 0.33 -29.75
CA VAL C 272 14.15 1.21 -28.66
C VAL C 272 12.66 1.05 -28.36
N ASP C 273 12.33 0.97 -27.07
CA ASP C 273 10.96 0.71 -26.67
C ASP C 273 10.05 1.89 -26.99
N PHE C 274 10.51 3.12 -26.73
CA PHE C 274 9.64 4.27 -26.82
C PHE C 274 10.46 5.53 -27.06
N PHE C 275 9.78 6.54 -27.61
CA PHE C 275 10.38 7.83 -27.92
C PHE C 275 9.61 8.94 -27.22
N ILE C 276 10.33 10.00 -26.87
CA ILE C 276 9.77 11.13 -26.13
C ILE C 276 10.08 12.40 -26.89
N VAL C 277 9.04 13.20 -27.15
CA VAL C 277 9.17 14.47 -27.86
C VAL C 277 8.64 15.59 -26.97
N ALA C 278 9.04 16.82 -27.31
CA ALA C 278 8.65 17.98 -26.50
C ALA C 278 7.14 18.17 -26.51
N THR C 279 6.55 18.33 -27.70
CA THR C 279 5.16 18.71 -27.87
C THR C 279 4.32 17.52 -28.34
N GLU C 280 3.03 17.78 -28.52
CA GLU C 280 2.15 16.85 -29.22
C GLU C 280 2.28 17.00 -30.73
N ALA C 281 2.42 18.24 -31.22
CA ALA C 281 2.59 18.45 -32.66
C ALA C 281 3.83 17.73 -33.17
N GLN C 282 4.90 17.71 -32.37
CA GLN C 282 6.07 16.93 -32.76
C GLN C 282 5.76 15.44 -32.75
N LYS C 283 5.01 14.97 -31.75
CA LYS C 283 4.65 13.56 -31.70
C LYS C 283 3.85 13.17 -32.94
N ARG C 284 2.96 14.05 -33.40
CA ARG C 284 2.13 13.73 -34.54
C ARG C 284 2.89 13.83 -35.87
N ILE C 285 3.60 14.93 -36.08
CA ILE C 285 4.29 15.13 -37.35
C ILE C 285 5.33 14.04 -37.56
N LEU C 286 6.11 13.74 -36.52
CA LEU C 286 7.06 12.65 -36.59
C LEU C 286 6.36 11.32 -36.86
N GLU C 287 5.38 10.98 -36.01
CA GLU C 287 4.59 9.76 -36.19
C GLU C 287 4.02 9.66 -37.60
N GLN C 288 3.58 10.79 -38.15
CA GLN C 288 3.15 10.83 -39.54
C GLN C 288 4.29 10.46 -40.48
N GLN C 289 5.49 10.98 -40.21
CA GLN C 289 6.62 10.77 -41.13
C GLN C 289 7.16 9.35 -41.04
N PHE C 290 7.22 8.79 -39.84
CA PHE C 290 7.80 7.47 -39.62
C PHE C 290 7.19 6.41 -40.53
N GLN C 291 5.91 6.11 -40.33
CA GLN C 291 5.26 5.01 -41.03
C GLN C 291 5.26 5.16 -42.54
N HIS C 292 5.59 6.35 -43.07
CA HIS C 292 5.64 6.53 -44.51
C HIS C 292 6.97 6.07 -45.09
N TYR C 293 8.07 6.71 -44.69
CA TYR C 293 9.37 6.48 -45.33
C TYR C 293 9.84 5.04 -45.14
N SER C 294 9.87 4.57 -43.90
CA SER C 294 10.16 3.17 -43.61
C SER C 294 9.04 2.63 -42.75
N ASP C 295 8.58 1.40 -43.03
CA ASP C 295 7.40 0.91 -42.33
C ASP C 295 7.90 0.23 -41.07
N LYS C 296 7.87 1.00 -39.98
CA LYS C 296 8.19 0.59 -38.63
C LYS C 296 7.45 1.57 -37.72
N GLN C 297 6.92 1.08 -36.61
CA GLN C 297 5.92 1.84 -35.84
C GLN C 297 6.21 1.76 -34.35
N PRO C 298 7.26 2.45 -33.89
CA PRO C 298 7.51 2.54 -32.45
C PRO C 298 6.48 3.45 -31.79
N GLN C 299 6.38 3.35 -30.47
CA GLN C 299 5.42 4.12 -29.71
C GLN C 299 6.05 5.42 -29.22
N ILE C 300 5.27 6.49 -29.25
CA ILE C 300 5.74 7.83 -28.92
C ILE C 300 4.86 8.43 -27.84
N ALA C 301 5.48 9.02 -26.83
CA ALA C 301 4.77 9.69 -25.75
C ALA C 301 5.17 11.16 -25.69
N THR C 302 4.22 12.00 -25.30
CA THR C 302 4.42 13.45 -25.22
C THR C 302 4.72 13.84 -23.78
N ILE C 303 5.85 14.52 -23.58
CA ILE C 303 6.17 15.11 -22.28
C ILE C 303 6.78 16.51 -22.42
N PRO C 304 6.36 17.43 -21.57
CA PRO C 304 6.91 18.79 -21.59
C PRO C 304 8.28 18.88 -20.91
N VAL C 305 8.94 20.00 -21.18
CA VAL C 305 10.24 20.34 -20.60
C VAL C 305 10.08 20.73 -19.14
N GLY C 306 9.45 21.88 -18.88
CA GLY C 306 9.17 22.37 -17.54
C GLY C 306 7.72 22.14 -17.14
N SER C 307 7.23 22.96 -16.22
CA SER C 307 5.82 22.88 -15.79
C SER C 307 5.49 24.09 -14.92
N LEU C 308 4.30 24.07 -14.34
CA LEU C 308 3.75 25.16 -13.54
C LEU C 308 3.13 24.60 -12.27
N ASP C 309 3.54 25.11 -11.11
CA ASP C 309 2.88 24.77 -9.87
C ASP C 309 1.45 25.29 -9.83
N GLN C 310 1.29 26.58 -10.11
CA GLN C 310 0.01 27.27 -10.00
C GLN C 310 -0.14 28.26 -11.15
N LEU C 311 -1.36 28.36 -11.66
CA LEU C 311 -1.68 29.43 -12.59
C LEU C 311 -1.56 30.75 -11.85
N THR C 312 -0.81 31.70 -12.42
CA THR C 312 -0.43 32.89 -11.68
C THR C 312 -1.52 33.94 -11.87
N TYR C 313 -2.28 34.22 -10.79
CA TYR C 313 -3.46 35.07 -10.88
C TYR C 313 -3.17 36.46 -10.35
N PRO C 314 -3.35 37.50 -11.15
CA PRO C 314 -3.09 38.87 -10.68
C PRO C 314 -4.24 39.43 -9.86
N LYS C 315 -3.88 40.17 -8.80
CA LYS C 315 -4.63 41.36 -8.40
C LYS C 315 -3.89 42.67 -8.69
N GLU C 316 -2.68 42.62 -9.23
CA GLU C 316 -1.92 43.82 -9.57
C GLU C 316 -2.63 44.61 -10.66
N PRO C 317 -2.26 45.87 -10.90
CA PRO C 317 -2.87 46.59 -12.02
C PRO C 317 -2.56 45.87 -13.32
N ARG C 318 -3.59 45.54 -14.07
CA ARG C 318 -3.40 44.87 -15.35
C ARG C 318 -3.27 46.00 -16.35
N LYS C 319 -2.04 46.26 -16.79
CA LYS C 319 -1.85 47.52 -17.50
C LYS C 319 -2.24 47.29 -18.94
N PRO C 320 -3.34 47.87 -19.40
CA PRO C 320 -3.76 47.64 -20.78
C PRO C 320 -2.80 48.33 -21.71
N TYR C 321 -2.76 47.83 -22.95
CA TYR C 321 -1.95 48.42 -24.03
C TYR C 321 -0.46 48.38 -23.67
N SER C 322 0.08 47.17 -23.66
CA SER C 322 1.50 46.97 -23.37
C SER C 322 1.97 45.66 -23.99
N MSE C 323 3.29 45.53 -24.11
CA MSE C 323 3.89 44.32 -24.66
C MSE C 323 5.04 43.83 -23.76
O MSE C 323 5.54 44.57 -22.92
CB MSE C 323 4.41 44.58 -26.08
CG MSE C 323 3.39 45.14 -27.05
SE MSE C 323 4.16 45.94 -28.67
CE MSE C 323 2.52 46.50 -29.55
N ILE C 324 5.41 42.55 -23.91
CA ILE C 324 6.46 41.97 -23.08
C ILE C 324 7.05 40.77 -23.82
N THR C 325 8.36 40.55 -23.67
CA THR C 325 8.98 39.35 -24.22
C THR C 325 10.32 39.08 -23.53
N ALA C 326 10.76 37.82 -23.60
CA ALA C 326 12.00 37.37 -22.97
C ALA C 326 12.77 36.45 -23.90
N SER C 327 13.97 36.86 -24.29
CA SER C 327 14.93 36.05 -25.02
C SER C 327 16.31 36.65 -24.74
N ARG C 328 17.34 36.13 -25.39
CA ARG C 328 18.70 36.60 -25.12
C ARG C 328 19.19 37.68 -26.08
N LEU C 329 18.33 38.19 -26.97
CA LEU C 329 18.73 39.16 -27.99
C LEU C 329 19.80 38.57 -28.92
N ALA C 330 19.49 37.41 -29.49
CA ALA C 330 20.37 36.71 -30.41
C ALA C 330 19.86 36.86 -31.83
N THR C 331 20.80 36.83 -32.79
CA THR C 331 20.44 37.00 -34.19
C THR C 331 19.44 35.96 -34.66
N GLU C 332 19.47 34.76 -34.09
CA GLU C 332 18.43 33.77 -34.40
C GLU C 332 17.07 34.26 -33.96
N LYS C 333 17.01 34.98 -32.83
CA LYS C 333 15.73 35.47 -32.33
C LYS C 333 15.05 36.41 -33.32
N HIS C 334 15.81 36.95 -34.28
CA HIS C 334 15.28 37.83 -35.33
C HIS C 334 14.38 38.90 -34.74
N ILE C 335 14.82 39.48 -33.61
CA ILE C 335 14.04 40.50 -32.92
C ILE C 335 14.32 41.91 -33.44
N ASP C 336 15.37 42.08 -34.27
CA ASP C 336 15.56 43.34 -34.95
C ASP C 336 14.34 43.70 -35.80
N TRP C 337 13.57 42.70 -36.22
CA TRP C 337 12.32 42.95 -36.94
C TRP C 337 11.19 43.30 -35.99
N LEU C 338 11.24 42.84 -34.74
CA LEU C 338 10.19 43.20 -33.81
C LEU C 338 10.21 44.67 -33.42
N VAL C 339 11.26 45.42 -33.81
CA VAL C 339 11.34 46.82 -33.45
C VAL C 339 10.34 47.65 -34.25
N ALA C 340 10.15 47.30 -35.53
CA ALA C 340 9.17 48.02 -36.34
C ALA C 340 7.74 47.63 -36.01
N ALA C 341 7.55 46.50 -35.31
CA ALA C 341 6.23 46.16 -34.80
C ALA C 341 5.76 47.19 -33.78
N THR C 342 6.68 47.77 -33.02
CA THR C 342 6.32 48.82 -32.07
C THR C 342 6.20 50.19 -32.74
N VAL C 343 7.13 50.54 -33.63
CA VAL C 343 7.22 51.92 -34.13
C VAL C 343 6.21 52.18 -35.25
N GLN C 344 5.83 51.17 -36.03
CA GLN C 344 4.76 51.41 -37.00
C GLN C 344 3.39 51.30 -36.36
N ALA C 345 3.24 50.50 -35.31
CA ALA C 345 1.93 50.34 -34.67
C ALA C 345 1.57 51.56 -33.83
N HIS C 346 2.56 52.30 -33.33
CA HIS C 346 2.28 53.34 -32.35
C HIS C 346 1.38 54.43 -32.89
N ALA C 347 1.45 54.69 -34.20
CA ALA C 347 0.64 55.75 -34.80
C ALA C 347 -0.85 55.47 -34.63
N GLN C 348 -1.25 54.21 -34.82
CA GLN C 348 -2.62 53.80 -34.52
C GLN C 348 -2.82 53.52 -33.03
N LEU C 349 -1.85 52.84 -32.39
CA LEU C 349 -2.02 52.38 -31.02
C LEU C 349 -1.26 53.28 -30.04
N PRO C 350 -1.95 54.09 -29.24
CA PRO C 350 -1.23 54.96 -28.29
C PRO C 350 -0.76 54.23 -27.04
N GLU C 351 0.40 54.67 -26.55
CA GLU C 351 0.87 54.34 -25.20
C GLU C 351 0.99 52.83 -25.00
N LEU C 352 1.93 52.22 -25.75
CA LEU C 352 2.21 50.80 -25.61
C LEU C 352 3.70 50.62 -25.32
N THR C 353 4.04 50.14 -24.13
CA THR C 353 5.44 49.91 -23.79
C THR C 353 5.71 48.41 -23.67
N LEU C 354 6.53 47.90 -24.60
CA LEU C 354 7.11 46.57 -24.51
C LEU C 354 8.30 46.58 -23.56
N ASP C 355 8.61 45.42 -23.00
CA ASP C 355 9.68 45.29 -22.02
C ASP C 355 10.69 44.23 -22.49
N ILE C 356 11.98 44.57 -22.41
CA ILE C 356 13.08 43.69 -22.86
C ILE C 356 13.77 43.12 -21.63
N TYR C 357 13.76 41.78 -21.51
CA TYR C 357 14.33 41.05 -20.37
C TYR C 357 15.60 40.22 -20.63
N GLY C 358 16.39 40.46 -21.69
CA GLY C 358 17.40 39.49 -22.06
C GLY C 358 18.77 40.03 -22.40
N LYS C 359 19.74 39.11 -22.37
CA LYS C 359 21.16 39.45 -22.46
C LYS C 359 21.88 38.46 -23.39
N GLY C 360 22.47 38.99 -24.45
CA GLY C 360 23.36 38.26 -25.32
C GLY C 360 24.25 39.23 -26.07
N SER C 361 25.01 38.71 -27.02
CA SER C 361 25.87 39.58 -27.82
C SER C 361 25.23 39.84 -29.18
N GLU C 362 25.88 40.71 -29.95
CA GLU C 362 25.22 41.48 -31.01
C GLU C 362 23.97 42.14 -30.44
N GLU C 363 24.02 42.43 -29.13
CA GLU C 363 22.93 43.13 -28.45
C GLU C 363 22.94 44.61 -28.79
N ASP C 364 24.13 45.18 -28.96
CA ASP C 364 24.28 46.58 -29.34
C ASP C 364 23.84 46.86 -30.78
N LYS C 365 23.49 45.84 -31.57
CA LYS C 365 22.69 46.08 -32.76
C LYS C 365 21.27 46.48 -32.39
N LEU C 366 20.77 46.00 -31.24
CA LEU C 366 19.43 46.31 -30.78
C LEU C 366 19.34 47.67 -30.07
N ARG C 367 20.37 48.04 -29.30
CA ARG C 367 20.35 49.33 -28.63
C ARG C 367 20.73 50.48 -29.55
N ARG C 368 21.37 50.17 -30.69
CA ARG C 368 21.79 51.18 -31.64
C ARG C 368 20.65 51.62 -32.56
N ARG C 369 19.79 50.67 -32.96
CA ARG C 369 18.71 50.98 -33.89
C ARG C 369 17.50 51.61 -33.22
N ILE C 370 17.20 51.25 -31.96
CA ILE C 370 15.98 51.75 -31.32
C ILE C 370 16.00 53.27 -31.24
N GLU C 371 17.18 53.87 -31.10
CA GLU C 371 17.22 55.31 -30.87
C GLU C 371 17.10 56.11 -32.16
N GLU C 372 17.77 55.70 -33.24
CA GLU C 372 17.70 56.50 -34.46
C GLU C 372 16.31 56.42 -35.10
N ALA C 373 15.56 55.35 -34.85
CA ALA C 373 14.18 55.29 -35.32
C ALA C 373 13.34 56.34 -34.60
N GLY C 374 12.22 56.70 -35.24
CA GLY C 374 11.42 57.83 -34.78
C GLY C 374 11.11 57.78 -33.30
N ALA C 375 10.68 56.64 -32.80
CA ALA C 375 10.37 56.47 -31.39
C ALA C 375 11.51 55.70 -30.74
N GLN C 376 12.34 56.41 -29.97
CA GLN C 376 13.38 55.76 -29.19
C GLN C 376 13.06 55.57 -27.71
N ASP C 377 12.12 56.32 -27.16
CA ASP C 377 11.78 56.22 -25.75
C ASP C 377 10.54 55.38 -25.52
N TYR C 378 9.94 54.86 -26.59
CA TYR C 378 8.71 54.09 -26.48
C TYR C 378 8.96 52.80 -25.69
N ILE C 379 10.11 52.16 -25.91
CA ILE C 379 10.40 50.82 -25.40
C ILE C 379 11.65 50.86 -24.52
N ARG C 380 11.54 50.28 -23.32
CA ARG C 380 12.66 50.11 -22.40
C ARG C 380 13.63 49.06 -22.94
N LEU C 381 14.85 49.07 -22.42
CA LEU C 381 15.84 48.05 -22.75
C LEU C 381 16.54 47.61 -21.47
N LYS C 382 16.36 46.34 -21.07
CA LYS C 382 16.84 45.83 -19.79
C LYS C 382 17.34 44.39 -19.93
N GLY C 383 18.43 44.08 -19.21
CA GLY C 383 19.10 42.80 -19.33
C GLY C 383 18.44 41.55 -18.75
N HIS C 384 18.15 41.57 -17.44
CA HIS C 384 17.50 40.42 -16.83
C HIS C 384 16.93 40.85 -15.48
N ALA C 385 15.99 40.04 -14.99
CA ALA C 385 15.43 40.11 -13.64
C ALA C 385 14.71 38.78 -13.42
N ASP C 386 14.05 38.64 -12.27
CA ASP C 386 13.34 37.39 -11.99
C ASP C 386 11.96 37.49 -12.65
N LEU C 387 11.74 36.67 -13.67
CA LEU C 387 10.63 36.88 -14.59
C LEU C 387 9.30 36.30 -14.07
N SER C 388 9.36 35.21 -13.30
CA SER C 388 8.18 34.37 -13.05
C SER C 388 6.98 35.14 -12.52
N GLN C 389 7.21 36.30 -11.91
CA GLN C 389 6.14 37.10 -11.33
C GLN C 389 5.56 38.10 -12.33
N ILE C 390 6.41 38.98 -12.87
CA ILE C 390 6.02 40.24 -13.51
C ILE C 390 4.93 40.09 -14.58
N TYR C 391 4.84 38.93 -15.23
CA TYR C 391 4.12 38.79 -16.50
C TYR C 391 2.74 39.46 -16.47
N ALA C 392 1.96 39.19 -15.42
CA ALA C 392 0.58 39.64 -15.36
C ALA C 392 0.44 41.16 -15.45
N GLY C 393 1.49 41.91 -15.11
CA GLY C 393 1.48 43.37 -15.18
C GLY C 393 1.71 43.93 -16.57
N TYR C 394 1.65 43.07 -17.58
CA TYR C 394 1.67 43.47 -18.99
C TYR C 394 0.55 42.74 -19.71
N GLU C 395 0.45 42.97 -21.03
CA GLU C 395 -0.68 42.47 -21.81
C GLU C 395 -0.29 41.30 -22.70
N LEU C 396 0.40 41.53 -23.82
CA LEU C 396 0.65 40.45 -24.77
C LEU C 396 2.13 40.13 -24.85
N TYR C 397 2.44 38.85 -25.00
CA TYR C 397 3.80 38.39 -25.21
C TYR C 397 4.06 38.27 -26.70
N LEU C 398 5.24 38.71 -27.13
CA LEU C 398 5.57 38.78 -28.55
C LEU C 398 6.77 37.88 -28.83
N THR C 399 6.68 37.11 -29.90
CA THR C 399 7.70 36.10 -30.20
C THR C 399 8.09 36.18 -31.67
N ALA C 400 9.37 36.45 -31.91
CA ALA C 400 9.95 36.48 -33.24
C ALA C 400 10.52 35.13 -33.66
N SER C 401 10.24 34.06 -32.91
CA SER C 401 10.87 32.75 -33.08
C SER C 401 10.83 32.23 -34.52
N THR C 402 12.01 31.92 -35.06
CA THR C 402 12.07 31.18 -36.32
C THR C 402 11.47 29.80 -36.16
N SER C 403 12.05 29.00 -35.26
CA SER C 403 11.45 27.77 -34.77
C SER C 403 11.97 27.52 -33.36
N GLU C 404 11.10 27.03 -32.48
CA GLU C 404 11.52 26.52 -31.18
C GLU C 404 10.74 25.25 -30.88
N GLY C 405 11.47 24.14 -30.72
CA GLY C 405 10.81 22.85 -30.51
C GLY C 405 9.98 22.82 -29.24
N PHE C 406 10.38 23.59 -28.25
CA PHE C 406 9.55 23.88 -27.08
C PHE C 406 10.10 25.17 -26.47
N GLY C 407 9.29 25.81 -25.65
CA GLY C 407 9.80 26.85 -24.78
C GLY C 407 8.94 26.97 -23.55
N LEU C 408 9.58 27.35 -22.45
CA LEU C 408 8.91 27.69 -21.20
C LEU C 408 8.81 29.19 -20.98
N THR C 409 9.37 29.98 -21.89
CA THR C 409 9.07 31.40 -21.90
C THR C 409 7.57 31.61 -22.12
N LEU C 410 7.01 30.84 -23.06
CA LEU C 410 5.56 30.81 -23.28
C LEU C 410 4.82 29.90 -22.31
N MSE C 411 5.47 28.89 -21.74
CA MSE C 411 4.83 28.07 -20.72
C MSE C 411 4.49 28.89 -19.47
O MSE C 411 3.41 28.74 -18.90
CB MSE C 411 5.71 26.88 -20.35
CG MSE C 411 5.44 26.28 -18.98
SE MSE C 411 4.40 24.65 -19.02
CE MSE C 411 5.81 23.44 -19.58
N GLU C 412 5.41 29.74 -19.05
CA GLU C 412 5.12 30.67 -17.98
C GLU C 412 4.40 31.92 -18.45
N ALA C 413 4.32 32.14 -19.77
CA ALA C 413 3.55 33.26 -20.30
C ALA C 413 2.06 32.98 -20.31
N VAL C 414 1.65 31.71 -20.34
CA VAL C 414 0.25 31.36 -20.13
C VAL C 414 -0.06 31.14 -18.64
N GLY C 415 0.94 31.28 -17.78
CA GLY C 415 0.75 31.20 -16.35
C GLY C 415 0.09 32.43 -15.79
N SER C 416 0.53 33.61 -16.22
CA SER C 416 -0.10 34.87 -15.83
C SER C 416 -1.25 35.27 -16.76
N GLY C 417 -1.46 34.53 -17.86
CA GLY C 417 -2.63 34.72 -18.70
C GLY C 417 -2.43 35.58 -19.93
N LEU C 418 -1.20 36.02 -20.21
CA LEU C 418 -0.98 36.95 -21.30
C LEU C 418 -1.30 36.29 -22.65
N PRO C 419 -1.97 36.99 -23.56
CA PRO C 419 -2.09 36.48 -24.93
C PRO C 419 -0.77 36.60 -25.67
N LEU C 420 -0.54 35.68 -26.60
CA LEU C 420 0.74 35.55 -27.25
C LEU C 420 0.59 35.68 -28.77
N ILE C 421 1.72 36.03 -29.42
CA ILE C 421 1.80 36.14 -30.87
C ILE C 421 3.10 35.48 -31.33
N GLY C 422 2.99 34.50 -32.22
CA GLY C 422 4.17 33.90 -32.80
C GLY C 422 3.82 33.32 -34.16
N PHE C 423 4.86 33.07 -34.94
CA PHE C 423 4.67 32.48 -36.25
C PHE C 423 4.14 31.05 -36.12
N ASP C 424 3.59 30.54 -37.22
CA ASP C 424 3.15 29.15 -37.24
C ASP C 424 4.38 28.35 -37.66
N VAL C 425 5.02 27.75 -36.66
CA VAL C 425 6.33 27.11 -36.81
C VAL C 425 6.46 26.05 -35.74
N ARG C 426 7.27 25.04 -36.01
CA ARG C 426 7.38 23.89 -35.14
C ARG C 426 8.33 24.21 -33.98
N TYR C 427 7.89 23.99 -32.74
CA TYR C 427 6.57 23.46 -32.41
C TYR C 427 5.87 24.35 -31.39
N GLY C 428 6.55 24.62 -30.27
CA GLY C 428 5.91 25.29 -29.14
C GLY C 428 5.09 26.51 -29.51
N ASN C 429 5.63 27.37 -30.40
CA ASN C 429 4.83 28.49 -30.87
C ASN C 429 3.54 28.02 -31.54
N GLN C 430 3.52 26.80 -32.08
CA GLN C 430 2.36 26.22 -32.75
C GLN C 430 1.41 25.45 -31.82
N THR C 431 1.87 25.02 -30.64
CA THR C 431 1.03 24.22 -29.75
C THR C 431 0.38 25.04 -28.62
N PHE C 432 0.79 26.26 -28.38
CA PHE C 432 0.17 27.13 -27.38
C PHE C 432 -0.77 28.17 -27.99
N ILE C 433 -0.87 28.23 -29.31
CA ILE C 433 -1.65 29.24 -30.01
C ILE C 433 -2.47 28.57 -31.11
N ASP C 434 -3.78 28.67 -31.02
CA ASP C 434 -4.69 28.36 -32.11
C ASP C 434 -5.17 29.69 -32.69
N ASP C 435 -5.01 29.87 -34.01
CA ASP C 435 -5.19 31.18 -34.63
C ASP C 435 -6.54 31.79 -34.26
N GLY C 436 -7.54 30.96 -33.96
CA GLY C 436 -8.84 31.45 -33.57
C GLY C 436 -8.96 31.89 -32.11
N LYS C 437 -8.28 31.17 -31.20
CA LYS C 437 -8.42 31.41 -29.77
C LYS C 437 -7.05 31.68 -29.15
N ASN C 438 -6.93 32.79 -28.42
CA ASN C 438 -5.81 33.17 -27.55
C ASN C 438 -4.64 33.82 -28.30
N GLY C 439 -4.66 33.90 -29.63
CA GLY C 439 -3.58 34.57 -30.33
C GLY C 439 -3.77 34.51 -31.83
N TYR C 440 -2.70 34.90 -32.54
CA TYR C 440 -2.68 34.89 -34.00
C TYR C 440 -1.38 34.24 -34.47
N LEU C 441 -1.47 33.55 -35.61
CA LEU C 441 -0.32 32.89 -36.22
C LEU C 441 0.02 33.56 -37.54
N LEU C 442 1.31 33.56 -37.87
CA LEU C 442 1.84 34.27 -39.03
C LEU C 442 2.64 33.30 -39.89
N PRO C 443 1.98 32.58 -40.79
CA PRO C 443 2.72 31.72 -41.72
C PRO C 443 3.67 32.56 -42.56
N VAL C 444 4.90 32.05 -42.71
CA VAL C 444 5.98 32.79 -43.36
C VAL C 444 6.22 32.20 -44.74
N SER C 445 6.42 33.08 -45.72
CA SER C 445 6.95 32.64 -47.01
C SER C 445 8.29 31.96 -46.76
N SER C 446 8.67 31.03 -47.63
CA SER C 446 9.92 30.36 -47.30
C SER C 446 11.01 31.28 -47.81
N ASN C 447 11.48 32.11 -46.88
CA ASN C 447 12.31 33.28 -47.13
C ASN C 447 12.32 34.10 -45.85
N HIS C 448 13.23 35.05 -45.74
CA HIS C 448 13.04 36.18 -44.85
C HIS C 448 12.69 37.37 -45.73
N VAL C 449 11.40 37.72 -45.76
CA VAL C 449 10.93 38.87 -46.52
C VAL C 449 10.58 39.92 -45.49
N GLU C 450 11.44 40.92 -45.36
CA GLU C 450 11.39 41.80 -44.19
C GLU C 450 10.06 42.51 -44.07
N ASP C 451 9.76 43.41 -45.01
CA ASP C 451 8.57 44.23 -44.90
C ASP C 451 7.28 43.44 -45.11
N GLN C 452 7.35 42.18 -45.56
CA GLN C 452 6.13 41.41 -45.80
C GLN C 452 5.31 41.29 -44.52
N ILE C 453 5.94 40.86 -43.43
CA ILE C 453 5.26 40.73 -42.14
C ILE C 453 5.51 41.94 -41.23
N ILE C 454 6.28 42.94 -41.70
CA ILE C 454 6.60 44.08 -40.85
C ILE C 454 5.31 44.77 -40.39
N ALA C 455 4.34 44.91 -41.30
CA ALA C 455 3.00 45.36 -40.96
C ALA C 455 2.11 44.21 -40.47
N ALA C 456 2.27 43.02 -41.05
CA ALA C 456 1.39 41.92 -40.69
C ALA C 456 1.51 41.56 -39.21
N PHE C 457 2.67 41.86 -38.60
CA PHE C 457 2.76 41.81 -37.14
C PHE C 457 1.92 42.93 -36.52
N VAL C 458 2.16 44.17 -36.95
CA VAL C 458 1.37 45.31 -36.48
C VAL C 458 -0.11 45.07 -36.69
N GLU C 459 -0.46 44.36 -37.76
CA GLU C 459 -1.86 44.13 -38.13
C GLU C 459 -2.62 43.46 -37.00
N LYS C 460 -2.14 42.29 -36.53
CA LYS C 460 -2.90 41.49 -35.58
C LYS C 460 -2.94 42.10 -34.18
N ILE C 461 -1.98 42.97 -33.84
CA ILE C 461 -1.93 43.53 -32.50
C ILE C 461 -3.15 44.41 -32.24
N ILE C 462 -3.49 45.27 -33.20
CA ILE C 462 -4.63 46.16 -33.00
C ILE C 462 -5.93 45.38 -32.91
N ALA C 463 -5.97 44.13 -33.42
CA ALA C 463 -7.17 43.32 -33.27
C ALA C 463 -7.36 42.88 -31.83
N LEU C 464 -6.27 42.76 -31.06
CA LEU C 464 -6.42 42.47 -29.64
C LEU C 464 -6.88 43.71 -28.90
N PHE C 465 -6.24 44.86 -29.18
CA PHE C 465 -6.49 46.09 -28.46
C PHE C 465 -7.73 46.83 -28.94
N SER C 466 -8.13 46.67 -30.20
CA SER C 466 -9.39 47.28 -30.60
C SER C 466 -10.34 46.30 -31.30
N GLN C 467 -11.35 45.79 -30.57
CA GLN C 467 -11.24 45.56 -29.12
C GLN C 467 -12.07 44.32 -28.75
N GLY C 468 -12.22 44.08 -27.45
CA GLY C 468 -13.23 43.20 -26.89
C GLY C 468 -12.78 41.78 -26.65
N ARG C 469 -11.80 41.29 -27.40
CA ARG C 469 -11.16 40.02 -27.12
C ARG C 469 -9.90 40.19 -26.30
N GLN C 470 -9.63 41.42 -25.86
CA GLN C 470 -8.39 41.75 -25.16
C GLN C 470 -8.18 40.83 -23.97
N GLN C 471 -9.19 40.67 -23.10
CA GLN C 471 -9.11 39.62 -22.09
C GLN C 471 -9.92 38.36 -22.40
N GLU C 472 -10.76 38.36 -23.43
CA GLU C 472 -11.65 37.22 -23.62
C GLU C 472 -10.86 35.94 -23.88
N MSE C 473 -9.86 36.02 -24.74
CA MSE C 473 -9.00 34.90 -25.04
C MSE C 473 -7.93 34.73 -23.98
O MSE C 473 -7.37 33.64 -23.81
CB MSE C 473 -8.37 35.13 -26.40
CG MSE C 473 -9.27 35.87 -27.36
SE MSE C 473 -8.19 36.55 -28.80
CE MSE C 473 -6.90 37.40 -27.62
N SER C 474 -7.61 35.82 -23.26
CA SER C 474 -6.61 35.71 -22.20
C SER C 474 -7.12 34.86 -21.05
N GLN C 475 -8.44 34.83 -20.83
CA GLN C 475 -9.01 33.89 -19.88
C GLN C 475 -8.99 32.47 -20.44
N HIS C 476 -9.06 32.33 -21.77
CA HIS C 476 -8.88 31.04 -22.40
C HIS C 476 -7.44 30.54 -22.25
N SER C 477 -6.49 31.45 -22.07
CA SER C 477 -5.09 31.08 -21.87
C SER C 477 -4.89 30.24 -20.61
N TYR C 478 -5.80 30.35 -19.63
CA TYR C 478 -5.74 29.48 -18.46
C TYR C 478 -6.28 28.08 -18.78
N GLN C 479 -7.22 27.98 -19.73
CA GLN C 479 -7.72 26.68 -20.13
C GLN C 479 -6.65 25.89 -20.86
N VAL C 480 -5.78 26.56 -21.62
CA VAL C 480 -4.67 25.88 -22.27
C VAL C 480 -3.52 25.66 -21.28
N ALA C 481 -3.28 26.61 -20.38
CA ALA C 481 -2.26 26.41 -19.36
C ALA C 481 -2.63 25.30 -18.40
N GLU C 482 -3.94 25.06 -18.24
CA GLU C 482 -4.44 24.03 -17.33
C GLU C 482 -3.79 22.68 -17.62
N ASN C 483 -3.78 22.27 -18.89
CA ASN C 483 -3.32 20.94 -19.24
C ASN C 483 -1.84 20.72 -18.92
N TYR C 484 -1.06 21.80 -18.80
CA TYR C 484 0.38 21.73 -18.57
C TYR C 484 0.78 21.96 -17.11
N LEU C 485 -0.17 22.03 -16.18
CA LEU C 485 0.17 22.17 -14.77
C LEU C 485 1.08 21.04 -14.31
N THR C 486 1.93 21.34 -13.33
CA THR C 486 2.87 20.35 -12.79
C THR C 486 2.17 19.15 -12.17
N SER C 487 0.86 19.21 -11.99
CA SER C 487 0.13 18.06 -11.47
C SER C 487 -0.12 17.03 -12.56
N ARG C 488 -0.47 17.46 -13.78
CA ARG C 488 -0.77 16.52 -14.85
C ARG C 488 0.49 15.97 -15.49
N VAL C 489 1.59 16.73 -15.49
CA VAL C 489 2.86 16.19 -15.96
C VAL C 489 3.29 15.01 -15.08
N GLU C 490 3.15 15.15 -13.76
CA GLU C 490 3.41 14.03 -12.86
C GLU C 490 2.52 12.84 -13.17
N ALA C 491 1.33 13.08 -13.73
CA ALA C 491 0.44 11.98 -14.10
C ALA C 491 0.98 11.23 -15.30
N ALA C 492 1.38 11.94 -16.34
CA ALA C 492 1.85 11.27 -17.56
C ALA C 492 3.20 10.60 -17.33
N TRP C 493 3.98 11.09 -16.37
CA TRP C 493 5.30 10.52 -16.14
C TRP C 493 5.23 9.20 -15.39
N THR C 494 4.24 9.04 -14.50
CA THR C 494 4.02 7.74 -13.85
C THR C 494 3.21 6.81 -14.74
N GLN C 495 2.21 7.35 -15.45
CA GLN C 495 1.44 6.53 -16.38
C GLN C 495 2.33 5.96 -17.47
N LEU C 496 3.29 6.76 -17.93
CA LEU C 496 4.30 6.25 -18.85
C LEU C 496 5.15 5.16 -18.18
N LEU C 497 5.42 5.31 -16.88
CA LEU C 497 6.21 4.32 -16.14
C LEU C 497 5.56 2.95 -16.21
N LYS C 498 4.23 2.89 -16.22
CA LYS C 498 3.50 1.67 -16.48
C LYS C 498 3.18 1.46 -17.95
N GLU C 499 3.34 2.48 -18.79
CA GLU C 499 3.23 2.32 -20.24
C GLU C 499 4.44 1.59 -20.81
N VAL C 500 5.42 1.28 -19.96
CA VAL C 500 6.63 0.56 -20.35
C VAL C 500 6.67 -0.77 -19.60
N ARG C 501 6.73 -0.71 -18.27
CA ARG C 501 6.97 -1.89 -17.45
C ARG C 501 5.86 -2.93 -17.52
N ASP C 502 4.72 -2.63 -18.16
CA ASP C 502 3.56 -3.51 -18.03
C ASP C 502 3.72 -4.79 -18.83
N ASP C 503 4.04 -4.68 -20.12
CA ASP C 503 3.99 -5.84 -21.02
C ASP C 503 5.14 -6.81 -20.79
N MSE D 1 80.71 1.71 5.82
CA MSE D 1 80.76 0.26 5.79
C MSE D 1 79.57 -0.27 5.01
O MSE D 1 78.63 -0.81 5.59
CB MSE D 1 80.77 -0.30 7.21
CG MSE D 1 81.65 -1.53 7.38
SE MSE D 1 83.50 -1.18 6.81
CE MSE D 1 83.49 -2.11 5.09
N ILE D 2 79.59 -0.13 3.68
CA ILE D 2 78.45 -0.46 2.84
C ILE D 2 78.92 -1.09 1.53
N GLN D 3 78.16 -2.09 1.07
CA GLN D 3 78.22 -2.59 -0.29
C GLN D 3 77.17 -1.84 -1.11
N LEU D 4 77.62 -1.06 -2.09
CA LEU D 4 76.70 -0.36 -3.00
C LEU D 4 76.87 -0.93 -4.42
N PHE D 5 75.89 -1.70 -4.87
CA PHE D 5 75.96 -2.36 -6.16
C PHE D 5 74.92 -1.76 -7.09
N ASP D 6 75.35 -1.32 -8.26
CA ASP D 6 74.44 -0.59 -9.14
C ASP D 6 73.39 -1.52 -9.74
N TYR D 7 73.81 -2.60 -10.39
CA TYR D 7 72.92 -3.56 -11.00
C TYR D 7 73.18 -4.95 -10.42
N TYR D 8 72.18 -5.82 -10.50
CA TYR D 8 72.37 -7.22 -10.13
C TYR D 8 72.63 -8.04 -11.39
N ASN D 9 73.76 -8.75 -11.38
CA ASN D 9 74.02 -9.83 -12.31
C ASN D 9 74.97 -10.77 -11.60
N GLN D 10 75.09 -11.99 -12.13
CA GLN D 10 75.98 -12.96 -11.49
C GLN D 10 77.38 -12.39 -11.31
N GLU D 11 77.78 -11.47 -12.19
CA GLU D 11 79.08 -10.83 -12.08
C GLU D 11 79.20 -9.96 -10.84
N THR D 12 78.06 -9.58 -10.24
CA THR D 12 78.06 -8.90 -8.94
C THR D 12 78.20 -9.90 -7.81
N GLN D 13 77.27 -10.85 -7.73
CA GLN D 13 77.17 -11.81 -6.64
C GLN D 13 78.52 -12.40 -6.27
N ASP D 14 79.38 -12.64 -7.28
CA ASP D 14 80.73 -13.11 -7.02
C ASP D 14 81.54 -12.14 -6.17
N LEU D 15 81.18 -10.86 -6.17
CA LEU D 15 81.82 -9.94 -5.23
C LEU D 15 81.24 -10.10 -3.83
N HIS D 16 79.91 -10.19 -3.73
CA HIS D 16 79.24 -10.40 -2.44
C HIS D 16 79.80 -11.61 -1.71
N ASP D 17 80.10 -12.69 -2.45
CA ASP D 17 80.57 -13.93 -1.83
C ASP D 17 82.04 -13.82 -1.43
N SER D 18 82.88 -13.31 -2.33
CA SER D 18 84.31 -13.22 -2.04
C SER D 18 84.57 -12.35 -0.81
N LEU D 19 83.79 -11.27 -0.66
CA LEU D 19 83.90 -10.46 0.55
C LEU D 19 83.28 -11.16 1.76
N LEU D 20 82.27 -11.99 1.53
CA LEU D 20 81.65 -12.73 2.63
C LEU D 20 82.64 -13.71 3.25
N ALA D 21 83.34 -14.48 2.41
CA ALA D 21 84.35 -15.40 2.92
C ALA D 21 85.56 -14.64 3.47
N ALA D 22 85.84 -13.46 2.93
CA ALA D 22 86.88 -12.61 3.46
C ALA D 22 86.41 -11.85 4.70
N GLY D 23 85.17 -12.07 5.11
CA GLY D 23 84.70 -11.55 6.38
C GLY D 23 84.20 -10.12 6.36
N TYR D 24 83.62 -9.68 5.25
CA TYR D 24 82.97 -8.38 5.20
C TYR D 24 81.47 -8.62 4.99
N ALA D 25 80.69 -8.46 6.06
CA ALA D 25 79.25 -8.70 6.08
C ALA D 25 78.42 -7.44 5.98
N CYS D 26 79.06 -6.28 5.79
CA CYS D 26 78.44 -4.96 5.96
C CYS D 26 77.17 -4.78 5.14
N PRO D 27 76.27 -3.87 5.56
CA PRO D 27 75.01 -3.69 4.84
C PRO D 27 75.20 -3.48 3.34
N THR D 28 74.28 -4.03 2.56
CA THR D 28 74.38 -4.10 1.11
C THR D 28 73.19 -3.39 0.48
N ILE D 29 73.48 -2.49 -0.47
CA ILE D 29 72.47 -1.68 -1.15
C ILE D 29 72.57 -1.93 -2.65
N VAL D 30 71.41 -2.08 -3.30
CA VAL D 30 71.32 -2.29 -4.74
C VAL D 30 70.49 -1.17 -5.34
N ILE D 31 71.02 -0.52 -6.37
CA ILE D 31 70.31 0.60 -6.98
C ILE D 31 69.11 0.11 -7.79
N GLU D 32 69.25 -1.04 -8.44
CA GLU D 32 68.31 -1.51 -9.45
C GLU D 32 66.98 -1.90 -8.82
N ALA D 33 65.94 -1.97 -9.66
CA ALA D 33 64.56 -2.16 -9.28
C ALA D 33 64.20 -3.64 -9.06
N ASN D 34 65.19 -4.53 -9.06
CA ASN D 34 64.98 -5.97 -8.98
C ASN D 34 64.08 -6.37 -7.80
N GLY D 35 63.21 -7.35 -8.06
CA GLY D 35 62.37 -7.94 -7.04
C GLY D 35 62.78 -9.34 -6.57
N PHE D 36 63.69 -9.99 -7.30
CA PHE D 36 64.16 -11.32 -6.98
C PHE D 36 65.36 -11.33 -6.05
N LEU D 37 65.70 -10.17 -5.50
CA LEU D 37 66.93 -10.01 -4.74
C LEU D 37 67.09 -11.11 -3.69
N PRO D 38 68.24 -11.78 -3.64
CA PRO D 38 68.54 -12.63 -2.47
C PRO D 38 68.54 -11.77 -1.21
N ASP D 39 67.81 -12.23 -0.19
CA ASP D 39 67.39 -11.38 0.91
C ASP D 39 68.55 -10.76 1.69
N ASP D 40 69.78 -11.20 1.45
CA ASP D 40 70.94 -10.54 2.06
C ASP D 40 71.00 -9.07 1.70
N MSE D 41 70.33 -8.65 0.63
CA MSE D 41 70.47 -7.30 0.12
C MSE D 41 69.12 -6.63 -0.17
O MSE D 41 68.12 -7.30 -0.44
CB MSE D 41 71.34 -7.33 -1.14
CG MSE D 41 70.70 -8.03 -2.33
SE MSE D 41 71.94 -9.19 -3.29
CE MSE D 41 73.23 -7.86 -3.85
N ILE D 42 69.10 -5.29 -0.10
CA ILE D 42 67.89 -4.50 -0.29
C ILE D 42 68.17 -3.42 -1.32
N SER D 43 67.09 -2.81 -1.79
CA SER D 43 67.11 -1.74 -2.79
C SER D 43 66.22 -0.60 -2.34
N PRO D 44 66.56 0.65 -2.70
CA PRO D 44 65.73 1.78 -2.25
C PRO D 44 64.30 1.72 -2.75
N TYR D 45 64.04 1.03 -3.86
CA TYR D 45 62.68 0.92 -4.35
C TYR D 45 61.87 -0.10 -3.55
N THR D 46 62.47 -1.26 -3.28
CA THR D 46 61.72 -2.37 -2.71
C THR D 46 61.53 -2.26 -1.20
N TYR D 47 62.32 -1.43 -0.51
CA TYR D 47 62.25 -1.36 0.94
C TYR D 47 60.86 -0.95 1.42
N PHE D 48 60.34 0.17 0.91
CA PHE D 48 59.15 0.79 1.47
C PHE D 48 57.86 0.17 0.97
N LEU D 49 57.91 -0.84 0.10
CA LEU D 49 56.68 -1.40 -0.44
C LEU D 49 55.90 -2.16 0.62
N GLY D 50 56.58 -2.98 1.41
CA GLY D 50 55.96 -3.69 2.51
C GLY D 50 55.69 -5.17 2.32
N ASP D 51 56.20 -5.79 1.26
CA ASP D 51 56.10 -7.25 1.18
C ASP D 51 57.03 -7.88 2.20
N GLU D 52 57.03 -9.21 2.28
CA GLU D 52 57.73 -9.89 3.35
C GLU D 52 59.12 -10.33 2.90
N GLU D 53 59.88 -10.88 3.84
CA GLU D 53 61.28 -11.24 3.63
C GLU D 53 61.45 -12.72 3.92
N GLY D 54 62.19 -13.41 3.05
CA GLY D 54 62.37 -14.84 3.17
C GLY D 54 61.34 -15.68 2.47
N VAL D 55 60.42 -15.07 1.73
CA VAL D 55 59.41 -15.78 0.97
C VAL D 55 59.85 -15.82 -0.49
N ASP D 56 60.09 -17.01 -1.01
CA ASP D 56 60.32 -17.19 -2.45
C ASP D 56 59.13 -17.99 -2.97
N HIS D 57 58.18 -17.30 -3.59
CA HIS D 57 57.09 -17.95 -4.32
C HIS D 57 56.72 -17.10 -5.52
N PRO D 58 57.45 -17.25 -6.64
CA PRO D 58 57.09 -16.50 -7.84
C PRO D 58 55.72 -16.89 -8.39
N LEU D 59 55.28 -16.24 -9.45
CA LEU D 59 54.06 -16.64 -10.14
C LEU D 59 54.40 -17.53 -11.32
N PHE D 60 53.56 -18.55 -11.53
CA PHE D 60 53.67 -19.39 -12.71
C PHE D 60 53.04 -18.67 -13.89
N PHE D 61 53.63 -18.89 -15.08
CA PHE D 61 53.20 -18.16 -16.27
C PHE D 61 51.69 -18.19 -16.45
N ASN D 62 51.05 -19.29 -16.08
CA ASN D 62 49.61 -19.39 -16.22
C ASN D 62 48.84 -18.63 -15.14
N GLN D 63 49.51 -18.20 -14.07
CA GLN D 63 48.81 -17.53 -12.96
C GLN D 63 48.57 -16.04 -13.16
N VAL D 64 49.32 -15.37 -14.03
CA VAL D 64 49.29 -13.91 -14.14
C VAL D 64 47.86 -13.43 -14.40
N PRO D 65 47.31 -12.57 -13.56
CA PRO D 65 45.88 -12.21 -13.67
C PRO D 65 45.54 -11.64 -15.05
N VAL D 66 44.41 -12.09 -15.58
CA VAL D 66 43.96 -11.73 -16.92
C VAL D 66 42.44 -11.62 -16.96
N PRO D 67 41.92 -10.84 -17.90
CA PRO D 67 40.47 -10.64 -18.01
C PRO D 67 39.74 -11.95 -18.27
N PRO D 68 38.41 -11.96 -18.10
CA PRO D 68 37.65 -13.22 -18.16
C PRO D 68 37.87 -13.99 -19.45
N PHE D 69 38.19 -15.28 -19.30
CA PHE D 69 38.26 -16.28 -20.36
C PHE D 69 39.42 -16.04 -21.34
N TRP D 70 40.21 -15.00 -21.14
CA TRP D 70 41.28 -14.68 -22.07
C TRP D 70 42.39 -15.73 -21.98
N GLU D 71 42.96 -16.08 -23.14
CA GLU D 71 43.74 -17.31 -23.31
C GLU D 71 45.24 -17.05 -23.14
N ILE D 72 45.88 -17.79 -22.23
CA ILE D 72 47.30 -17.68 -21.93
C ILE D 72 48.07 -18.74 -22.70
N THR D 73 49.24 -18.36 -23.22
CA THR D 73 50.15 -19.26 -23.91
C THR D 73 51.53 -19.05 -23.33
N GLY D 74 52.31 -20.11 -23.23
CA GLY D 74 53.74 -19.97 -22.97
C GLY D 74 54.50 -21.16 -23.51
N ASP D 75 55.71 -20.88 -24.01
CA ASP D 75 56.54 -21.84 -24.70
C ASP D 75 57.79 -22.30 -23.95
N HIS D 76 58.03 -21.86 -22.71
CA HIS D 76 59.25 -22.01 -21.92
C HIS D 76 60.37 -21.06 -22.32
N GLN D 77 60.32 -20.40 -23.47
CA GLN D 77 61.14 -19.21 -23.68
C GLN D 77 60.43 -17.94 -23.21
N VAL D 78 59.13 -17.79 -23.49
CA VAL D 78 58.35 -16.58 -23.23
C VAL D 78 56.92 -17.05 -22.97
N ALA D 79 56.00 -16.13 -22.65
CA ALA D 79 54.57 -16.43 -22.53
C ALA D 79 53.76 -15.28 -23.11
N ARG D 80 52.58 -15.61 -23.65
CA ARG D 80 51.74 -14.62 -24.31
C ARG D 80 50.28 -14.85 -23.97
N VAL D 81 49.50 -13.77 -23.99
CA VAL D 81 48.07 -13.79 -23.71
C VAL D 81 47.35 -13.23 -24.92
N SER D 82 46.26 -13.89 -25.33
CA SER D 82 45.56 -13.56 -26.56
C SER D 82 44.06 -13.48 -26.32
N ASP D 83 43.47 -12.30 -26.52
CA ASP D 83 42.03 -12.16 -26.62
C ASP D 83 41.62 -12.50 -28.06
N MSE D 84 40.81 -13.53 -28.22
CA MSE D 84 40.48 -14.08 -29.54
C MSE D 84 41.73 -14.37 -30.37
O MSE D 84 41.81 -14.02 -31.54
CB MSE D 84 39.57 -13.12 -30.31
CG MSE D 84 38.29 -12.77 -29.57
SE MSE D 84 37.51 -14.36 -28.74
CE MSE D 84 36.24 -14.81 -30.15
N GLY D 85 42.71 -15.03 -29.74
CA GLY D 85 43.92 -15.45 -30.41
C GLY D 85 44.87 -14.33 -30.77
N GLU D 86 44.47 -13.07 -30.59
CA GLU D 86 45.26 -11.93 -31.00
C GLU D 86 46.11 -11.44 -29.85
N GLU D 87 47.40 -11.25 -30.12
CA GLU D 87 48.36 -10.91 -29.08
C GLU D 87 47.95 -9.66 -28.33
N ARG D 88 48.00 -9.73 -27.01
CA ARG D 88 47.74 -8.59 -26.13
C ARG D 88 48.89 -8.45 -25.14
N ALA D 89 49.17 -9.49 -24.35
CA ALA D 89 50.25 -9.43 -23.36
C ALA D 89 51.45 -10.28 -23.75
N ARG D 90 52.65 -9.73 -23.53
CA ARG D 90 53.89 -10.49 -23.48
C ARG D 90 54.25 -10.76 -22.03
N ILE D 91 54.76 -11.95 -21.75
CA ILE D 91 55.27 -12.29 -20.42
C ILE D 91 56.70 -12.77 -20.56
N HIS D 92 57.63 -12.11 -19.88
CA HIS D 92 59.02 -12.51 -19.87
C HIS D 92 59.36 -13.26 -18.59
N TYR D 93 60.07 -14.37 -18.74
CA TYR D 93 60.43 -15.23 -17.62
C TYR D 93 61.60 -14.63 -16.86
N ALA D 94 61.69 -15.02 -15.58
CA ALA D 94 62.72 -14.48 -14.71
C ALA D 94 64.11 -14.87 -15.20
N SER D 95 65.10 -14.09 -14.77
CA SER D 95 66.49 -14.48 -14.96
C SER D 95 66.78 -15.84 -14.36
N GLN D 96 65.92 -16.30 -13.46
CA GLN D 96 66.15 -17.54 -12.73
C GLN D 96 66.29 -18.72 -13.68
N ALA D 97 67.14 -19.67 -13.29
CA ALA D 97 67.30 -20.92 -14.03
C ALA D 97 65.96 -21.60 -14.21
N ARG D 98 65.14 -21.62 -13.16
CA ARG D 98 63.82 -22.26 -13.22
C ARG D 98 63.01 -21.65 -14.34
N GLY D 99 62.52 -22.50 -15.24
CA GLY D 99 61.69 -22.02 -16.32
C GLY D 99 60.36 -21.50 -15.84
N ARG D 100 59.79 -20.60 -16.65
CA ARG D 100 58.39 -20.20 -16.52
C ARG D 100 58.11 -19.56 -15.17
N LEU D 101 59.06 -18.77 -14.68
CA LEU D 101 58.85 -17.91 -13.53
C LEU D 101 58.80 -16.47 -13.99
N VAL D 102 57.81 -15.73 -13.51
CA VAL D 102 57.39 -14.46 -14.09
C VAL D 102 58.19 -13.31 -13.48
N LYS D 103 58.92 -12.58 -14.32
CA LYS D 103 59.57 -11.34 -13.91
C LYS D 103 58.80 -10.12 -14.38
N GLN D 104 58.59 -9.98 -15.69
CA GLN D 104 57.95 -8.80 -16.22
C GLN D 104 56.87 -9.22 -17.23
N VAL D 105 55.78 -8.45 -17.25
CA VAL D 105 54.64 -8.70 -18.13
C VAL D 105 54.34 -7.41 -18.88
N ASP D 106 54.52 -7.42 -20.20
CA ASP D 106 54.30 -6.25 -21.03
C ASP D 106 53.00 -6.40 -21.82
N TRP D 107 52.20 -5.34 -21.82
CA TRP D 107 50.95 -5.31 -22.56
C TRP D 107 51.09 -4.44 -23.81
N LEU D 108 50.41 -4.84 -24.87
CA LEU D 108 50.49 -4.17 -26.16
C LEU D 108 49.14 -3.55 -26.50
N ASP D 109 49.18 -2.49 -27.31
CA ASP D 109 47.97 -1.82 -27.75
C ASP D 109 47.31 -2.61 -28.88
N LYS D 110 46.15 -2.11 -29.34
CA LYS D 110 45.44 -2.78 -30.43
C LYS D 110 46.29 -2.91 -31.68
N LYS D 111 47.34 -2.10 -31.81
CA LYS D 111 48.24 -2.13 -32.95
C LYS D 111 49.51 -2.92 -32.70
N GLY D 112 49.67 -3.51 -31.51
CA GLY D 112 50.84 -4.31 -31.21
C GLY D 112 51.99 -3.55 -30.57
N GLN D 113 51.88 -2.23 -30.43
CA GLN D 113 52.95 -1.45 -29.83
C GLN D 113 52.89 -1.53 -28.30
N LEU D 114 54.04 -1.36 -27.66
CA LEU D 114 54.13 -1.45 -26.21
C LEU D 114 53.50 -0.23 -25.54
N ARG D 115 52.78 -0.48 -24.44
CA ARG D 115 52.15 0.61 -23.68
C ARG D 115 52.43 0.51 -22.19
N LEU D 116 52.01 -0.58 -21.54
CA LEU D 116 52.21 -0.76 -20.11
C LEU D 116 53.15 -1.93 -19.83
N SER D 117 53.91 -1.82 -18.74
CA SER D 117 54.81 -2.88 -18.27
C SER D 117 54.63 -3.04 -16.76
N GLU D 118 54.22 -4.23 -16.34
CA GLU D 118 53.92 -4.53 -14.94
C GLU D 118 54.95 -5.54 -14.43
N ARG D 119 55.89 -5.08 -13.62
CA ARG D 119 56.97 -5.92 -13.14
C ARG D 119 56.51 -6.79 -11.98
N TYR D 120 57.20 -7.91 -11.81
CA TYR D 120 56.88 -8.86 -10.75
C TYR D 120 58.12 -9.14 -9.91
N ASN D 121 57.87 -9.41 -8.65
CA ASN D 121 58.91 -9.62 -7.64
C ASN D 121 59.27 -11.10 -7.59
N LYS D 122 59.97 -11.51 -6.54
CA LYS D 122 60.06 -12.93 -6.21
C LYS D 122 58.96 -13.38 -5.27
N GLN D 123 58.15 -12.47 -4.73
CA GLN D 123 57.09 -12.83 -3.79
C GLN D 123 55.75 -13.11 -4.46
N GLY D 124 55.59 -12.83 -5.75
CA GLY D 124 54.41 -13.25 -6.47
C GLY D 124 53.24 -12.29 -6.65
N ARG D 125 53.45 -10.99 -6.65
CA ARG D 125 52.39 -10.09 -7.13
C ARG D 125 53.04 -8.84 -7.73
N CYS D 126 52.29 -8.16 -8.59
CA CYS D 126 52.81 -7.03 -9.34
C CYS D 126 53.09 -5.85 -8.40
N PHE D 127 54.36 -5.45 -8.31
CA PHE D 127 54.80 -4.36 -7.47
C PHE D 127 55.09 -3.04 -8.20
N ALA D 128 55.08 -3.03 -9.53
CA ALA D 128 55.31 -1.77 -10.25
C ALA D 128 54.67 -1.81 -11.62
N LYS D 129 54.12 -0.66 -12.04
CA LYS D 129 53.68 -0.44 -13.42
C LYS D 129 54.57 0.61 -14.06
N THR D 130 54.96 0.35 -15.31
CA THR D 130 55.73 1.30 -16.11
C THR D 130 54.89 1.71 -17.31
N ALA D 131 54.94 2.99 -17.65
CA ALA D 131 54.15 3.53 -18.74
C ALA D 131 55.07 4.01 -19.86
N TYR D 132 54.56 4.00 -21.08
CA TYR D 132 55.33 4.37 -22.25
C TYR D 132 54.56 5.38 -23.08
N LYS D 133 55.30 6.23 -23.78
CA LYS D 133 54.74 7.28 -24.62
C LYS D 133 55.12 7.06 -26.08
N SER D 134 54.12 7.08 -26.96
CA SER D 134 54.36 7.11 -28.41
C SER D 134 55.29 5.99 -28.88
N GLY D 135 56.50 6.37 -29.28
CA GLY D 135 57.42 5.54 -30.03
C GLY D 135 58.11 4.46 -29.22
N GLN D 136 57.44 4.00 -28.16
CA GLN D 136 57.96 3.03 -27.20
C GLN D 136 59.06 3.66 -26.35
N GLU D 137 58.86 4.94 -26.04
CA GLU D 137 59.74 5.69 -25.15
C GLU D 137 59.32 5.48 -23.70
N ALA D 138 60.30 5.42 -22.82
CA ALA D 138 60.00 5.26 -21.40
C ALA D 138 59.42 6.55 -20.85
N PHE D 139 58.28 6.44 -20.16
CA PHE D 139 57.68 7.62 -19.54
C PHE D 139 57.88 7.67 -18.03
N ASN D 140 57.14 6.84 -17.30
CA ASN D 140 57.28 6.79 -15.86
C ASN D 140 57.18 5.35 -15.36
N THR D 141 57.42 5.19 -14.07
CA THR D 141 57.23 3.91 -13.39
C THR D 141 56.58 4.18 -12.06
N THR D 142 55.37 3.65 -11.87
CA THR D 142 54.68 3.76 -10.59
C THR D 142 55.02 2.55 -9.73
N TYR D 143 55.31 2.81 -8.46
CA TYR D 143 55.54 1.75 -7.47
C TYR D 143 54.42 1.76 -6.46
N TYR D 144 53.98 0.57 -6.05
CA TYR D 144 52.77 0.40 -5.27
C TYR D 144 53.09 -0.14 -3.88
N SER D 145 52.21 0.16 -2.93
CA SER D 145 52.26 -0.50 -1.65
C SER D 145 51.82 -1.96 -1.84
N THR D 146 51.81 -2.72 -0.75
CA THR D 146 51.17 -4.02 -0.81
C THR D 146 49.69 -3.87 -1.15
N ASP D 147 49.03 -2.92 -0.49
CA ASP D 147 47.64 -2.63 -0.77
C ASP D 147 47.47 -1.89 -2.09
N GLY D 148 48.54 -1.32 -2.63
CA GLY D 148 48.45 -0.55 -3.83
C GLY D 148 48.33 0.94 -3.61
N GLN D 149 48.52 1.42 -2.38
CA GLN D 149 48.64 2.85 -2.16
C GLN D 149 49.95 3.34 -2.77
N GLU D 150 49.87 4.41 -3.56
CA GLU D 150 51.05 4.94 -4.22
C GLU D 150 52.16 5.22 -3.21
N ARG D 151 53.38 4.85 -3.59
CA ARG D 151 54.52 5.05 -2.70
C ARG D 151 55.63 5.78 -3.46
N ILE D 152 56.14 5.18 -4.53
CA ILE D 152 57.15 5.81 -5.38
C ILE D 152 56.57 6.05 -6.76
N VAL D 153 56.75 7.25 -7.29
CA VAL D 153 56.46 7.59 -8.67
C VAL D 153 57.68 8.30 -9.22
N GLU D 154 58.34 7.69 -10.19
CA GLU D 154 59.51 8.29 -10.83
C GLU D 154 59.18 8.66 -12.26
N ASN D 155 59.54 9.89 -12.63
CA ASN D 155 59.34 10.39 -13.98
C ASN D 155 60.66 10.28 -14.73
N HIS D 156 60.74 9.33 -15.65
CA HIS D 156 62.00 9.02 -16.33
C HIS D 156 62.52 10.18 -17.18
N VAL D 157 61.64 11.11 -17.55
CA VAL D 157 62.02 12.18 -18.46
C VAL D 157 62.85 13.24 -17.71
N THR D 158 62.25 13.89 -16.72
CA THR D 158 62.98 14.90 -15.96
C THR D 158 63.99 14.27 -15.00
N GLY D 159 63.62 13.19 -14.33
CA GLY D 159 64.42 12.59 -13.29
C GLY D 159 63.86 12.79 -11.90
N ASP D 160 62.80 13.59 -11.74
CA ASP D 160 62.21 13.86 -10.45
C ASP D 160 61.61 12.58 -9.85
N ILE D 161 61.46 12.57 -8.53
CA ILE D 161 60.83 11.45 -7.83
C ILE D 161 59.78 11.98 -6.87
N ILE D 162 58.68 11.24 -6.75
CA ILE D 162 57.61 11.52 -5.80
C ILE D 162 57.63 10.42 -4.75
N LEU D 163 57.70 10.82 -3.48
CA LEU D 163 57.65 9.88 -2.36
C LEU D 163 56.45 10.23 -1.50
N THR D 164 55.40 9.42 -1.56
CA THR D 164 54.31 9.50 -0.60
C THR D 164 54.40 8.21 0.20
N LEU D 165 54.93 8.30 1.41
CA LEU D 165 55.01 7.13 2.25
C LEU D 165 53.68 6.92 2.96
N ASP D 166 53.58 5.91 3.81
CA ASP D 166 52.31 5.65 4.49
C ASP D 166 52.13 6.65 5.61
N GLN D 167 51.05 7.43 5.55
CA GLN D 167 50.69 8.39 6.60
C GLN D 167 51.88 9.32 6.89
N GLU D 168 52.48 9.82 5.80
CA GLU D 168 53.76 10.50 5.80
C GLU D 168 53.70 11.71 4.86
N PRO D 169 54.35 12.80 5.22
CA PRO D 169 54.42 13.95 4.30
C PRO D 169 55.07 13.59 2.98
N LEU D 170 54.72 14.36 1.95
CA LEU D 170 55.21 14.13 0.60
C LEU D 170 56.50 14.92 0.38
N ARG D 171 57.57 14.20 0.08
CA ARG D 171 58.84 14.78 -0.35
C ARG D 171 58.98 14.58 -1.85
N ILE D 172 59.57 15.57 -2.52
CA ILE D 172 59.87 15.47 -3.94
C ILE D 172 61.36 15.66 -4.11
N PHE D 173 62.03 14.63 -4.61
CA PHE D 173 63.46 14.71 -4.87
C PHE D 173 63.66 15.35 -6.24
N LYS D 174 64.89 15.29 -6.73
CA LYS D 174 65.23 15.87 -8.01
C LYS D 174 65.95 14.84 -8.89
N SER D 175 67.06 14.29 -8.41
CA SER D 175 67.80 13.28 -9.15
C SER D 175 67.76 11.94 -8.43
N ARG D 176 68.01 10.88 -9.21
CA ARG D 176 68.17 9.54 -8.67
C ARG D 176 69.16 9.51 -7.50
N VAL D 177 70.25 10.26 -7.63
CA VAL D 177 71.30 10.21 -6.61
C VAL D 177 70.82 10.83 -5.30
N ASP D 178 70.10 11.95 -5.39
CA ASP D 178 69.55 12.58 -4.18
C ASP D 178 68.66 11.61 -3.42
N PHE D 179 67.95 10.74 -4.12
CA PHE D 179 67.14 9.72 -3.46
C PHE D 179 68.00 8.70 -2.74
N ILE D 180 69.10 8.27 -3.38
CA ILE D 180 70.00 7.27 -2.77
C ILE D 180 70.49 7.78 -1.42
N ARG D 181 71.00 9.02 -1.40
CA ARG D 181 71.51 9.60 -0.16
C ARG D 181 70.42 9.63 0.91
N PHE D 182 69.17 9.85 0.49
CA PHE D 182 68.06 9.82 1.43
C PHE D 182 67.83 8.43 1.99
N PHE D 183 68.18 7.40 1.22
CA PHE D 183 68.00 6.02 1.67
C PHE D 183 69.14 5.53 2.56
N LEU D 184 70.32 6.16 2.49
CA LEU D 184 71.37 5.87 3.44
C LEU D 184 71.24 6.69 4.72
N GLU D 185 70.48 7.79 4.68
CA GLU D 185 70.17 8.56 5.88
C GLU D 185 68.90 8.09 6.58
N ARG D 186 68.05 7.32 5.89
CA ARG D 186 66.87 6.75 6.53
C ARG D 186 67.20 5.48 7.30
N LEU D 187 68.23 4.73 6.90
CA LEU D 187 68.64 3.53 7.61
C LEU D 187 69.77 3.75 8.61
N ASP D 188 70.42 4.91 8.59
CA ASP D 188 71.60 5.20 9.41
C ASP D 188 72.66 4.10 9.31
N LEU D 189 73.16 3.92 8.09
CA LEU D 189 74.19 2.91 7.87
C LEU D 189 75.56 3.47 8.22
N ASP D 190 76.51 2.57 8.51
CA ASP D 190 77.87 3.02 8.64
C ASP D 190 78.42 3.30 7.25
N LEU D 191 78.76 4.56 7.01
CA LEU D 191 79.30 5.00 5.74
C LEU D 191 80.81 5.12 5.76
N ASP D 192 81.47 4.54 6.78
CA ASP D 192 82.93 4.61 6.89
C ASP D 192 83.62 4.37 5.56
N HIS D 193 83.24 3.29 4.87
CA HIS D 193 83.79 2.94 3.57
C HIS D 193 82.68 2.32 2.73
N ILE D 194 82.80 2.47 1.41
CA ILE D 194 81.74 2.08 0.50
C ILE D 194 82.36 1.34 -0.68
N LEU D 195 81.69 0.27 -1.12
CA LEU D 195 82.18 -0.60 -2.18
C LEU D 195 81.19 -0.59 -3.34
N PHE D 196 81.69 -0.43 -4.56
CA PHE D 196 80.83 -0.30 -5.72
C PHE D 196 81.52 -0.81 -6.98
N ASN D 197 80.73 -1.45 -7.85
CA ASN D 197 81.23 -2.15 -9.05
C ASN D 197 81.10 -1.39 -10.36
N SER D 198 80.60 -0.14 -10.36
CA SER D 198 80.41 0.53 -11.64
C SER D 198 80.67 2.03 -11.53
N LEU D 199 80.80 2.65 -12.70
CA LEU D 199 80.95 4.11 -12.85
C LEU D 199 79.60 4.82 -12.96
N ALA D 200 78.49 4.09 -12.75
CA ALA D 200 77.14 4.62 -12.77
C ALA D 200 76.81 5.31 -11.45
N TYR D 201 75.52 5.57 -11.23
CA TYR D 201 75.04 6.33 -10.07
C TYR D 201 75.71 5.87 -8.78
N SER D 202 75.93 4.55 -8.65
CA SER D 202 76.65 4.03 -7.48
C SER D 202 77.98 4.74 -7.29
N PHE D 203 78.73 4.92 -8.38
CA PHE D 203 79.93 5.74 -8.35
C PHE D 203 79.59 7.19 -8.03
N LEU D 204 78.45 7.68 -8.51
CA LEU D 204 78.13 9.09 -8.36
C LEU D 204 77.87 9.44 -6.91
N VAL D 205 77.24 8.54 -6.15
CA VAL D 205 77.00 8.81 -4.74
C VAL D 205 78.31 8.99 -4.00
N SER D 206 79.37 8.31 -4.45
CA SER D 206 80.71 8.57 -3.93
C SER D 206 81.15 9.99 -4.27
N HIS D 207 80.78 10.48 -5.45
CA HIS D 207 81.13 11.84 -5.84
C HIS D 207 80.30 12.87 -5.08
N SER D 208 79.08 12.52 -4.69
CA SER D 208 78.24 13.44 -3.92
C SER D 208 78.66 13.49 -2.46
N LEU D 209 79.27 12.43 -1.96
CA LEU D 209 79.68 12.28 -0.57
C LEU D 209 81.11 12.78 -0.34
N THR D 210 81.72 13.43 -1.34
CA THR D 210 83.14 13.72 -1.40
C THR D 210 83.72 14.24 -0.08
N GLY D 211 82.96 15.09 0.63
CA GLY D 211 83.47 15.64 1.88
C GLY D 211 83.48 14.64 3.02
N ARG D 212 82.56 13.68 3.02
CA ARG D 212 82.25 12.91 4.22
C ARG D 212 83.45 12.09 4.69
N ALA D 213 83.47 11.78 5.98
CA ALA D 213 84.58 11.05 6.57
C ALA D 213 84.59 9.62 6.06
N GLY D 214 85.69 9.24 5.42
CA GLY D 214 85.88 7.87 4.98
C GLY D 214 86.72 7.82 3.73
N GLN D 215 86.98 6.59 3.29
CA GLN D 215 87.56 6.34 1.98
C GLN D 215 86.85 5.16 1.35
N ASP D 216 86.73 5.20 0.03
CA ASP D 216 85.91 4.26 -0.72
C ASP D 216 86.73 3.57 -1.79
N ILE D 217 86.25 2.39 -2.21
CA ILE D 217 86.96 1.53 -3.15
C ILE D 217 86.01 1.12 -4.26
N LEU D 218 86.51 1.15 -5.49
CA LEU D 218 85.78 0.69 -6.65
C LEU D 218 86.35 -0.65 -7.12
N PHE D 219 85.50 -1.64 -7.27
CA PHE D 219 85.88 -2.91 -7.87
C PHE D 219 85.41 -2.84 -9.31
N TRP D 220 86.34 -2.65 -10.24
CA TRP D 220 85.96 -2.50 -11.64
C TRP D 220 86.04 -3.85 -12.34
N GLN D 221 84.97 -4.18 -13.06
CA GLN D 221 84.79 -5.49 -13.67
C GLN D 221 84.66 -5.39 -15.19
N GLU D 222 83.68 -4.64 -15.67
CA GLU D 222 83.30 -4.62 -17.08
C GLU D 222 84.53 -4.42 -17.97
N PRO D 223 84.58 -5.06 -19.13
CA PRO D 223 85.82 -5.07 -19.93
C PRO D 223 86.09 -3.76 -20.64
N LEU D 224 87.38 -3.50 -20.87
CA LEU D 224 87.90 -2.27 -21.44
C LEU D 224 88.53 -2.51 -22.80
N TYR D 225 88.55 -1.46 -23.63
CA TYR D 225 89.13 -1.69 -24.95
C TYR D 225 90.32 -0.77 -25.27
N ASP D 226 90.10 0.44 -25.81
CA ASP D 226 91.26 1.28 -26.14
C ASP D 226 91.41 2.56 -25.33
N GLU D 227 90.47 2.94 -24.47
CA GLU D 227 90.73 4.13 -23.66
C GLU D 227 89.93 4.06 -22.37
N LEU D 228 90.52 4.56 -21.29
CA LEU D 228 89.85 4.56 -20.00
C LEU D 228 88.73 5.59 -19.98
N PRO D 229 87.58 5.27 -19.37
CA PRO D 229 86.46 6.21 -19.36
C PRO D 229 86.82 7.50 -18.63
N GLY D 230 86.16 8.58 -19.05
CA GLY D 230 86.42 9.88 -18.44
C GLY D 230 86.07 9.95 -16.97
N ASN D 231 85.04 9.21 -16.55
CA ASN D 231 84.72 9.12 -15.13
C ASN D 231 85.72 8.25 -14.38
N MSE D 232 86.54 7.47 -15.08
CA MSE D 232 87.58 6.68 -14.44
C MSE D 232 88.83 7.52 -14.20
O MSE D 232 89.27 7.65 -13.06
CB MSE D 232 87.92 5.45 -15.28
CG MSE D 232 89.07 4.64 -14.68
SE MSE D 232 89.31 2.88 -15.48
CE MSE D 232 87.81 1.98 -14.63
N GLN D 233 89.42 8.07 -15.27
CA GLN D 233 90.58 8.94 -15.10
C GLN D 233 90.28 10.14 -14.23
N LEU D 234 89.02 10.35 -13.88
CA LEU D 234 88.65 11.40 -12.93
C LEU D 234 89.23 11.11 -11.54
N ILE D 235 89.25 9.84 -11.12
CA ILE D 235 89.88 9.50 -9.85
C ILE D 235 91.40 9.50 -9.97
N LEU D 236 91.93 9.41 -11.19
CA LEU D 236 93.36 9.33 -11.39
C LEU D 236 94.03 10.70 -11.39
N ASP D 237 93.36 11.73 -11.90
CA ASP D 237 93.89 13.09 -11.84
C ASP D 237 93.33 13.92 -10.69
N ASN D 238 92.41 13.36 -9.89
CA ASN D 238 91.95 14.01 -8.67
C ASN D 238 92.33 13.16 -7.47
N SER D 239 92.39 13.81 -6.31
CA SER D 239 92.86 13.23 -5.07
C SER D 239 91.77 13.16 -4.01
N GLN D 240 91.17 14.31 -3.69
CA GLN D 240 90.22 14.45 -2.58
C GLN D 240 89.19 13.34 -2.53
N LEU D 241 88.71 12.87 -3.70
CA LEU D 241 87.46 12.14 -3.81
C LEU D 241 87.42 10.92 -2.89
N ARG D 242 86.21 10.59 -2.41
CA ARG D 242 86.03 9.47 -1.49
C ARG D 242 86.70 8.21 -2.01
N THR D 243 86.48 7.88 -3.27
CA THR D 243 87.10 6.69 -3.85
C THR D 243 88.55 7.02 -4.14
N GLN D 244 89.48 6.34 -3.47
CA GLN D 244 90.90 6.50 -3.75
C GLN D 244 91.58 5.31 -4.43
N THR D 245 90.91 4.17 -4.61
CA THR D 245 91.61 2.99 -5.10
C THR D 245 90.70 2.14 -5.99
N ILE D 246 91.26 1.67 -7.11
CA ILE D 246 90.53 0.87 -8.09
C ILE D 246 91.04 -0.57 -8.00
N VAL D 247 90.13 -1.52 -7.77
CA VAL D 247 90.46 -2.94 -7.71
C VAL D 247 89.90 -3.62 -8.94
N ILE D 248 90.76 -4.34 -9.66
CA ILE D 248 90.37 -5.09 -10.86
C ILE D 248 90.61 -6.58 -10.62
N PRO D 249 89.57 -7.40 -10.45
CA PRO D 249 89.80 -8.84 -10.23
C PRO D 249 90.34 -9.56 -11.45
N ASP D 250 89.85 -9.27 -12.64
CA ASP D 250 90.32 -9.94 -13.84
C ASP D 250 91.68 -9.36 -14.24
N LEU D 251 92.67 -10.23 -14.41
CA LEU D 251 94.01 -9.73 -14.69
C LEU D 251 94.13 -9.20 -16.11
N ALA D 252 93.41 -9.82 -17.06
CA ALA D 252 93.44 -9.34 -18.44
C ALA D 252 93.11 -7.86 -18.52
N THR D 253 92.23 -7.39 -17.63
CA THR D 253 91.94 -5.96 -17.52
C THR D 253 93.03 -5.24 -16.72
N TYR D 254 93.44 -5.82 -15.58
CA TYR D 254 94.45 -5.17 -14.75
C TYR D 254 95.75 -4.96 -15.50
N GLU D 255 96.04 -5.81 -16.49
CA GLU D 255 97.23 -5.64 -17.31
C GLU D 255 97.05 -4.52 -18.33
N LYS D 256 95.89 -4.49 -18.98
CA LYS D 256 95.59 -3.41 -19.92
C LYS D 256 95.39 -2.08 -19.21
N ALA D 257 95.04 -2.11 -17.92
CA ALA D 257 94.75 -0.86 -17.20
C ALA D 257 96.02 -0.02 -17.03
N MSE D 258 97.08 -0.64 -16.52
CA MSE D 258 98.34 0.05 -16.30
C MSE D 258 99.03 0.33 -17.64
O MSE D 258 100.08 1.00 -17.69
CB MSE D 258 99.25 -0.77 -15.38
CG MSE D 258 98.75 -0.84 -13.94
SE MSE D 258 99.53 -2.30 -12.88
CE MSE D 258 101.37 -2.19 -13.48
N SER D 259 98.43 -0.15 -18.72
CA SER D 259 98.98 -0.03 -20.06
C SER D 259 98.50 1.22 -20.80
N LEU D 260 97.69 2.08 -20.17
CA LEU D 260 97.28 3.27 -20.90
C LEU D 260 97.89 4.55 -20.33
N ALA D 261 97.37 5.04 -19.21
CA ALA D 261 97.84 6.30 -18.66
C ALA D 261 99.06 6.07 -17.78
N ALA D 262 100.07 6.92 -17.95
CA ALA D 262 101.40 6.66 -17.42
C ALA D 262 101.54 7.15 -15.97
N ALA D 263 102.76 7.11 -15.47
CA ALA D 263 103.15 7.71 -14.19
C ALA D 263 102.36 7.05 -13.06
N ASP D 264 101.73 7.81 -12.17
CA ASP D 264 101.48 7.36 -10.81
C ASP D 264 100.34 6.36 -10.69
N GLN D 265 99.42 6.32 -11.66
CA GLN D 265 98.15 5.64 -11.47
C GLN D 265 98.30 4.18 -11.09
N GLN D 266 99.45 3.57 -11.39
CA GLN D 266 99.70 2.17 -11.08
C GLN D 266 99.75 1.90 -9.57
N GLN D 267 99.72 2.95 -8.73
CA GLN D 267 99.59 2.74 -7.29
C GLN D 267 98.16 2.37 -6.90
N LYS D 268 97.18 3.08 -7.45
CA LYS D 268 95.77 2.85 -7.13
C LYS D 268 95.13 1.81 -8.04
N PHE D 269 95.92 1.13 -8.87
CA PHE D 269 95.48 -0.09 -9.52
C PHE D 269 96.04 -1.27 -8.72
N LEU D 270 95.17 -1.96 -8.00
CA LEU D 270 95.50 -3.21 -7.32
C LEU D 270 94.91 -4.37 -8.10
N HIS D 271 95.18 -5.59 -7.63
CA HIS D 271 94.69 -6.77 -8.33
C HIS D 271 94.23 -7.79 -7.31
N LEU D 272 93.09 -8.40 -7.60
CA LEU D 272 92.43 -9.37 -6.74
C LEU D 272 91.81 -10.41 -7.65
N GLY D 273 90.89 -11.18 -7.08
CA GLY D 273 90.22 -12.22 -7.80
C GLY D 273 88.93 -12.47 -7.09
N TYR D 274 88.29 -13.58 -7.40
CA TYR D 274 87.07 -13.97 -6.70
C TYR D 274 87.25 -15.37 -6.12
N HIS D 275 87.21 -15.48 -4.80
CA HIS D 275 87.19 -16.79 -4.15
C HIS D 275 85.77 -17.31 -4.23
N TYR D 276 85.58 -18.40 -4.94
CA TYR D 276 84.27 -18.90 -5.28
C TYR D 276 83.77 -19.78 -4.15
N ASP D 277 82.67 -20.48 -4.37
CA ASP D 277 82.38 -21.72 -3.64
C ASP D 277 82.25 -22.82 -4.69
N PHE D 278 83.23 -23.71 -4.74
CA PHE D 278 83.10 -24.89 -5.57
C PHE D 278 82.14 -25.87 -4.90
N LYS D 279 81.27 -26.47 -5.72
CA LYS D 279 80.20 -27.29 -5.17
C LYS D 279 80.58 -28.75 -5.01
N ARG D 280 81.71 -29.20 -5.58
CA ARG D 280 82.08 -30.61 -5.54
C ARG D 280 83.43 -30.78 -6.22
N ASP D 281 84.04 -31.96 -6.02
CA ASP D 281 85.33 -32.28 -6.60
C ASP D 281 85.14 -33.03 -7.94
N ASN D 282 86.25 -33.32 -8.63
CA ASN D 282 86.12 -33.80 -10.02
C ASN D 282 85.79 -35.29 -10.11
N TYR D 283 86.56 -36.15 -9.44
CA TYR D 283 86.41 -37.61 -9.37
C TYR D 283 86.86 -38.35 -10.64
N LEU D 284 87.22 -37.65 -11.72
CA LEU D 284 87.94 -38.24 -12.85
C LEU D 284 87.18 -39.39 -13.52
N ARG D 285 85.87 -39.27 -13.60
CA ARG D 285 85.12 -40.27 -14.34
C ARG D 285 85.31 -40.08 -15.84
N LYS D 286 84.95 -41.13 -16.57
CA LYS D 286 85.07 -41.18 -18.02
C LYS D 286 83.85 -40.58 -18.72
N ASP D 287 82.99 -39.90 -17.99
CA ASP D 287 81.69 -39.45 -18.49
C ASP D 287 81.72 -37.94 -18.73
N ALA D 288 81.19 -37.51 -19.89
CA ALA D 288 81.29 -36.12 -20.35
C ALA D 288 79.92 -35.57 -20.79
N LEU D 289 79.89 -34.28 -21.14
CA LEU D 289 78.64 -33.56 -21.36
C LEU D 289 78.84 -32.39 -22.34
N ILE D 290 77.82 -32.15 -23.18
CA ILE D 290 77.65 -30.89 -23.93
C ILE D 290 76.16 -30.54 -23.91
N LEU D 291 75.85 -29.28 -23.60
CA LEU D 291 74.47 -28.80 -23.59
C LEU D 291 74.22 -28.01 -24.87
N THR D 292 73.10 -28.30 -25.52
CA THR D 292 72.85 -27.83 -26.88
C THR D 292 71.42 -27.34 -27.01
N HIS D 293 71.24 -26.05 -27.31
CA HIS D 293 69.95 -25.52 -27.75
C HIS D 293 69.78 -25.67 -29.25
N SER D 294 70.86 -25.93 -29.97
CA SER D 294 70.84 -25.97 -31.43
C SER D 294 71.63 -27.17 -31.91
N ASP D 295 70.95 -28.12 -32.54
CA ASP D 295 71.63 -29.16 -33.28
C ASP D 295 72.13 -28.41 -34.51
N GLN D 296 73.43 -28.44 -34.83
CA GLN D 296 74.42 -29.37 -34.27
C GLN D 296 75.61 -28.76 -33.55
N ILE D 297 76.54 -29.65 -33.21
CA ILE D 297 77.71 -29.36 -32.41
C ILE D 297 78.91 -29.71 -33.27
N GLU D 298 79.73 -28.71 -33.62
CA GLU D 298 80.77 -28.95 -34.62
C GLU D 298 81.86 -29.88 -34.09
N GLY D 299 82.65 -30.41 -35.01
CA GLY D 299 83.75 -31.28 -34.63
C GLY D 299 83.31 -32.58 -34.01
N LEU D 300 82.02 -32.76 -33.77
CA LEU D 300 81.53 -33.86 -32.95
C LEU D 300 81.79 -35.20 -33.60
N ASP D 301 81.41 -35.34 -34.89
CA ASP D 301 81.48 -36.63 -35.56
C ASP D 301 82.90 -37.21 -35.49
N THR D 302 83.90 -36.34 -35.37
CA THR D 302 85.27 -36.80 -35.18
C THR D 302 85.47 -37.46 -33.82
N LEU D 303 85.15 -36.72 -32.75
CA LEU D 303 85.63 -37.09 -31.43
C LEU D 303 85.02 -38.39 -30.91
N VAL D 304 83.86 -38.79 -31.43
CA VAL D 304 83.22 -40.00 -30.93
C VAL D 304 84.07 -41.22 -31.28
N GLN D 305 84.39 -41.38 -32.55
CA GLN D 305 85.27 -42.47 -32.96
C GLN D 305 86.68 -42.32 -32.41
N SER D 306 87.03 -41.14 -31.89
CA SER D 306 88.41 -40.87 -31.48
C SER D 306 88.73 -41.51 -30.13
N LEU D 307 87.82 -41.42 -29.17
CA LEU D 307 88.02 -41.97 -27.84
C LEU D 307 86.82 -42.84 -27.49
N PRO D 308 86.79 -44.08 -27.97
CA PRO D 308 85.70 -44.99 -27.61
C PRO D 308 85.67 -45.36 -26.15
N GLN D 309 86.77 -45.07 -25.43
CA GLN D 309 86.82 -45.31 -23.99
C GLN D 309 85.71 -44.58 -23.24
N LEU D 310 85.24 -43.45 -23.78
CA LEU D 310 84.41 -42.53 -23.02
C LEU D 310 83.00 -42.41 -23.61
N VAL D 311 82.16 -41.65 -22.91
CA VAL D 311 80.73 -41.52 -23.20
C VAL D 311 80.39 -40.05 -23.32
N PHE D 312 79.56 -39.73 -24.32
CA PHE D 312 79.08 -38.37 -24.53
C PHE D 312 77.61 -38.29 -24.12
N ARG D 313 77.32 -37.42 -23.15
CA ARG D 313 75.96 -37.10 -22.77
C ARG D 313 75.66 -35.71 -23.33
N ILE D 314 74.81 -35.64 -24.34
CA ILE D 314 74.39 -34.38 -24.91
C ILE D 314 72.87 -34.39 -24.97
N ALA D 315 72.26 -33.24 -24.71
CA ALA D 315 70.83 -33.19 -24.50
C ALA D 315 70.31 -31.79 -24.79
N ALA D 316 69.00 -31.73 -25.05
CA ALA D 316 68.18 -30.54 -24.93
C ALA D 316 66.82 -30.97 -24.43
N LEU D 317 66.26 -30.23 -23.48
CA LEU D 317 64.85 -30.45 -23.17
C LEU D 317 63.96 -30.08 -24.35
N THR D 318 64.52 -29.38 -25.35
CA THR D 318 63.88 -29.19 -26.63
C THR D 318 63.80 -30.51 -27.39
N GLU D 319 62.92 -30.55 -28.38
CA GLU D 319 62.84 -31.71 -29.26
C GLU D 319 64.16 -31.90 -30.00
N MSE D 320 64.64 -33.14 -30.07
CA MSE D 320 65.89 -33.45 -30.74
C MSE D 320 65.71 -33.57 -32.25
O MSE D 320 64.73 -34.15 -32.72
CB MSE D 320 66.50 -34.74 -30.19
CG MSE D 320 66.89 -34.70 -28.72
SE MSE D 320 68.44 -35.86 -28.43
CE MSE D 320 69.79 -34.49 -28.16
N SER D 321 66.67 -33.03 -33.00
CA SER D 321 66.59 -33.10 -34.45
C SER D 321 66.94 -34.51 -34.91
N PRO D 322 66.32 -35.01 -35.99
CA PRO D 322 66.60 -36.40 -36.43
C PRO D 322 68.02 -36.60 -36.93
N LYS D 323 68.75 -35.54 -37.25
CA LYS D 323 70.11 -35.68 -37.76
C LYS D 323 71.09 -36.08 -36.66
N LEU D 324 70.84 -35.66 -35.43
CA LEU D 324 71.65 -36.05 -34.28
C LEU D 324 71.28 -37.41 -33.70
N LEU D 325 70.07 -37.91 -33.98
CA LEU D 325 69.71 -39.26 -33.55
C LEU D 325 70.42 -40.32 -34.37
N SER D 326 70.89 -39.98 -35.57
CA SER D 326 71.69 -40.92 -36.37
C SER D 326 73.00 -41.27 -35.68
N MSE D 327 73.52 -40.37 -34.85
CA MSE D 327 74.78 -40.59 -34.14
C MSE D 327 74.62 -41.62 -33.03
O MSE D 327 75.60 -42.23 -32.59
CB MSE D 327 75.30 -39.27 -33.56
CG MSE D 327 75.35 -38.12 -34.56
SE MSE D 327 77.02 -38.01 -35.58
CE MSE D 327 76.79 -36.22 -36.38
N LEU D 328 73.38 -41.81 -32.57
CA LEU D 328 73.12 -42.74 -31.49
C LEU D 328 73.57 -44.15 -31.84
N SER D 329 73.65 -44.48 -33.13
CA SER D 329 74.12 -45.79 -33.57
C SER D 329 75.59 -46.03 -33.25
N TYR D 330 76.29 -45.01 -32.76
CA TYR D 330 77.57 -45.20 -32.12
C TYR D 330 77.24 -45.47 -30.66
N LYS D 331 77.44 -46.70 -30.18
CA LYS D 331 77.03 -46.93 -28.80
C LYS D 331 78.26 -46.80 -27.91
N ASN D 332 78.68 -45.55 -27.76
CA ASN D 332 79.16 -44.95 -26.52
C ASN D 332 78.34 -43.74 -26.10
N VAL D 333 77.31 -43.35 -26.85
CA VAL D 333 76.64 -42.06 -26.69
C VAL D 333 75.19 -42.28 -26.29
N VAL D 334 74.78 -41.68 -25.18
CA VAL D 334 73.39 -41.67 -24.74
C VAL D 334 72.88 -40.24 -24.88
N LEU D 335 71.62 -40.10 -25.26
CA LEU D 335 70.99 -38.80 -25.43
C LEU D 335 69.83 -38.66 -24.45
N TYR D 336 69.82 -37.55 -23.72
CA TYR D 336 68.77 -37.23 -22.77
C TYR D 336 67.84 -36.19 -23.39
N GLN D 337 66.57 -36.23 -23.00
CA GLN D 337 65.60 -35.34 -23.64
C GLN D 337 64.52 -34.94 -22.65
N ASN D 338 64.10 -33.68 -22.74
CA ASN D 338 63.00 -33.11 -21.93
C ASN D 338 63.27 -33.31 -20.43
N ALA D 339 64.27 -32.56 -19.96
CA ALA D 339 64.86 -32.76 -18.65
C ALA D 339 64.18 -31.95 -17.57
N SER D 340 63.90 -32.60 -16.44
CA SER D 340 63.41 -31.92 -15.26
C SER D 340 64.42 -30.89 -14.79
N LEU D 341 63.91 -29.80 -14.20
CA LEU D 341 64.81 -28.79 -13.67
C LEU D 341 65.61 -29.31 -12.46
N LYS D 342 65.28 -30.48 -11.90
CA LYS D 342 66.28 -31.21 -11.14
C LYS D 342 66.99 -32.31 -11.94
N GLN D 343 66.50 -32.67 -13.14
CA GLN D 343 67.13 -33.75 -13.91
C GLN D 343 68.16 -33.23 -14.93
N ILE D 344 68.23 -31.93 -15.16
CA ILE D 344 69.36 -31.39 -15.90
C ILE D 344 70.63 -31.60 -15.09
N GLU D 345 70.58 -31.31 -13.80
CA GLU D 345 71.72 -31.47 -12.90
C GLU D 345 72.07 -32.93 -12.66
N GLN D 346 71.23 -33.87 -13.11
CA GLN D 346 71.63 -35.28 -13.12
C GLN D 346 72.91 -35.47 -13.92
N LEU D 347 73.03 -34.79 -15.06
CA LEU D 347 74.25 -34.88 -15.85
C LEU D 347 75.40 -34.13 -15.19
N TYR D 348 75.14 -32.91 -14.72
CA TYR D 348 76.16 -32.18 -13.98
C TYR D 348 76.56 -32.89 -12.69
N LEU D 349 75.79 -33.86 -12.22
CA LEU D 349 76.24 -34.70 -11.14
C LEU D 349 77.14 -35.84 -11.62
N GLU D 350 76.78 -36.52 -12.71
CA GLU D 350 77.54 -37.68 -13.19
C GLU D 350 78.51 -37.37 -14.33
N SER D 351 78.66 -36.11 -14.74
CA SER D 351 79.65 -35.74 -15.76
C SER D 351 80.74 -34.88 -15.13
N ASP D 352 81.99 -35.21 -15.42
CA ASP D 352 83.13 -34.41 -14.99
C ASP D 352 83.69 -33.54 -16.10
N ILE D 353 83.16 -33.65 -17.32
CA ILE D 353 83.75 -32.98 -18.48
C ILE D 353 82.65 -32.26 -19.24
N TYR D 354 82.85 -30.98 -19.50
CA TYR D 354 81.99 -30.24 -20.42
C TYR D 354 82.81 -29.65 -21.56
N LEU D 355 82.26 -29.75 -22.75
CA LEU D 355 82.90 -29.30 -23.97
C LEU D 355 81.99 -28.27 -24.64
N ASP D 356 82.48 -27.04 -24.79
CA ASP D 356 81.72 -26.07 -25.59
C ASP D 356 82.19 -26.25 -27.02
N ILE D 357 81.50 -27.10 -27.76
CA ILE D 357 81.48 -27.06 -29.20
C ILE D 357 80.13 -26.64 -29.74
N ASN D 358 79.18 -26.41 -28.85
CA ASN D 358 77.82 -26.02 -29.21
C ASN D 358 77.85 -24.82 -30.14
N HIS D 359 76.94 -24.77 -31.12
CA HIS D 359 76.91 -23.61 -32.01
C HIS D 359 75.91 -22.53 -31.64
N GLY D 360 74.98 -22.80 -30.72
CA GLY D 360 73.91 -21.89 -30.42
C GLY D 360 74.06 -21.23 -29.07
N GLY D 361 72.96 -20.62 -28.63
CA GLY D 361 72.98 -19.95 -27.34
C GLY D 361 73.28 -20.92 -26.21
N GLN D 362 74.14 -20.47 -25.30
CA GLN D 362 74.28 -21.14 -24.02
C GLN D 362 72.92 -21.23 -23.37
N VAL D 363 72.54 -22.43 -22.95
CA VAL D 363 71.28 -22.59 -22.24
C VAL D 363 71.57 -22.50 -20.75
N LEU D 364 70.71 -21.80 -20.02
CA LEU D 364 70.70 -21.85 -18.58
C LEU D 364 72.03 -21.41 -17.98
N GLN D 365 72.81 -20.63 -18.73
CA GLN D 365 74.20 -20.32 -18.40
C GLN D 365 75.00 -21.61 -18.16
N ALA D 366 75.20 -22.33 -19.26
CA ALA D 366 75.72 -23.70 -19.15
C ALA D 366 77.19 -23.72 -18.73
N VAL D 367 78.01 -22.84 -19.32
CA VAL D 367 79.43 -22.83 -19.02
C VAL D 367 79.67 -22.56 -17.54
N ARG D 368 78.85 -21.68 -16.95
CA ARG D 368 79.07 -21.28 -15.57
C ARG D 368 78.73 -22.39 -14.59
N LYS D 369 77.62 -23.10 -14.82
CA LYS D 369 77.23 -24.18 -13.91
C LYS D 369 78.26 -25.32 -13.93
N ALA D 370 78.97 -25.48 -15.05
CA ALA D 370 80.08 -26.43 -15.09
C ALA D 370 81.25 -25.94 -14.25
N PHE D 371 81.54 -24.64 -14.30
CA PHE D 371 82.66 -24.09 -13.53
C PHE D 371 82.44 -24.27 -12.04
N GLU D 372 81.25 -23.94 -11.54
CA GLU D 372 80.97 -24.08 -10.12
C GLU D 372 81.09 -25.53 -9.68
N ASN D 373 80.81 -26.46 -10.58
CA ASN D 373 80.91 -27.89 -10.34
C ASN D 373 82.23 -28.49 -10.80
N ASN D 374 83.19 -27.67 -11.26
CA ASN D 374 84.56 -28.06 -11.55
C ASN D 374 84.68 -28.89 -12.83
N LEU D 375 83.58 -29.16 -13.53
CA LEU D 375 83.66 -29.89 -14.78
C LEU D 375 84.67 -29.24 -15.69
N LEU D 376 85.65 -30.00 -16.14
CA LEU D 376 86.72 -29.42 -16.94
C LEU D 376 86.15 -28.96 -18.27
N ILE D 377 86.43 -27.71 -18.62
CA ILE D 377 85.84 -27.06 -19.78
C ILE D 377 86.88 -27.05 -20.89
N LEU D 378 86.48 -27.56 -22.06
CA LEU D 378 87.35 -27.70 -23.20
C LEU D 378 86.54 -27.36 -24.44
N GLY D 379 87.14 -26.65 -25.39
CA GLY D 379 86.36 -26.26 -26.54
C GLY D 379 87.20 -25.70 -27.66
N PHE D 380 86.50 -25.05 -28.59
CA PHE D 380 87.07 -24.49 -29.80
C PHE D 380 86.92 -22.97 -29.80
N GLU D 381 87.36 -22.34 -30.89
CA GLU D 381 87.07 -20.94 -31.11
C GLU D 381 85.58 -20.69 -31.20
N GLN D 382 84.82 -21.74 -31.50
CA GLN D 382 83.37 -21.72 -31.57
C GLN D 382 82.73 -21.96 -30.22
N THR D 383 83.47 -21.72 -29.14
CA THR D 383 82.93 -21.83 -27.80
C THR D 383 81.77 -20.86 -27.59
N LEU D 384 81.20 -20.86 -26.39
CA LEU D 384 80.03 -20.03 -26.12
C LEU D 384 80.39 -18.97 -25.10
N HIS D 385 79.40 -18.14 -24.79
CA HIS D 385 79.52 -17.20 -23.69
C HIS D 385 78.93 -17.88 -22.45
N ASP D 386 79.56 -17.69 -21.30
CA ASP D 386 80.73 -16.83 -21.19
C ASP D 386 82.04 -17.59 -21.37
N ARG D 387 82.92 -17.03 -22.18
CA ARG D 387 84.28 -17.53 -22.36
C ARG D 387 85.20 -17.04 -21.25
N HIS D 388 84.64 -16.36 -20.25
CA HIS D 388 85.40 -15.96 -19.06
C HIS D 388 86.11 -17.14 -18.42
N TYR D 389 85.37 -18.22 -18.11
CA TYR D 389 86.01 -19.32 -17.39
C TYR D 389 86.27 -20.41 -18.42
N ILE D 390 87.42 -20.30 -19.09
CA ILE D 390 88.05 -21.35 -19.87
C ILE D 390 89.51 -20.96 -20.10
N ALA D 391 90.44 -21.87 -19.86
CA ALA D 391 91.84 -21.49 -20.03
C ALA D 391 92.21 -21.54 -21.50
N GLN D 392 93.14 -20.67 -21.91
CA GLN D 392 93.53 -20.63 -23.31
C GLN D 392 94.10 -21.97 -23.76
N GLN D 393 94.83 -22.65 -22.86
CA GLN D 393 95.43 -23.93 -23.22
C GLN D 393 94.39 -24.97 -23.60
N HIS D 394 93.17 -24.84 -23.07
CA HIS D 394 92.08 -25.76 -23.36
C HIS D 394 91.19 -25.27 -24.51
N ILE D 395 91.49 -24.10 -25.09
CA ILE D 395 90.76 -23.55 -26.23
C ILE D 395 91.46 -24.00 -27.51
N PHE D 396 90.68 -24.30 -28.54
CA PHE D 396 91.25 -24.87 -29.74
C PHE D 396 90.52 -24.35 -30.98
N ASP D 397 90.81 -24.98 -32.10
CA ASP D 397 90.53 -24.42 -33.42
C ASP D 397 89.07 -24.65 -33.80
N SER D 398 88.56 -23.79 -34.69
CA SER D 398 87.13 -23.82 -35.03
C SER D 398 86.96 -24.80 -36.19
N SER D 399 86.41 -25.98 -35.85
CA SER D 399 86.29 -27.14 -36.73
C SER D 399 87.63 -27.72 -37.15
N GLN D 400 88.73 -26.97 -36.96
CA GLN D 400 90.06 -27.38 -37.40
C GLN D 400 90.57 -28.45 -36.42
N PRO D 401 91.87 -28.98 -36.52
CA PRO D 401 92.15 -30.28 -35.87
C PRO D 401 91.71 -30.39 -34.42
N ALA D 402 90.90 -31.41 -34.14
CA ALA D 402 90.23 -31.57 -32.86
C ALA D 402 90.89 -32.57 -31.92
N GLN D 403 91.89 -33.32 -32.37
CA GLN D 403 92.44 -34.36 -31.52
C GLN D 403 93.63 -33.90 -30.70
N LEU D 404 94.14 -32.69 -30.91
CA LEU D 404 94.98 -32.08 -29.89
C LEU D 404 94.18 -31.92 -28.61
N ALA D 405 92.92 -31.47 -28.71
CA ALA D 405 92.03 -31.45 -27.56
C ALA D 405 91.78 -32.83 -26.99
N SER D 406 91.99 -33.88 -27.79
CA SER D 406 91.77 -35.24 -27.31
C SER D 406 92.93 -35.71 -26.43
N ILE D 407 94.10 -35.93 -27.04
CA ILE D 407 95.24 -36.52 -26.34
C ILE D 407 95.72 -35.60 -25.22
N LEU D 408 95.34 -34.32 -25.25
CA LEU D 408 95.60 -33.42 -24.13
C LEU D 408 94.60 -33.62 -23.01
N GLU D 409 93.33 -33.81 -23.35
CA GLU D 409 92.34 -34.23 -22.36
C GLU D 409 92.58 -35.66 -21.91
N GLU D 410 92.85 -36.55 -22.86
CA GLU D 410 93.24 -37.92 -22.56
C GLU D 410 94.36 -37.95 -21.54
N ALA D 411 95.24 -36.93 -21.56
CA ALA D 411 96.31 -36.83 -20.58
C ALA D 411 95.79 -36.70 -19.16
N LEU D 412 94.49 -36.45 -18.95
CA LEU D 412 94.00 -36.48 -17.58
C LEU D 412 93.32 -37.83 -17.40
N CYS D 413 94.14 -38.82 -17.08
CA CYS D 413 93.73 -40.06 -16.45
C CYS D 413 94.24 -40.18 -15.02
N GLY D 414 95.13 -39.29 -14.58
CA GLY D 414 95.64 -39.34 -13.22
C GLY D 414 95.06 -38.23 -12.38
N VAL D 415 95.21 -38.32 -11.07
CA VAL D 415 94.64 -37.31 -10.19
C VAL D 415 95.49 -36.04 -10.20
N GLU D 416 96.82 -36.21 -10.23
CA GLU D 416 97.71 -35.07 -10.35
C GLU D 416 97.52 -34.36 -11.68
N GLN D 417 97.09 -35.08 -12.70
CA GLN D 417 96.91 -34.49 -14.03
C GLN D 417 95.73 -33.53 -14.04
N MSE D 418 94.55 -34.00 -13.65
CA MSE D 418 93.36 -33.16 -13.58
C MSE D 418 93.53 -31.97 -12.65
O MSE D 418 93.11 -30.86 -12.98
CB MSE D 418 92.14 -34.00 -13.18
CG MSE D 418 90.83 -33.22 -13.06
SE MSE D 418 90.00 -32.47 -14.67
CE MSE D 418 89.42 -34.10 -15.56
N ARG D 419 94.15 -32.21 -11.49
CA ARG D 419 94.35 -31.12 -10.53
C ARG D 419 95.17 -29.99 -11.14
N SER D 420 96.28 -30.34 -11.79
CA SER D 420 97.10 -29.30 -12.43
C SER D 420 96.39 -28.69 -13.63
N ALA D 421 95.57 -29.45 -14.34
CA ALA D 421 94.88 -28.92 -15.50
C ALA D 421 93.72 -28.02 -15.10
N LEU D 422 93.12 -28.27 -13.94
CA LEU D 422 92.01 -27.44 -13.48
C LEU D 422 92.48 -26.05 -13.06
N GLN D 423 93.64 -25.97 -12.42
CA GLN D 423 94.06 -24.70 -11.83
C GLN D 423 94.30 -23.63 -12.89
N ALA D 424 94.76 -24.03 -14.07
CA ALA D 424 94.83 -23.08 -15.18
C ALA D 424 93.45 -22.51 -15.48
N GLN D 425 92.49 -23.40 -15.74
CA GLN D 425 91.09 -23.00 -15.84
C GLN D 425 90.60 -22.36 -14.56
N GLY D 426 91.10 -22.81 -13.41
CA GLY D 426 90.67 -22.23 -12.15
C GLY D 426 91.00 -20.75 -12.04
N ARG D 427 92.22 -20.38 -12.39
CA ARG D 427 92.65 -18.99 -12.27
C ARG D 427 92.47 -18.21 -13.57
N HIS D 428 91.92 -18.80 -14.62
CA HIS D 428 91.46 -18.00 -15.75
C HIS D 428 90.56 -16.87 -15.25
N ALA D 429 89.59 -17.22 -14.43
CA ALA D 429 88.67 -16.27 -13.83
C ALA D 429 89.23 -15.69 -12.55
N ASN D 430 90.50 -15.97 -12.25
CA ASN D 430 91.23 -15.36 -11.15
C ASN D 430 90.70 -15.83 -9.79
N ASP D 431 90.36 -17.11 -9.70
CA ASP D 431 90.10 -17.71 -8.38
C ASP D 431 91.31 -17.49 -7.49
N VAL D 432 91.06 -17.00 -6.29
CA VAL D 432 92.13 -16.73 -5.34
C VAL D 432 91.74 -17.31 -3.99
N PRO D 433 92.71 -17.62 -3.13
CA PRO D 433 92.36 -18.05 -1.78
C PRO D 433 91.85 -16.87 -0.96
N VAL D 434 91.02 -17.18 0.05
CA VAL D 434 90.47 -16.16 0.92
C VAL D 434 91.57 -15.41 1.67
N SER D 435 92.80 -15.97 1.68
CA SER D 435 93.91 -15.28 2.31
C SER D 435 94.24 -13.98 1.57
N LEU D 436 94.29 -14.04 0.24
CA LEU D 436 94.68 -12.88 -0.54
C LEU D 436 93.72 -11.71 -0.34
N TYR D 437 92.44 -12.00 -0.07
CA TYR D 437 91.50 -10.92 0.22
C TYR D 437 91.78 -10.29 1.57
N GLN D 438 92.18 -11.10 2.56
CA GLN D 438 92.50 -10.53 3.86
C GLN D 438 93.65 -9.54 3.75
N GLU D 439 94.72 -9.92 3.05
CA GLU D 439 95.88 -9.06 2.89
C GLU D 439 95.52 -7.78 2.14
N THR D 440 94.96 -7.93 0.94
CA THR D 440 94.73 -6.79 0.06
C THR D 440 93.70 -5.81 0.63
N LEU D 441 92.70 -6.32 1.35
CA LEU D 441 91.66 -5.48 1.93
C LEU D 441 91.89 -5.18 3.40
N GLN D 442 93.01 -5.62 3.98
CA GLN D 442 93.35 -5.24 5.36
C GLN D 442 93.74 -3.77 5.47
N SER D 443 94.23 -3.18 4.37
CA SER D 443 94.72 -1.80 4.38
C SER D 443 93.64 -0.79 4.77
N LEU D 444 92.37 -1.11 4.59
CA LEU D 444 91.26 -0.25 4.95
C LEU D 444 90.69 -0.75 6.27
N LEU D 445 89.66 -0.06 6.79
CA LEU D 445 89.10 -0.45 8.07
C LEU D 445 88.64 -1.90 8.03
N GLY D 446 88.95 -2.66 9.08
CA GLY D 446 88.72 -4.09 9.09
C GLY D 446 87.82 -4.62 10.19
N SER E 1 -66.11 -22.37 41.03
CA SER E 1 -64.73 -22.30 41.48
C SER E 1 -63.75 -22.77 40.41
N THR E 2 -62.47 -22.42 40.56
CA THR E 2 -61.45 -22.81 39.61
C THR E 2 -60.12 -23.04 40.33
N VAL E 3 -59.22 -23.73 39.65
CA VAL E 3 -57.87 -23.99 40.14
C VAL E 3 -56.89 -23.69 39.01
N TYR E 4 -56.03 -22.70 39.22
CA TYR E 4 -55.07 -22.26 38.23
C TYR E 4 -53.68 -22.72 38.63
N ASN E 5 -52.94 -23.29 37.66
CA ASN E 5 -51.57 -23.74 37.85
C ASN E 5 -50.68 -23.01 36.85
N ILE E 6 -49.80 -22.14 37.35
CA ILE E 6 -48.98 -21.27 36.52
C ILE E 6 -47.65 -21.96 36.21
N ASN E 7 -47.32 -22.05 34.93
CA ASN E 7 -46.11 -22.72 34.48
C ASN E 7 -45.46 -21.90 33.37
N LEU E 8 -44.17 -22.14 33.17
CA LEU E 8 -43.37 -21.31 32.25
C LEU E 8 -43.41 -21.85 30.82
N GLY E 9 -42.81 -23.01 30.57
CA GLY E 9 -42.70 -23.50 29.20
C GLY E 9 -42.66 -25.00 29.04
N ILE E 10 -42.80 -25.43 27.77
CA ILE E 10 -42.94 -26.83 27.36
C ILE E 10 -42.17 -27.07 26.07
N GLY E 11 -41.77 -28.33 25.85
CA GLY E 11 -41.25 -28.81 24.59
C GLY E 11 -41.50 -30.30 24.46
N TRP E 12 -41.06 -30.87 23.33
CA TRP E 12 -41.16 -32.32 23.16
C TRP E 12 -40.30 -33.09 24.16
N ALA E 13 -39.23 -32.48 24.67
CA ALA E 13 -38.49 -33.03 25.81
C ALA E 13 -38.71 -32.07 26.97
N SER E 14 -39.52 -32.48 27.94
CA SER E 14 -39.90 -31.63 29.06
C SER E 14 -39.32 -32.18 30.36
N SER E 15 -39.55 -31.46 31.45
CA SER E 15 -38.94 -31.76 32.75
C SER E 15 -40.02 -32.09 33.79
N GLY E 16 -39.58 -32.38 35.02
CA GLY E 16 -40.50 -32.79 36.06
C GLY E 16 -41.52 -31.71 36.40
N VAL E 17 -41.07 -30.45 36.48
CA VAL E 17 -41.99 -29.34 36.73
C VAL E 17 -43.15 -29.39 35.75
N GLU E 18 -42.84 -29.67 34.48
CA GLU E 18 -43.89 -29.89 33.49
C GLU E 18 -44.68 -31.16 33.80
N TYR E 19 -43.98 -32.29 33.90
CA TYR E 19 -44.65 -33.57 34.16
C TYR E 19 -45.42 -33.56 35.47
N ALA E 20 -44.93 -32.83 36.48
CA ALA E 20 -45.67 -32.70 37.72
C ALA E 20 -47.09 -32.19 37.46
N GLN E 21 -47.18 -31.06 36.76
CA GLN E 21 -48.48 -30.48 36.43
C GLN E 21 -49.33 -31.40 35.58
N ALA E 22 -48.71 -32.30 34.82
CA ALA E 22 -49.48 -33.21 33.99
C ALA E 22 -50.33 -34.15 34.85
N TYR E 23 -49.68 -34.88 35.76
CA TYR E 23 -50.40 -35.83 36.61
C TYR E 23 -51.38 -35.12 37.52
N ARG E 24 -51.08 -33.86 37.88
CA ARG E 24 -51.95 -33.07 38.73
C ARG E 24 -53.27 -32.72 38.03
N ALA E 25 -53.29 -32.68 36.70
CA ALA E 25 -54.53 -32.48 35.97
C ALA E 25 -55.35 -33.76 35.83
N GLN E 26 -54.71 -34.92 35.94
CA GLN E 26 -55.46 -36.17 36.01
C GLN E 26 -56.08 -36.36 37.39
N ILE E 27 -55.36 -35.96 38.44
CA ILE E 27 -55.90 -36.04 39.78
C ILE E 27 -57.10 -35.11 39.93
N LEU E 28 -56.97 -33.86 39.47
CA LEU E 28 -58.09 -32.92 39.54
C LEU E 28 -59.29 -33.40 38.75
N ARG E 29 -59.06 -34.15 37.67
CA ARG E 29 -60.18 -34.67 36.89
C ARG E 29 -60.96 -35.71 37.67
N ARG E 30 -60.28 -36.53 38.48
CA ARG E 30 -60.98 -37.48 39.33
C ARG E 30 -61.85 -36.76 40.35
N ILE E 31 -61.26 -35.84 41.12
CA ILE E 31 -62.00 -35.02 42.07
C ILE E 31 -63.00 -34.10 41.38
N GLN E 32 -62.93 -34.01 40.05
CA GLN E 32 -63.84 -33.18 39.24
C GLN E 32 -63.79 -31.71 39.69
N GLN E 33 -62.67 -31.30 40.22
CA GLN E 33 -62.47 -29.91 40.58
C GLN E 33 -61.96 -29.15 39.37
N PRO E 34 -62.61 -28.05 38.99
CA PRO E 34 -62.23 -27.35 37.75
C PRO E 34 -60.74 -27.01 37.74
N ALA E 35 -60.14 -27.11 36.56
CA ALA E 35 -58.71 -26.85 36.46
C ALA E 35 -58.42 -26.12 35.17
N LYS E 36 -57.38 -25.30 35.22
CA LYS E 36 -56.83 -24.62 34.08
C LYS E 36 -55.32 -24.59 34.29
N PHE E 37 -54.56 -24.82 33.22
CA PHE E 37 -53.11 -24.75 33.28
C PHE E 37 -52.61 -23.70 32.30
N ILE E 38 -51.73 -22.84 32.78
CA ILE E 38 -51.37 -21.60 32.09
C ILE E 38 -49.87 -21.63 31.81
N PHE E 39 -49.49 -21.25 30.59
CA PHE E 39 -48.08 -21.27 30.20
C PHE E 39 -47.67 -19.91 29.64
N MSE E 40 -46.62 -19.34 30.21
CA MSE E 40 -46.18 -17.98 29.95
C MSE E 40 -45.34 -17.82 28.69
O MSE E 40 -45.46 -16.84 27.95
CB MSE E 40 -45.40 -17.45 31.15
CG MSE E 40 -46.18 -17.55 32.46
SE MSE E 40 -47.83 -16.52 32.38
CE MSE E 40 -48.45 -16.70 34.22
N ASP E 41 -44.46 -18.79 28.46
CA ASP E 41 -43.45 -18.65 27.43
C ASP E 41 -44.09 -18.65 26.04
N MSE E 42 -43.34 -18.13 25.08
CA MSE E 42 -43.69 -18.30 23.69
C MSE E 42 -43.29 -19.70 23.25
O MSE E 42 -42.12 -20.06 23.29
CB MSE E 42 -42.97 -17.26 22.83
CG MSE E 42 -43.44 -17.18 21.38
SE MSE E 42 -45.38 -17.13 21.06
CE MSE E 42 -45.62 -15.20 21.10
N ILE E 43 -44.28 -20.49 22.83
CA ILE E 43 -44.02 -21.77 22.21
C ILE E 43 -44.61 -21.72 20.81
N LEU E 44 -43.73 -21.67 19.82
CA LEU E 44 -44.08 -21.52 18.41
C LEU E 44 -43.54 -22.66 17.57
N ALA E 45 -42.24 -22.97 17.70
CA ALA E 45 -41.57 -24.02 16.93
C ALA E 45 -42.45 -25.26 16.79
N ASP E 46 -43.20 -25.59 17.84
CA ASP E 46 -44.38 -26.45 17.70
C ASP E 46 -45.56 -25.74 18.34
N ASN E 47 -46.75 -26.04 17.86
CA ASN E 47 -47.96 -25.54 18.49
C ASN E 47 -48.05 -26.03 19.92
N ILE E 48 -48.60 -25.18 20.79
CA ILE E 48 -48.74 -25.55 22.19
C ILE E 48 -49.70 -26.73 22.32
N GLN E 49 -50.75 -26.77 21.50
CA GLN E 49 -51.74 -27.84 21.61
C GLN E 49 -51.11 -29.19 21.30
N HIS E 50 -50.25 -29.24 20.29
CA HIS E 50 -49.49 -30.46 20.01
C HIS E 50 -48.81 -30.97 21.28
N LEU E 51 -48.19 -30.06 22.02
CA LEU E 51 -47.40 -30.45 23.19
C LEU E 51 -48.31 -30.90 24.34
N THR E 52 -49.34 -30.10 24.64
CA THR E 52 -50.22 -30.40 25.76
C THR E 52 -50.87 -31.77 25.62
N GLU E 53 -51.46 -32.04 24.45
CA GLU E 53 -52.17 -33.28 24.22
C GLU E 53 -51.24 -34.49 24.35
N ASN E 54 -49.98 -34.32 23.94
CA ASN E 54 -49.02 -35.42 24.02
C ASN E 54 -48.79 -35.86 25.47
N ILE E 55 -48.78 -34.89 26.39
CA ILE E 55 -48.38 -35.17 27.76
C ILE E 55 -49.57 -35.44 28.69
N GLY E 56 -50.79 -35.44 28.16
CA GLY E 56 -51.95 -35.75 28.96
C GLY E 56 -52.72 -34.58 29.49
N PHE E 57 -52.57 -33.39 28.90
CA PHE E 57 -53.40 -32.25 29.25
C PHE E 57 -54.64 -32.25 28.39
N LEU E 58 -55.79 -32.02 29.01
CA LEU E 58 -57.05 -31.95 28.32
C LEU E 58 -57.05 -30.74 27.40
N ASP E 59 -57.75 -30.85 26.26
CA ASP E 59 -57.58 -29.85 25.21
C ASP E 59 -58.04 -28.46 25.66
N GLU E 60 -59.20 -28.37 26.30
CA GLU E 60 -59.66 -27.10 26.85
C GLU E 60 -59.21 -26.88 28.28
N GLU E 61 -58.40 -27.80 28.81
CA GLU E 61 -57.78 -27.64 30.12
C GLU E 61 -56.77 -26.50 30.14
N ILE E 62 -56.29 -26.05 28.99
CA ILE E 62 -55.13 -25.17 28.91
C ILE E 62 -55.57 -23.75 28.55
N ILE E 63 -54.98 -22.78 29.24
CA ILE E 63 -54.97 -21.38 28.81
C ILE E 63 -53.54 -21.03 28.45
N TRP E 64 -53.33 -20.64 27.21
CA TRP E 64 -52.05 -20.11 26.75
C TRP E 64 -52.07 -18.59 26.94
N LEU E 65 -51.04 -18.07 27.60
CA LEU E 65 -50.99 -16.65 27.91
C LEU E 65 -51.17 -15.79 26.66
N TYR E 66 -50.33 -16.02 25.65
CA TYR E 66 -50.39 -15.22 24.43
C TYR E 66 -51.62 -15.55 23.59
N ASN E 67 -52.40 -16.53 24.02
CA ASN E 67 -53.63 -16.94 23.35
C ASN E 67 -54.87 -16.28 23.93
N TYR E 68 -55.09 -16.46 25.24
CA TYR E 68 -56.38 -16.25 25.90
C TYR E 68 -57.09 -15.00 25.41
N PHE E 69 -56.34 -13.94 25.16
CA PHE E 69 -56.92 -12.69 24.67
C PHE E 69 -57.59 -12.86 23.32
N THR E 70 -57.26 -13.90 22.56
CA THR E 70 -57.93 -14.13 21.31
C THR E 70 -59.17 -15.00 21.52
N ASP E 71 -59.94 -15.18 20.44
CA ASP E 71 -61.06 -16.11 20.44
C ASP E 71 -60.59 -17.54 20.19
N ILE E 72 -59.36 -17.70 19.71
CA ILE E 72 -58.95 -18.96 19.08
C ILE E 72 -58.70 -20.00 20.16
N LYS E 73 -59.39 -21.13 20.04
CA LYS E 73 -59.26 -22.20 21.02
C LYS E 73 -57.93 -22.90 20.86
N ILE E 74 -57.51 -23.59 21.92
CA ILE E 74 -56.30 -24.40 21.82
C ILE E 74 -56.59 -25.56 20.90
N ALA E 75 -55.85 -25.65 19.79
CA ALA E 75 -56.28 -26.61 18.80
C ALA E 75 -55.11 -27.20 18.02
N PRO E 76 -55.24 -28.46 17.59
CA PRO E 76 -54.21 -29.05 16.72
C PRO E 76 -54.18 -28.31 15.39
N THR E 77 -53.12 -28.54 14.62
CA THR E 77 -52.97 -27.82 13.36
C THR E 77 -53.64 -28.65 12.28
N THR E 78 -54.84 -28.22 11.88
CA THR E 78 -55.65 -28.90 10.88
C THR E 78 -55.59 -28.23 9.51
N VAL E 79 -54.77 -27.20 9.34
CA VAL E 79 -54.64 -26.53 8.05
C VAL E 79 -53.73 -27.34 7.14
N THR E 80 -54.23 -27.67 5.95
CA THR E 80 -53.53 -28.50 4.98
C THR E 80 -52.53 -27.69 4.15
N LEU E 81 -51.55 -28.42 3.60
CA LEU E 81 -50.68 -27.87 2.57
C LEU E 81 -51.49 -27.31 1.40
N ASP E 82 -52.48 -28.06 0.94
CA ASP E 82 -53.32 -27.61 -0.17
C ASP E 82 -54.02 -26.29 0.14
N GLN E 83 -54.49 -26.13 1.38
CA GLN E 83 -55.15 -24.89 1.76
C GLN E 83 -54.20 -23.71 1.65
N VAL E 84 -52.96 -23.89 2.11
CA VAL E 84 -51.95 -22.83 2.01
C VAL E 84 -51.76 -22.39 0.57
N LEU E 85 -51.93 -23.31 -0.38
CA LEU E 85 -51.76 -22.96 -1.79
C LEU E 85 -52.82 -21.98 -2.25
N ALA E 86 -54.07 -22.16 -1.84
CA ALA E 86 -55.14 -21.26 -2.28
C ALA E 86 -54.86 -19.83 -1.86
N GLN E 87 -54.21 -19.64 -0.71
CA GLN E 87 -54.01 -18.30 -0.16
C GLN E 87 -53.01 -17.47 -0.96
N VAL E 88 -52.26 -18.05 -1.87
CA VAL E 88 -51.23 -17.32 -2.60
C VAL E 88 -51.57 -17.38 -4.10
N ALA E 89 -51.23 -16.30 -4.80
CA ALA E 89 -51.61 -16.12 -6.19
C ALA E 89 -50.83 -17.06 -7.10
N GLY E 90 -51.39 -17.30 -8.30
CA GLY E 90 -50.69 -17.99 -9.36
C GLY E 90 -50.46 -19.47 -9.09
N GLN E 91 -49.78 -20.12 -10.05
CA GLN E 91 -49.42 -21.52 -9.88
C GLN E 91 -47.90 -21.66 -9.85
N PRO E 92 -47.39 -22.57 -9.02
CA PRO E 92 -45.92 -22.67 -8.86
C PRO E 92 -45.26 -23.64 -9.83
N GLU E 93 -43.94 -23.78 -9.71
CA GLU E 93 -43.21 -24.77 -10.51
C GLU E 93 -42.45 -25.73 -9.59
N ARG E 94 -41.33 -25.27 -9.06
CA ARG E 94 -40.44 -26.13 -8.31
C ARG E 94 -41.00 -26.39 -6.92
N SER E 95 -40.95 -27.65 -6.50
CA SER E 95 -41.31 -28.02 -5.14
C SER E 95 -40.19 -28.88 -4.57
N GLU E 96 -39.45 -28.34 -3.60
CA GLU E 96 -38.43 -29.11 -2.90
C GLU E 96 -39.00 -29.54 -1.55
N LYS E 97 -39.32 -30.81 -1.42
CA LYS E 97 -39.83 -31.35 -0.17
C LYS E 97 -38.67 -32.09 0.50
N GLU E 98 -38.18 -31.52 1.60
CA GLU E 98 -37.00 -32.02 2.29
C GLU E 98 -37.39 -32.34 3.73
N GLY E 99 -37.45 -33.62 4.06
CA GLY E 99 -37.85 -34.02 5.41
C GLY E 99 -39.25 -33.53 5.74
N LYS E 100 -39.35 -32.78 6.85
CA LYS E 100 -40.58 -32.11 7.26
C LYS E 100 -40.80 -30.79 6.52
N ILE E 101 -39.87 -30.39 5.68
CA ILE E 101 -39.95 -29.09 5.01
C ILE E 101 -40.52 -29.29 3.62
N VAL E 102 -41.28 -28.30 3.16
CA VAL E 102 -41.71 -28.22 1.77
C VAL E 102 -41.50 -26.77 1.33
N ARG E 103 -40.93 -26.59 0.13
CA ARG E 103 -40.75 -25.26 -0.43
C ARG E 103 -41.18 -25.24 -1.89
N TYR E 104 -42.26 -24.51 -2.17
CA TYR E 104 -42.77 -24.20 -3.49
C TYR E 104 -42.01 -23.00 -4.06
N PHE E 105 -41.98 -22.89 -5.39
CA PHE E 105 -41.28 -21.81 -6.08
C PHE E 105 -42.22 -21.03 -6.97
N TYR E 106 -42.02 -19.70 -7.00
CA TYR E 106 -42.77 -18.79 -7.87
C TYR E 106 -41.79 -17.87 -8.59
N PRO E 107 -40.86 -18.43 -9.38
CA PRO E 107 -39.74 -17.63 -9.87
C PRO E 107 -40.14 -16.48 -10.78
N GLN E 108 -41.38 -16.43 -11.25
CA GLN E 108 -41.79 -15.40 -12.21
C GLN E 108 -41.35 -14.01 -11.76
N ASP E 109 -41.65 -13.65 -10.51
CA ASP E 109 -40.91 -12.59 -9.83
C ASP E 109 -40.49 -13.05 -8.43
N ASP E 110 -39.25 -13.55 -8.32
CA ASP E 110 -38.50 -13.74 -7.07
C ASP E 110 -39.32 -14.13 -5.84
N GLN E 111 -40.29 -15.01 -5.99
CA GLN E 111 -41.10 -15.49 -4.88
C GLN E 111 -40.85 -16.97 -4.63
N PHE E 112 -41.18 -17.39 -3.41
CA PHE E 112 -41.30 -18.80 -3.06
C PHE E 112 -41.80 -18.86 -1.63
N ILE E 113 -42.27 -20.04 -1.25
CA ILE E 113 -42.95 -20.27 0.01
C ILE E 113 -42.33 -21.49 0.66
N THR E 114 -41.96 -21.36 1.94
CA THR E 114 -41.38 -22.47 2.69
C THR E 114 -42.32 -22.83 3.83
N CYS E 115 -42.96 -24.00 3.73
CA CYS E 115 -43.87 -24.48 4.75
C CYS E 115 -43.15 -25.43 5.71
N TYR E 116 -43.88 -25.88 6.74
CA TYR E 116 -43.30 -26.76 7.75
C TYR E 116 -44.37 -27.75 8.19
N LEU E 117 -43.95 -28.97 8.48
CA LEU E 117 -44.86 -30.07 8.68
C LEU E 117 -45.01 -30.41 10.16
N ARG E 118 -46.21 -30.87 10.53
CA ARG E 118 -46.35 -31.59 11.78
C ARG E 118 -45.40 -32.79 11.79
N GLN E 119 -45.40 -33.58 10.72
CA GLN E 119 -44.41 -34.62 10.54
C GLN E 119 -44.39 -35.04 9.08
N GLU E 120 -43.48 -35.98 8.76
CA GLU E 120 -42.96 -36.13 7.40
C GLU E 120 -44.02 -36.63 6.43
N ASP E 121 -44.69 -37.74 6.77
CA ASP E 121 -45.62 -38.34 5.81
C ASP E 121 -46.90 -37.54 5.66
N GLN E 122 -47.21 -36.63 6.58
CA GLN E 122 -48.44 -35.87 6.47
C GLN E 122 -48.17 -34.53 5.79
N ASP E 123 -49.26 -33.82 5.45
CA ASP E 123 -49.19 -32.59 4.69
C ASP E 123 -49.51 -31.32 5.48
N PHE E 124 -49.67 -31.41 6.81
CA PHE E 124 -50.14 -30.28 7.62
C PHE E 124 -49.04 -29.24 7.83
N VAL E 125 -49.45 -27.98 7.92
CA VAL E 125 -48.54 -26.83 7.93
C VAL E 125 -48.60 -26.13 9.29
N GLU E 126 -47.53 -26.24 10.07
CA GLU E 126 -47.43 -25.44 11.29
C GLU E 126 -47.05 -24.00 10.98
N HIS E 127 -46.16 -23.80 9.99
CA HIS E 127 -45.60 -22.49 9.70
C HIS E 127 -45.38 -22.34 8.20
N VAL E 128 -45.38 -21.09 7.74
CA VAL E 128 -45.11 -20.75 6.35
C VAL E 128 -44.19 -19.55 6.30
N GLU E 129 -43.14 -19.62 5.48
CA GLU E 129 -42.17 -18.54 5.34
C GLU E 129 -42.25 -17.97 3.93
N TYR E 130 -42.59 -16.69 3.83
CA TYR E 130 -42.76 -16.00 2.56
C TYR E 130 -41.53 -15.15 2.31
N VAL E 131 -40.87 -15.39 1.18
CA VAL E 131 -39.59 -14.76 0.88
C VAL E 131 -39.69 -14.04 -0.46
N SER E 132 -39.40 -12.75 -0.46
CA SER E 132 -39.35 -11.93 -1.66
C SER E 132 -37.93 -11.45 -1.88
N ARG E 133 -37.43 -11.65 -3.10
CA ARG E 133 -36.09 -11.20 -3.49
C ARG E 133 -35.02 -11.85 -2.63
N GLY E 134 -35.26 -13.07 -2.17
CA GLY E 134 -34.33 -13.75 -1.30
C GLY E 134 -34.37 -13.32 0.15
N ARG E 135 -35.32 -12.47 0.55
CA ARG E 135 -35.44 -11.97 1.90
C ARG E 135 -36.79 -12.39 2.48
N LEU E 136 -36.78 -12.84 3.73
CA LEU E 136 -38.00 -13.29 4.40
C LEU E 136 -38.78 -12.08 4.90
N ILE E 137 -39.99 -11.90 4.39
CA ILE E 137 -40.82 -10.79 4.85
C ILE E 137 -41.95 -11.14 5.82
N ARG E 138 -42.40 -12.40 5.86
CA ARG E 138 -43.57 -12.71 6.66
C ARG E 138 -43.60 -14.20 7.02
N LYS E 139 -44.14 -14.50 8.20
CA LYS E 139 -44.25 -15.89 8.65
C LYS E 139 -45.54 -16.08 9.42
N ASP E 140 -46.34 -17.07 9.04
CA ASP E 140 -47.66 -17.28 9.63
C ASP E 140 -47.73 -18.64 10.31
N TYR E 141 -48.40 -18.67 11.48
CA TYR E 141 -48.55 -19.88 12.29
C TYR E 141 -50.02 -20.28 12.31
N PHE E 142 -50.28 -21.58 12.14
CA PHE E 142 -51.61 -22.08 11.80
C PHE E 142 -52.10 -23.06 12.86
N SER E 143 -53.39 -22.98 13.20
CA SER E 143 -53.99 -24.11 13.93
C SER E 143 -55.23 -24.65 13.24
N TYR E 144 -56.41 -24.06 13.46
CA TYR E 144 -57.49 -24.26 12.50
C TYR E 144 -57.44 -23.22 11.41
N VAL E 145 -56.96 -22.04 11.78
CA VAL E 145 -56.70 -20.93 10.87
C VAL E 145 -55.41 -20.28 11.35
N ARG E 146 -54.89 -19.35 10.57
CA ARG E 146 -53.72 -18.61 11.00
C ARG E 146 -54.00 -17.97 12.35
N TYR E 147 -53.23 -18.37 13.38
CA TYR E 147 -53.41 -17.81 14.70
C TYR E 147 -52.35 -16.80 15.10
N ALA E 148 -51.31 -16.63 14.27
CA ALA E 148 -50.30 -15.64 14.55
C ALA E 148 -49.52 -15.35 13.28
N SER E 149 -48.84 -14.22 13.26
CA SER E 149 -47.96 -13.88 12.14
C SER E 149 -46.76 -13.10 12.66
N GLU E 150 -45.59 -13.39 12.11
CA GLU E 150 -44.38 -12.61 12.34
C GLU E 150 -44.00 -11.91 11.05
N TYR E 151 -43.32 -10.77 11.18
CA TYR E 151 -42.91 -9.97 10.04
C TYR E 151 -41.41 -9.74 10.13
N PHE E 152 -40.67 -10.29 9.16
CA PHE E 152 -39.22 -10.25 9.17
C PHE E 152 -38.74 -9.13 8.26
N ALA E 153 -37.65 -8.47 8.65
CA ALA E 153 -36.94 -7.57 7.76
C ALA E 153 -35.46 -7.80 8.04
N PRO E 154 -34.61 -7.78 7.03
CA PRO E 154 -33.20 -8.10 7.22
C PRO E 154 -32.41 -6.95 7.87
N HIS E 155 -31.41 -7.34 8.65
CA HIS E 155 -30.47 -6.41 9.26
C HIS E 155 -29.08 -7.04 9.21
N ASN E 156 -28.11 -6.31 8.65
CA ASN E 156 -26.78 -6.86 8.36
C ASN E 156 -26.89 -8.13 7.51
N ASP E 157 -27.82 -8.11 6.55
CA ASP E 157 -28.12 -9.25 5.68
C ASP E 157 -28.45 -10.50 6.49
N ALA E 158 -28.98 -10.30 7.70
CA ALA E 158 -29.50 -11.38 8.54
C ALA E 158 -30.99 -11.16 8.71
N ALA E 159 -31.78 -12.20 8.44
CA ALA E 159 -33.22 -12.06 8.54
C ALA E 159 -33.59 -12.06 10.02
N THR E 160 -34.15 -10.95 10.49
CA THR E 160 -34.32 -10.73 11.92
C THR E 160 -35.76 -10.34 12.24
N LEU E 161 -36.17 -10.70 13.45
CA LEU E 161 -37.54 -10.51 13.89
C LEU E 161 -37.78 -9.05 14.28
N TYR E 162 -38.97 -8.55 13.98
CA TYR E 162 -39.29 -7.17 14.33
C TYR E 162 -40.65 -7.04 15.00
N GLN E 163 -41.72 -7.30 14.26
CA GLN E 163 -43.07 -7.17 14.77
C GLN E 163 -43.76 -8.52 14.72
N ARG E 164 -44.71 -8.73 15.63
CA ARG E 164 -45.51 -9.95 15.66
C ARG E 164 -46.96 -9.56 15.89
N ARG E 165 -47.88 -10.38 15.39
CA ARG E 165 -49.29 -10.03 15.49
C ARG E 165 -50.14 -11.30 15.58
N PHE E 166 -51.19 -11.23 16.38
CA PHE E 166 -52.15 -12.30 16.58
C PHE E 166 -53.51 -11.86 16.06
N TYR E 167 -54.34 -12.83 15.70
CA TYR E 167 -55.58 -12.55 15.00
C TYR E 167 -56.73 -13.25 15.70
N HIS E 168 -57.94 -12.83 15.33
CA HIS E 168 -59.14 -13.60 15.61
C HIS E 168 -59.37 -14.60 14.48
N GLU E 169 -60.43 -15.40 14.60
CA GLU E 169 -60.69 -16.45 13.61
C GLU E 169 -61.03 -15.86 12.25
N ASP E 170 -61.71 -14.72 12.24
CA ASP E 170 -62.18 -14.09 11.00
C ASP E 170 -61.11 -13.25 10.32
N GLY E 171 -59.93 -13.13 10.92
CA GLY E 171 -58.86 -12.35 10.34
C GLY E 171 -58.74 -10.94 10.88
N SER E 172 -59.69 -10.50 11.70
CA SER E 172 -59.55 -9.20 12.34
C SER E 172 -58.39 -9.22 13.33
N VAL E 173 -57.71 -8.08 13.44
CA VAL E 173 -56.57 -7.98 14.35
C VAL E 173 -57.04 -8.16 15.79
N ALA E 174 -56.19 -8.77 16.61
CA ALA E 174 -56.35 -8.75 18.05
C ALA E 174 -55.34 -7.78 18.66
N TYR E 175 -54.05 -8.12 18.63
CA TYR E 175 -53.01 -7.23 19.12
C TYR E 175 -51.71 -7.56 18.41
N ASP E 176 -50.81 -6.59 18.37
CA ASP E 176 -49.47 -6.78 17.82
C ASP E 176 -48.43 -6.52 18.92
N MSE E 177 -47.16 -6.68 18.58
CA MSE E 177 -46.07 -6.35 19.49
C MSE E 177 -44.75 -6.10 18.75
O MSE E 177 -44.57 -6.54 17.61
CB MSE E 177 -45.88 -7.45 20.53
CG MSE E 177 -45.55 -8.82 19.99
SE MSE E 177 -44.87 -9.95 21.42
CE MSE E 177 -45.84 -11.56 20.95
N LEU E 178 -43.83 -5.39 19.39
CA LEU E 178 -42.57 -4.99 18.77
C LEU E 178 -41.40 -5.70 19.42
N ILE E 179 -40.38 -6.00 18.61
CA ILE E 179 -39.21 -6.76 19.06
C ILE E 179 -37.95 -5.95 18.79
N GLU E 180 -37.13 -5.80 19.83
CA GLU E 180 -35.82 -5.17 19.74
C GLU E 180 -34.81 -6.07 20.45
N ASP E 181 -33.87 -6.61 19.69
CA ASP E 181 -32.81 -7.47 20.23
C ASP E 181 -33.39 -8.59 21.10
N GLY E 182 -34.09 -9.51 20.43
CA GLY E 182 -34.64 -10.69 21.06
C GLY E 182 -35.45 -10.41 22.31
N GLN E 183 -36.11 -9.27 22.34
CA GLN E 183 -36.81 -8.78 23.52
C GLN E 183 -38.12 -8.15 23.07
N GLU E 184 -39.20 -8.44 23.80
CA GLU E 184 -40.51 -7.87 23.49
C GLU E 184 -40.68 -6.60 24.30
N LYS E 185 -40.62 -5.44 23.64
CA LYS E 185 -40.65 -4.17 24.36
C LYS E 185 -41.98 -3.43 24.33
N LEU E 186 -42.95 -3.81 23.50
CA LEU E 186 -44.19 -3.04 23.47
C LEU E 186 -45.32 -3.86 22.89
N TYR E 187 -46.54 -3.54 23.31
CA TYR E 187 -47.74 -4.28 22.93
C TYR E 187 -48.86 -3.28 22.72
N ARG E 188 -49.74 -3.55 21.75
CA ARG E 188 -50.85 -2.64 21.45
C ARG E 188 -52.15 -3.41 21.30
N PHE E 189 -53.08 -3.19 22.23
CA PHE E 189 -54.49 -3.45 22.01
C PHE E 189 -55.18 -2.18 21.54
N PRO E 190 -56.33 -2.29 20.87
CA PRO E 190 -57.07 -1.08 20.49
C PRO E 190 -57.46 -0.19 21.68
N ASP E 191 -57.78 -0.77 22.84
CA ASP E 191 -58.02 0.02 24.04
C ASP E 191 -56.88 0.02 25.06
N ARG E 192 -55.79 -0.72 24.86
CA ARG E 192 -54.75 -0.81 25.89
C ARG E 192 -53.36 -0.83 25.27
N ILE E 193 -52.36 -0.54 26.11
CA ILE E 193 -50.96 -0.59 25.67
C ILE E 193 -50.10 -0.84 26.90
N PHE E 194 -49.00 -1.57 26.71
CA PHE E 194 -48.10 -1.95 27.80
C PHE E 194 -46.66 -2.00 27.32
N TYR E 195 -45.75 -1.66 28.23
CA TYR E 195 -44.32 -1.67 27.99
C TYR E 195 -43.54 -2.81 28.65
N SER E 196 -44.21 -3.72 29.37
CA SER E 196 -43.49 -4.83 29.99
C SER E 196 -44.36 -6.08 30.00
N LYS E 197 -43.72 -7.23 29.75
CA LYS E 197 -44.36 -8.52 30.05
C LYS E 197 -44.73 -8.61 31.52
N ALA E 198 -43.96 -7.95 32.39
CA ALA E 198 -44.39 -7.77 33.77
C ALA E 198 -45.80 -7.22 33.83
N GLU E 199 -46.01 -6.01 33.30
CA GLU E 199 -47.34 -5.42 33.29
C GLU E 199 -48.32 -6.19 32.41
N LEU E 200 -47.84 -7.13 31.59
CA LEU E 200 -48.73 -7.91 30.73
C LEU E 200 -49.42 -9.03 31.50
N VAL E 201 -48.67 -9.79 32.29
CA VAL E 201 -49.29 -10.80 33.15
C VAL E 201 -50.28 -10.13 34.09
N ARG E 202 -49.93 -8.94 34.58
CA ARG E 202 -50.84 -8.16 35.39
C ARG E 202 -52.16 -7.93 34.66
N TYR E 203 -52.09 -7.70 33.35
CA TYR E 203 -53.32 -7.52 32.57
C TYR E 203 -54.00 -8.85 32.28
N PHE E 204 -53.22 -9.92 32.18
CA PHE E 204 -53.82 -11.24 31.96
C PHE E 204 -54.50 -11.75 33.22
N LEU E 205 -53.85 -11.60 34.37
CA LEU E 205 -54.43 -12.10 35.61
C LEU E 205 -55.75 -11.42 35.94
N GLN E 206 -55.83 -10.11 35.72
CA GLN E 206 -57.06 -9.39 36.02
C GLN E 206 -58.18 -9.75 35.05
N CYS E 207 -57.85 -9.99 33.78
CA CYS E 207 -58.89 -10.38 32.82
C CYS E 207 -59.54 -11.70 33.24
N LEU E 208 -58.79 -12.58 33.89
CA LEU E 208 -59.37 -13.78 34.47
C LEU E 208 -60.42 -13.44 35.52
N GLN E 209 -60.30 -12.26 36.15
CA GLN E 209 -61.13 -11.87 37.27
C GLN E 209 -61.05 -12.92 38.39
N LEU E 210 -59.87 -12.96 39.00
CA LEU E 210 -59.60 -13.86 40.10
C LEU E 210 -60.62 -13.68 41.22
N GLN E 211 -61.24 -14.80 41.63
CA GLN E 211 -62.30 -14.78 42.62
C GLN E 211 -61.74 -15.22 43.97
N ALA E 212 -62.62 -15.32 44.97
CA ALA E 212 -62.18 -15.48 46.35
C ALA E 212 -61.59 -16.88 46.61
N ASP E 213 -62.34 -17.93 46.27
CA ASP E 213 -61.98 -19.30 46.61
C ASP E 213 -61.18 -20.00 45.51
N ASP E 214 -60.80 -19.30 44.46
CA ASP E 214 -59.92 -19.86 43.44
C ASP E 214 -58.54 -20.11 44.01
N VAL E 215 -57.85 -21.12 43.45
CA VAL E 215 -56.53 -21.53 43.92
C VAL E 215 -55.54 -21.23 42.81
N VAL E 216 -54.68 -20.25 43.04
CA VAL E 216 -53.59 -19.92 42.13
C VAL E 216 -52.33 -20.60 42.64
N ILE E 217 -51.74 -21.46 41.82
CA ILE E 217 -50.62 -22.30 42.22
C ILE E 217 -49.42 -21.95 41.37
N LEU E 218 -48.32 -21.58 42.03
CA LEU E 218 -47.08 -21.17 41.36
C LEU E 218 -46.12 -22.35 41.32
N ASP E 219 -45.91 -22.91 40.13
CA ASP E 219 -44.84 -23.88 39.94
C ASP E 219 -43.49 -23.23 39.65
N ARG E 220 -43.46 -22.09 38.95
CA ARG E 220 -42.21 -21.43 38.60
C ARG E 220 -42.32 -19.93 38.85
N GLU E 221 -41.33 -19.36 39.54
CA GLU E 221 -41.37 -17.95 39.90
C GLU E 221 -40.89 -17.04 38.78
N THR E 222 -39.99 -17.53 37.93
CA THR E 222 -39.02 -16.69 37.24
C THR E 222 -39.66 -15.56 36.46
N GLY E 223 -39.27 -14.33 36.80
CA GLY E 223 -39.68 -13.14 36.08
C GLY E 223 -41.13 -12.75 36.30
N ILE E 224 -41.99 -13.71 36.65
CA ILE E 224 -43.39 -13.45 36.95
C ILE E 224 -43.68 -13.47 38.44
N GLY E 225 -42.66 -13.66 39.28
CA GLY E 225 -42.87 -13.88 40.70
C GLY E 225 -43.70 -12.81 41.37
N GLN E 226 -43.28 -11.56 41.28
CA GLN E 226 -44.05 -10.49 41.91
C GLN E 226 -45.41 -10.34 41.24
N VAL E 227 -45.43 -10.24 39.92
CA VAL E 227 -46.67 -9.91 39.23
C VAL E 227 -47.72 -10.99 39.45
N VAL E 228 -47.30 -12.23 39.68
CA VAL E 228 -48.26 -13.25 40.09
C VAL E 228 -48.76 -12.96 41.50
N PHE E 229 -47.84 -12.73 42.44
CA PHE E 229 -48.23 -12.40 43.80
C PHE E 229 -49.14 -11.18 43.85
N GLU E 230 -48.77 -10.11 43.13
CA GLU E 230 -49.43 -8.82 43.30
C GLU E 230 -50.87 -8.84 42.78
N GLU E 231 -51.19 -9.70 41.81
CA GLU E 231 -52.58 -9.92 41.42
C GLU E 231 -53.23 -11.19 41.97
N SER E 232 -52.48 -12.06 42.66
CA SER E 232 -53.09 -13.26 43.22
C SER E 232 -53.47 -13.10 44.69
N GLN E 233 -53.17 -11.95 45.29
CA GLN E 233 -53.52 -11.76 46.70
C GLN E 233 -55.02 -11.79 46.93
N LYS E 234 -55.82 -11.54 45.88
CA LYS E 234 -57.27 -11.57 46.02
C LYS E 234 -57.74 -12.94 46.46
N ALA E 235 -57.15 -13.99 45.88
CA ALA E 235 -57.48 -15.38 46.17
C ALA E 235 -56.33 -16.02 46.92
N LYS E 236 -56.49 -17.31 47.20
CA LYS E 236 -55.47 -18.06 47.90
C LYS E 236 -54.43 -18.57 46.92
N LEU E 237 -53.17 -18.38 47.27
CA LEU E 237 -52.03 -18.63 46.41
C LEU E 237 -51.24 -19.79 46.97
N GLY E 238 -50.49 -20.47 46.11
CA GLY E 238 -49.66 -21.56 46.57
C GLY E 238 -48.40 -21.68 45.75
N VAL E 239 -47.40 -22.29 46.37
CA VAL E 239 -46.09 -22.53 45.79
C VAL E 239 -45.78 -24.00 45.95
N VAL E 240 -45.26 -24.63 44.91
CA VAL E 240 -44.89 -26.03 44.94
C VAL E 240 -43.38 -26.09 44.84
N VAL E 241 -42.73 -26.67 45.85
CA VAL E 241 -41.29 -26.63 45.99
C VAL E 241 -40.71 -27.86 45.31
N HIS E 242 -39.96 -27.64 44.23
CA HIS E 242 -39.31 -28.70 43.47
C HIS E 242 -37.81 -28.69 43.73
N ALA E 243 -37.24 -29.90 43.78
CA ALA E 243 -35.84 -30.24 44.07
C ALA E 243 -35.41 -29.70 45.44
N GLU E 244 -34.16 -29.28 45.52
CA GLU E 244 -33.58 -28.78 46.75
C GLU E 244 -34.01 -27.33 46.95
N HIS E 245 -34.28 -26.97 48.19
CA HIS E 245 -34.67 -25.59 48.44
C HIS E 245 -33.51 -24.72 48.91
N PHE E 246 -32.31 -25.28 49.07
CA PHE E 246 -31.19 -24.49 49.56
C PHE E 246 -29.88 -25.16 49.15
N SER E 247 -28.77 -24.55 49.57
CA SER E 247 -27.45 -25.16 49.45
C SER E 247 -26.88 -25.30 50.86
N GLU E 248 -26.78 -26.55 51.33
CA GLU E 248 -26.29 -26.75 52.69
C GLU E 248 -24.81 -26.42 52.81
N ASN E 249 -24.10 -26.35 51.69
CA ASN E 249 -22.70 -25.91 51.76
C ASN E 249 -22.63 -24.43 52.12
N ALA E 250 -23.38 -23.57 51.43
CA ALA E 250 -23.26 -22.14 51.65
C ALA E 250 -24.39 -21.72 52.59
N SER E 251 -24.02 -21.51 53.85
CA SER E 251 -24.91 -21.15 54.95
C SER E 251 -24.15 -21.21 56.27
N SER E 252 -24.69 -20.59 57.30
CA SER E 252 -24.12 -20.56 58.64
C SER E 252 -25.17 -21.04 59.64
N ASP E 253 -24.80 -21.03 60.91
CA ASP E 253 -25.79 -21.18 61.98
C ASP E 253 -26.51 -19.87 62.25
N ASP E 254 -26.14 -18.84 61.48
CA ASP E 254 -26.63 -17.47 61.56
C ASP E 254 -27.48 -17.09 60.35
N TYR E 255 -26.96 -17.24 59.13
CA TYR E 255 -27.66 -16.92 57.90
C TYR E 255 -27.89 -18.19 57.08
N ILE E 256 -28.84 -18.11 56.15
CA ILE E 256 -29.22 -19.24 55.30
C ILE E 256 -29.46 -18.74 53.88
N LEU E 257 -28.96 -19.49 52.90
CA LEU E 257 -29.14 -19.17 51.49
C LEU E 257 -30.26 -20.00 50.89
N TRP E 258 -30.96 -19.41 49.93
CA TRP E 258 -32.02 -20.10 49.21
C TRP E 258 -31.55 -20.52 47.84
N ASN E 259 -32.09 -21.63 47.37
CA ASN E 259 -32.07 -21.88 45.93
C ASN E 259 -32.74 -20.70 45.26
N ASN E 260 -32.00 -20.02 44.37
CA ASN E 260 -32.41 -18.68 43.94
C ASN E 260 -33.78 -18.68 43.29
N PHE E 261 -34.24 -19.84 42.84
CA PHE E 261 -35.61 -20.02 42.36
C PHE E 261 -36.60 -19.49 43.37
N TYR E 262 -36.66 -20.14 44.52
CA TYR E 262 -37.74 -19.94 45.47
C TYR E 262 -37.49 -18.77 46.40
N ASP E 263 -36.38 -18.04 46.23
CA ASP E 263 -36.03 -16.98 47.17
C ASP E 263 -37.12 -15.93 47.28
N TYR E 264 -37.72 -15.54 46.15
CA TYR E 264 -38.83 -14.59 46.22
C TYR E 264 -40.01 -15.20 46.96
N GLN E 265 -40.35 -16.45 46.63
CA GLN E 265 -41.46 -17.12 47.32
C GLN E 265 -41.17 -17.26 48.81
N PHE E 266 -39.91 -17.53 49.16
CA PHE E 266 -39.56 -17.76 50.57
C PHE E 266 -39.50 -16.46 51.37
N THR E 267 -38.77 -15.46 50.88
CA THR E 267 -38.60 -14.23 51.64
C THR E 267 -39.95 -13.57 51.92
N ASN E 268 -40.85 -13.62 50.94
CA ASN E 268 -42.19 -13.06 51.02
C ASN E 268 -43.21 -14.04 51.61
N ALA E 269 -42.74 -15.12 52.24
CA ALA E 269 -43.61 -16.20 52.71
C ALA E 269 -44.87 -15.70 53.42
N ASP E 270 -44.80 -14.54 54.08
CA ASP E 270 -46.00 -13.95 54.68
C ASP E 270 -47.15 -13.89 53.67
N LYS E 271 -46.88 -13.35 52.48
CA LYS E 271 -47.93 -13.16 51.49
C LYS E 271 -48.42 -14.48 50.89
N VAL E 272 -47.68 -15.56 51.08
CA VAL E 272 -48.03 -16.86 50.51
C VAL E 272 -49.07 -17.54 51.39
N ASP E 273 -50.05 -18.18 50.76
CA ASP E 273 -51.04 -18.92 51.53
C ASP E 273 -50.57 -20.32 51.92
N PHE E 274 -49.96 -21.06 50.99
CA PHE E 274 -49.50 -22.41 51.34
C PHE E 274 -48.42 -22.88 50.37
N PHE E 275 -47.70 -23.90 50.82
CA PHE E 275 -46.65 -24.54 50.04
C PHE E 275 -46.99 -26.00 49.78
N ILE E 276 -46.12 -26.64 48.99
CA ILE E 276 -46.15 -28.08 48.79
C ILE E 276 -44.72 -28.58 48.69
N VAL E 277 -44.43 -29.71 49.35
CA VAL E 277 -43.15 -30.38 49.21
C VAL E 277 -43.42 -31.86 48.95
N ALA E 278 -42.39 -32.53 48.44
CA ALA E 278 -42.55 -33.91 47.97
C ALA E 278 -42.66 -34.88 49.14
N THR E 279 -41.70 -34.85 50.05
CA THR E 279 -41.66 -35.75 51.18
C THR E 279 -41.98 -34.99 52.46
N GLU E 280 -42.60 -35.68 53.41
CA GLU E 280 -42.72 -35.08 54.74
C GLU E 280 -41.34 -34.80 55.31
N ALA E 281 -40.34 -35.61 54.95
CA ALA E 281 -38.98 -35.33 55.38
C ALA E 281 -38.48 -34.00 54.86
N GLN E 282 -38.95 -33.56 53.69
CA GLN E 282 -38.60 -32.23 53.19
C GLN E 282 -39.47 -31.16 53.85
N LYS E 283 -40.75 -31.46 54.08
CA LYS E 283 -41.56 -30.64 54.96
C LYS E 283 -40.96 -30.56 56.35
N ARG E 284 -40.38 -31.67 56.82
CA ARG E 284 -39.81 -31.73 58.15
C ARG E 284 -38.59 -30.81 58.26
N ILE E 285 -37.69 -30.89 57.28
CA ILE E 285 -36.47 -30.08 57.33
C ILE E 285 -36.73 -28.64 56.96
N LEU E 286 -37.79 -28.35 56.18
CA LEU E 286 -38.07 -26.97 55.80
C LEU E 286 -38.74 -26.20 56.93
N GLU E 287 -39.76 -26.79 57.55
CA GLU E 287 -40.54 -26.07 58.56
C GLU E 287 -39.67 -25.69 59.76
N GLN E 288 -38.63 -26.46 60.05
CA GLN E 288 -37.73 -26.13 61.15
C GLN E 288 -36.80 -24.98 60.78
N GLN E 289 -36.37 -24.94 59.51
CA GLN E 289 -35.49 -23.86 59.05
C GLN E 289 -36.16 -22.50 59.23
N PHE E 290 -37.48 -22.45 59.03
CA PHE E 290 -38.22 -21.20 59.13
C PHE E 290 -38.06 -20.55 60.49
N GLN E 291 -38.57 -21.21 61.53
CA GLN E 291 -38.60 -20.65 62.88
C GLN E 291 -37.22 -20.31 63.41
N HIS E 292 -36.16 -20.92 62.87
CA HIS E 292 -34.79 -20.72 63.35
C HIS E 292 -34.01 -19.67 62.58
N TYR E 293 -34.56 -19.11 61.49
CA TYR E 293 -33.87 -18.08 60.72
C TYR E 293 -34.74 -16.84 60.52
N SER E 294 -35.86 -16.97 59.81
CA SER E 294 -36.82 -15.87 59.66
C SER E 294 -37.88 -15.83 60.74
N ASP E 295 -38.01 -16.89 61.53
CA ASP E 295 -39.11 -17.07 62.47
C ASP E 295 -40.44 -16.72 61.82
N LYS E 296 -40.78 -17.51 60.81
CA LYS E 296 -42.11 -17.55 60.25
C LYS E 296 -42.60 -19.00 60.34
N GLN E 297 -43.92 -19.16 60.32
CA GLN E 297 -44.53 -20.48 60.42
C GLN E 297 -45.63 -20.66 59.38
N PRO E 298 -45.29 -20.59 58.10
CA PRO E 298 -46.28 -20.87 57.05
C PRO E 298 -46.48 -22.36 56.86
N GLN E 299 -47.62 -22.69 56.25
CA GLN E 299 -48.07 -24.08 56.18
C GLN E 299 -47.38 -24.82 55.04
N ILE E 300 -46.97 -26.06 55.31
CA ILE E 300 -46.34 -26.95 54.34
C ILE E 300 -47.05 -28.29 54.41
N ALA E 301 -47.43 -28.81 53.26
CA ALA E 301 -48.25 -30.01 53.18
C ALA E 301 -47.44 -31.18 52.65
N THR E 302 -47.74 -32.39 53.13
CA THR E 302 -47.07 -33.58 52.61
C THR E 302 -47.92 -34.09 51.47
N ILE E 303 -47.56 -33.72 50.24
CA ILE E 303 -48.21 -34.19 49.03
C ILE E 303 -47.16 -34.71 48.06
N PRO E 304 -47.18 -35.97 47.65
CA PRO E 304 -46.24 -36.40 46.61
C PRO E 304 -46.53 -35.69 45.29
N VAL E 305 -45.63 -35.88 44.34
CA VAL E 305 -45.78 -35.28 43.01
C VAL E 305 -46.65 -36.13 42.10
N GLY E 306 -46.44 -37.45 42.12
CA GLY E 306 -47.16 -38.37 41.27
C GLY E 306 -48.17 -39.21 42.03
N SER E 307 -48.67 -40.24 41.33
CA SER E 307 -49.59 -41.21 41.91
C SER E 307 -49.34 -42.55 41.23
N LEU E 308 -50.19 -43.53 41.52
CA LEU E 308 -50.10 -44.84 40.89
C LEU E 308 -51.47 -45.21 40.34
N ASP E 309 -51.58 -45.28 39.01
CA ASP E 309 -52.80 -45.79 38.39
C ASP E 309 -53.13 -47.16 38.98
N GLN E 310 -52.20 -48.08 38.88
CA GLN E 310 -52.19 -49.31 39.66
C GLN E 310 -50.76 -49.82 39.65
N LEU E 311 -50.43 -50.65 40.64
CA LEU E 311 -49.08 -51.20 40.72
C LEU E 311 -48.91 -52.26 39.65
N THR E 312 -47.94 -52.05 38.75
CA THR E 312 -47.90 -52.74 37.46
C THR E 312 -47.18 -54.08 37.56
N TYR E 313 -47.86 -55.18 37.14
CA TYR E 313 -47.26 -56.50 36.99
C TYR E 313 -46.73 -56.67 35.57
N PRO E 314 -45.50 -57.15 35.41
CA PRO E 314 -45.00 -57.47 34.06
C PRO E 314 -45.57 -58.77 33.51
N LYS E 315 -46.76 -58.70 32.89
CA LYS E 315 -47.43 -59.91 32.41
C LYS E 315 -46.61 -60.71 31.41
N GLU E 316 -45.60 -60.07 30.73
CA GLU E 316 -44.73 -60.89 29.90
C GLU E 316 -43.53 -61.38 30.72
N PRO E 317 -42.92 -62.51 30.34
CA PRO E 317 -41.83 -63.07 31.15
C PRO E 317 -40.63 -62.13 31.28
N ARG E 318 -39.83 -62.36 32.32
CA ARG E 318 -38.76 -61.45 32.71
C ARG E 318 -37.65 -61.41 31.65
N LYS E 319 -36.89 -60.32 31.67
CA LYS E 319 -35.71 -60.13 30.82
C LYS E 319 -34.52 -59.88 31.74
N PRO E 320 -33.84 -60.93 32.20
CA PRO E 320 -32.83 -60.76 33.24
C PRO E 320 -31.53 -60.15 32.73
N TYR E 321 -30.73 -59.64 33.68
CA TYR E 321 -29.41 -59.05 33.42
C TYR E 321 -29.50 -57.86 32.47
N SER E 322 -30.40 -56.93 32.78
CA SER E 322 -30.67 -55.77 31.91
C SER E 322 -30.90 -54.54 32.76
N MSE E 323 -30.25 -53.43 32.45
CA MSE E 323 -30.30 -52.25 33.34
C MSE E 323 -31.10 -51.09 32.72
O MSE E 323 -31.25 -51.03 31.52
CB MSE E 323 -28.90 -51.75 33.68
CG MSE E 323 -27.95 -52.79 34.23
SE MSE E 323 -26.87 -52.15 35.73
CE MSE E 323 -25.32 -53.27 35.48
N ILE E 324 -31.61 -50.16 33.54
CA ILE E 324 -32.49 -49.11 33.02
C ILE E 324 -32.35 -47.84 33.85
N THR E 325 -32.41 -46.70 33.16
CA THR E 325 -32.67 -45.40 33.79
C THR E 325 -33.32 -44.49 32.78
N ALA E 326 -34.10 -43.54 33.27
CA ALA E 326 -34.62 -42.46 32.44
C ALA E 326 -34.38 -41.14 33.15
N SER E 327 -33.51 -40.31 32.60
CA SER E 327 -33.21 -39.01 33.16
C SER E 327 -33.37 -37.93 32.10
N ARG E 328 -33.23 -36.68 32.54
CA ARG E 328 -33.20 -35.57 31.59
C ARG E 328 -31.94 -35.59 30.76
N LEU E 329 -30.97 -36.42 31.12
CA LEU E 329 -29.77 -36.61 30.32
C LEU E 329 -28.99 -35.30 30.19
N ALA E 330 -28.29 -34.95 31.26
CA ALA E 330 -27.47 -33.74 31.31
C ALA E 330 -26.27 -34.04 32.21
N THR E 331 -25.55 -32.98 32.60
CA THR E 331 -24.38 -33.17 33.44
C THR E 331 -24.75 -33.66 34.85
N GLU E 332 -25.91 -33.28 35.36
CA GLU E 332 -26.19 -33.41 36.79
C GLU E 332 -26.52 -34.85 37.20
N LYS E 333 -27.13 -35.64 36.32
CA LYS E 333 -27.43 -37.03 36.65
C LYS E 333 -26.17 -37.86 36.87
N HIS E 334 -25.00 -37.35 36.47
CA HIS E 334 -23.76 -38.13 36.47
C HIS E 334 -23.96 -39.44 35.70
N ILE E 335 -24.55 -39.31 34.51
CA ILE E 335 -24.73 -40.46 33.62
C ILE E 335 -23.39 -41.11 33.32
N ASP E 336 -22.36 -40.28 33.14
CA ASP E 336 -21.05 -40.77 32.71
C ASP E 336 -20.45 -41.79 33.67
N TRP E 337 -20.83 -41.75 34.94
CA TRP E 337 -20.31 -42.71 35.91
C TRP E 337 -21.00 -44.06 35.79
N LEU E 338 -22.31 -44.06 35.54
CA LEU E 338 -23.05 -45.31 35.41
C LEU E 338 -22.61 -46.09 34.17
N VAL E 339 -22.44 -45.39 33.04
CA VAL E 339 -21.87 -46.04 31.86
C VAL E 339 -20.53 -46.66 32.19
N ALA E 340 -19.73 -45.97 33.01
CA ALA E 340 -18.46 -46.55 33.47
C ALA E 340 -18.64 -47.55 34.59
N ALA E 341 -19.72 -47.42 35.36
CA ALA E 341 -20.07 -48.37 36.41
C ALA E 341 -20.60 -49.70 35.87
N THR E 342 -20.78 -49.80 34.55
CA THR E 342 -21.24 -51.00 33.86
C THR E 342 -20.15 -51.69 33.06
N VAL E 343 -19.49 -50.97 32.15
CA VAL E 343 -18.55 -51.58 31.20
C VAL E 343 -17.55 -52.52 31.87
N GLN E 344 -17.22 -52.28 33.14
CA GLN E 344 -16.42 -53.26 33.88
C GLN E 344 -17.28 -54.25 34.68
N ALA E 345 -18.57 -53.98 34.86
CA ALA E 345 -19.48 -55.00 35.38
C ALA E 345 -19.96 -55.94 34.28
N HIS E 346 -20.04 -55.46 33.03
CA HIS E 346 -20.46 -56.27 31.88
C HIS E 346 -19.38 -57.24 31.42
N ALA E 347 -18.15 -57.08 31.94
CA ALA E 347 -17.17 -58.15 31.86
C ALA E 347 -17.40 -59.19 32.95
N GLN E 348 -17.70 -58.73 34.17
CA GLN E 348 -18.10 -59.65 35.23
C GLN E 348 -19.37 -60.40 34.86
N LEU E 349 -20.33 -59.69 34.27
CA LEU E 349 -21.63 -60.25 33.90
C LEU E 349 -21.85 -59.97 32.42
N PRO E 350 -21.44 -60.89 31.56
CA PRO E 350 -21.43 -60.61 30.12
C PRO E 350 -22.82 -60.51 29.53
N GLU E 351 -22.89 -59.91 28.34
CA GLU E 351 -24.12 -59.75 27.58
C GLU E 351 -25.15 -58.95 28.38
N LEU E 352 -24.69 -57.86 29.00
CA LEU E 352 -25.51 -57.12 29.94
C LEU E 352 -26.04 -55.86 29.24
N THR E 353 -27.33 -55.88 28.91
CA THR E 353 -28.01 -54.80 28.21
C THR E 353 -28.38 -53.68 29.18
N LEU E 354 -28.59 -52.48 28.62
CA LEU E 354 -28.99 -51.33 29.43
C LEU E 354 -29.79 -50.38 28.55
N ASP E 355 -30.55 -49.50 29.22
CA ASP E 355 -31.39 -48.49 28.58
C ASP E 355 -31.10 -47.11 29.13
N ILE E 356 -30.97 -46.14 28.23
CA ILE E 356 -31.10 -44.73 28.57
C ILE E 356 -32.23 -44.17 27.72
N TYR E 357 -33.38 -43.90 28.33
CA TYR E 357 -34.48 -43.20 27.68
C TYR E 357 -34.46 -41.79 28.25
N GLY E 358 -34.00 -40.86 27.43
CA GLY E 358 -34.00 -39.47 27.85
C GLY E 358 -33.31 -38.63 26.81
N LYS E 359 -33.65 -37.35 26.81
CA LYS E 359 -33.17 -36.43 25.79
C LYS E 359 -32.82 -35.12 26.47
N GLY E 360 -31.56 -34.71 26.37
CA GLY E 360 -31.13 -33.50 27.02
C GLY E 360 -29.74 -33.05 26.60
N SER E 361 -29.19 -32.12 27.37
CA SER E 361 -27.94 -31.47 27.01
C SER E 361 -26.76 -32.42 27.13
N GLU E 362 -25.86 -32.34 26.16
CA GLU E 362 -24.68 -33.21 26.07
C GLU E 362 -25.07 -34.68 25.95
N GLU E 363 -26.18 -34.92 25.24
CA GLU E 363 -26.55 -36.27 24.85
C GLU E 363 -25.43 -36.93 24.08
N ASP E 364 -24.88 -36.19 23.12
CA ASP E 364 -23.80 -36.68 22.30
C ASP E 364 -22.51 -36.90 23.09
N LYS E 365 -22.46 -36.49 24.36
CA LYS E 365 -21.33 -36.84 25.22
C LYS E 365 -21.53 -38.16 25.94
N LEU E 366 -22.72 -38.75 25.88
CA LEU E 366 -22.88 -40.14 26.29
C LEU E 366 -22.48 -41.09 25.16
N ARG E 367 -22.90 -40.80 23.92
CA ARG E 367 -22.43 -41.59 22.79
C ARG E 367 -20.95 -41.39 22.55
N ARG E 368 -20.44 -40.18 22.81
CA ARG E 368 -19.00 -39.92 22.72
C ARG E 368 -18.22 -40.86 23.62
N ARG E 369 -18.78 -41.22 24.78
CA ARG E 369 -18.18 -42.21 25.68
C ARG E 369 -18.49 -43.64 25.25
N ILE E 370 -19.73 -43.90 24.79
CA ILE E 370 -20.16 -45.27 24.58
C ILE E 370 -19.45 -45.90 23.40
N GLU E 371 -19.46 -45.22 22.25
CA GLU E 371 -18.85 -45.78 21.05
C GLU E 371 -17.35 -46.00 21.22
N GLU E 372 -16.70 -45.19 22.06
CA GLU E 372 -15.29 -45.40 22.38
C GLU E 372 -15.12 -46.51 23.40
N ALA E 373 -16.02 -46.59 24.37
CA ALA E 373 -16.05 -47.71 25.29
C ALA E 373 -16.42 -48.98 24.54
N GLY E 374 -16.17 -50.11 25.18
CA GLY E 374 -16.51 -51.39 24.58
C GLY E 374 -18.00 -51.65 24.65
N ALA E 375 -18.78 -50.59 24.85
CA ALA E 375 -20.22 -50.65 25.09
C ALA E 375 -21.10 -50.40 23.86
N GLN E 376 -20.54 -50.25 22.65
CA GLN E 376 -21.36 -49.85 21.50
C GLN E 376 -22.57 -50.75 21.33
N ASP E 377 -22.35 -52.06 21.25
CA ASP E 377 -23.38 -53.06 21.03
C ASP E 377 -23.94 -53.63 22.34
N TYR E 378 -23.57 -53.05 23.48
CA TYR E 378 -23.97 -53.50 24.81
C TYR E 378 -25.08 -52.65 25.41
N ILE E 379 -24.88 -51.32 25.52
CA ILE E 379 -25.85 -50.42 26.15
C ILE E 379 -26.47 -49.48 25.10
N ARG E 380 -27.78 -49.24 25.22
CA ARG E 380 -28.58 -48.50 24.24
C ARG E 380 -28.92 -47.09 24.69
N LEU E 381 -29.01 -46.18 23.73
CA LEU E 381 -29.51 -44.83 23.94
C LEU E 381 -30.65 -44.56 22.98
N LYS E 382 -31.78 -44.08 23.50
CA LYS E 382 -32.89 -43.76 22.61
C LYS E 382 -33.37 -42.32 22.70
N GLY E 383 -34.15 -42.00 23.74
CA GLY E 383 -34.87 -40.73 23.72
C GLY E 383 -36.17 -40.83 24.53
N HIS E 384 -37.16 -40.01 24.13
CA HIS E 384 -38.44 -39.91 24.82
C HIS E 384 -39.41 -40.95 24.28
N ALA E 385 -39.83 -41.87 25.15
CA ALA E 385 -40.95 -42.76 24.90
C ALA E 385 -41.89 -42.66 26.09
N ASP E 386 -43.12 -43.15 25.94
CA ASP E 386 -44.02 -43.22 27.07
C ASP E 386 -43.57 -44.37 27.97
N LEU E 387 -43.20 -44.05 29.20
CA LEU E 387 -42.62 -45.02 30.10
C LEU E 387 -43.65 -45.77 30.92
N SER E 388 -44.94 -45.48 30.72
CA SER E 388 -45.96 -45.90 31.68
C SER E 388 -46.00 -47.43 31.87
N GLN E 389 -45.86 -48.22 30.80
CA GLN E 389 -45.62 -49.65 30.97
C GLN E 389 -44.20 -50.13 30.66
N ILE E 390 -43.30 -49.27 30.18
CA ILE E 390 -42.00 -49.78 29.72
C ILE E 390 -41.11 -50.23 30.87
N TYR E 391 -41.42 -49.83 32.10
CA TYR E 391 -40.59 -50.24 33.24
C TYR E 391 -40.64 -51.75 33.44
N ALA E 392 -41.80 -52.36 33.14
CA ALA E 392 -41.99 -53.78 33.42
C ALA E 392 -40.95 -54.64 32.71
N GLY E 393 -40.62 -54.28 31.47
CA GLY E 393 -39.76 -55.13 30.67
C GLY E 393 -38.30 -55.17 31.06
N TYR E 394 -37.90 -54.41 32.09
CA TYR E 394 -36.50 -54.31 32.49
C TYR E 394 -36.41 -54.62 33.98
N GLU E 395 -35.32 -55.27 34.40
CA GLU E 395 -35.10 -55.66 35.80
C GLU E 395 -33.90 -54.93 36.39
N LEU E 396 -34.06 -54.47 37.63
CA LEU E 396 -33.40 -53.44 38.45
C LEU E 396 -33.46 -52.03 37.85
N TYR E 397 -32.48 -51.20 38.18
CA TYR E 397 -32.48 -49.74 38.00
C TYR E 397 -31.23 -49.16 38.68
N LEU E 398 -30.87 -47.95 38.26
CA LEU E 398 -29.68 -47.24 38.75
C LEU E 398 -29.92 -45.73 38.74
N THR E 399 -29.32 -45.05 39.72
CA THR E 399 -29.29 -43.59 39.71
C THR E 399 -27.94 -43.11 40.25
N ALA E 400 -27.32 -42.20 39.52
CA ALA E 400 -26.15 -41.46 40.00
C ALA E 400 -26.54 -40.11 40.57
N SER E 401 -27.84 -39.84 40.72
CA SER E 401 -28.33 -38.53 41.14
C SER E 401 -27.64 -38.03 42.40
N THR E 402 -27.35 -36.73 42.43
CA THR E 402 -26.83 -36.09 43.64
C THR E 402 -27.95 -35.83 44.64
N SER E 403 -29.08 -35.28 44.18
CA SER E 403 -30.25 -35.06 45.03
C SER E 403 -31.51 -35.08 44.18
N GLU E 404 -32.60 -35.59 44.75
CA GLU E 404 -33.91 -35.54 44.12
C GLU E 404 -34.94 -35.15 45.17
N GLY E 405 -35.63 -34.03 44.94
CA GLY E 405 -36.78 -33.71 45.77
C GLY E 405 -37.82 -34.81 45.74
N PHE E 406 -38.03 -35.40 44.58
CA PHE E 406 -38.86 -36.59 44.45
C PHE E 406 -38.34 -37.40 43.27
N GLY E 407 -38.60 -38.71 43.35
CA GLY E 407 -38.06 -39.72 42.46
C GLY E 407 -38.98 -40.19 41.33
N LEU E 408 -39.81 -39.30 40.79
CA LEU E 408 -40.93 -39.72 39.94
C LEU E 408 -40.57 -40.83 38.95
N THR E 409 -39.44 -40.70 38.25
CA THR E 409 -39.06 -41.73 37.28
C THR E 409 -38.92 -43.09 37.95
N LEU E 410 -38.46 -43.13 39.20
CA LEU E 410 -38.39 -44.38 39.96
C LEU E 410 -39.62 -44.62 40.81
N MSE E 411 -40.58 -43.71 40.84
CA MSE E 411 -41.87 -44.02 41.47
C MSE E 411 -42.58 -45.07 40.62
O MSE E 411 -43.11 -46.05 41.13
CB MSE E 411 -42.76 -42.79 41.62
CG MSE E 411 -44.23 -43.16 41.78
SE MSE E 411 -45.45 -41.80 42.45
CE MSE E 411 -46.74 -43.01 43.26
N GLU E 412 -42.57 -44.85 39.31
CA GLU E 412 -43.09 -45.84 38.38
C GLU E 412 -42.20 -47.07 38.27
N ALA E 413 -40.94 -46.99 38.75
CA ALA E 413 -40.06 -48.15 38.76
C ALA E 413 -40.43 -49.12 39.88
N VAL E 414 -40.82 -48.60 41.05
CA VAL E 414 -41.33 -49.47 42.11
C VAL E 414 -42.77 -49.88 41.87
N GLY E 415 -43.38 -49.41 40.78
CA GLY E 415 -44.65 -49.94 40.31
C GLY E 415 -44.54 -51.28 39.61
N SER E 416 -43.52 -51.44 38.77
CA SER E 416 -43.27 -52.76 38.18
C SER E 416 -42.61 -53.72 39.16
N GLY E 417 -42.20 -53.23 40.33
CA GLY E 417 -41.49 -54.02 41.32
C GLY E 417 -39.98 -53.85 41.30
N LEU E 418 -39.43 -53.12 40.33
CA LEU E 418 -38.01 -53.20 40.02
C LEU E 418 -37.15 -52.82 41.21
N PRO E 419 -36.01 -53.49 41.40
CA PRO E 419 -35.05 -53.03 42.42
C PRO E 419 -34.27 -51.80 41.97
N LEU E 420 -33.66 -51.14 42.95
CA LEU E 420 -33.00 -49.85 42.74
C LEU E 420 -31.66 -49.84 43.45
N ILE E 421 -30.69 -49.13 42.87
CA ILE E 421 -29.39 -48.91 43.48
C ILE E 421 -29.06 -47.43 43.38
N GLY E 422 -28.80 -46.79 44.51
CA GLY E 422 -28.65 -45.35 44.54
C GLY E 422 -27.80 -44.87 45.71
N PHE E 423 -27.74 -43.55 45.85
CA PHE E 423 -26.91 -42.91 46.86
C PHE E 423 -27.72 -42.55 48.09
N ASP E 424 -27.02 -42.04 49.10
CA ASP E 424 -27.67 -41.61 50.33
C ASP E 424 -27.56 -40.08 50.39
N VAL E 425 -28.58 -39.41 49.87
CA VAL E 425 -28.74 -37.97 49.93
C VAL E 425 -30.23 -37.70 49.75
N ARG E 426 -30.70 -36.59 50.33
CA ARG E 426 -32.10 -36.18 50.23
C ARG E 426 -32.49 -35.95 48.77
N TYR E 427 -33.76 -36.12 48.41
CA TYR E 427 -34.84 -36.44 49.34
C TYR E 427 -35.46 -37.77 48.92
N GLY E 428 -35.97 -37.82 47.69
CA GLY E 428 -36.58 -39.04 47.17
C GLY E 428 -35.70 -40.27 47.24
N ASN E 429 -34.39 -40.11 47.09
CA ASN E 429 -33.50 -41.27 47.21
C ASN E 429 -33.62 -41.91 48.59
N GLN E 430 -33.68 -41.10 49.64
CA GLN E 430 -33.77 -41.64 50.99
C GLN E 430 -35.20 -42.01 51.38
N THR E 431 -36.20 -41.29 50.89
CA THR E 431 -37.58 -41.64 51.23
C THR E 431 -38.16 -42.76 50.37
N PHE E 432 -37.44 -43.21 49.33
CA PHE E 432 -37.84 -44.40 48.58
C PHE E 432 -37.04 -45.68 48.84
N ILE E 433 -35.96 -45.65 49.63
CA ILE E 433 -35.17 -46.87 49.81
C ILE E 433 -34.70 -47.00 51.26
N ASP E 434 -35.04 -48.14 51.87
CA ASP E 434 -34.39 -48.63 53.07
C ASP E 434 -33.42 -49.74 52.67
N ASP E 435 -32.32 -49.86 53.44
CA ASP E 435 -31.15 -50.59 52.97
C ASP E 435 -31.48 -52.01 52.50
N GLY E 436 -32.14 -52.79 53.36
CA GLY E 436 -32.31 -54.21 53.06
C GLY E 436 -33.39 -54.53 52.05
N LYS E 437 -34.27 -53.58 51.76
CA LYS E 437 -35.47 -53.82 50.97
C LYS E 437 -35.48 -52.86 49.79
N ASN E 438 -35.75 -53.38 48.59
CA ASN E 438 -35.84 -52.59 47.38
C ASN E 438 -34.50 -51.93 47.02
N GLY E 439 -33.39 -52.55 47.41
CA GLY E 439 -32.09 -52.25 46.84
C GLY E 439 -31.16 -51.48 47.76
N TYR E 440 -29.94 -51.30 47.24
CA TYR E 440 -28.76 -50.77 47.93
C TYR E 440 -28.76 -49.23 48.00
N LEU E 441 -27.99 -48.72 48.96
CA LEU E 441 -27.80 -47.29 49.20
C LEU E 441 -26.34 -47.01 49.57
N LEU E 442 -25.70 -46.08 48.85
CA LEU E 442 -24.27 -45.78 48.98
C LEU E 442 -24.01 -44.40 49.57
N PRO E 443 -23.23 -44.31 50.65
CA PRO E 443 -22.69 -43.00 51.07
C PRO E 443 -21.55 -42.57 50.18
N VAL E 444 -21.23 -41.27 50.25
CA VAL E 444 -20.25 -40.67 49.34
C VAL E 444 -19.46 -39.58 50.06
N SER E 445 -18.16 -39.52 49.80
CA SER E 445 -17.42 -38.30 50.05
C SER E 445 -17.95 -37.22 49.13
N SER E 446 -18.10 -36.00 49.64
CA SER E 446 -18.80 -35.00 48.83
C SER E 446 -17.76 -34.36 47.92
N ASN E 447 -17.75 -34.84 46.67
CA ASN E 447 -16.63 -34.59 45.77
C ASN E 447 -16.75 -35.44 44.51
N HIS E 448 -16.02 -35.09 43.47
CA HIS E 448 -15.96 -35.90 42.26
C HIS E 448 -14.67 -36.69 42.39
N VAL E 449 -14.80 -37.91 42.87
CA VAL E 449 -13.71 -38.84 43.03
C VAL E 449 -14.14 -40.10 42.29
N GLU E 450 -13.54 -40.30 41.11
CA GLU E 450 -14.16 -41.16 40.13
C GLU E 450 -14.01 -42.62 40.54
N ASP E 451 -12.87 -42.96 41.12
CA ASP E 451 -12.61 -44.34 41.55
C ASP E 451 -13.39 -44.74 42.79
N GLN E 452 -13.85 -43.79 43.61
CA GLN E 452 -14.47 -44.14 44.88
C GLN E 452 -15.69 -45.04 44.69
N ILE E 453 -16.68 -44.55 43.94
CA ILE E 453 -17.98 -45.23 43.86
C ILE E 453 -18.17 -46.09 42.62
N ILE E 454 -17.26 -46.07 41.64
CA ILE E 454 -17.52 -46.83 40.41
C ILE E 454 -17.42 -48.33 40.69
N ALA E 455 -16.46 -48.72 41.53
CA ALA E 455 -16.35 -50.09 42.00
C ALA E 455 -17.34 -50.39 43.12
N ALA E 456 -17.61 -49.39 43.98
CA ALA E 456 -18.72 -49.51 44.91
C ALA E 456 -20.06 -49.60 44.20
N PHE E 457 -20.09 -49.41 42.87
CA PHE E 457 -21.30 -49.60 42.05
C PHE E 457 -21.44 -51.05 41.63
N VAL E 458 -20.47 -51.55 40.84
CA VAL E 458 -20.54 -52.93 40.37
C VAL E 458 -20.61 -53.91 41.54
N GLU E 459 -20.06 -53.53 42.70
CA GLU E 459 -20.03 -54.43 43.84
C GLU E 459 -21.43 -54.71 44.39
N LYS E 460 -22.32 -53.72 44.33
CA LYS E 460 -23.71 -53.88 44.74
C LYS E 460 -24.65 -54.17 43.57
N ILE E 461 -24.14 -54.16 42.34
CA ILE E 461 -24.95 -54.55 41.18
C ILE E 461 -25.01 -56.06 41.06
N ILE E 462 -23.84 -56.68 40.85
CA ILE E 462 -23.72 -58.13 40.73
C ILE E 462 -24.14 -58.85 42.00
N ALA E 463 -24.39 -58.12 43.09
CA ALA E 463 -25.00 -58.73 44.27
C ALA E 463 -26.46 -59.10 44.01
N LEU E 464 -27.15 -58.31 43.18
CA LEU E 464 -28.53 -58.67 42.80
C LEU E 464 -28.58 -59.70 41.70
N PHE E 465 -27.63 -59.68 40.76
CA PHE E 465 -27.57 -60.72 39.73
C PHE E 465 -26.73 -61.93 40.14
N SER E 466 -25.96 -61.86 41.22
CA SER E 466 -25.49 -63.10 41.83
C SER E 466 -25.69 -63.15 43.35
N GLN E 467 -26.69 -63.88 43.83
CA GLN E 467 -27.97 -64.05 43.14
C GLN E 467 -29.04 -64.24 44.20
N GLY E 468 -30.24 -64.62 43.76
CA GLY E 468 -31.34 -64.90 44.65
C GLY E 468 -32.06 -63.70 45.20
N ARG E 469 -31.52 -62.49 45.00
CA ARG E 469 -32.13 -61.29 45.58
C ARG E 469 -33.30 -60.78 44.75
N GLN E 470 -33.22 -60.89 43.42
CA GLN E 470 -34.13 -60.13 42.58
C GLN E 470 -35.58 -60.53 42.82
N GLN E 471 -35.84 -61.81 43.07
CA GLN E 471 -37.20 -62.19 43.42
C GLN E 471 -37.61 -61.61 44.77
N GLU E 472 -36.67 -61.55 45.72
CA GLU E 472 -37.04 -61.20 47.10
C GLU E 472 -37.22 -59.69 47.29
N MSE E 473 -36.33 -58.88 46.71
CA MSE E 473 -36.45 -57.42 46.83
C MSE E 473 -37.50 -56.84 45.90
O MSE E 473 -38.25 -55.95 46.29
CB MSE E 473 -35.11 -56.75 46.55
CG MSE E 473 -34.15 -56.68 47.73
SE MSE E 473 -32.29 -56.40 47.16
CE MSE E 473 -31.59 -55.57 48.78
N SER E 474 -37.56 -57.35 44.67
CA SER E 474 -38.41 -56.73 43.65
C SER E 474 -39.88 -56.78 44.05
N GLN E 475 -40.39 -57.96 44.42
CA GLN E 475 -41.78 -58.04 44.82
C GLN E 475 -42.05 -57.29 46.12
N HIS E 476 -41.01 -56.99 46.90
CA HIS E 476 -41.19 -56.20 48.12
C HIS E 476 -41.25 -54.70 47.80
N SER E 477 -40.42 -54.23 46.87
CA SER E 477 -40.55 -52.87 46.36
C SER E 477 -41.99 -52.55 46.00
N TYR E 478 -42.61 -53.48 45.27
CA TYR E 478 -44.02 -53.45 44.94
C TYR E 478 -44.86 -53.18 46.18
N GLN E 479 -44.54 -53.87 47.28
CA GLN E 479 -45.30 -53.76 48.52
C GLN E 479 -45.09 -52.42 49.20
N VAL E 480 -43.91 -51.80 49.02
CA VAL E 480 -43.68 -50.48 49.59
C VAL E 480 -44.55 -49.43 48.89
N ALA E 481 -44.79 -49.62 47.59
CA ALA E 481 -45.38 -48.58 46.77
C ALA E 481 -46.86 -48.34 47.07
N GLU E 482 -47.54 -49.29 47.72
CA GLU E 482 -48.95 -49.07 48.03
C GLU E 482 -49.13 -47.98 49.08
N ASN E 483 -48.05 -47.56 49.74
CA ASN E 483 -48.09 -46.34 50.53
C ASN E 483 -48.51 -45.16 49.66
N TYR E 484 -48.02 -45.10 48.43
CA TYR E 484 -48.24 -44.02 47.47
C TYR E 484 -49.33 -44.31 46.44
N LEU E 485 -50.16 -45.33 46.65
CA LEU E 485 -51.31 -45.56 45.77
C LEU E 485 -52.09 -44.27 45.53
N THR E 486 -52.60 -44.13 44.30
CA THR E 486 -53.24 -42.88 43.88
C THR E 486 -54.37 -42.46 44.80
N SER E 487 -55.11 -43.41 45.36
CA SER E 487 -56.28 -43.05 46.17
C SER E 487 -55.85 -42.30 47.42
N ARG E 488 -54.71 -42.68 48.01
CA ARG E 488 -54.19 -41.94 49.16
C ARG E 488 -53.51 -40.65 48.74
N VAL E 489 -53.33 -40.43 47.43
CA VAL E 489 -52.90 -39.16 46.88
C VAL E 489 -54.14 -38.30 46.66
N GLU E 490 -55.08 -38.79 45.84
CA GLU E 490 -56.31 -38.06 45.56
C GLU E 490 -56.97 -37.51 46.81
N ALA E 491 -56.86 -38.24 47.94
CA ALA E 491 -57.41 -37.74 49.19
C ALA E 491 -56.62 -36.54 49.69
N ALA E 492 -55.28 -36.59 49.58
CA ALA E 492 -54.44 -35.50 50.08
C ALA E 492 -54.71 -34.19 49.35
N TRP E 493 -55.23 -34.25 48.12
CA TRP E 493 -55.58 -33.04 47.38
C TRP E 493 -56.93 -32.49 47.84
N THR E 494 -57.99 -33.29 47.69
CA THR E 494 -59.34 -32.87 48.08
C THR E 494 -59.35 -32.30 49.48
N GLN E 495 -58.63 -32.93 50.41
CA GLN E 495 -58.57 -32.44 51.78
C GLN E 495 -57.86 -31.10 51.87
N LEU E 496 -56.71 -30.98 51.20
CA LEU E 496 -55.94 -29.73 51.27
C LEU E 496 -56.76 -28.55 50.77
N LEU E 497 -57.47 -28.72 49.66
CA LEU E 497 -58.24 -27.62 49.09
C LEU E 497 -59.36 -27.18 50.02
N LYS E 498 -60.18 -28.12 50.49
CA LYS E 498 -61.20 -27.81 51.48
C LYS E 498 -60.59 -27.09 52.68
N GLU E 499 -59.47 -27.62 53.17
CA GLU E 499 -58.80 -27.02 54.33
C GLU E 499 -58.48 -25.56 54.07
N VAL E 500 -58.12 -25.21 52.83
CA VAL E 500 -57.81 -23.83 52.49
C VAL E 500 -59.08 -23.02 52.26
N ARG E 501 -60.00 -23.54 51.44
CA ARG E 501 -61.17 -22.76 51.05
C ARG E 501 -62.05 -22.42 52.25
N ASP E 502 -61.88 -23.14 53.36
CA ASP E 502 -62.58 -22.86 54.60
C ASP E 502 -62.42 -21.39 55.00
N ASP E 503 -61.22 -20.84 54.81
CA ASP E 503 -60.90 -19.49 55.23
C ASP E 503 -61.63 -18.46 54.36
N MSE F 1 -57.49 9.32 -20.09
CA MSE F 1 -56.83 10.46 -19.45
C MSE F 1 -57.05 10.42 -17.94
O MSE F 1 -58.19 10.28 -17.49
CB MSE F 1 -57.35 11.77 -20.04
CG MSE F 1 -56.77 13.01 -19.39
SE MSE F 1 -56.88 14.57 -20.55
CE MSE F 1 -56.48 15.92 -19.23
N ILE F 2 -55.98 10.52 -17.15
CA ILE F 2 -56.04 10.39 -15.69
C ILE F 2 -55.12 11.41 -15.03
N GLN F 3 -55.31 11.57 -13.71
CA GLN F 3 -54.53 12.45 -12.85
C GLN F 3 -53.79 11.62 -11.81
N LEU F 4 -52.55 12.02 -11.50
CA LEU F 4 -51.79 11.34 -10.46
C LEU F 4 -50.88 12.33 -9.76
N PHE F 5 -50.77 12.18 -8.43
CA PHE F 5 -49.89 13.00 -7.63
C PHE F 5 -49.33 12.16 -6.49
N ASP F 6 -48.16 12.58 -6.00
CA ASP F 6 -47.52 11.87 -4.90
C ASP F 6 -48.17 12.21 -3.57
N TYR F 7 -48.06 13.46 -3.16
CA TYR F 7 -48.46 13.90 -1.84
C TYR F 7 -49.61 14.89 -1.99
N TYR F 8 -50.66 14.70 -1.20
CA TYR F 8 -51.76 15.65 -1.19
C TYR F 8 -51.31 16.90 -0.47
N ASN F 9 -51.43 18.06 -1.14
CA ASN F 9 -51.00 19.31 -0.55
C ASN F 9 -51.77 20.45 -1.20
N GLN F 10 -51.53 21.66 -0.69
CA GLN F 10 -52.18 22.85 -1.25
C GLN F 10 -51.68 23.13 -2.65
N GLU F 11 -50.37 23.00 -2.86
CA GLU F 11 -49.83 23.16 -4.21
C GLU F 11 -50.44 22.13 -5.16
N THR F 12 -50.82 20.96 -4.64
CA THR F 12 -51.45 19.95 -5.48
C THR F 12 -52.92 20.26 -5.74
N GLN F 13 -53.67 20.60 -4.69
CA GLN F 13 -55.11 20.79 -4.82
C GLN F 13 -55.44 21.90 -5.81
N ASP F 14 -54.64 22.96 -5.83
CA ASP F 14 -54.90 24.06 -6.76
C ASP F 14 -54.45 23.75 -8.17
N LEU F 15 -53.57 22.77 -8.36
CA LEU F 15 -53.36 22.22 -9.70
C LEU F 15 -54.59 21.43 -10.14
N HIS F 16 -55.11 20.59 -9.25
CA HIS F 16 -56.37 19.89 -9.51
C HIS F 16 -57.47 20.87 -9.89
N ASP F 17 -57.65 21.93 -9.10
CA ASP F 17 -58.71 22.89 -9.37
C ASP F 17 -58.50 23.60 -10.69
N SER F 18 -57.28 24.09 -10.94
CA SER F 18 -57.02 24.79 -12.20
C SER F 18 -57.15 23.88 -13.41
N LEU F 19 -57.16 22.56 -13.22
CA LEU F 19 -57.51 21.63 -14.29
C LEU F 19 -59.01 21.50 -14.46
N LEU F 20 -59.77 21.68 -13.37
CA LEU F 20 -61.21 21.50 -13.41
C LEU F 20 -61.87 22.47 -14.38
N ALA F 21 -61.36 23.69 -14.46
CA ALA F 21 -62.03 24.73 -15.24
C ALA F 21 -61.89 24.54 -16.74
N ALA F 22 -60.93 23.72 -17.18
CA ALA F 22 -60.80 23.36 -18.58
C ALA F 22 -61.71 22.21 -18.98
N GLY F 23 -62.43 21.62 -18.02
CA GLY F 23 -63.39 20.58 -18.32
C GLY F 23 -62.81 19.20 -18.51
N TYR F 24 -61.53 19.03 -18.20
CA TYR F 24 -60.90 17.75 -18.35
C TYR F 24 -61.16 16.94 -17.11
N ALA F 25 -62.40 16.53 -16.92
CA ALA F 25 -62.73 15.73 -15.76
C ALA F 25 -62.01 14.42 -15.92
N CYS F 26 -61.41 13.93 -14.84
CA CYS F 26 -60.72 12.66 -14.91
C CYS F 26 -60.57 12.12 -13.53
N PRO F 27 -60.30 10.78 -13.46
CA PRO F 27 -60.15 10.28 -12.09
C PRO F 27 -58.86 10.83 -11.56
N THR F 28 -58.72 10.89 -10.25
CA THR F 28 -57.52 11.40 -9.60
C THR F 28 -57.06 10.41 -8.55
N ILE F 29 -55.74 10.25 -8.43
CA ILE F 29 -55.13 9.25 -7.57
C ILE F 29 -54.03 9.91 -6.74
N VAL F 30 -53.93 9.51 -5.48
CA VAL F 30 -52.93 10.02 -4.56
C VAL F 30 -52.00 8.90 -4.16
N ILE F 31 -50.69 9.14 -4.29
CA ILE F 31 -49.71 8.24 -3.73
C ILE F 31 -49.78 8.27 -2.20
N GLU F 32 -49.85 9.48 -1.64
CA GLU F 32 -49.86 9.64 -0.20
C GLU F 32 -51.02 8.87 0.42
N ALA F 33 -50.80 8.36 1.61
CA ALA F 33 -51.77 7.56 2.35
C ALA F 33 -52.81 8.41 3.04
N ASN F 34 -52.82 9.71 2.71
CA ASN F 34 -53.65 10.70 3.40
C ASN F 34 -55.08 10.22 3.57
N GLY F 35 -55.64 10.49 4.76
CA GLY F 35 -56.99 10.07 5.05
C GLY F 35 -58.04 11.12 4.77
N PHE F 36 -57.61 12.37 4.61
CA PHE F 36 -58.48 13.52 4.36
C PHE F 36 -58.66 13.84 2.88
N LEU F 37 -58.21 12.96 1.99
CA LEU F 37 -58.46 13.08 0.57
C LEU F 37 -59.94 13.34 0.31
N PRO F 38 -60.28 14.24 -0.62
CA PRO F 38 -61.69 14.62 -0.82
C PRO F 38 -62.57 13.52 -1.39
N ASP F 39 -63.84 13.84 -1.61
CA ASP F 39 -64.69 13.02 -2.47
C ASP F 39 -64.15 12.98 -3.89
N ASP F 40 -63.25 13.90 -4.23
CA ASP F 40 -62.73 14.08 -5.58
C ASP F 40 -61.60 13.11 -5.91
N MSE F 41 -60.83 12.66 -4.93
CA MSE F 41 -59.66 11.84 -5.19
C MSE F 41 -59.64 10.56 -4.37
O MSE F 41 -60.43 10.41 -3.43
CB MSE F 41 -58.35 12.59 -4.92
CG MSE F 41 -58.30 14.03 -5.39
SE MSE F 41 -57.29 15.08 -4.11
CE MSE F 41 -57.34 16.80 -5.02
N ILE F 42 -58.73 9.66 -4.72
CA ILE F 42 -58.64 8.34 -4.11
C ILE F 42 -57.18 7.94 -3.99
N SER F 43 -56.87 7.17 -2.94
CA SER F 43 -55.56 6.53 -2.84
C SER F 43 -55.72 5.02 -2.91
N PRO F 44 -54.76 4.31 -3.51
CA PRO F 44 -54.82 2.84 -3.49
C PRO F 44 -54.68 2.26 -2.10
N TYR F 45 -54.10 3.01 -1.16
CA TYR F 45 -53.98 2.55 0.22
C TYR F 45 -55.32 2.60 0.94
N THR F 46 -56.27 3.37 0.42
CA THR F 46 -57.58 3.63 1.00
C THR F 46 -58.69 2.84 0.30
N TYR F 47 -58.73 2.89 -1.04
CA TYR F 47 -59.87 2.42 -1.83
C TYR F 47 -60.52 1.15 -1.31
N PHE F 48 -59.73 0.12 -1.03
CA PHE F 48 -60.31 -1.17 -0.71
C PHE F 48 -60.54 -1.36 0.77
N LEU F 49 -60.13 -0.40 1.60
CA LEU F 49 -60.27 -0.53 3.05
C LEU F 49 -61.72 -0.62 3.48
N GLY F 50 -62.66 -0.29 2.62
CA GLY F 50 -64.06 -0.28 2.95
C GLY F 50 -64.56 1.02 3.56
N ASP F 51 -63.67 1.98 3.83
CA ASP F 51 -64.12 3.28 4.28
C ASP F 51 -65.09 3.87 3.28
N GLU F 52 -66.27 4.21 3.77
CA GLU F 52 -67.32 4.71 2.90
C GLU F 52 -67.00 6.14 2.47
N GLU F 53 -67.00 6.38 1.16
CA GLU F 53 -66.90 7.73 0.64
C GLU F 53 -68.19 8.48 0.99
N GLY F 54 -68.06 9.65 1.60
CA GLY F 54 -69.16 10.02 2.47
C GLY F 54 -68.91 11.00 3.58
N VAL F 55 -69.55 10.71 4.72
CA VAL F 55 -69.57 11.58 5.88
C VAL F 55 -68.17 12.11 6.19
N ASP F 56 -68.10 13.38 6.55
CA ASP F 56 -66.88 13.98 7.08
C ASP F 56 -67.14 14.11 8.58
N HIS F 57 -66.53 13.20 9.36
CA HIS F 57 -66.76 13.14 10.80
C HIS F 57 -65.43 12.88 11.50
N PRO F 58 -64.47 13.81 11.38
CA PRO F 58 -63.14 13.56 11.94
C PRO F 58 -63.18 13.55 13.46
N LEU F 59 -62.31 12.73 14.04
CA LEU F 59 -62.26 12.63 15.49
C LEU F 59 -61.69 13.91 16.09
N PHE F 60 -62.43 14.48 17.02
CA PHE F 60 -61.92 15.58 17.83
C PHE F 60 -60.80 15.09 18.73
N PHE F 61 -59.95 16.01 19.16
CA PHE F 61 -58.69 15.63 19.79
C PHE F 61 -58.88 14.80 21.05
N ASN F 62 -59.94 15.06 21.82
CA ASN F 62 -60.16 14.35 23.08
C ASN F 62 -60.93 13.04 22.88
N GLN F 63 -61.18 12.65 21.63
CA GLN F 63 -61.98 11.48 21.30
C GLN F 63 -61.16 10.23 20.96
N VAL F 64 -59.83 10.29 21.04
CA VAL F 64 -59.01 9.13 20.64
C VAL F 64 -59.21 8.01 21.66
N PRO F 65 -59.41 6.76 21.24
CA PRO F 65 -59.42 5.66 22.20
C PRO F 65 -58.11 5.61 22.96
N VAL F 66 -58.22 5.64 24.30
CA VAL F 66 -57.07 5.64 25.21
C VAL F 66 -57.36 4.70 26.36
N PRO F 67 -56.32 4.18 27.00
CA PRO F 67 -56.53 3.32 28.17
C PRO F 67 -57.33 4.05 29.22
N PRO F 68 -58.06 3.31 30.07
CA PRO F 68 -58.89 3.96 31.08
C PRO F 68 -58.05 4.86 31.96
N PHE F 69 -58.63 6.00 32.33
CA PHE F 69 -58.08 6.93 33.31
C PHE F 69 -56.86 7.70 32.79
N TRP F 70 -56.28 7.30 31.66
CA TRP F 70 -55.19 8.08 31.11
C TRP F 70 -55.76 9.38 30.55
N GLU F 71 -55.10 10.51 30.86
CA GLU F 71 -55.68 11.82 30.63
C GLU F 71 -55.09 12.49 29.39
N ILE F 72 -55.93 13.28 28.71
CA ILE F 72 -55.58 13.91 27.45
C ILE F 72 -55.49 15.42 27.64
N THR F 73 -54.49 16.04 27.01
CA THR F 73 -54.18 17.45 27.19
C THR F 73 -54.50 18.22 25.92
N GLY F 74 -55.34 19.25 26.06
CA GLY F 74 -55.79 20.03 24.92
C GLY F 74 -54.93 21.23 24.55
N ASP F 75 -54.81 21.45 23.25
CA ASP F 75 -54.27 22.66 22.67
C ASP F 75 -54.71 22.71 21.21
N HIS F 76 -54.72 23.92 20.64
CA HIS F 76 -54.99 24.03 19.21
C HIS F 76 -53.79 23.56 18.40
N GLN F 77 -52.57 23.82 18.88
CA GLN F 77 -51.38 23.42 18.14
C GLN F 77 -51.20 21.92 18.13
N VAL F 78 -51.57 21.23 19.20
CA VAL F 78 -51.29 19.80 19.30
C VAL F 78 -52.04 19.25 20.50
N ALA F 79 -51.96 17.94 20.71
CA ALA F 79 -52.48 17.30 21.91
C ALA F 79 -51.54 16.17 22.29
N ARG F 80 -51.62 15.74 23.54
CA ARG F 80 -50.82 14.63 24.02
C ARG F 80 -51.66 13.77 24.95
N VAL F 81 -51.24 12.53 25.10
CA VAL F 81 -51.86 11.57 26.03
C VAL F 81 -50.87 11.33 27.16
N SER F 82 -51.36 11.37 28.39
CA SER F 82 -50.50 11.31 29.56
C SER F 82 -51.00 10.25 30.54
N ASP F 83 -50.06 9.55 31.18
CA ASP F 83 -50.33 8.70 32.34
C ASP F 83 -49.59 9.30 33.54
N MSE F 84 -50.34 9.85 34.49
CA MSE F 84 -49.80 10.36 35.74
C MSE F 84 -48.76 11.47 35.51
O MSE F 84 -47.67 11.43 36.06
CB MSE F 84 -49.18 9.22 36.55
CG MSE F 84 -50.16 8.06 36.79
SE MSE F 84 -51.12 8.14 38.49
CE MSE F 84 -52.15 6.49 38.35
N GLY F 85 -49.12 12.44 34.67
CA GLY F 85 -48.25 13.55 34.35
C GLY F 85 -47.14 13.21 33.38
N GLU F 86 -46.87 11.93 33.18
CA GLU F 86 -45.87 11.44 32.24
C GLU F 86 -46.46 11.38 30.82
N GLU F 87 -45.58 11.50 29.83
CA GLU F 87 -46.00 11.52 28.42
C GLU F 87 -46.04 10.10 27.85
N ARG F 88 -47.23 9.65 27.44
CA ARG F 88 -47.33 8.44 26.64
C ARG F 88 -47.70 8.63 25.16
N ALA F 89 -48.12 9.81 24.71
CA ALA F 89 -48.52 9.87 23.30
C ALA F 89 -48.59 11.30 22.78
N ARG F 90 -48.62 11.40 21.44
CA ARG F 90 -48.91 12.64 20.72
C ARG F 90 -50.16 12.47 19.86
N ILE F 91 -50.99 13.50 19.83
CA ILE F 91 -52.08 13.61 18.86
C ILE F 91 -51.79 14.81 18.00
N HIS F 92 -51.82 14.62 16.69
CA HIS F 92 -51.55 15.69 15.74
C HIS F 92 -52.83 16.14 15.07
N TYR F 93 -52.87 17.43 14.75
CA TYR F 93 -54.05 18.05 14.18
C TYR F 93 -54.05 17.91 12.67
N ALA F 94 -55.23 17.69 12.11
CA ALA F 94 -55.39 17.59 10.67
C ALA F 94 -55.33 18.95 10.00
N SER F 95 -55.15 18.92 8.68
CA SER F 95 -55.02 20.14 7.90
C SER F 95 -56.36 20.79 7.58
N GLN F 96 -57.46 20.24 8.07
CA GLN F 96 -58.75 20.89 7.94
C GLN F 96 -58.89 22.01 8.96
N ALA F 97 -59.61 23.08 8.56
CA ALA F 97 -59.58 24.33 9.30
C ALA F 97 -60.25 24.20 10.66
N ARG F 98 -61.21 23.28 10.81
CA ARG F 98 -61.80 23.04 12.11
C ARG F 98 -60.71 22.66 13.11
N GLY F 99 -60.66 23.39 14.22
CA GLY F 99 -59.52 23.25 15.12
C GLY F 99 -59.50 21.89 15.81
N ARG F 100 -58.30 21.37 16.00
CA ARG F 100 -58.04 20.22 16.88
C ARG F 100 -58.66 18.92 16.37
N LEU F 101 -58.68 18.72 15.06
CA LEU F 101 -59.11 17.45 14.49
C LEU F 101 -57.90 16.54 14.32
N VAL F 102 -58.06 15.27 14.72
CA VAL F 102 -56.92 14.36 14.67
C VAL F 102 -56.50 14.12 13.23
N LYS F 103 -55.19 14.16 13.00
CA LYS F 103 -54.58 13.58 11.81
C LYS F 103 -53.90 12.27 12.17
N GLN F 104 -52.96 12.33 13.09
CA GLN F 104 -52.11 11.22 13.47
C GLN F 104 -52.19 11.03 14.98
N VAL F 105 -51.89 9.83 15.45
CA VAL F 105 -51.65 9.58 16.87
C VAL F 105 -50.34 8.82 16.96
N ASP F 106 -49.32 9.45 17.54
CA ASP F 106 -47.98 8.88 17.62
C ASP F 106 -47.75 8.42 19.07
N TRP F 107 -47.44 7.13 19.22
CA TRP F 107 -47.31 6.52 20.53
C TRP F 107 -45.85 6.35 20.92
N LEU F 108 -45.55 6.59 22.19
CA LEU F 108 -44.20 6.48 22.74
C LEU F 108 -44.15 5.33 23.74
N ASP F 109 -42.97 5.09 24.29
CA ASP F 109 -42.76 4.05 25.29
C ASP F 109 -42.37 4.68 26.62
N LYS F 110 -42.18 3.84 27.63
CA LYS F 110 -41.77 4.34 28.94
C LYS F 110 -40.44 5.08 28.87
N LYS F 111 -39.63 4.81 27.85
CA LYS F 111 -38.42 5.60 27.61
C LYS F 111 -38.75 6.92 26.91
N GLY F 112 -39.73 6.93 26.02
CA GLY F 112 -40.19 8.15 25.38
C GLY F 112 -39.85 8.29 23.91
N GLN F 113 -39.00 7.43 23.34
CA GLN F 113 -38.71 7.51 21.92
C GLN F 113 -39.83 6.86 21.11
N LEU F 114 -39.95 7.29 19.84
CA LEU F 114 -41.14 7.00 19.05
C LEU F 114 -41.19 5.54 18.58
N ARG F 115 -42.39 4.96 18.63
CA ARG F 115 -42.58 3.56 18.27
C ARG F 115 -43.70 3.33 17.27
N LEU F 116 -44.95 3.69 17.59
CA LEU F 116 -46.08 3.46 16.71
C LEU F 116 -46.74 4.77 16.29
N SER F 117 -47.30 4.79 15.08
CA SER F 117 -48.07 5.93 14.57
C SER F 117 -49.41 5.44 14.06
N GLU F 118 -50.50 5.83 14.71
CA GLU F 118 -51.84 5.48 14.24
C GLU F 118 -52.42 6.66 13.46
N ARG F 119 -52.58 6.48 12.16
CA ARG F 119 -53.12 7.51 11.28
C ARG F 119 -54.63 7.39 11.20
N TYR F 120 -55.30 8.53 11.23
CA TYR F 120 -56.74 8.60 11.16
C TYR F 120 -57.17 9.33 9.89
N ASN F 121 -58.37 9.01 9.41
CA ASN F 121 -58.92 9.61 8.22
C ASN F 121 -60.08 10.52 8.58
N LYS F 122 -60.69 11.12 7.56
CA LYS F 122 -61.74 12.10 7.79
C LYS F 122 -62.97 11.48 8.44
N GLN F 123 -63.06 10.16 8.45
CA GLN F 123 -64.19 9.48 9.05
C GLN F 123 -64.02 9.23 10.55
N GLY F 124 -62.82 9.44 11.08
CA GLY F 124 -62.57 9.14 12.47
C GLY F 124 -62.33 7.68 12.79
N ARG F 125 -61.44 7.05 12.04
CA ARG F 125 -61.05 5.66 12.23
C ARG F 125 -59.54 5.55 12.15
N CYS F 126 -58.98 4.54 12.81
CA CYS F 126 -57.55 4.28 12.69
C CYS F 126 -57.35 3.27 11.56
N PHE F 127 -56.89 3.75 10.42
CA PHE F 127 -56.66 2.93 9.24
C PHE F 127 -55.20 2.58 8.97
N ALA F 128 -54.26 3.14 9.73
CA ALA F 128 -52.86 2.75 9.59
C ALA F 128 -52.20 2.76 10.95
N LYS F 129 -51.57 1.65 11.31
CA LYS F 129 -50.62 1.62 12.43
C LYS F 129 -49.23 1.60 11.80
N THR F 130 -48.54 2.74 11.87
CA THR F 130 -47.23 2.90 11.26
C THR F 130 -46.19 2.66 12.35
N ALA F 131 -45.46 1.56 12.23
CA ALA F 131 -44.54 1.15 13.29
C ALA F 131 -43.17 1.79 13.06
N TYR F 132 -42.26 1.58 14.02
CA TYR F 132 -40.92 2.12 13.96
C TYR F 132 -39.99 1.13 14.65
N LYS F 133 -38.68 1.43 14.63
CA LYS F 133 -37.72 0.45 15.13
C LYS F 133 -36.69 1.06 16.08
N SER F 134 -35.71 0.24 16.45
CA SER F 134 -34.64 0.65 17.37
C SER F 134 -34.07 2.01 17.00
N GLY F 135 -33.52 2.12 15.80
CA GLY F 135 -32.75 3.28 15.39
C GLY F 135 -33.61 4.47 15.02
N GLN F 136 -34.85 4.47 15.50
CA GLN F 136 -35.85 5.51 15.24
C GLN F 136 -36.26 5.54 13.78
N GLU F 137 -36.10 4.44 13.05
CA GLU F 137 -36.51 4.37 11.66
C GLU F 137 -37.87 3.68 11.55
N ALA F 138 -38.40 3.65 10.34
CA ALA F 138 -39.82 3.35 10.10
C ALA F 138 -39.96 1.97 9.44
N PHE F 139 -40.66 1.07 10.11
CA PHE F 139 -40.72 -0.32 9.64
C PHE F 139 -41.82 -0.53 8.59
N ASN F 140 -43.09 -0.54 9.01
CA ASN F 140 -44.18 -0.82 8.09
C ASN F 140 -45.38 0.09 8.35
N THR F 141 -46.33 0.05 7.42
CA THR F 141 -47.65 0.63 7.58
C THR F 141 -48.66 -0.48 7.29
N THR F 142 -49.37 -0.95 8.32
CA THR F 142 -50.43 -1.93 8.15
C THR F 142 -51.73 -1.19 7.91
N TYR F 143 -52.35 -1.44 6.75
CA TYR F 143 -53.57 -0.73 6.39
C TYR F 143 -54.74 -1.65 6.72
N TYR F 144 -55.46 -1.32 7.77
CA TYR F 144 -56.55 -2.13 8.25
C TYR F 144 -57.81 -1.85 7.44
N SER F 145 -58.61 -2.89 7.24
CA SER F 145 -59.95 -2.66 6.75
C SER F 145 -60.81 -2.09 7.87
N THR F 146 -62.05 -1.73 7.52
CA THR F 146 -63.03 -1.47 8.57
C THR F 146 -63.39 -2.76 9.27
N ASP F 147 -63.29 -3.89 8.55
CA ASP F 147 -63.41 -5.21 9.16
C ASP F 147 -62.42 -5.36 10.32
N GLY F 148 -61.19 -4.87 10.14
CA GLY F 148 -60.08 -5.15 11.01
C GLY F 148 -59.08 -6.14 10.45
N GLN F 149 -59.38 -6.72 9.29
CA GLN F 149 -58.49 -7.67 8.65
C GLN F 149 -57.33 -6.92 8.00
N GLU F 150 -56.16 -7.57 7.98
CA GLU F 150 -55.01 -6.99 7.30
C GLU F 150 -55.26 -7.00 5.80
N ARG F 151 -55.19 -5.82 5.18
CA ARG F 151 -55.35 -5.67 3.75
C ARG F 151 -54.02 -5.42 3.04
N ILE F 152 -53.36 -4.30 3.33
CA ILE F 152 -52.08 -3.95 2.71
C ILE F 152 -51.01 -3.88 3.79
N VAL F 153 -49.83 -4.44 3.51
CA VAL F 153 -48.67 -4.32 4.40
C VAL F 153 -47.49 -3.84 3.55
N GLU F 154 -47.04 -2.62 3.79
CA GLU F 154 -45.92 -2.04 3.06
C GLU F 154 -44.68 -2.13 3.95
N ASN F 155 -43.64 -2.79 3.46
CA ASN F 155 -42.41 -2.96 4.23
C ASN F 155 -41.44 -1.90 3.72
N HIS F 156 -41.23 -0.87 4.54
CA HIS F 156 -40.44 0.28 4.11
C HIS F 156 -38.96 -0.03 4.01
N VAL F 157 -38.55 -1.21 4.42
CA VAL F 157 -37.16 -1.65 4.30
C VAL F 157 -36.94 -2.19 2.89
N THR F 158 -37.60 -3.31 2.58
CA THR F 158 -37.36 -4.02 1.33
C THR F 158 -38.06 -3.36 0.14
N GLY F 159 -39.28 -2.87 0.35
CA GLY F 159 -40.12 -2.38 -0.72
C GLY F 159 -41.28 -3.29 -1.07
N ASP F 160 -41.35 -4.47 -0.47
CA ASP F 160 -42.43 -5.40 -0.74
C ASP F 160 -43.74 -4.89 -0.18
N ILE F 161 -44.84 -5.34 -0.79
CA ILE F 161 -46.19 -4.95 -0.37
C ILE F 161 -47.04 -6.21 -0.35
N ILE F 162 -47.59 -6.54 0.82
CA ILE F 162 -48.39 -7.73 1.00
C ILE F 162 -49.85 -7.29 0.96
N LEU F 163 -50.55 -7.63 -0.13
CA LEU F 163 -51.94 -7.25 -0.30
C LEU F 163 -52.83 -8.47 -0.08
N THR F 164 -53.57 -8.47 1.02
CA THR F 164 -54.59 -9.48 1.27
C THR F 164 -55.93 -8.79 1.03
N LEU F 165 -56.56 -9.07 -0.12
CA LEU F 165 -57.89 -8.56 -0.40
C LEU F 165 -58.93 -9.55 0.14
N ASP F 166 -60.22 -9.24 -0.02
CA ASP F 166 -61.21 -10.08 0.64
C ASP F 166 -61.38 -11.35 -0.18
N GLN F 167 -60.96 -12.48 0.41
CA GLN F 167 -61.01 -13.81 -0.18
C GLN F 167 -60.13 -13.98 -1.42
N GLU F 168 -59.48 -12.89 -1.87
CA GLU F 168 -58.50 -13.08 -2.93
C GLU F 168 -57.24 -13.71 -2.37
N PRO F 169 -56.54 -14.53 -3.18
CA PRO F 169 -55.23 -15.04 -2.75
C PRO F 169 -54.24 -13.91 -2.52
N LEU F 170 -53.28 -14.18 -1.63
CA LEU F 170 -52.34 -13.15 -1.20
C LEU F 170 -51.45 -12.71 -2.36
N ARG F 171 -51.03 -11.45 -2.31
CA ARG F 171 -50.35 -10.78 -3.41
C ARG F 171 -49.12 -10.04 -2.86
N ILE F 172 -48.03 -10.11 -3.63
CA ILE F 172 -46.79 -9.41 -3.32
C ILE F 172 -46.40 -8.57 -4.53
N PHE F 173 -45.83 -7.39 -4.25
CA PHE F 173 -45.40 -6.45 -5.30
C PHE F 173 -44.01 -5.97 -4.96
N LYS F 174 -43.13 -5.90 -5.97
CA LYS F 174 -41.70 -5.74 -5.68
C LYS F 174 -41.37 -4.32 -5.24
N SER F 175 -42.17 -3.34 -5.63
CA SER F 175 -41.94 -1.97 -5.17
C SER F 175 -43.27 -1.25 -5.10
N ARG F 176 -43.23 0.00 -4.63
CA ARG F 176 -44.41 0.83 -4.73
C ARG F 176 -44.81 1.03 -6.18
N VAL F 177 -43.85 0.93 -7.10
CA VAL F 177 -44.13 1.18 -8.51
C VAL F 177 -45.06 0.11 -9.06
N ASP F 178 -44.75 -1.16 -8.78
CA ASP F 178 -45.52 -2.26 -9.36
C ASP F 178 -46.90 -2.39 -8.75
N PHE F 179 -47.06 -1.96 -7.49
CA PHE F 179 -48.38 -1.95 -6.87
C PHE F 179 -49.30 -0.94 -7.54
N ILE F 180 -48.75 0.21 -7.94
CA ILE F 180 -49.55 1.26 -8.57
C ILE F 180 -50.14 0.75 -9.88
N ARG F 181 -49.29 0.14 -10.72
CA ARG F 181 -49.76 -0.41 -11.99
C ARG F 181 -50.91 -1.38 -11.79
N PHE F 182 -50.87 -2.16 -10.73
CA PHE F 182 -51.94 -3.12 -10.45
C PHE F 182 -53.28 -2.41 -10.26
N PHE F 183 -53.33 -1.48 -9.31
CA PHE F 183 -54.54 -0.70 -9.09
C PHE F 183 -55.00 -0.01 -10.36
N LEU F 184 -54.06 0.45 -11.18
CA LEU F 184 -54.40 1.26 -12.34
C LEU F 184 -55.34 0.51 -13.28
N GLU F 185 -54.93 -0.67 -13.73
CA GLU F 185 -55.76 -1.45 -14.63
C GLU F 185 -56.60 -2.51 -13.92
N ARG F 186 -56.57 -2.56 -12.58
CA ARG F 186 -57.65 -3.26 -11.88
C ARG F 186 -58.95 -2.50 -12.03
N LEU F 187 -58.88 -1.17 -12.12
CA LEU F 187 -60.02 -0.34 -12.46
C LEU F 187 -60.09 -0.01 -13.95
N ASP F 188 -59.09 -0.43 -14.74
CA ASP F 188 -59.09 -0.28 -16.20
C ASP F 188 -59.28 1.19 -16.60
N LEU F 189 -58.42 2.04 -16.07
CA LEU F 189 -58.55 3.48 -16.27
C LEU F 189 -58.09 3.88 -17.66
N ASP F 190 -58.58 5.04 -18.12
CA ASP F 190 -58.21 5.49 -19.46
C ASP F 190 -56.81 6.07 -19.39
N LEU F 191 -55.86 5.39 -20.04
CA LEU F 191 -54.45 5.71 -19.94
C LEU F 191 -53.94 6.52 -21.13
N ASP F 192 -54.81 6.93 -22.05
CA ASP F 192 -54.38 7.71 -23.20
C ASP F 192 -53.62 8.98 -22.81
N HIS F 193 -53.87 9.51 -21.62
CA HIS F 193 -53.14 10.66 -21.10
C HIS F 193 -52.96 10.50 -19.59
N ILE F 194 -51.82 10.94 -19.08
CA ILE F 194 -51.51 10.82 -17.65
C ILE F 194 -50.83 12.10 -17.19
N LEU F 195 -51.32 12.68 -16.10
CA LEU F 195 -50.86 13.96 -15.57
C LEU F 195 -50.19 13.73 -14.21
N PHE F 196 -49.05 14.37 -13.97
CA PHE F 196 -48.36 14.16 -12.71
C PHE F 196 -47.53 15.37 -12.28
N ASN F 197 -47.56 15.68 -10.98
CA ASN F 197 -46.93 16.86 -10.40
C ASN F 197 -45.53 16.65 -9.83
N SER F 198 -45.09 15.41 -9.58
CA SER F 198 -43.88 15.18 -8.81
C SER F 198 -43.00 14.16 -9.51
N LEU F 199 -41.78 14.56 -9.87
CA LEU F 199 -40.83 13.55 -10.29
C LEU F 199 -40.56 12.63 -9.10
N ALA F 200 -40.99 11.38 -9.27
CA ALA F 200 -41.07 10.44 -8.16
C ALA F 200 -41.65 9.15 -8.70
N TYR F 201 -42.26 8.40 -7.78
CA TYR F 201 -43.10 7.26 -8.13
C TYR F 201 -43.97 7.61 -9.33
N SER F 202 -44.54 8.82 -9.32
CA SER F 202 -45.38 9.26 -10.43
C SER F 202 -44.59 9.28 -11.73
N PHE F 203 -43.37 9.83 -11.69
CA PHE F 203 -42.47 9.71 -12.84
C PHE F 203 -42.00 8.28 -13.04
N LEU F 204 -41.75 7.55 -11.95
CA LEU F 204 -41.30 6.18 -12.06
C LEU F 204 -42.36 5.24 -12.60
N VAL F 205 -43.65 5.62 -12.52
CA VAL F 205 -44.67 4.83 -13.20
C VAL F 205 -44.78 5.24 -14.66
N SER F 206 -44.72 6.54 -14.95
CA SER F 206 -44.74 6.99 -16.34
C SER F 206 -43.53 6.45 -17.09
N HIS F 207 -42.37 6.43 -16.43
CA HIS F 207 -41.23 5.68 -16.94
C HIS F 207 -41.59 4.21 -17.14
N SER F 208 -42.35 3.64 -16.21
CA SER F 208 -42.69 2.22 -16.24
C SER F 208 -43.66 1.87 -17.36
N LEU F 209 -44.28 2.84 -18.03
CA LEU F 209 -45.00 2.51 -19.24
C LEU F 209 -44.25 3.15 -20.40
N THR F 210 -43.31 2.39 -20.95
CA THR F 210 -42.89 2.49 -22.34
C THR F 210 -43.38 1.31 -23.16
N GLY F 211 -43.95 0.29 -22.51
CA GLY F 211 -44.53 -0.85 -23.20
C GLY F 211 -45.91 -0.55 -23.73
N ARG F 212 -46.76 0.01 -22.88
CA ARG F 212 -48.00 0.62 -23.33
C ARG F 212 -47.71 2.01 -23.90
N ALA F 213 -48.63 2.49 -24.73
CA ALA F 213 -48.41 3.71 -25.52
C ALA F 213 -49.28 4.85 -25.01
N GLY F 214 -48.79 6.07 -25.24
CA GLY F 214 -49.52 7.26 -24.85
C GLY F 214 -48.57 8.43 -24.70
N GLN F 215 -49.17 9.58 -24.36
CA GLN F 215 -48.43 10.80 -24.06
C GLN F 215 -48.80 11.27 -22.66
N ASP F 216 -47.84 11.22 -21.74
CA ASP F 216 -48.05 11.76 -20.41
C ASP F 216 -47.59 13.21 -20.35
N ILE F 217 -47.83 13.84 -19.21
CA ILE F 217 -47.56 15.26 -19.02
C ILE F 217 -47.08 15.49 -17.59
N LEU F 218 -45.98 16.23 -17.45
CA LEU F 218 -45.41 16.57 -16.15
C LEU F 218 -45.71 18.01 -15.79
N PHE F 219 -46.05 18.23 -14.51
CA PHE F 219 -46.29 19.56 -13.96
C PHE F 219 -45.24 19.83 -12.90
N TRP F 220 -44.59 20.99 -12.99
CA TRP F 220 -43.51 21.35 -12.06
C TRP F 220 -43.96 22.49 -11.16
N GLN F 221 -44.33 22.14 -9.94
CA GLN F 221 -44.55 23.09 -8.85
C GLN F 221 -43.34 23.20 -7.92
N GLU F 222 -42.37 22.31 -8.06
CA GLU F 222 -41.26 22.26 -7.12
C GLU F 222 -40.30 23.41 -7.37
N PRO F 223 -39.54 23.84 -6.37
CA PRO F 223 -38.57 24.92 -6.58
C PRO F 223 -37.40 24.45 -7.43
N LEU F 224 -36.75 25.41 -8.08
CA LEU F 224 -35.68 25.15 -9.03
C LEU F 224 -34.41 25.87 -8.62
N TYR F 225 -33.29 25.16 -8.68
CA TYR F 225 -31.96 25.73 -8.47
C TYR F 225 -30.98 24.99 -9.39
N ASP F 226 -29.68 25.24 -9.17
CA ASP F 226 -28.74 25.37 -10.28
C ASP F 226 -28.55 24.11 -11.12
N GLU F 227 -28.66 22.92 -10.55
CA GLU F 227 -28.37 21.71 -11.34
C GLU F 227 -29.66 20.93 -11.55
N LEU F 228 -29.99 20.68 -12.82
CA LEU F 228 -31.30 20.17 -13.18
C LEU F 228 -31.47 18.71 -12.73
N PRO F 229 -32.71 18.30 -12.43
CA PRO F 229 -32.93 16.95 -11.90
C PRO F 229 -32.43 15.88 -12.86
N GLY F 230 -31.72 14.89 -12.30
CA GLY F 230 -31.28 13.77 -13.12
C GLY F 230 -32.44 13.08 -13.81
N ASN F 231 -33.57 12.96 -13.14
CA ASN F 231 -34.75 12.41 -13.80
C ASN F 231 -35.28 13.35 -14.89
N MSE F 232 -35.11 14.66 -14.72
CA MSE F 232 -35.69 15.60 -15.66
C MSE F 232 -34.88 15.70 -16.95
O MSE F 232 -35.47 15.78 -18.04
CB MSE F 232 -35.81 16.99 -15.03
CG MSE F 232 -36.51 18.00 -15.94
SE MSE F 232 -36.51 19.82 -15.26
CE MSE F 232 -37.52 19.54 -13.62
N GLN F 233 -33.55 15.70 -16.86
CA GLN F 233 -32.76 15.58 -18.07
C GLN F 233 -33.11 14.29 -18.81
N LEU F 234 -33.48 13.24 -18.08
CA LEU F 234 -33.97 12.01 -18.70
C LEU F 234 -35.32 12.19 -19.37
N ILE F 235 -36.12 13.16 -18.93
CA ILE F 235 -37.32 13.52 -19.67
C ILE F 235 -36.95 14.24 -20.96
N LEU F 236 -35.85 15.00 -20.94
CA LEU F 236 -35.38 15.64 -22.16
C LEU F 236 -34.68 14.64 -23.07
N ASP F 237 -33.76 13.86 -22.52
CA ASP F 237 -32.77 13.15 -23.32
C ASP F 237 -33.28 11.85 -23.92
N ASN F 238 -34.35 11.25 -23.38
CA ASN F 238 -34.86 9.99 -23.90
C ASN F 238 -36.12 10.23 -24.71
N SER F 239 -36.21 9.56 -25.86
CA SER F 239 -37.30 9.73 -26.82
C SER F 239 -38.39 8.67 -26.74
N GLN F 240 -38.23 7.62 -25.91
CA GLN F 240 -39.26 6.58 -25.84
C GLN F 240 -40.20 6.66 -24.63
N LEU F 241 -40.03 7.63 -23.73
CA LEU F 241 -40.91 7.72 -22.57
C LEU F 241 -42.29 8.26 -22.95
N ARG F 242 -43.25 8.04 -22.05
CA ARG F 242 -44.55 8.68 -22.21
C ARG F 242 -44.50 10.17 -21.89
N THR F 243 -43.47 10.63 -21.19
CA THR F 243 -43.32 12.06 -20.87
C THR F 243 -42.08 12.62 -21.57
N GLN F 244 -42.29 13.32 -22.67
CA GLN F 244 -41.38 14.36 -23.17
C GLN F 244 -41.94 15.76 -23.01
N THR F 245 -43.09 15.94 -22.37
CA THR F 245 -43.74 17.24 -22.31
C THR F 245 -43.77 17.73 -20.86
N ILE F 246 -43.04 18.80 -20.59
CA ILE F 246 -42.83 19.31 -19.22
C ILE F 246 -43.52 20.66 -19.10
N VAL F 247 -44.34 20.80 -18.07
CA VAL F 247 -45.11 22.02 -17.81
C VAL F 247 -44.60 22.68 -16.53
N ILE F 248 -44.28 23.96 -16.62
CA ILE F 248 -43.98 24.78 -15.44
C ILE F 248 -45.02 25.89 -15.34
N PRO F 249 -45.92 25.85 -14.36
CA PRO F 249 -46.86 26.97 -14.20
C PRO F 249 -46.20 28.26 -13.78
N ASP F 250 -45.27 28.21 -12.83
CA ASP F 250 -44.70 29.43 -12.28
C ASP F 250 -43.93 30.20 -13.35
N LEU F 251 -44.08 31.52 -13.33
CA LEU F 251 -43.36 32.38 -14.29
C LEU F 251 -41.87 32.41 -14.00
N ALA F 252 -41.47 32.33 -12.72
CA ALA F 252 -40.06 32.37 -12.30
C ALA F 252 -39.34 31.03 -12.45
N THR F 253 -39.98 29.91 -12.08
CA THR F 253 -39.33 28.62 -12.27
C THR F 253 -39.10 28.36 -13.75
N TYR F 254 -40.07 28.77 -14.57
CA TYR F 254 -39.89 28.84 -16.02
C TYR F 254 -38.69 29.69 -16.41
N GLU F 255 -38.39 30.74 -15.63
CA GLU F 255 -37.30 31.65 -15.97
C GLU F 255 -35.94 30.96 -15.86
N LYS F 256 -35.77 30.07 -14.87
CA LYS F 256 -34.54 29.34 -14.69
C LYS F 256 -34.55 27.97 -15.35
N ALA F 257 -35.64 27.61 -16.03
CA ALA F 257 -35.79 26.27 -16.58
C ALA F 257 -34.96 26.07 -17.84
N MSE F 258 -35.25 26.84 -18.89
CA MSE F 258 -34.51 26.72 -20.15
C MSE F 258 -33.19 27.47 -20.08
O MSE F 258 -32.44 27.54 -21.06
CB MSE F 258 -35.36 27.24 -21.31
CG MSE F 258 -36.73 26.59 -21.42
SE MSE F 258 -38.17 27.86 -21.76
CE MSE F 258 -37.64 28.45 -23.55
N SER F 259 -32.94 28.05 -18.91
CA SER F 259 -31.61 28.58 -18.59
C SER F 259 -30.54 27.51 -18.78
N LEU F 260 -30.76 26.34 -18.20
CA LEU F 260 -29.75 25.29 -18.15
C LEU F 260 -29.93 24.21 -19.22
N ALA F 261 -30.87 24.41 -20.14
CA ALA F 261 -31.17 23.46 -21.20
C ALA F 261 -30.59 23.94 -22.53
N ALA F 262 -30.20 22.99 -23.37
CA ALA F 262 -29.70 23.34 -24.70
C ALA F 262 -30.85 23.80 -25.58
N ALA F 263 -30.51 24.20 -26.82
CA ALA F 263 -31.55 24.55 -27.79
C ALA F 263 -32.41 23.35 -28.13
N ASP F 264 -31.93 22.14 -27.85
CA ASP F 264 -32.74 20.94 -28.01
C ASP F 264 -33.83 20.88 -26.95
N GLN F 265 -33.45 21.03 -25.68
CA GLN F 265 -34.30 20.62 -24.58
C GLN F 265 -35.50 21.55 -24.36
N GLN F 266 -35.54 22.70 -25.02
CA GLN F 266 -36.56 23.69 -24.74
C GLN F 266 -37.84 23.55 -25.57
N GLN F 267 -37.94 22.52 -26.42
CA GLN F 267 -39.21 22.22 -27.07
C GLN F 267 -40.11 21.38 -26.19
N LYS F 268 -39.65 21.06 -24.98
CA LYS F 268 -40.40 20.28 -24.01
C LYS F 268 -41.05 21.13 -22.91
N PHE F 269 -41.06 22.47 -23.03
CA PHE F 269 -41.60 23.34 -21.98
C PHE F 269 -42.75 24.22 -22.46
N LEU F 270 -43.60 24.63 -21.51
CA LEU F 270 -44.74 25.52 -21.77
C LEU F 270 -45.03 26.42 -20.56
N HIS F 271 -45.46 27.66 -20.85
CA HIS F 271 -45.88 28.62 -19.84
C HIS F 271 -47.34 28.40 -19.49
N LEU F 272 -47.64 28.30 -18.19
CA LEU F 272 -49.01 28.13 -17.71
C LEU F 272 -49.21 28.90 -16.42
N GLY F 273 -50.34 28.64 -15.78
CA GLY F 273 -50.71 29.26 -14.52
C GLY F 273 -51.93 28.56 -13.96
N TYR F 274 -52.32 28.99 -12.77
CA TYR F 274 -53.49 28.46 -12.08
C TYR F 274 -54.57 29.52 -12.08
N HIS F 275 -55.73 29.19 -12.67
CA HIS F 275 -56.86 30.08 -12.58
C HIS F 275 -57.47 29.98 -11.19
N TYR F 276 -57.73 31.12 -10.58
CA TYR F 276 -58.20 31.18 -9.20
C TYR F 276 -59.66 31.60 -9.17
N ASP F 277 -60.39 31.09 -8.19
CA ASP F 277 -61.75 31.54 -7.93
C ASP F 277 -61.63 32.48 -6.72
N PHE F 278 -61.71 33.78 -6.98
CA PHE F 278 -61.77 34.78 -5.93
C PHE F 278 -63.23 34.97 -5.55
N LYS F 279 -63.52 34.93 -4.25
CA LYS F 279 -64.91 35.07 -3.85
C LYS F 279 -65.45 36.46 -4.14
N ARG F 280 -64.60 37.48 -4.07
CA ARG F 280 -65.02 38.86 -4.27
C ARG F 280 -63.86 39.71 -4.80
N ASP F 281 -64.22 40.90 -5.31
CA ASP F 281 -63.27 41.90 -5.77
C ASP F 281 -62.71 42.66 -4.58
N ASN F 282 -62.03 43.78 -4.85
CA ASN F 282 -61.37 44.58 -3.81
C ASN F 282 -62.35 45.55 -3.14
N TYR F 283 -62.84 46.53 -3.91
CA TYR F 283 -63.77 47.57 -3.45
C TYR F 283 -63.16 48.54 -2.43
N LEU F 284 -61.86 48.81 -2.55
CA LEU F 284 -61.21 50.01 -2.01
C LEU F 284 -61.74 50.40 -0.62
N ARG F 285 -61.50 49.52 0.34
CA ARG F 285 -61.84 49.87 1.71
C ARG F 285 -60.63 50.51 2.36
N LYS F 286 -60.81 51.02 3.57
CA LYS F 286 -59.65 51.30 4.43
C LYS F 286 -59.88 50.58 5.77
N ASP F 287 -59.37 49.36 5.87
CA ASP F 287 -59.34 48.56 7.09
C ASP F 287 -58.30 47.46 6.90
N ALA F 288 -57.70 47.02 8.00
CA ALA F 288 -56.66 46.00 7.95
C ALA F 288 -56.97 44.86 8.91
N LEU F 289 -56.50 43.67 8.54
CA LEU F 289 -56.78 42.46 9.29
C LEU F 289 -55.49 41.71 9.54
N ILE F 290 -55.29 41.25 10.78
CA ILE F 290 -54.18 40.37 11.13
C ILE F 290 -54.72 39.27 12.04
N LEU F 291 -54.64 38.03 11.57
CA LEU F 291 -54.94 36.86 12.40
C LEU F 291 -53.63 36.36 12.99
N THR F 292 -53.51 36.49 14.31
CA THR F 292 -52.32 36.11 15.06
C THR F 292 -52.69 35.08 16.13
N HIS F 293 -51.66 34.41 16.64
CA HIS F 293 -51.82 33.51 17.79
C HIS F 293 -51.44 34.20 19.10
N SER F 294 -50.18 34.59 19.23
CA SER F 294 -49.71 35.31 20.41
C SER F 294 -48.92 36.55 19.99
N ASP F 295 -48.83 37.50 20.91
CA ASP F 295 -48.09 38.75 20.69
C ASP F 295 -46.58 38.48 20.55
N GLN F 296 -45.85 39.35 19.84
CA GLN F 296 -46.41 40.57 19.29
C GLN F 296 -46.06 40.76 17.82
N ILE F 297 -46.97 41.45 17.14
CA ILE F 297 -46.82 41.80 15.74
C ILE F 297 -45.68 42.79 15.57
N GLU F 298 -44.75 42.47 14.66
CA GLU F 298 -43.59 43.34 14.44
C GLU F 298 -44.05 44.69 13.91
N GLY F 299 -43.64 45.76 14.58
CA GLY F 299 -44.02 47.10 14.17
C GLY F 299 -45.45 47.48 14.47
N LEU F 300 -45.98 47.07 15.62
CA LEU F 300 -47.39 47.23 15.92
C LEU F 300 -47.74 48.68 16.27
N ASP F 301 -47.14 49.20 17.35
CA ASP F 301 -47.37 50.58 17.78
C ASP F 301 -47.10 51.59 16.66
N THR F 302 -46.35 51.17 15.63
CA THR F 302 -45.77 52.10 14.67
C THR F 302 -46.82 52.68 13.72
N LEU F 303 -47.62 51.83 13.07
CA LEU F 303 -48.48 52.32 12.00
C LEU F 303 -49.88 52.71 12.47
N VAL F 304 -50.21 52.49 13.74
CA VAL F 304 -51.36 53.17 14.31
C VAL F 304 -51.07 54.66 14.46
N GLN F 305 -49.82 54.98 14.80
CA GLN F 305 -49.37 56.37 14.74
C GLN F 305 -49.51 56.93 13.34
N SER F 306 -49.25 56.10 12.32
CA SER F 306 -49.07 56.57 10.96
C SER F 306 -50.41 56.85 10.27
N LEU F 307 -51.43 56.04 10.54
CA LEU F 307 -52.74 56.18 9.90
C LEU F 307 -53.82 56.09 10.96
N PRO F 308 -54.07 57.17 11.70
CA PRO F 308 -55.25 57.23 12.56
C PRO F 308 -56.55 57.14 11.79
N GLN F 309 -56.51 57.30 10.46
CA GLN F 309 -57.71 57.24 9.65
C GLN F 309 -58.19 55.81 9.43
N LEU F 310 -57.26 54.88 9.16
CA LEU F 310 -57.64 53.50 8.92
C LEU F 310 -57.85 52.75 10.22
N VAL F 311 -58.83 51.86 10.24
CA VAL F 311 -59.17 51.04 11.40
C VAL F 311 -58.51 49.68 11.25
N PHE F 312 -58.10 49.09 12.36
CA PHE F 312 -57.30 47.88 12.36
C PHE F 312 -57.97 46.81 13.23
N ARG F 313 -57.93 45.56 12.77
CA ARG F 313 -58.68 44.46 13.37
C ARG F 313 -57.75 43.28 13.60
N ILE F 314 -57.65 42.83 14.86
CA ILE F 314 -56.75 41.75 15.25
C ILE F 314 -57.53 40.68 15.98
N ALA F 315 -57.19 39.42 15.72
CA ALA F 315 -57.90 38.29 16.29
C ALA F 315 -56.93 37.23 16.79
N ALA F 316 -57.44 36.32 17.62
CA ALA F 316 -56.68 35.17 18.11
C ALA F 316 -57.66 34.09 18.57
N LEU F 317 -57.16 32.86 18.69
CA LEU F 317 -57.85 31.86 19.48
C LEU F 317 -57.32 31.76 20.91
N THR F 318 -56.19 32.39 21.19
CA THR F 318 -55.69 32.51 22.55
C THR F 318 -56.48 33.58 23.30
N GLU F 319 -56.44 33.53 24.63
CA GLU F 319 -56.80 34.69 25.42
C GLU F 319 -55.74 35.77 25.20
N MSE F 320 -56.14 37.03 25.31
CA MSE F 320 -55.24 38.10 24.90
C MSE F 320 -54.30 38.64 25.98
O MSE F 320 -54.67 38.78 27.16
CB MSE F 320 -56.04 39.26 24.31
CG MSE F 320 -56.34 39.05 22.84
SE MSE F 320 -56.30 40.74 21.88
CE MSE F 320 -57.16 40.17 20.22
N SER F 321 -53.08 38.91 25.55
CA SER F 321 -52.01 39.36 26.44
C SER F 321 -52.20 40.82 26.83
N PRO F 322 -51.71 41.21 28.01
CA PRO F 322 -51.82 42.62 28.41
C PRO F 322 -51.07 43.57 27.49
N LYS F 323 -49.89 43.19 26.98
CA LYS F 323 -49.17 44.08 26.07
C LYS F 323 -49.95 44.33 24.79
N LEU F 324 -50.64 43.30 24.29
CA LEU F 324 -51.57 43.48 23.19
C LEU F 324 -52.89 44.07 23.68
N LEU F 325 -53.30 43.74 24.90
CA LEU F 325 -54.47 44.38 25.51
C LEU F 325 -54.29 45.88 25.62
N SER F 326 -53.05 46.35 25.78
CA SER F 326 -52.76 47.77 25.89
C SER F 326 -53.05 48.53 24.60
N MSE F 327 -53.03 47.86 23.46
CA MSE F 327 -53.24 48.52 22.16
C MSE F 327 -54.64 49.13 22.03
O MSE F 327 -54.84 50.05 21.23
CB MSE F 327 -53.00 47.53 21.02
CG MSE F 327 -51.71 46.75 21.16
SE MSE F 327 -50.15 47.92 21.20
CE MSE F 327 -50.67 49.13 19.76
N LEU F 328 -55.58 48.61 22.80
CA LEU F 328 -56.97 49.06 22.70
C LEU F 328 -57.12 50.54 23.00
N SER F 329 -56.14 51.17 23.65
CA SER F 329 -56.22 52.60 23.94
C SER F 329 -56.42 53.42 22.68
N TYR F 330 -55.84 52.97 21.56
CA TYR F 330 -55.97 53.72 20.32
C TYR F 330 -57.38 53.58 19.75
N LYS F 331 -57.80 54.62 19.03
CA LYS F 331 -59.06 54.61 18.28
C LYS F 331 -59.03 53.67 17.09
N ASN F 332 -57.85 53.20 16.67
CA ASN F 332 -57.70 52.44 15.45
C ASN F 332 -57.70 50.94 15.66
N VAL F 333 -57.79 50.47 16.91
CA VAL F 333 -57.57 49.07 17.24
C VAL F 333 -58.87 48.51 17.80
N VAL F 334 -59.45 47.54 17.10
CA VAL F 334 -60.56 46.74 17.61
C VAL F 334 -60.03 45.36 17.93
N LEU F 335 -60.47 44.78 19.04
CA LEU F 335 -59.87 43.58 19.62
C LEU F 335 -60.92 42.49 19.75
N TYR F 336 -60.64 41.34 19.14
CA TYR F 336 -61.60 40.24 19.10
C TYR F 336 -61.33 39.11 20.09
N GLN F 337 -60.19 39.12 20.78
CA GLN F 337 -59.80 38.07 21.72
C GLN F 337 -60.07 36.67 21.17
N ASN F 338 -60.64 35.79 21.99
CA ASN F 338 -60.99 34.44 21.55
C ASN F 338 -62.26 34.55 20.70
N ALA F 339 -62.17 34.12 19.44
CA ALA F 339 -63.17 34.48 18.42
C ALA F 339 -63.65 33.25 17.67
N SER F 340 -64.73 33.45 16.92
CA SER F 340 -65.48 32.36 16.32
C SER F 340 -65.18 32.23 14.83
N LEU F 341 -65.77 31.20 14.22
CA LEU F 341 -65.60 30.97 12.80
C LEU F 341 -66.29 32.06 11.99
N LYS F 342 -67.59 32.27 12.23
CA LYS F 342 -68.29 33.33 11.52
C LYS F 342 -67.63 34.68 11.74
N GLN F 343 -66.96 34.86 12.87
CA GLN F 343 -66.36 36.12 13.24
C GLN F 343 -65.01 36.32 12.56
N ILE F 344 -64.59 35.35 11.74
CA ILE F 344 -63.44 35.49 10.85
C ILE F 344 -63.95 35.84 9.45
N GLU F 345 -64.80 34.98 8.88
CA GLU F 345 -65.43 35.30 7.61
C GLU F 345 -66.04 36.70 7.64
N GLN F 346 -66.63 37.10 8.77
CA GLN F 346 -67.09 38.47 8.92
C GLN F 346 -65.94 39.45 8.74
N LEU F 347 -64.72 39.06 9.10
CA LEU F 347 -63.59 39.97 9.03
C LEU F 347 -63.16 40.18 7.59
N TYR F 348 -63.04 39.10 6.82
CA TYR F 348 -62.59 39.24 5.44
C TYR F 348 -63.62 39.94 4.55
N LEU F 349 -64.87 40.05 5.00
CA LEU F 349 -65.80 40.95 4.32
C LEU F 349 -65.45 42.41 4.63
N GLU F 350 -65.22 42.70 5.90
CA GLU F 350 -65.11 44.05 6.41
C GLU F 350 -63.67 44.58 6.33
N SER F 351 -62.78 43.85 5.66
CA SER F 351 -61.43 44.31 5.38
C SER F 351 -61.16 44.27 3.88
N ASP F 352 -60.40 45.26 3.39
CA ASP F 352 -59.68 45.13 2.13
C ASP F 352 -58.19 44.87 2.28
N ILE F 353 -57.63 44.88 3.48
CA ILE F 353 -56.19 44.85 3.67
C ILE F 353 -55.82 43.75 4.66
N TYR F 354 -54.82 42.94 4.32
CA TYR F 354 -54.24 42.00 5.26
C TYR F 354 -52.76 42.30 5.45
N LEU F 355 -52.30 42.15 6.68
CA LEU F 355 -50.90 42.38 7.04
C LEU F 355 -50.41 41.12 7.75
N ASP F 356 -49.46 40.40 7.14
CA ASP F 356 -48.88 39.26 7.85
C ASP F 356 -47.55 39.77 8.40
N ILE F 357 -47.64 40.40 9.57
CA ILE F 357 -46.51 40.95 10.29
C ILE F 357 -46.30 40.33 11.65
N ASN F 358 -47.16 39.41 12.07
CA ASN F 358 -47.08 38.88 13.42
C ASN F 358 -45.93 37.88 13.55
N HIS F 359 -45.84 37.25 14.72
CA HIS F 359 -44.68 36.46 15.07
C HIS F 359 -45.10 35.00 15.30
N GLY F 360 -44.13 34.11 15.29
CA GLY F 360 -44.40 32.68 15.30
C GLY F 360 -44.89 32.15 13.97
N GLY F 361 -46.08 31.53 13.95
CA GLY F 361 -46.52 30.79 12.78
C GLY F 361 -48.01 30.99 12.53
N GLN F 362 -48.43 30.54 11.35
CA GLN F 362 -49.66 31.02 10.73
C GLN F 362 -50.89 30.57 11.52
N VAL F 363 -51.99 31.29 11.30
CA VAL F 363 -53.28 30.91 11.86
C VAL F 363 -54.10 30.30 10.74
N LEU F 364 -54.15 28.96 10.75
CA LEU F 364 -55.05 28.14 9.94
C LEU F 364 -55.27 28.64 8.51
N GLN F 365 -54.20 28.59 7.70
CA GLN F 365 -54.27 28.96 6.28
C GLN F 365 -54.78 30.39 6.09
N ALA F 366 -54.16 31.32 6.81
CA ALA F 366 -54.71 32.68 6.89
C ALA F 366 -54.51 33.44 5.59
N VAL F 367 -53.28 33.44 5.06
CA VAL F 367 -52.99 34.22 3.86
C VAL F 367 -53.75 33.66 2.65
N ARG F 368 -53.88 32.33 2.58
CA ARG F 368 -54.74 31.72 1.57
C ARG F 368 -56.17 32.22 1.71
N LYS F 369 -56.64 32.37 2.95
CA LYS F 369 -57.95 32.97 3.22
C LYS F 369 -57.95 34.48 3.04
N ALA F 370 -56.78 35.12 2.95
CA ALA F 370 -56.71 36.51 2.53
C ALA F 370 -56.60 36.65 1.02
N PHE F 371 -56.21 35.60 0.31
CA PHE F 371 -56.12 35.68 -1.15
C PHE F 371 -57.45 35.42 -1.84
N GLU F 372 -58.22 34.44 -1.37
CA GLU F 372 -59.48 34.07 -2.02
C GLU F 372 -60.48 35.22 -1.99
N ASN F 373 -60.44 36.05 -0.95
CA ASN F 373 -61.29 37.23 -0.88
C ASN F 373 -60.65 38.46 -1.47
N ASN F 374 -59.47 38.31 -2.10
CA ASN F 374 -58.81 39.39 -2.83
C ASN F 374 -58.48 40.54 -1.89
N LEU F 375 -58.15 40.21 -0.65
CA LEU F 375 -57.60 41.20 0.26
C LEU F 375 -56.15 41.49 -0.14
N LEU F 376 -55.73 42.74 0.05
CA LEU F 376 -54.39 43.13 -0.35
C LEU F 376 -53.40 42.58 0.68
N ILE F 377 -52.51 41.71 0.23
CA ILE F 377 -51.66 40.91 1.10
C ILE F 377 -50.25 41.45 1.03
N LEU F 378 -49.72 41.88 2.18
CA LEU F 378 -48.32 42.26 2.27
C LEU F 378 -47.92 42.30 3.74
N GLY F 379 -46.65 42.60 3.97
CA GLY F 379 -46.10 42.60 5.31
C GLY F 379 -44.59 42.66 5.25
N PHE F 380 -43.98 42.45 6.41
CA PHE F 380 -42.53 42.47 6.51
C PHE F 380 -41.98 41.07 6.25
N GLU F 381 -40.65 40.94 6.32
CA GLU F 381 -40.08 39.60 6.40
C GLU F 381 -40.38 39.02 7.78
N GLN F 382 -39.96 37.78 8.00
CA GLN F 382 -40.57 36.94 9.03
C GLN F 382 -42.08 36.84 8.82
N THR F 383 -42.50 36.84 7.56
CA THR F 383 -43.86 36.46 7.23
C THR F 383 -44.07 35.00 7.62
N LEU F 384 -45.33 34.63 7.83
CA LEU F 384 -45.69 33.35 8.41
C LEU F 384 -45.82 32.27 7.36
N HIS F 385 -45.37 32.55 6.14
CA HIS F 385 -45.74 31.92 4.89
C HIS F 385 -47.24 32.09 4.59
N ASP F 386 -47.81 31.33 3.64
CA ASP F 386 -47.09 30.95 2.40
C ASP F 386 -46.48 32.16 1.70
N ARG F 387 -45.24 31.98 1.24
CA ARG F 387 -44.48 33.09 0.67
C ARG F 387 -44.98 33.45 -0.72
N HIS F 388 -45.30 32.43 -1.54
CA HIS F 388 -45.63 32.70 -2.93
C HIS F 388 -46.93 33.47 -3.09
N TYR F 389 -47.76 33.55 -2.05
CA TYR F 389 -48.98 34.34 -2.13
C TYR F 389 -48.72 35.84 -2.09
N ILE F 390 -47.48 36.28 -1.89
CA ILE F 390 -47.15 37.70 -1.76
C ILE F 390 -46.14 38.06 -2.84
N ALA F 391 -46.45 39.11 -3.61
CA ALA F 391 -45.53 39.63 -4.61
C ALA F 391 -44.38 40.38 -3.94
N GLN F 392 -43.29 40.56 -4.68
CA GLN F 392 -42.10 41.21 -4.14
C GLN F 392 -42.27 42.71 -3.97
N GLN F 393 -43.11 43.35 -4.80
CA GLN F 393 -43.32 44.78 -4.71
C GLN F 393 -44.22 45.18 -3.55
N HIS F 394 -44.81 44.21 -2.86
CA HIS F 394 -45.68 44.44 -1.70
C HIS F 394 -45.00 44.04 -0.40
N ILE F 395 -44.58 42.77 -0.26
CA ILE F 395 -43.80 42.38 0.92
C ILE F 395 -42.53 43.23 1.03
N PHE F 396 -42.16 43.56 2.26
CA PHE F 396 -41.07 44.49 2.56
C PHE F 396 -40.06 43.83 3.50
N ASP F 397 -39.07 44.63 3.92
CA ASP F 397 -38.02 44.16 4.81
C ASP F 397 -38.59 43.99 6.22
N SER F 398 -37.74 43.57 7.16
CA SER F 398 -38.20 43.38 8.53
C SER F 398 -37.93 44.67 9.30
N SER F 399 -39.00 45.43 9.52
CA SER F 399 -39.03 46.63 10.35
C SER F 399 -38.13 47.77 9.87
N GLN F 400 -37.23 47.50 8.90
CA GLN F 400 -36.31 48.57 8.45
C GLN F 400 -37.05 49.71 7.76
N PRO F 401 -37.78 49.49 6.63
CA PRO F 401 -38.57 50.59 6.06
C PRO F 401 -40.03 50.52 6.49
N ALA F 402 -40.29 50.51 7.80
CA ALA F 402 -41.62 50.14 8.29
C ALA F 402 -42.74 50.95 7.64
N GLN F 403 -42.55 52.27 7.50
CA GLN F 403 -43.57 53.11 6.91
C GLN F 403 -43.52 53.18 5.39
N LEU F 404 -42.47 52.65 4.76
CA LEU F 404 -42.49 52.57 3.31
C LEU F 404 -43.66 51.71 2.82
N ALA F 405 -44.17 50.83 3.69
CA ALA F 405 -45.42 50.12 3.38
C ALA F 405 -46.60 51.07 3.34
N SER F 406 -46.65 52.02 4.29
CA SER F 406 -47.70 53.04 4.27
C SER F 406 -47.69 53.83 2.96
N ILE F 407 -46.52 53.96 2.33
CA ILE F 407 -46.43 54.68 1.07
C ILE F 407 -47.19 53.93 -0.03
N LEU F 408 -46.91 52.63 -0.19
CA LEU F 408 -47.39 51.90 -1.37
C LEU F 408 -48.91 51.89 -1.43
N GLU F 409 -49.56 51.58 -0.31
CA GLU F 409 -51.02 51.51 -0.29
C GLU F 409 -51.65 52.89 -0.39
N GLU F 410 -51.13 53.87 0.37
CA GLU F 410 -51.52 55.25 0.17
C GLU F 410 -51.23 55.72 -1.26
N ALA F 411 -50.28 55.07 -1.93
CA ALA F 411 -50.02 55.35 -3.34
C ALA F 411 -51.02 54.67 -4.24
N LEU F 412 -52.02 53.98 -3.68
CA LEU F 412 -53.21 53.61 -4.42
C LEU F 412 -54.40 54.34 -3.80
N CYS F 413 -54.71 55.54 -4.30
CA CYS F 413 -56.01 56.16 -4.09
C CYS F 413 -56.84 56.26 -5.37
N GLY F 414 -56.29 55.91 -6.52
CA GLY F 414 -57.09 55.72 -7.71
C GLY F 414 -57.62 54.29 -7.75
N VAL F 415 -58.84 54.14 -8.27
CA VAL F 415 -59.38 52.81 -8.49
C VAL F 415 -58.46 52.03 -9.43
N GLU F 416 -58.09 52.66 -10.54
CA GLU F 416 -57.12 52.11 -11.48
C GLU F 416 -55.69 52.24 -10.99
N GLN F 417 -55.46 52.99 -9.92
CA GLN F 417 -54.17 52.97 -9.24
C GLN F 417 -54.06 51.74 -8.32
N MSE F 418 -55.11 51.49 -7.54
CA MSE F 418 -55.17 50.28 -6.71
C MSE F 418 -55.25 49.04 -7.61
O MSE F 418 -54.68 48.00 -7.29
CB MSE F 418 -56.37 50.35 -5.77
CG MSE F 418 -56.81 49.00 -5.18
SE MSE F 418 -55.43 48.04 -4.19
CE MSE F 418 -56.32 47.99 -2.45
N ARG F 419 -55.95 49.19 -8.73
CA ARG F 419 -56.10 48.11 -9.70
C ARG F 419 -54.76 47.62 -10.23
N SER F 420 -53.72 48.46 -10.19
CA SER F 420 -52.39 48.06 -10.61
C SER F 420 -51.67 47.24 -9.54
N ALA F 421 -51.87 47.57 -8.26
CA ALA F 421 -51.34 46.74 -7.19
C ALA F 421 -52.17 45.47 -7.01
N LEU F 422 -53.44 45.53 -7.38
CA LEU F 422 -54.23 44.32 -7.58
C LEU F 422 -53.48 43.34 -8.48
N GLN F 423 -52.99 43.85 -9.62
CA GLN F 423 -52.32 43.01 -10.60
C GLN F 423 -50.91 42.63 -10.15
N ALA F 424 -50.22 43.55 -9.47
CA ALA F 424 -48.84 43.30 -9.06
C ALA F 424 -48.70 42.00 -8.30
N GLN F 425 -49.62 41.73 -7.37
CA GLN F 425 -49.66 40.42 -6.75
C GLN F 425 -50.15 39.35 -7.73
N GLY F 426 -51.01 39.73 -8.67
CA GLY F 426 -51.70 38.74 -9.48
C GLY F 426 -50.80 37.99 -10.43
N ARG F 427 -49.67 38.60 -10.81
CA ARG F 427 -48.73 37.92 -11.68
C ARG F 427 -47.84 36.92 -10.94
N HIS F 428 -47.62 37.12 -9.63
CA HIS F 428 -46.67 36.28 -8.91
C HIS F 428 -47.27 34.92 -8.56
N ALA F 429 -48.55 34.88 -8.26
CA ALA F 429 -49.21 33.61 -7.94
C ALA F 429 -49.53 32.81 -9.18
N ASN F 430 -49.14 33.34 -10.36
CA ASN F 430 -49.32 32.68 -11.64
C ASN F 430 -50.79 32.52 -11.98
N ASP F 431 -51.57 33.58 -11.77
CA ASP F 431 -52.95 33.57 -12.22
C ASP F 431 -52.99 33.89 -13.70
N VAL F 432 -53.47 32.95 -14.48
CA VAL F 432 -53.81 33.20 -15.87
C VAL F 432 -55.28 32.83 -15.99
N PRO F 433 -56.04 33.46 -16.87
CA PRO F 433 -57.41 33.00 -17.11
C PRO F 433 -57.39 31.56 -17.63
N VAL F 434 -58.46 30.82 -17.32
CA VAL F 434 -58.57 29.43 -17.75
C VAL F 434 -58.40 29.28 -19.26
N SER F 435 -58.69 30.34 -20.02
CA SER F 435 -58.53 30.29 -21.47
C SER F 435 -57.11 29.88 -21.86
N LEU F 436 -56.09 30.44 -21.20
CA LEU F 436 -54.71 30.14 -21.58
C LEU F 436 -54.42 28.65 -21.40
N TYR F 437 -54.86 28.07 -20.29
CA TYR F 437 -54.55 26.67 -20.00
C TYR F 437 -55.07 25.76 -21.10
N GLN F 438 -56.32 25.97 -21.53
CA GLN F 438 -56.91 25.11 -22.55
C GLN F 438 -56.17 25.24 -23.88
N GLU F 439 -55.68 26.44 -24.18
CA GLU F 439 -54.97 26.67 -25.44
C GLU F 439 -53.66 25.90 -25.48
N THR F 440 -53.04 25.67 -24.33
CA THR F 440 -51.79 24.95 -24.27
C THR F 440 -51.97 23.44 -24.34
N LEU F 441 -53.16 22.94 -24.00
CA LEU F 441 -53.48 21.53 -24.12
C LEU F 441 -54.18 21.20 -25.44
N GLN F 442 -54.25 22.16 -26.36
CA GLN F 442 -54.75 21.89 -27.71
C GLN F 442 -54.17 20.60 -28.28
N SER F 443 -52.88 20.36 -28.06
CA SER F 443 -52.23 19.21 -28.67
C SER F 443 -52.64 17.90 -27.99
N LEU F 444 -52.94 17.94 -26.70
CA LEU F 444 -53.09 16.72 -25.91
C LEU F 444 -54.50 16.66 -25.33
N LEU F 445 -55.31 15.74 -25.87
CA LEU F 445 -56.62 15.41 -25.31
C LEU F 445 -57.19 14.17 -25.98
N SER G 1 -68.71 6.54 58.44
CA SER G 1 -68.47 7.32 57.23
C SER G 1 -67.49 8.45 57.50
N THR G 2 -67.33 9.30 56.49
CA THR G 2 -66.58 10.55 56.51
C THR G 2 -66.72 11.15 55.12
N VAL G 3 -66.48 12.45 55.02
CA VAL G 3 -66.54 13.16 53.74
C VAL G 3 -65.25 13.96 53.56
N TYR G 4 -64.46 13.59 52.55
CA TYR G 4 -63.19 14.24 52.25
C TYR G 4 -63.33 15.11 51.01
N ASN G 5 -62.68 16.29 51.02
CA ASN G 5 -62.78 17.26 49.93
C ASN G 5 -61.41 17.83 49.62
N ILE G 6 -60.96 17.72 48.35
CA ILE G 6 -59.59 17.99 47.95
C ILE G 6 -59.50 19.35 47.25
N ASN G 7 -58.43 20.10 47.54
CA ASN G 7 -58.15 21.36 46.88
C ASN G 7 -56.67 21.43 46.57
N LEU G 8 -56.31 22.33 45.65
CA LEU G 8 -54.92 22.49 45.23
C LEU G 8 -54.17 23.47 46.14
N GLY G 9 -54.42 24.78 45.96
CA GLY G 9 -53.68 25.78 46.73
C GLY G 9 -54.49 26.47 47.79
N ILE G 10 -53.80 27.16 48.71
CA ILE G 10 -54.44 28.07 49.65
C ILE G 10 -53.39 29.06 50.11
N GLY G 11 -53.84 30.26 50.47
CA GLY G 11 -52.92 31.31 50.84
C GLY G 11 -53.64 32.51 51.38
N TRP G 12 -52.89 33.60 51.53
CA TRP G 12 -53.48 34.86 51.97
C TRP G 12 -54.57 35.29 51.01
N ALA G 13 -54.20 35.49 49.75
CA ALA G 13 -55.18 35.70 48.70
C ALA G 13 -56.03 34.45 48.53
N SER G 14 -57.25 34.64 48.02
CA SER G 14 -58.24 33.58 47.98
C SER G 14 -58.93 33.56 46.62
N SER G 15 -58.84 32.43 45.92
CA SER G 15 -59.51 32.28 44.63
C SER G 15 -61.01 32.38 44.74
N GLY G 16 -61.58 32.15 45.92
CA GLY G 16 -63.01 32.10 46.12
C GLY G 16 -63.60 30.71 45.93
N VAL G 17 -62.92 29.86 45.16
CA VAL G 17 -63.19 28.43 45.23
C VAL G 17 -62.94 27.94 46.65
N GLU G 18 -61.81 28.34 47.22
CA GLU G 18 -61.51 28.07 48.62
C GLU G 18 -62.54 28.72 49.54
N TYR G 19 -62.97 29.95 49.22
CA TYR G 19 -64.03 30.59 50.01
C TYR G 19 -65.35 29.85 49.90
N ALA G 20 -65.57 29.13 48.80
CA ALA G 20 -66.76 28.31 48.64
C ALA G 20 -66.66 27.02 49.44
N GLN G 21 -65.48 26.41 49.47
CA GLN G 21 -65.27 25.25 50.34
C GLN G 21 -65.44 25.63 51.81
N ALA G 22 -64.76 26.70 52.24
CA ALA G 22 -64.86 27.13 53.63
C ALA G 22 -66.31 27.34 54.05
N TYR G 23 -67.10 27.97 53.18
CA TYR G 23 -68.54 27.99 53.38
C TYR G 23 -69.10 26.57 53.43
N ARG G 24 -68.84 25.79 52.36
CA ARG G 24 -69.33 24.42 52.31
C ARG G 24 -68.84 23.62 53.51
N ALA G 25 -67.69 24.00 54.08
CA ALA G 25 -67.21 23.37 55.30
C ALA G 25 -68.16 23.65 56.46
N GLN G 26 -68.56 24.91 56.62
CA GLN G 26 -69.44 25.25 57.74
C GLN G 26 -70.79 24.56 57.59
N ILE G 27 -71.30 24.42 56.36
CA ILE G 27 -72.58 23.76 56.16
C ILE G 27 -72.52 22.32 56.63
N LEU G 28 -71.48 21.60 56.24
CA LEU G 28 -71.33 20.19 56.58
C LEU G 28 -71.24 19.95 58.08
N ARG G 29 -70.83 20.97 58.85
CA ARG G 29 -70.77 20.83 60.31
C ARG G 29 -72.14 20.52 60.89
N ARG G 30 -73.16 21.25 60.44
CA ARG G 30 -74.52 21.11 60.95
C ARG G 30 -75.33 20.05 60.21
N ILE G 31 -74.67 19.27 59.33
CA ILE G 31 -75.30 18.09 58.72
C ILE G 31 -75.15 16.82 59.57
N GLN G 32 -74.24 16.82 60.55
CA GLN G 32 -73.80 15.59 61.24
C GLN G 32 -73.27 14.54 60.25
N GLN G 33 -72.65 15.00 59.16
CA GLN G 33 -71.88 14.13 58.30
C GLN G 33 -70.42 14.55 58.40
N PRO G 34 -69.53 13.70 58.90
CA PRO G 34 -68.14 14.14 59.15
C PRO G 34 -67.47 14.63 57.88
N ALA G 35 -66.76 15.75 58.00
CA ALA G 35 -66.17 16.43 56.87
C ALA G 35 -64.66 16.56 57.02
N LYS G 36 -63.98 16.58 55.87
CA LYS G 36 -62.55 16.77 55.78
C LYS G 36 -62.24 17.62 54.56
N PHE G 37 -61.15 18.39 54.63
CA PHE G 37 -60.74 19.23 53.51
C PHE G 37 -59.23 19.15 53.34
N ILE G 38 -58.80 18.77 52.13
CA ILE G 38 -57.40 18.45 51.86
C ILE G 38 -56.82 19.48 50.92
N PHE G 39 -55.51 19.73 51.05
CA PHE G 39 -54.80 20.71 50.24
C PHE G 39 -53.46 20.13 49.81
N MSE G 40 -53.21 20.15 48.49
CA MSE G 40 -52.08 19.40 47.92
C MSE G 40 -50.76 20.12 47.56
O MSE G 40 -49.84 19.45 47.12
CB MSE G 40 -52.57 18.69 46.65
CG MSE G 40 -53.62 17.64 46.93
SE MSE G 40 -52.84 16.13 47.87
CE MSE G 40 -54.28 14.84 47.63
N ASP G 41 -50.67 21.43 47.72
CA ASP G 41 -49.45 22.08 47.28
C ASP G 41 -48.40 22.09 48.39
N MSE G 42 -47.21 22.59 48.05
CA MSE G 42 -46.18 22.78 49.07
C MSE G 42 -46.29 24.19 49.62
O MSE G 42 -45.95 25.17 48.95
CB MSE G 42 -44.77 22.53 48.51
CG MSE G 42 -43.67 22.75 49.55
SE MSE G 42 -43.54 21.47 51.02
CE MSE G 42 -43.22 19.81 50.04
N ILE G 43 -46.74 24.25 50.86
CA ILE G 43 -47.12 25.51 51.50
C ILE G 43 -46.13 25.74 52.63
N LEU G 44 -45.23 26.71 52.43
CA LEU G 44 -44.16 26.92 53.39
C LEU G 44 -44.05 28.38 53.81
N ALA G 45 -43.85 29.28 52.83
CA ALA G 45 -43.50 30.68 53.07
C ALA G 45 -44.34 31.31 54.18
N ASP G 46 -45.60 30.88 54.30
CA ASP G 46 -46.40 31.12 55.50
C ASP G 46 -46.97 29.79 55.95
N ASN G 47 -47.37 29.73 57.22
CA ASN G 47 -47.79 28.46 57.79
C ASN G 47 -49.11 27.99 57.19
N ILE G 48 -49.26 26.66 57.12
CA ILE G 48 -50.49 26.07 56.62
C ILE G 48 -51.66 26.43 57.52
N GLN G 49 -51.43 26.45 58.84
CA GLN G 49 -52.54 26.60 59.78
C GLN G 49 -53.09 28.01 59.76
N HIS G 50 -52.22 29.02 59.64
CA HIS G 50 -52.68 30.40 59.61
C HIS G 50 -53.75 30.61 58.55
N LEU G 51 -53.51 30.09 57.34
CA LEU G 51 -54.44 30.26 56.24
C LEU G 51 -55.71 29.44 56.43
N THR G 52 -55.63 28.33 57.15
CA THR G 52 -56.82 27.52 57.41
C THR G 52 -57.68 28.13 58.51
N GLU G 53 -57.06 28.63 59.59
CA GLU G 53 -57.84 29.32 60.61
C GLU G 53 -58.30 30.70 60.15
N ASN G 54 -57.82 31.16 59.00
CA ASN G 54 -58.25 32.46 58.47
C ASN G 54 -59.59 32.33 57.76
N ILE G 55 -59.62 31.58 56.67
CA ILE G 55 -60.76 31.57 55.76
C ILE G 55 -61.94 30.85 56.39
N GLY G 56 -61.77 30.33 57.60
CA GLY G 56 -62.83 29.64 58.30
C GLY G 56 -62.75 28.12 58.42
N PHE G 57 -61.60 27.51 58.18
CA PHE G 57 -61.43 26.12 58.56
C PHE G 57 -60.98 26.03 60.02
N LEU G 58 -60.83 24.81 60.52
CA LEU G 58 -60.38 24.56 61.88
C LEU G 58 -59.16 23.66 61.85
N ASP G 59 -58.57 23.41 63.03
CA ASP G 59 -57.45 22.48 63.12
C ASP G 59 -57.87 21.04 62.86
N GLU G 60 -59.15 20.72 63.11
CA GLU G 60 -59.63 19.35 63.13
C GLU G 60 -60.18 18.87 61.80
N GLU G 61 -60.48 19.75 60.85
CA GLU G 61 -61.00 19.35 59.55
C GLU G 61 -59.95 19.30 58.43
N ILE G 62 -58.75 19.83 58.65
CA ILE G 62 -57.80 20.08 57.56
C ILE G 62 -56.77 18.97 57.52
N ILE G 63 -56.63 18.34 56.36
CA ILE G 63 -55.63 17.32 56.10
C ILE G 63 -54.66 17.89 55.07
N TRP G 64 -53.40 18.04 55.46
CA TRP G 64 -52.38 18.45 54.50
C TRP G 64 -51.58 17.22 54.10
N LEU G 65 -51.29 17.10 52.80
CA LEU G 65 -50.60 15.96 52.21
C LEU G 65 -49.32 15.59 52.95
N TYR G 66 -48.34 16.49 52.94
CA TYR G 66 -47.02 16.20 53.49
C TYR G 66 -47.07 16.01 55.00
N ASN G 67 -48.15 16.40 55.66
CA ASN G 67 -48.30 16.19 57.09
C ASN G 67 -48.77 14.78 57.44
N TYR G 68 -49.74 14.25 56.68
CA TYR G 68 -50.56 13.13 57.14
C TYR G 68 -49.72 11.96 57.65
N PHE G 69 -48.61 11.67 56.99
CA PHE G 69 -47.79 10.52 57.33
C PHE G 69 -47.06 10.69 58.64
N THR G 70 -46.86 11.93 59.10
CA THR G 70 -46.15 12.15 60.35
C THR G 70 -47.12 12.01 61.53
N ASP G 71 -46.57 12.10 62.74
CA ASP G 71 -47.37 12.09 63.97
C ASP G 71 -47.83 13.49 64.37
N ILE G 72 -47.32 14.53 63.72
CA ILE G 72 -47.70 15.90 64.01
C ILE G 72 -49.06 16.19 63.38
N LYS G 73 -49.85 17.01 64.06
CA LYS G 73 -51.13 17.48 63.54
C LYS G 73 -51.06 18.97 63.28
N ILE G 74 -51.93 19.43 62.38
CA ILE G 74 -51.92 20.83 61.94
C ILE G 74 -52.08 21.75 63.15
N ALA G 75 -51.34 22.87 63.13
CA ALA G 75 -51.24 23.74 64.30
C ALA G 75 -50.44 25.00 63.99
N PRO G 76 -50.76 26.11 64.65
CA PRO G 76 -50.04 27.38 64.39
C PRO G 76 -48.64 27.35 64.99
N THR G 77 -47.84 28.35 64.61
CA THR G 77 -46.49 28.43 65.14
C THR G 77 -46.55 28.95 66.56
N THR G 78 -46.22 28.08 67.52
CA THR G 78 -46.14 28.41 68.94
C THR G 78 -44.71 28.52 69.47
N VAL G 79 -43.70 28.44 68.61
CA VAL G 79 -42.32 28.33 69.03
C VAL G 79 -41.69 29.71 69.13
N THR G 80 -41.10 30.00 70.29
CA THR G 80 -40.43 31.26 70.60
C THR G 80 -39.02 31.31 70.02
N LEU G 81 -38.50 32.53 69.85
CA LEU G 81 -37.06 32.70 69.73
C LEU G 81 -36.33 32.21 70.98
N ASP G 82 -37.00 32.29 72.15
CA ASP G 82 -36.42 31.77 73.39
C ASP G 82 -36.08 30.29 73.25
N GLN G 83 -36.91 29.54 72.53
CA GLN G 83 -36.70 28.11 72.33
C GLN G 83 -35.74 27.82 71.18
N VAL G 84 -35.44 28.82 70.34
CA VAL G 84 -34.53 28.60 69.21
C VAL G 84 -33.09 28.51 69.70
N LEU G 85 -32.58 29.59 70.30
CA LEU G 85 -31.19 29.62 70.73
C LEU G 85 -30.85 28.55 71.74
N ALA G 86 -31.84 28.01 72.47
CA ALA G 86 -31.57 26.93 73.40
C ALA G 86 -31.03 25.70 72.68
N GLN G 87 -31.36 25.55 71.41
CA GLN G 87 -30.83 24.50 70.56
C GLN G 87 -29.65 24.97 69.72
N VAL G 88 -29.16 26.18 69.96
CA VAL G 88 -27.95 26.71 69.31
C VAL G 88 -26.83 26.75 70.33
N ALA G 89 -25.67 26.20 69.99
CA ALA G 89 -24.52 26.22 70.87
C ALA G 89 -23.70 27.47 70.63
N GLY G 90 -23.23 28.07 71.72
CA GLY G 90 -22.57 29.36 71.69
C GLY G 90 -23.52 30.48 72.08
N GLN G 91 -22.98 31.70 72.09
CA GLN G 91 -23.84 32.84 72.34
C GLN G 91 -23.66 33.87 71.23
N PRO G 92 -24.76 34.44 70.74
CA PRO G 92 -24.66 35.52 69.75
C PRO G 92 -24.41 36.87 70.41
N GLU G 93 -23.81 37.78 69.64
CA GLU G 93 -23.57 39.13 70.12
C GLU G 93 -24.57 40.12 69.52
N ARG G 94 -24.42 40.42 68.24
CA ARG G 94 -25.28 41.41 67.60
C ARG G 94 -26.72 40.92 67.57
N SER G 95 -27.64 41.87 67.69
CA SER G 95 -29.04 41.62 67.37
C SER G 95 -29.50 42.78 66.50
N GLU G 96 -29.83 42.50 65.25
CA GLU G 96 -30.34 43.50 64.34
C GLU G 96 -31.81 43.25 64.07
N LYS G 97 -32.61 44.31 64.15
CA LYS G 97 -34.02 44.26 63.82
C LYS G 97 -34.24 45.00 62.51
N GLU G 98 -34.62 44.25 61.48
CA GLU G 98 -35.43 44.69 60.36
C GLU G 98 -36.73 43.94 60.51
N GLY G 99 -37.81 44.44 59.88
CA GLY G 99 -39.10 44.29 60.49
C GLY G 99 -39.45 42.91 61.05
N LYS G 100 -39.47 41.87 60.22
CA LYS G 100 -39.61 40.49 60.72
C LYS G 100 -38.33 39.68 60.76
N ILE G 101 -37.19 40.23 60.32
CA ILE G 101 -35.91 39.52 60.37
C ILE G 101 -35.17 39.85 61.65
N VAL G 102 -34.71 38.83 62.37
CA VAL G 102 -33.82 39.02 63.51
C VAL G 102 -32.54 38.25 63.19
N ARG G 103 -31.46 38.98 62.93
CA ARG G 103 -30.19 38.39 62.53
C ARG G 103 -29.30 38.33 63.77
N TYR G 104 -29.04 37.12 64.26
CA TYR G 104 -28.12 36.89 65.37
C TYR G 104 -26.77 36.52 64.78
N PHE G 105 -25.81 37.42 64.91
CA PHE G 105 -24.47 37.15 64.41
C PHE G 105 -23.69 36.32 65.42
N TYR G 106 -22.82 35.47 64.89
CA TYR G 106 -21.86 34.69 65.65
C TYR G 106 -20.54 34.91 64.94
N PRO G 107 -19.78 35.96 65.31
CA PRO G 107 -18.41 36.09 64.77
C PRO G 107 -17.39 35.19 65.44
N GLN G 108 -17.69 34.65 66.62
CA GLN G 108 -16.74 33.82 67.36
C GLN G 108 -16.19 32.67 66.49
N ASP G 109 -17.06 32.04 65.71
CA ASP G 109 -16.72 31.30 64.50
C ASP G 109 -17.61 31.89 63.43
N ASP G 110 -17.37 31.63 62.15
CA ASP G 110 -18.15 32.37 61.15
C ASP G 110 -19.52 31.71 60.97
N GLN G 111 -20.58 32.45 61.32
CA GLN G 111 -21.97 32.05 61.13
C GLN G 111 -22.88 33.17 61.61
N PHE G 112 -24.16 33.08 61.20
CA PHE G 112 -25.24 33.89 61.78
C PHE G 112 -26.56 33.18 61.52
N ILE G 113 -27.57 33.56 62.29
CA ILE G 113 -28.88 32.90 62.26
C ILE G 113 -29.95 33.94 61.93
N THR G 114 -30.57 33.80 60.77
CA THR G 114 -31.69 34.64 60.35
C THR G 114 -33.00 33.94 60.71
N CYS G 115 -33.80 34.57 61.57
CA CYS G 115 -35.07 34.00 62.01
C CYS G 115 -36.22 34.85 61.49
N TYR G 116 -36.96 34.30 60.53
CA TYR G 116 -38.18 34.95 60.07
C TYR G 116 -39.26 34.83 61.14
N LEU G 117 -40.06 35.88 61.30
CA LEU G 117 -41.08 35.92 62.34
C LEU G 117 -42.46 35.72 61.73
N ARG G 118 -43.46 35.70 62.60
CA ARG G 118 -44.85 35.79 62.19
C ARG G 118 -45.28 37.26 62.14
N GLN G 119 -45.23 37.93 63.28
CA GLN G 119 -45.59 39.33 63.39
C GLN G 119 -44.45 40.06 64.09
N GLU G 120 -44.03 41.19 63.51
CA GLU G 120 -42.86 41.90 64.02
C GLU G 120 -43.06 42.41 65.44
N ASP G 121 -44.31 42.55 65.89
CA ASP G 121 -44.59 42.90 67.27
C ASP G 121 -44.57 41.70 68.21
N GLN G 122 -44.90 40.50 67.72
CA GLN G 122 -44.91 39.31 68.59
C GLN G 122 -43.54 38.62 68.56
N ASP G 123 -43.39 37.58 69.40
CA ASP G 123 -42.13 36.86 69.57
C ASP G 123 -42.04 35.47 68.89
N PHE G 124 -43.10 34.96 68.25
CA PHE G 124 -43.03 33.62 67.68
C PHE G 124 -42.18 33.58 66.40
N VAL G 125 -41.75 32.37 66.03
CA VAL G 125 -40.78 32.18 64.94
C VAL G 125 -41.36 31.21 63.91
N GLU G 126 -41.48 31.68 62.66
CA GLU G 126 -41.90 30.82 61.56
C GLU G 126 -40.73 30.05 60.96
N HIS G 127 -39.75 30.76 60.39
CA HIS G 127 -38.60 30.19 59.70
C HIS G 127 -37.31 30.57 60.39
N VAL G 128 -36.26 29.77 60.13
CA VAL G 128 -34.91 30.04 60.63
C VAL G 128 -33.90 29.68 59.55
N GLU G 129 -32.96 30.59 59.29
CA GLU G 129 -31.89 30.36 58.32
C GLU G 129 -30.56 30.15 59.04
N TYR G 130 -29.89 29.06 58.72
CA TYR G 130 -28.56 28.75 59.25
C TYR G 130 -27.57 28.92 58.10
N VAL G 131 -26.72 29.94 58.19
CA VAL G 131 -25.76 30.22 57.12
C VAL G 131 -24.38 30.35 57.72
N SER G 132 -23.47 29.47 57.30
CA SER G 132 -22.05 29.65 57.59
C SER G 132 -21.39 30.30 56.39
N ARG G 133 -20.60 31.35 56.65
CA ARG G 133 -19.70 31.93 55.67
C ARG G 133 -20.41 32.45 54.43
N GLY G 134 -21.71 32.75 54.52
CA GLY G 134 -22.45 33.30 53.41
C GLY G 134 -23.14 32.30 52.52
N ARG G 135 -22.84 31.00 52.66
CA ARG G 135 -23.50 29.96 51.90
C ARG G 135 -24.54 29.30 52.81
N LEU G 136 -25.82 29.42 52.45
CA LEU G 136 -26.89 28.99 53.33
C LEU G 136 -26.97 27.47 53.37
N ILE G 137 -26.80 26.88 54.55
CA ILE G 137 -26.75 25.41 54.66
C ILE G 137 -27.96 24.76 55.30
N ARG G 138 -28.87 25.51 55.94
CA ARG G 138 -29.99 24.82 56.59
C ARG G 138 -31.15 25.79 56.78
N LYS G 139 -32.36 25.23 56.80
CA LYS G 139 -33.58 26.00 57.04
C LYS G 139 -34.62 25.05 57.63
N ASP G 140 -35.42 25.56 58.57
CA ASP G 140 -36.34 24.71 59.31
C ASP G 140 -37.64 25.47 59.58
N TYR G 141 -38.76 24.77 59.45
CA TYR G 141 -40.09 25.35 59.56
C TYR G 141 -40.78 24.73 60.78
N PHE G 142 -41.66 25.51 61.43
CA PHE G 142 -42.13 25.19 62.76
C PHE G 142 -43.65 25.21 62.88
N SER G 143 -44.16 24.32 63.74
CA SER G 143 -45.52 24.46 64.27
C SER G 143 -45.48 24.53 65.80
N TYR G 144 -45.46 23.38 66.50
CA TYR G 144 -45.01 23.36 67.88
C TYR G 144 -43.65 22.71 68.10
N VAL G 145 -43.11 22.03 67.08
CA VAL G 145 -41.75 21.49 67.09
C VAL G 145 -41.27 21.62 65.65
N ARG G 146 -40.09 21.09 65.33
CA ARG G 146 -39.59 21.16 63.96
C ARG G 146 -40.24 20.06 63.13
N TYR G 147 -41.05 20.46 62.14
CA TYR G 147 -41.76 19.49 61.32
C TYR G 147 -41.15 19.23 59.95
N ALA G 148 -40.05 19.91 59.60
CA ALA G 148 -39.42 19.71 58.30
C ALA G 148 -38.16 20.55 58.23
N SER G 149 -37.33 20.25 57.23
CA SER G 149 -36.08 20.95 56.98
C SER G 149 -35.81 20.97 55.49
N GLU G 150 -35.14 22.03 55.05
CA GLU G 150 -34.58 22.13 53.71
C GLU G 150 -33.07 22.14 53.81
N TYR G 151 -32.42 21.51 52.86
CA TYR G 151 -30.96 21.50 52.79
C TYR G 151 -30.53 22.17 51.50
N PHE G 152 -29.45 22.95 51.57
CA PHE G 152 -29.04 23.82 50.47
C PHE G 152 -27.59 23.55 50.11
N ALA G 153 -27.08 24.33 49.16
CA ALA G 153 -25.73 24.23 48.64
C ALA G 153 -25.52 25.34 47.61
N PRO G 154 -24.32 25.91 47.52
CA PRO G 154 -24.12 27.03 46.60
C PRO G 154 -24.05 26.57 45.16
N HIS G 155 -24.66 27.36 44.27
CA HIS G 155 -24.51 27.18 42.83
C HIS G 155 -24.43 28.57 42.21
N ASN G 156 -23.32 28.84 41.51
CA ASN G 156 -23.10 30.14 40.85
C ASN G 156 -23.19 31.30 41.83
N ASP G 157 -22.68 31.10 43.04
CA ASP G 157 -22.83 32.06 44.14
C ASP G 157 -24.31 32.43 44.29
N ALA G 158 -25.12 31.42 44.60
CA ALA G 158 -26.55 31.63 44.78
C ALA G 158 -27.08 30.57 45.73
N ALA G 159 -28.06 30.97 46.53
CA ALA G 159 -28.79 29.99 47.33
C ALA G 159 -29.48 29.01 46.39
N THR G 160 -29.19 27.74 46.55
CA THR G 160 -29.72 26.71 45.65
C THR G 160 -30.18 25.52 46.47
N LEU G 161 -31.45 25.16 46.34
CA LEU G 161 -32.03 24.09 47.15
C LEU G 161 -31.81 22.72 46.52
N TYR G 162 -31.57 21.73 47.36
CA TYR G 162 -31.25 20.38 46.89
C TYR G 162 -32.12 19.31 47.56
N GLN G 163 -32.06 19.19 48.89
CA GLN G 163 -32.71 18.11 49.62
C GLN G 163 -33.73 18.65 50.61
N ARG G 164 -34.63 17.76 51.07
CA ARG G 164 -35.60 18.13 52.08
C ARG G 164 -36.03 16.88 52.85
N ARG G 165 -36.43 17.07 54.12
CA ARG G 165 -36.80 15.99 55.03
C ARG G 165 -37.95 16.44 55.95
N PHE G 166 -38.66 15.45 56.50
CA PHE G 166 -39.74 15.65 57.46
C PHE G 166 -39.49 14.79 58.69
N TYR G 167 -40.19 15.11 59.80
CA TYR G 167 -39.87 14.56 61.11
C TYR G 167 -41.15 14.12 61.85
N HIS G 168 -40.94 13.65 63.08
CA HIS G 168 -42.00 13.29 64.02
C HIS G 168 -41.83 14.14 65.28
N GLU G 169 -42.73 13.95 66.25
CA GLU G 169 -42.72 14.77 67.46
C GLU G 169 -41.41 14.62 68.24
N ASP G 170 -40.83 13.42 68.24
CA ASP G 170 -39.66 13.13 69.06
C ASP G 170 -38.35 13.59 68.44
N GLY G 171 -38.34 13.86 67.13
CA GLY G 171 -37.10 14.12 66.42
C GLY G 171 -36.66 12.99 65.51
N SER G 172 -37.37 11.86 65.51
CA SER G 172 -37.09 10.79 64.56
C SER G 172 -37.57 11.20 63.17
N VAL G 173 -36.98 10.57 62.16
CA VAL G 173 -37.22 10.93 60.77
C VAL G 173 -38.44 10.20 60.25
N ALA G 174 -39.34 10.96 59.62
CA ALA G 174 -40.53 10.47 58.91
C ALA G 174 -40.20 10.01 57.49
N TYR G 175 -39.67 10.91 56.67
CA TYR G 175 -39.28 10.64 55.28
C TYR G 175 -38.56 11.87 54.75
N ASP G 176 -37.88 11.71 53.63
CA ASP G 176 -37.16 12.80 52.99
C ASP G 176 -37.41 12.78 51.49
N MSE G 177 -37.00 13.86 50.83
CA MSE G 177 -37.22 13.98 49.39
C MSE G 177 -36.12 14.82 48.73
O MSE G 177 -35.43 15.60 49.40
CB MSE G 177 -38.60 14.57 49.12
CG MSE G 177 -38.69 16.08 49.32
SE MSE G 177 -40.44 16.80 48.88
CE MSE G 177 -41.48 15.99 50.32
N LEU G 178 -35.96 14.64 47.43
CA LEU G 178 -34.89 15.29 46.67
C LEU G 178 -35.46 16.27 45.66
N ILE G 179 -34.65 17.28 45.32
CA ILE G 179 -35.04 18.37 44.43
C ILE G 179 -33.99 18.48 43.32
N GLU G 180 -34.39 18.21 42.08
CA GLU G 180 -33.53 18.33 40.91
C GLU G 180 -34.06 19.42 39.99
N ASP G 181 -33.28 20.48 39.83
CA ASP G 181 -33.60 21.58 38.91
C ASP G 181 -35.04 22.07 39.08
N GLY G 182 -35.46 22.20 40.35
CA GLY G 182 -36.78 22.69 40.69
C GLY G 182 -37.94 21.72 40.51
N GLN G 183 -37.80 20.47 40.97
CA GLN G 183 -38.91 19.53 40.94
C GLN G 183 -38.79 18.61 42.16
N GLU G 184 -39.78 17.74 42.36
CA GLU G 184 -39.71 16.71 43.39
C GLU G 184 -39.57 15.38 42.66
N LYS G 185 -38.34 14.86 42.59
CA LYS G 185 -38.10 13.66 41.78
C LYS G 185 -37.96 12.37 42.59
N LEU G 186 -37.88 12.44 43.91
CA LEU G 186 -37.72 11.23 44.70
C LEU G 186 -38.30 11.44 46.09
N TYR G 187 -38.92 10.39 46.61
CA TYR G 187 -39.38 10.33 48.00
C TYR G 187 -38.83 9.04 48.58
N ARG G 188 -37.94 9.15 49.57
CA ARG G 188 -37.48 7.95 50.24
C ARG G 188 -38.24 7.88 51.56
N PHE G 189 -39.23 7.02 51.60
CA PHE G 189 -39.76 6.54 52.85
C PHE G 189 -38.89 5.38 53.30
N PRO G 190 -38.72 5.17 54.60
CA PRO G 190 -37.97 4.00 55.04
C PRO G 190 -38.50 2.70 54.45
N ASP G 191 -39.82 2.56 54.37
CA ASP G 191 -40.48 1.38 53.84
C ASP G 191 -40.86 1.47 52.37
N ARG G 192 -40.89 2.65 51.77
CA ARG G 192 -41.44 2.84 50.43
C ARG G 192 -40.59 3.85 49.66
N ILE G 193 -40.68 3.79 48.33
CA ILE G 193 -39.98 4.77 47.50
C ILE G 193 -40.88 5.13 46.33
N PHE G 194 -40.92 6.42 46.01
CA PHE G 194 -41.72 6.95 44.93
C PHE G 194 -40.87 7.93 44.12
N TYR G 195 -41.29 8.15 42.88
CA TYR G 195 -40.51 8.95 41.95
C TYR G 195 -41.29 10.16 41.45
N SER G 196 -42.43 9.96 40.82
CA SER G 196 -43.28 11.08 40.42
C SER G 196 -44.24 11.43 41.53
N LYS G 197 -44.40 12.73 41.79
CA LYS G 197 -45.34 13.21 42.80
C LYS G 197 -46.70 12.55 42.67
N ALA G 198 -47.14 12.30 41.42
CA ALA G 198 -48.42 11.65 41.18
C ALA G 198 -48.57 10.36 41.99
N GLU G 199 -47.68 9.38 41.76
CA GLU G 199 -47.82 8.09 42.40
C GLU G 199 -47.80 8.20 43.92
N LEU G 200 -47.11 9.20 44.47
CA LEU G 200 -47.11 9.41 45.92
C LEU G 200 -48.54 9.58 46.42
N VAL G 201 -49.40 10.17 45.60
CA VAL G 201 -50.79 10.35 45.99
C VAL G 201 -51.54 9.03 45.92
N ARG G 202 -51.22 8.20 44.91
CA ARG G 202 -51.79 6.86 44.82
C ARG G 202 -51.53 6.08 46.09
N TYR G 203 -50.41 6.37 46.76
CA TYR G 203 -50.16 5.85 48.10
C TYR G 203 -50.93 6.64 49.15
N PHE G 204 -51.07 7.95 48.95
CA PHE G 204 -51.74 8.79 49.94
C PHE G 204 -53.18 8.36 50.15
N LEU G 205 -53.98 8.32 49.08
CA LEU G 205 -55.39 7.97 49.20
C LEU G 205 -55.58 6.54 49.70
N GLN G 206 -54.62 5.66 49.41
CA GLN G 206 -54.69 4.30 49.92
C GLN G 206 -54.58 4.28 51.44
N CYS G 207 -53.67 5.08 52.00
CA CYS G 207 -53.49 5.11 53.45
C CYS G 207 -54.72 5.65 54.17
N LEU G 208 -55.60 6.34 53.45
CA LEU G 208 -56.84 6.79 54.06
C LEU G 208 -57.81 5.65 54.30
N GLN G 209 -57.62 4.51 53.62
CA GLN G 209 -58.44 3.32 53.79
C GLN G 209 -59.91 3.60 53.52
N LEU G 210 -60.17 4.19 52.36
CA LEU G 210 -61.52 4.62 51.99
C LEU G 210 -62.49 3.45 52.05
N GLN G 211 -63.61 3.67 52.71
CA GLN G 211 -64.62 2.63 52.89
C GLN G 211 -65.69 2.77 51.83
N ALA G 212 -66.65 1.84 51.85
CA ALA G 212 -67.66 1.79 50.80
C ALA G 212 -68.49 3.06 50.76
N ASP G 213 -68.87 3.57 51.93
CA ASP G 213 -69.78 4.70 52.05
C ASP G 213 -69.07 6.05 52.23
N ASP G 214 -67.75 6.08 52.13
CA ASP G 214 -67.05 7.36 52.17
C ASP G 214 -67.38 8.20 50.95
N VAL G 215 -67.16 9.51 51.06
CA VAL G 215 -67.54 10.48 50.04
C VAL G 215 -66.31 11.26 49.61
N VAL G 216 -66.11 11.39 48.29
CA VAL G 216 -64.96 12.06 47.71
C VAL G 216 -65.47 13.19 46.82
N ILE G 217 -65.21 14.43 47.23
CA ILE G 217 -65.45 15.61 46.41
C ILE G 217 -64.10 16.21 46.02
N LEU G 218 -63.97 16.62 44.76
CA LEU G 218 -62.74 17.23 44.26
C LEU G 218 -63.07 18.54 43.55
N ASP G 219 -62.29 19.57 43.85
CA ASP G 219 -62.47 20.88 43.23
C ASP G 219 -61.52 21.05 42.06
N ARG G 220 -60.22 21.08 42.33
CA ARG G 220 -59.21 21.45 41.36
C ARG G 220 -58.49 20.22 40.83
N GLU G 221 -58.43 20.10 39.51
CA GLU G 221 -57.85 18.92 38.85
C GLU G 221 -56.33 18.94 38.71
N THR G 222 -55.71 20.12 38.56
CA THR G 222 -54.48 20.26 37.76
C THR G 222 -53.37 19.30 38.18
N GLY G 223 -52.96 18.46 37.24
CA GLY G 223 -51.86 17.53 37.39
C GLY G 223 -52.16 16.31 38.23
N ILE G 224 -53.15 16.41 39.13
CA ILE G 224 -53.54 15.35 40.05
C ILE G 224 -54.81 14.62 39.63
N GLY G 225 -55.47 15.05 38.55
CA GLY G 225 -56.82 14.59 38.28
C GLY G 225 -56.94 13.09 38.09
N GLN G 226 -55.84 12.43 37.73
CA GLN G 226 -55.93 11.02 37.35
C GLN G 226 -56.15 10.12 38.57
N VAL G 227 -55.13 10.02 39.43
CA VAL G 227 -55.12 9.05 40.52
C VAL G 227 -56.40 9.09 41.33
N VAL G 228 -56.99 10.28 41.49
CA VAL G 228 -58.23 10.40 42.23
C VAL G 228 -59.28 9.44 41.72
N PHE G 229 -59.25 9.14 40.42
CA PHE G 229 -60.20 8.18 39.85
C PHE G 229 -59.82 6.73 40.14
N GLU G 230 -58.56 6.36 39.90
CA GLU G 230 -58.16 4.96 40.02
C GLU G 230 -58.44 4.44 41.42
N GLU G 231 -58.29 5.30 42.42
CA GLU G 231 -58.51 4.93 43.81
C GLU G 231 -59.90 5.28 44.32
N SER G 232 -60.76 5.90 43.51
CA SER G 232 -62.08 6.29 43.98
C SER G 232 -63.25 5.40 43.56
N GLN G 233 -63.04 4.29 42.85
CA GLN G 233 -64.23 3.54 42.45
C GLN G 233 -64.96 2.92 43.65
N LYS G 234 -64.23 2.52 44.70
CA LYS G 234 -64.89 1.93 45.87
C LYS G 234 -65.70 2.96 46.63
N ALA G 235 -65.09 4.09 46.99
CA ALA G 235 -65.80 5.20 47.60
C ALA G 235 -66.61 5.95 46.55
N LYS G 236 -67.53 6.78 47.02
CA LYS G 236 -68.32 7.60 46.12
C LYS G 236 -67.50 8.78 45.61
N LEU G 237 -67.79 9.21 44.39
CA LEU G 237 -66.97 10.16 43.65
C LEU G 237 -67.79 11.36 43.21
N GLY G 238 -67.17 12.54 43.25
CA GLY G 238 -67.85 13.75 42.81
C GLY G 238 -66.88 14.79 42.30
N VAL G 239 -67.37 15.65 41.42
CA VAL G 239 -66.59 16.70 40.78
C VAL G 239 -67.34 18.02 40.94
N VAL G 240 -66.57 19.11 40.96
CA VAL G 240 -67.08 20.44 41.25
C VAL G 240 -66.70 21.36 40.09
N VAL G 241 -67.66 22.17 39.64
CA VAL G 241 -67.48 23.08 38.51
C VAL G 241 -67.47 24.51 39.03
N HIS G 242 -66.58 25.33 38.47
CA HIS G 242 -66.55 26.76 38.73
C HIS G 242 -66.24 27.50 37.43
N ALA G 243 -66.60 28.79 37.41
CA ALA G 243 -66.52 29.66 36.24
C ALA G 243 -67.25 29.07 35.04
N GLU G 244 -66.68 29.20 33.85
CA GLU G 244 -67.29 28.71 32.63
C GLU G 244 -66.57 27.42 32.21
N HIS G 245 -67.37 26.43 31.79
CA HIS G 245 -66.87 25.09 31.53
C HIS G 245 -66.57 24.79 30.06
N PHE G 246 -66.68 25.78 29.17
CA PHE G 246 -66.36 25.57 27.76
C PHE G 246 -66.04 26.93 27.12
N SER G 247 -65.94 26.94 25.79
CA SER G 247 -65.93 28.17 25.01
C SER G 247 -66.81 27.96 23.79
N GLU G 248 -67.89 28.74 23.69
CA GLU G 248 -68.78 28.60 22.54
C GLU G 248 -68.18 29.20 21.28
N ASN G 249 -67.16 30.05 21.41
CA ASN G 249 -66.60 30.73 20.25
C ASN G 249 -65.79 29.81 19.34
N ALA G 250 -65.14 28.76 19.86
CA ALA G 250 -64.61 27.74 18.95
C ALA G 250 -65.49 26.50 18.86
N SER G 251 -66.62 26.45 19.57
CA SER G 251 -67.52 25.29 19.59
C SER G 251 -68.50 25.28 18.41
N SER G 252 -68.85 24.07 17.98
CA SER G 252 -69.76 23.88 16.85
C SER G 252 -71.02 23.12 17.29
N ASP G 253 -71.88 22.82 16.32
CA ASP G 253 -73.03 21.95 16.55
C ASP G 253 -72.62 20.49 16.62
N ASP G 254 -71.67 20.08 15.78
CA ASP G 254 -71.24 18.68 15.76
C ASP G 254 -70.25 18.38 16.89
N TYR G 255 -69.36 19.33 17.20
CA TYR G 255 -68.31 19.11 18.17
C TYR G 255 -68.44 20.07 19.34
N ILE G 256 -67.90 19.65 20.48
CA ILE G 256 -67.95 20.42 21.72
C ILE G 256 -66.54 20.47 22.30
N LEU G 257 -66.15 21.64 22.79
CA LEU G 257 -64.85 21.78 23.43
C LEU G 257 -65.12 22.07 24.90
N TRP G 258 -64.59 21.23 25.77
CA TRP G 258 -64.69 21.54 27.18
C TRP G 258 -63.58 22.51 27.57
N ASN G 259 -63.80 23.27 28.62
CA ASN G 259 -62.75 24.16 29.08
C ASN G 259 -61.61 23.35 29.69
N ASN G 260 -60.39 23.86 29.49
CA ASN G 260 -59.18 23.06 29.67
C ASN G 260 -59.10 22.40 31.05
N PHE G 261 -59.76 22.98 32.05
CA PHE G 261 -59.66 22.40 33.39
C PHE G 261 -60.56 21.19 33.58
N TYR G 262 -61.70 21.16 32.88
CA TYR G 262 -62.63 20.04 32.99
C TYR G 262 -62.53 19.04 31.85
N ASP G 263 -61.59 19.23 30.91
CA ASP G 263 -61.50 18.35 29.75
C ASP G 263 -61.32 16.89 30.13
N TYR G 264 -60.64 16.62 31.25
CA TYR G 264 -60.46 15.25 31.73
C TYR G 264 -61.71 14.72 32.42
N GLN G 265 -62.28 15.49 33.34
CA GLN G 265 -63.46 15.01 34.06
C GLN G 265 -64.61 14.76 33.11
N PHE G 266 -64.93 15.75 32.27
CA PHE G 266 -66.09 15.62 31.40
C PHE G 266 -65.93 14.45 30.42
N THR G 267 -64.71 14.17 29.98
CA THR G 267 -64.52 13.11 28.99
C THR G 267 -64.51 11.73 29.64
N ASN G 268 -63.86 11.62 30.81
CA ASN G 268 -63.79 10.39 31.60
C ASN G 268 -64.90 10.30 32.65
N ALA G 269 -65.92 11.17 32.56
CA ALA G 269 -67.15 11.29 33.38
C ALA G 269 -67.94 9.95 33.57
N ASP G 270 -67.72 8.79 32.93
CA ASP G 270 -68.49 7.59 33.24
C ASP G 270 -68.10 6.93 34.57
N LYS G 271 -66.96 7.29 35.16
CA LYS G 271 -66.55 6.80 36.48
C LYS G 271 -66.90 7.77 37.61
N VAL G 272 -67.52 8.90 37.30
CA VAL G 272 -67.90 9.91 38.28
C VAL G 272 -69.29 9.60 38.82
N ASP G 273 -69.45 9.60 40.14
CA ASP G 273 -70.75 9.31 40.71
C ASP G 273 -71.70 10.51 40.64
N PHE G 274 -71.21 11.73 40.86
CA PHE G 274 -72.06 12.90 40.66
C PHE G 274 -71.22 14.15 40.41
N PHE G 275 -71.89 15.19 39.92
CA PHE G 275 -71.30 16.48 39.62
C PHE G 275 -71.97 17.57 40.46
N ILE G 276 -71.32 18.72 40.55
CA ILE G 276 -71.83 19.87 41.28
C ILE G 276 -71.64 21.13 40.43
N VAL G 277 -72.71 21.92 40.30
CA VAL G 277 -72.71 23.13 39.48
C VAL G 277 -73.37 24.28 40.26
N ALA G 278 -73.01 25.50 39.85
CA ALA G 278 -73.40 26.69 40.61
C ALA G 278 -74.89 26.98 40.50
N THR G 279 -75.41 27.06 39.28
CA THR G 279 -76.79 27.45 39.04
C THR G 279 -77.58 26.32 38.40
N GLU G 280 -78.88 26.29 38.68
CA GLU G 280 -79.76 25.33 38.01
C GLU G 280 -79.77 25.57 36.50
N ALA G 281 -79.56 26.82 36.07
CA ALA G 281 -79.40 27.11 34.65
C ALA G 281 -78.21 26.36 34.08
N GLN G 282 -77.06 26.42 34.75
CA GLN G 282 -75.91 25.67 34.30
C GLN G 282 -76.19 24.17 34.30
N LYS G 283 -76.98 23.69 35.26
CA LYS G 283 -77.33 22.28 35.27
C LYS G 283 -78.03 21.87 33.98
N ARG G 284 -79.00 22.67 33.53
CA ARG G 284 -79.80 22.29 32.38
C ARG G 284 -79.10 22.54 31.05
N ILE G 285 -78.09 23.41 31.00
CA ILE G 285 -77.44 23.71 29.73
C ILE G 285 -76.46 22.60 29.34
N LEU G 286 -75.57 22.20 30.24
CA LEU G 286 -74.63 21.15 29.85
C LEU G 286 -75.28 19.78 29.86
N GLU G 287 -76.28 19.57 30.72
CA GLU G 287 -77.11 18.39 30.61
C GLU G 287 -77.77 18.30 29.24
N GLN G 288 -78.22 19.46 28.73
CA GLN G 288 -78.69 19.52 27.35
C GLN G 288 -77.53 19.30 26.37
N GLN G 289 -76.30 19.66 26.77
CA GLN G 289 -75.13 19.36 25.95
C GLN G 289 -74.71 17.90 26.09
N PHE G 290 -74.78 17.35 27.30
CA PHE G 290 -74.25 16.01 27.54
C PHE G 290 -75.07 14.95 26.82
N GLN G 291 -76.39 14.97 26.97
CA GLN G 291 -77.21 14.04 26.19
C GLN G 291 -77.03 14.26 24.69
N HIS G 292 -76.49 15.41 24.29
CA HIS G 292 -76.29 15.74 22.89
C HIS G 292 -74.89 15.42 22.38
N TYR G 293 -73.89 16.18 22.85
CA TYR G 293 -72.61 16.24 22.16
C TYR G 293 -71.83 14.92 22.23
N SER G 294 -72.00 14.15 23.29
CA SER G 294 -71.64 12.73 23.28
C SER G 294 -72.69 12.01 24.10
N ASP G 295 -73.35 11.00 23.54
CA ASP G 295 -74.47 10.43 24.28
C ASP G 295 -73.94 9.88 25.60
N LYS G 296 -74.33 10.55 26.68
CA LYS G 296 -74.09 10.13 28.04
C LYS G 296 -75.07 10.91 28.90
N GLN G 297 -75.48 10.33 30.03
CA GLN G 297 -76.21 11.08 31.03
C GLN G 297 -75.49 11.02 32.37
N PRO G 298 -74.78 12.09 32.77
CA PRO G 298 -74.28 12.22 34.14
C PRO G 298 -75.33 12.74 35.10
N GLN G 299 -75.19 12.36 36.37
CA GLN G 299 -76.09 12.82 37.42
C GLN G 299 -75.57 14.15 37.95
N ILE G 300 -76.44 15.17 37.93
CA ILE G 300 -76.09 16.51 38.41
C ILE G 300 -77.25 17.11 39.17
N ALA G 301 -76.98 17.62 40.36
CA ALA G 301 -77.83 18.53 41.09
C ALA G 301 -77.07 19.84 41.31
N THR G 302 -77.72 20.79 41.99
CA THR G 302 -77.13 22.11 42.18
C THR G 302 -77.08 22.47 43.65
N ILE G 303 -76.09 23.30 44.01
CA ILE G 303 -75.96 23.87 45.35
C ILE G 303 -75.47 25.31 45.19
N PRO G 304 -75.95 26.26 46.01
CA PRO G 304 -75.43 27.63 45.93
C PRO G 304 -74.00 27.73 46.45
N VAL G 305 -73.34 28.82 46.05
CA VAL G 305 -71.98 29.09 46.52
C VAL G 305 -72.01 29.61 47.95
N GLY G 306 -72.86 30.60 48.22
CA GLY G 306 -73.04 31.14 49.54
C GLY G 306 -74.38 30.75 50.13
N SER G 307 -74.84 31.58 51.07
CA SER G 307 -76.11 31.35 51.75
C SER G 307 -76.74 32.71 52.03
N LEU G 308 -77.85 32.67 52.75
CA LEU G 308 -78.32 33.79 53.53
C LEU G 308 -78.73 33.26 54.90
N ASP G 309 -78.80 34.16 55.87
CA ASP G 309 -79.35 33.85 57.18
C ASP G 309 -80.72 34.50 57.34
N GLN G 310 -80.74 35.82 57.22
CA GLN G 310 -81.90 36.66 57.40
C GLN G 310 -82.37 37.22 56.08
N LEU G 311 -83.68 37.41 55.95
CA LEU G 311 -84.25 38.17 54.84
C LEU G 311 -84.26 39.62 55.29
N THR G 312 -83.44 40.45 54.65
CA THR G 312 -83.16 41.78 55.18
C THR G 312 -84.34 42.71 54.88
N TYR G 313 -85.00 43.20 55.92
CA TYR G 313 -86.17 44.06 55.76
C TYR G 313 -85.81 45.46 56.26
N PRO G 314 -85.55 46.43 55.38
CA PRO G 314 -85.25 47.78 55.85
C PRO G 314 -86.50 48.44 56.41
N LYS G 315 -86.39 48.97 57.63
CA LYS G 315 -87.34 49.98 58.08
C LYS G 315 -86.81 51.40 57.98
N GLU G 316 -85.51 51.60 57.77
CA GLU G 316 -85.02 52.94 57.55
C GLU G 316 -85.43 53.38 56.14
N PRO G 317 -85.67 54.67 55.91
CA PRO G 317 -86.29 55.07 54.65
C PRO G 317 -85.45 54.59 53.47
N ARG G 318 -86.09 53.85 52.57
CA ARG G 318 -85.42 53.48 51.35
C ARG G 318 -85.09 54.76 50.61
N LYS G 319 -83.83 54.95 50.30
CA LYS G 319 -83.50 56.15 49.56
C LYS G 319 -83.68 55.77 48.11
N PRO G 320 -84.75 56.19 47.46
CA PRO G 320 -84.99 55.77 46.08
C PRO G 320 -84.12 56.63 45.18
N TYR G 321 -84.14 56.32 43.89
CA TYR G 321 -83.44 57.13 42.90
C TYR G 321 -81.94 57.17 43.20
N SER G 322 -81.41 56.13 43.83
CA SER G 322 -79.99 56.03 44.16
C SER G 322 -79.53 54.59 43.95
N MSE G 323 -78.40 54.41 43.28
CA MSE G 323 -77.99 53.08 42.84
C MSE G 323 -76.65 52.60 43.45
O MSE G 323 -76.03 53.34 44.21
CB MSE G 323 -77.90 53.06 41.32
CG MSE G 323 -78.92 53.97 40.67
SE MSE G 323 -79.54 53.32 38.96
CE MSE G 323 -80.27 54.98 38.29
N ILE G 324 -76.24 51.37 43.12
CA ILE G 324 -75.14 50.72 43.82
C ILE G 324 -74.51 49.65 42.90
N THR G 325 -73.22 49.36 43.13
CA THR G 325 -72.56 48.21 42.52
C THR G 325 -71.37 47.81 43.39
N ALA G 326 -70.95 46.55 43.28
CA ALA G 326 -69.80 46.02 44.02
C ALA G 326 -68.91 45.22 43.09
N SER G 327 -67.69 45.70 42.87
CA SER G 327 -66.74 45.08 41.96
C SER G 327 -65.34 45.29 42.52
N ARG G 328 -64.33 44.82 41.79
CA ARG G 328 -62.98 45.31 41.99
C ARG G 328 -62.50 46.28 40.91
N LEU G 329 -63.35 46.70 39.97
CA LEU G 329 -63.03 47.77 39.02
C LEU G 329 -61.87 47.44 38.08
N ALA G 330 -61.57 46.16 37.87
CA ALA G 330 -60.70 45.79 36.77
C ALA G 330 -61.42 46.07 35.46
N THR G 331 -60.64 46.34 34.41
CA THR G 331 -61.26 46.59 33.10
C THR G 331 -62.14 45.43 32.66
N GLU G 332 -61.95 44.25 33.25
CA GLU G 332 -62.76 43.08 32.91
C GLU G 332 -64.21 43.28 33.31
N LYS G 333 -64.46 43.81 34.51
CA LYS G 333 -65.84 44.07 34.92
C LYS G 333 -66.52 45.12 34.05
N HIS G 334 -65.76 45.87 33.26
CA HIS G 334 -66.25 46.60 32.10
C HIS G 334 -67.30 47.64 32.50
N ILE G 335 -67.06 48.34 33.61
CA ILE G 335 -68.04 49.27 34.17
C ILE G 335 -67.80 50.71 33.70
N ASP G 336 -66.87 50.94 32.77
CA ASP G 336 -66.74 52.30 32.24
C ASP G 336 -67.96 52.71 31.42
N TRP G 337 -68.87 51.78 31.11
CA TRP G 337 -70.20 52.15 30.63
C TRP G 337 -71.13 52.50 31.78
N LEU G 338 -70.89 51.99 32.99
CA LEU G 338 -71.77 52.31 34.11
C LEU G 338 -71.77 53.80 34.42
N VAL G 339 -70.62 54.47 34.23
CA VAL G 339 -70.59 55.93 34.32
C VAL G 339 -71.25 56.55 33.11
N ALA G 340 -71.21 55.89 31.95
CA ALA G 340 -71.95 56.37 30.79
C ALA G 340 -73.44 56.11 30.97
N ALA G 341 -73.80 55.05 31.69
CA ALA G 341 -75.19 54.85 32.09
C ALA G 341 -75.63 55.92 33.09
N THR G 342 -74.69 56.52 33.82
CA THR G 342 -74.98 57.62 34.73
C THR G 342 -75.04 59.00 34.05
N VAL G 343 -74.07 59.30 33.18
CA VAL G 343 -73.96 60.64 32.60
C VAL G 343 -75.25 61.00 31.87
N GLN G 344 -75.81 60.04 31.14
CA GLN G 344 -76.98 60.23 30.31
C GLN G 344 -78.28 59.87 31.03
N ALA G 345 -78.21 59.58 32.33
CA ALA G 345 -79.35 59.20 33.16
C ALA G 345 -79.97 60.38 33.92
N HIS G 346 -79.21 61.03 34.80
CA HIS G 346 -79.74 61.99 35.76
C HIS G 346 -80.43 63.19 35.10
N ALA G 347 -80.24 63.38 33.80
CA ALA G 347 -80.86 64.51 33.11
C ALA G 347 -82.38 64.40 33.07
N GLN G 348 -82.93 63.19 33.02
CA GLN G 348 -84.37 62.99 33.16
C GLN G 348 -84.76 62.82 34.61
N LEU G 349 -84.29 61.75 35.24
CA LEU G 349 -84.60 61.51 36.63
C LEU G 349 -83.50 62.13 37.48
N PRO G 350 -83.77 63.23 38.19
CA PRO G 350 -82.70 63.87 38.97
C PRO G 350 -82.37 63.07 40.21
N GLU G 351 -81.59 63.65 41.11
CA GLU G 351 -81.40 63.11 42.45
C GLU G 351 -80.69 61.76 42.42
N LEU G 352 -79.90 61.53 41.38
CA LEU G 352 -79.25 60.23 41.21
C LEU G 352 -77.94 60.19 41.99
N THR G 353 -77.71 59.08 42.67
CA THR G 353 -76.47 58.92 43.41
C THR G 353 -76.12 57.44 43.45
N LEU G 354 -74.85 57.13 43.27
CA LEU G 354 -74.36 55.76 43.29
C LEU G 354 -73.11 55.70 44.17
N ASP G 355 -72.76 54.50 44.63
CA ASP G 355 -71.53 54.28 45.37
C ASP G 355 -70.90 52.99 44.89
N ILE G 356 -69.66 53.08 44.41
CA ILE G 356 -68.83 51.94 44.04
C ILE G 356 -68.04 51.49 45.26
N TYR G 357 -67.84 50.18 45.39
CA TYR G 357 -66.90 49.62 46.34
C TYR G 357 -66.00 48.63 45.61
N GLY G 358 -64.74 49.00 45.43
CA GLY G 358 -63.79 48.10 44.79
C GLY G 358 -62.57 48.85 44.31
N LYS G 359 -61.54 48.05 44.00
CA LYS G 359 -60.24 48.52 43.53
C LYS G 359 -59.57 47.40 42.74
N GLY G 360 -58.80 47.76 41.70
CA GLY G 360 -58.14 46.74 40.88
C GLY G 360 -57.37 47.34 39.71
N SER G 361 -56.54 46.49 39.09
CA SER G 361 -55.58 46.97 38.08
C SER G 361 -56.27 47.78 36.98
N GLU G 362 -55.75 48.99 36.75
CA GLU G 362 -56.46 50.05 36.02
C GLU G 362 -57.75 50.45 36.73
N GLU G 363 -57.68 50.57 38.06
CA GLU G 363 -58.75 51.22 38.83
C GLU G 363 -58.76 52.72 38.59
N ASP G 364 -57.58 53.31 38.38
CA ASP G 364 -57.46 54.73 38.10
C ASP G 364 -57.90 55.10 36.69
N LYS G 365 -58.18 54.10 35.83
CA LYS G 365 -58.95 54.35 34.63
C LYS G 365 -60.40 54.71 34.98
N LEU G 366 -60.90 54.19 36.10
CA LEU G 366 -62.26 54.48 36.55
C LEU G 366 -62.35 55.85 37.22
N ARG G 367 -61.35 56.23 38.01
CA ARG G 367 -61.38 57.53 38.67
C ARG G 367 -61.10 58.67 37.68
N ARG G 368 -60.31 58.43 36.64
CA ARG G 368 -59.90 59.55 35.81
C ARG G 368 -60.92 59.90 34.74
N ARG G 369 -61.90 59.03 34.46
CA ARG G 369 -62.97 59.35 33.54
C ARG G 369 -64.26 59.83 34.19
N ILE G 370 -64.36 59.81 35.53
CA ILE G 370 -65.57 60.34 36.17
C ILE G 370 -65.52 61.86 36.33
N GLU G 371 -64.34 62.42 36.60
CA GLU G 371 -64.27 63.80 37.08
C GLU G 371 -64.82 64.81 36.07
N GLU G 372 -64.45 64.67 34.79
CA GLU G 372 -64.93 65.67 33.84
C GLU G 372 -66.40 65.45 33.52
N ALA G 373 -66.90 64.22 33.68
CA ALA G 373 -68.31 63.94 33.42
C ALA G 373 -69.19 64.91 34.19
N GLY G 374 -70.11 65.55 33.45
CA GLY G 374 -70.77 66.78 33.87
C GLY G 374 -71.41 66.73 35.24
N ALA G 375 -71.73 65.52 35.70
CA ALA G 375 -72.36 65.29 36.99
C ALA G 375 -71.35 65.00 38.11
N GLN G 376 -70.04 65.01 37.82
CA GLN G 376 -69.05 64.40 38.72
C GLN G 376 -69.24 64.83 40.16
N ASP G 377 -69.01 63.89 41.08
CA ASP G 377 -69.20 63.98 42.52
C ASP G 377 -70.69 63.93 42.85
N TYR G 378 -71.55 63.84 41.84
CA TYR G 378 -72.88 63.27 41.97
C TYR G 378 -72.80 61.90 42.63
N ILE G 379 -71.67 61.24 42.46
CA ILE G 379 -71.47 59.84 42.84
C ILE G 379 -70.28 59.75 43.77
N ARG G 380 -70.39 58.88 44.78
CA ARG G 380 -69.33 58.66 45.73
C ARG G 380 -68.16 57.94 45.05
N LEU G 381 -66.97 58.07 45.63
CA LEU G 381 -65.87 57.17 45.32
C LEU G 381 -65.32 56.67 46.66
N LYS G 382 -65.58 55.40 46.97
CA LYS G 382 -65.13 54.78 48.22
C LYS G 382 -64.49 53.46 47.85
N GLY G 383 -63.23 53.27 48.25
CA GLY G 383 -62.50 52.09 47.82
C GLY G 383 -63.10 50.78 48.27
N HIS G 384 -63.22 50.59 49.58
CA HIS G 384 -63.93 49.42 50.08
C HIS G 384 -64.38 49.68 51.51
N ALA G 385 -65.45 48.98 51.89
CA ALA G 385 -65.96 48.96 53.26
C ALA G 385 -66.95 47.80 53.33
N ASP G 386 -67.53 47.61 54.52
CA ASP G 386 -68.49 46.52 54.71
C ASP G 386 -69.84 46.89 54.12
N LEU G 387 -70.37 45.99 53.29
CA LEU G 387 -71.67 46.13 52.65
C LEU G 387 -72.77 45.34 53.36
N SER G 388 -72.49 44.79 54.54
CA SER G 388 -73.36 43.80 55.19
C SER G 388 -74.83 44.20 55.24
N GLN G 389 -75.12 45.49 55.41
CA GLN G 389 -76.48 45.99 55.53
C GLN G 389 -76.84 46.99 54.43
N ILE G 390 -75.95 47.97 54.19
CA ILE G 390 -76.18 49.21 53.47
C ILE G 390 -76.97 49.01 52.17
N TYR G 391 -76.96 47.79 51.62
CA TYR G 391 -77.80 47.49 50.46
C TYR G 391 -79.24 47.97 50.68
N ALA G 392 -79.83 47.59 51.81
CA ALA G 392 -81.25 47.87 52.05
C ALA G 392 -81.57 49.35 51.93
N GLY G 393 -80.64 50.22 52.32
CA GLY G 393 -80.88 51.64 52.20
C GLY G 393 -80.87 52.11 50.77
N TYR G 394 -79.95 51.60 49.96
CA TYR G 394 -79.91 51.96 48.55
C TYR G 394 -81.07 51.28 47.82
N GLU G 395 -81.17 51.53 46.51
CA GLU G 395 -82.34 51.11 45.75
C GLU G 395 -81.98 50.00 44.74
N LEU G 396 -81.24 50.33 43.69
CA LEU G 396 -81.03 49.38 42.60
C LEU G 396 -79.54 49.12 42.38
N TYR G 397 -79.23 47.89 41.97
CA TYR G 397 -77.86 47.43 41.75
C TYR G 397 -77.62 47.26 40.25
N LEU G 398 -76.41 47.62 39.80
CA LEU G 398 -76.10 47.67 38.37
C LEU G 398 -74.85 46.84 38.08
N THR G 399 -75.02 45.82 37.24
CA THR G 399 -73.90 45.01 36.77
C THR G 399 -73.60 45.34 35.32
N ALA G 400 -72.33 45.64 35.05
CA ALA G 400 -71.77 45.68 33.71
C ALA G 400 -71.27 44.31 33.29
N SER G 401 -71.62 43.30 34.08
CA SER G 401 -71.06 41.95 33.98
C SER G 401 -71.16 41.39 32.57
N THR G 402 -70.01 41.02 32.01
CA THR G 402 -69.99 40.27 30.77
C THR G 402 -70.25 38.79 31.01
N SER G 403 -69.69 38.22 32.08
CA SER G 403 -70.06 36.89 32.55
C SER G 403 -69.85 36.80 34.05
N GLU G 404 -70.81 36.17 34.73
CA GLU G 404 -70.72 35.87 36.16
C GLU G 404 -71.00 34.40 36.39
N GLY G 405 -70.03 33.69 36.97
CA GLY G 405 -70.25 32.29 37.30
C GLY G 405 -71.37 32.12 38.32
N PHE G 406 -71.24 32.79 39.45
CA PHE G 406 -72.32 32.90 40.43
C PHE G 406 -72.29 34.32 40.96
N GLY G 407 -73.36 35.09 40.75
CA GLY G 407 -73.32 36.39 41.40
C GLY G 407 -73.45 36.23 42.91
N LEU G 408 -72.34 36.44 43.60
CA LEU G 408 -72.34 36.58 45.05
C LEU G 408 -72.56 38.02 45.47
N THR G 409 -72.09 38.96 44.65
CA THR G 409 -72.47 40.36 44.79
C THR G 409 -73.99 40.50 44.78
N LEU G 410 -74.66 39.69 43.95
CA LEU G 410 -76.12 39.69 43.90
C LEU G 410 -76.75 38.91 45.03
N MSE G 411 -75.98 38.06 45.71
CA MSE G 411 -76.52 37.18 46.75
C MSE G 411 -77.19 38.00 47.85
O MSE G 411 -78.31 37.71 48.26
CB MSE G 411 -75.41 36.30 47.34
CG MSE G 411 -75.92 35.24 48.30
SE MSE G 411 -76.87 33.88 47.29
CE MSE G 411 -77.20 32.57 48.68
N GLU G 412 -76.49 39.04 48.32
CA GLU G 412 -77.03 39.94 49.32
C GLU G 412 -77.78 41.11 48.70
N ALA G 413 -77.85 41.18 47.37
CA ALA G 413 -78.72 42.18 46.74
C ALA G 413 -80.18 41.75 46.75
N VAL G 414 -80.43 40.44 46.70
CA VAL G 414 -81.78 39.91 46.87
C VAL G 414 -82.10 39.58 48.32
N GLY G 415 -81.11 39.59 49.20
CA GLY G 415 -81.39 39.49 50.63
C GLY G 415 -81.96 40.78 51.18
N SER G 416 -81.40 41.92 50.78
CA SER G 416 -81.98 43.21 51.13
C SER G 416 -83.18 43.56 50.25
N GLY G 417 -83.29 42.95 49.07
CA GLY G 417 -84.41 43.15 48.19
C GLY G 417 -84.16 44.05 47.00
N LEU G 418 -82.93 44.54 46.80
CA LEU G 418 -82.67 45.50 45.75
C LEU G 418 -83.03 44.92 44.38
N PRO G 419 -83.75 45.65 43.53
CA PRO G 419 -83.90 45.22 42.14
C PRO G 419 -82.55 45.28 41.42
N LEU G 420 -82.40 44.43 40.40
CA LEU G 420 -81.15 44.32 39.67
C LEU G 420 -81.39 44.49 38.17
N ILE G 421 -80.32 44.84 37.45
CA ILE G 421 -80.30 44.82 36.00
C ILE G 421 -78.93 44.31 35.55
N GLY G 422 -78.93 43.32 34.68
CA GLY G 422 -77.70 42.85 34.07
C GLY G 422 -77.99 42.30 32.69
N PHE G 423 -76.94 42.18 31.89
CA PHE G 423 -77.12 41.60 30.56
C PHE G 423 -77.56 40.15 30.70
N ASP G 424 -78.11 39.61 29.61
CA ASP G 424 -78.53 38.22 29.60
C ASP G 424 -77.33 37.41 29.13
N VAL G 425 -76.72 36.69 30.07
CA VAL G 425 -75.47 35.96 29.90
C VAL G 425 -75.52 34.83 30.92
N ARG G 426 -74.41 34.13 31.09
CA ARG G 426 -74.40 32.99 32.00
C ARG G 426 -73.30 33.09 33.05
N TYR G 427 -73.53 32.48 34.21
CA TYR G 427 -74.88 32.06 34.62
C TYR G 427 -75.55 32.95 35.65
N GLY G 428 -74.79 33.87 36.26
CA GLY G 428 -75.24 34.49 37.49
C GLY G 428 -76.44 35.40 37.34
N ASN G 429 -76.31 36.42 36.48
CA ASN G 429 -77.41 37.34 36.24
C ASN G 429 -78.62 36.65 35.66
N GLN G 430 -78.43 35.48 35.02
CA GLN G 430 -79.52 34.79 34.36
C GLN G 430 -80.42 34.06 35.34
N THR G 431 -79.87 33.56 36.45
CA THR G 431 -80.66 32.89 37.47
C THR G 431 -81.13 33.84 38.58
N PHE G 432 -80.60 35.05 38.63
CA PHE G 432 -81.01 36.05 39.62
C PHE G 432 -82.02 37.07 39.08
N ILE G 433 -82.37 37.02 37.79
CA ILE G 433 -83.25 38.02 37.20
C ILE G 433 -84.23 37.35 36.26
N ASP G 434 -85.52 37.62 36.46
CA ASP G 434 -86.54 37.39 35.43
C ASP G 434 -86.76 38.71 34.71
N ASP G 435 -86.76 38.68 33.38
CA ASP G 435 -86.88 39.92 32.62
C ASP G 435 -88.23 40.60 32.84
N GLY G 436 -89.25 39.86 33.27
CA GLY G 436 -90.56 40.43 33.48
C GLY G 436 -90.89 40.75 34.93
N LYS G 437 -90.08 40.29 35.87
CA LYS G 437 -90.29 40.52 37.30
C LYS G 437 -88.95 40.78 37.98
N ASN G 438 -88.87 41.85 38.77
CA ASN G 438 -87.76 42.14 39.67
C ASN G 438 -86.49 42.57 38.94
N GLY G 439 -86.46 42.57 37.61
CA GLY G 439 -85.27 43.01 36.91
C GLY G 439 -85.44 43.00 35.40
N TYR G 440 -84.49 43.63 34.73
CA TYR G 440 -84.44 43.67 33.27
C TYR G 440 -83.13 43.07 32.77
N LEU G 441 -83.22 42.36 31.65
CA LEU G 441 -82.06 41.78 30.98
C LEU G 441 -81.83 42.50 29.66
N LEU G 442 -80.57 42.68 29.31
CA LEU G 442 -80.21 43.35 28.06
C LEU G 442 -79.56 42.35 27.13
N PRO G 443 -80.22 41.91 26.06
CA PRO G 443 -79.55 41.03 25.10
C PRO G 443 -78.29 41.68 24.56
N VAL G 444 -77.25 40.87 24.37
CA VAL G 444 -75.93 41.37 23.99
C VAL G 444 -75.58 40.84 22.61
N SER G 445 -75.18 41.75 21.72
CA SER G 445 -74.67 41.36 20.41
C SER G 445 -73.26 40.76 20.57
N SER G 446 -72.84 40.05 19.54
CA SER G 446 -71.64 39.21 19.60
C SER G 446 -70.36 40.00 19.40
N ASN G 447 -70.44 41.32 19.35
CA ASN G 447 -69.32 42.21 19.07
C ASN G 447 -69.10 43.16 20.25
N HIS G 448 -67.95 43.82 20.24
CA HIS G 448 -67.70 44.90 21.18
C HIS G 448 -68.54 46.11 20.75
N VAL G 449 -69.47 46.54 21.60
CA VAL G 449 -70.34 47.67 21.30
C VAL G 449 -70.59 48.44 22.60
N GLU G 450 -70.72 49.75 22.48
CA GLU G 450 -70.81 50.61 23.66
C GLU G 450 -72.16 51.29 23.77
N ASP G 451 -72.41 52.33 22.97
CA ASP G 451 -73.60 53.14 23.13
C ASP G 451 -74.87 52.36 22.84
N GLN G 452 -74.77 51.24 22.13
CA GLN G 452 -75.91 50.35 21.97
C GLN G 452 -76.46 49.91 23.32
N ILE G 453 -75.61 49.29 24.13
CA ILE G 453 -76.05 48.86 25.46
C ILE G 453 -76.00 50.01 26.47
N ILE G 454 -75.05 50.93 26.32
CA ILE G 454 -74.98 52.09 27.22
C ILE G 454 -76.31 52.81 27.28
N ALA G 455 -76.84 53.17 26.10
CA ALA G 455 -78.16 53.79 26.07
C ALA G 455 -79.25 52.79 26.46
N ALA G 456 -79.19 51.57 25.91
CA ALA G 456 -80.22 50.58 26.16
C ALA G 456 -80.46 50.37 27.65
N PHE G 457 -79.40 50.49 28.46
CA PHE G 457 -79.56 50.53 29.91
C PHE G 457 -80.52 51.62 30.34
N VAL G 458 -80.12 52.87 30.10
CA VAL G 458 -80.71 54.04 30.76
C VAL G 458 -82.23 54.05 30.65
N GLU G 459 -82.78 53.54 29.55
CA GLU G 459 -84.24 53.54 29.41
C GLU G 459 -84.88 52.45 30.27
N LYS G 460 -84.20 51.32 30.46
CA LYS G 460 -84.67 50.34 31.42
C LYS G 460 -84.58 50.86 32.86
N ILE G 461 -83.71 51.85 33.11
CA ILE G 461 -83.61 52.47 34.43
C ILE G 461 -84.92 53.16 34.79
N ILE G 462 -85.31 54.15 33.99
CA ILE G 462 -86.53 54.89 34.26
C ILE G 462 -87.78 54.08 33.97
N ALA G 463 -87.64 52.87 33.43
CA ALA G 463 -88.81 52.01 33.24
C ALA G 463 -89.34 51.50 34.57
N LEU G 464 -88.48 51.41 35.59
CA LEU G 464 -88.90 51.00 36.92
C LEU G 464 -89.33 52.19 37.76
N PHE G 465 -88.40 53.11 38.01
CA PHE G 465 -88.64 54.21 38.95
C PHE G 465 -89.75 55.15 38.51
N SER G 466 -90.15 55.13 37.24
CA SER G 466 -91.27 55.99 36.85
C SER G 466 -92.51 55.21 36.40
N GLN G 467 -93.49 55.10 37.30
CA GLN G 467 -93.22 55.07 38.74
C GLN G 467 -93.83 53.79 39.31
N GLY G 468 -93.75 53.64 40.62
CA GLY G 468 -94.47 52.59 41.30
C GLY G 468 -94.05 51.17 41.01
N ARG G 469 -92.97 50.96 40.24
CA ARG G 469 -92.34 49.66 40.15
C ARG G 469 -91.21 49.49 41.16
N GLN G 470 -90.82 50.57 41.85
CA GLN G 470 -89.68 50.55 42.76
C GLN G 470 -89.91 49.71 44.00
N GLN G 471 -91.17 49.51 44.40
CA GLN G 471 -91.50 48.86 45.67
C GLN G 471 -91.89 47.40 45.49
N GLU G 472 -92.97 47.13 44.74
CA GLU G 472 -93.52 45.77 44.67
C GLU G 472 -92.64 44.81 43.90
N MSE G 473 -91.82 45.31 42.96
CA MSE G 473 -90.91 44.42 42.24
C MSE G 473 -89.80 43.96 43.18
O MSE G 473 -89.52 42.76 43.29
CB MSE G 473 -90.28 45.11 41.01
CG MSE G 473 -91.06 44.98 39.72
SE MSE G 473 -90.01 45.66 38.21
CE MSE G 473 -88.93 46.94 39.20
N SER G 474 -89.17 44.92 43.84
CA SER G 474 -88.19 44.62 44.88
C SER G 474 -88.83 43.87 46.05
N GLN G 475 -90.15 43.96 46.22
CA GLN G 475 -90.84 43.14 47.20
C GLN G 475 -90.86 41.68 46.76
N HIS G 476 -90.94 41.43 45.45
CA HIS G 476 -90.87 40.09 44.90
C HIS G 476 -89.46 39.51 45.00
N SER G 477 -88.44 40.35 45.22
CA SER G 477 -87.08 39.86 45.40
C SER G 477 -86.89 39.10 46.71
N TYR G 478 -87.81 39.26 47.66
CA TYR G 478 -87.76 38.46 48.89
C TYR G 478 -88.30 37.06 48.66
N GLN G 479 -89.23 36.90 47.71
CA GLN G 479 -89.76 35.60 47.38
C GLN G 479 -88.77 34.80 46.54
N VAL G 480 -87.93 35.47 45.75
CA VAL G 480 -86.93 34.76 44.98
C VAL G 480 -85.75 34.38 45.86
N ALA G 481 -85.41 35.20 46.86
CA ALA G 481 -84.30 34.89 47.76
C ALA G 481 -84.63 33.75 48.71
N GLU G 482 -85.89 33.32 48.76
CA GLU G 482 -86.30 32.32 49.75
C GLU G 482 -85.71 30.94 49.47
N ASN G 483 -85.48 30.62 48.19
CA ASN G 483 -84.85 29.35 47.83
C ASN G 483 -83.35 29.35 48.09
N TYR G 484 -82.71 30.51 48.08
CA TYR G 484 -81.28 30.65 48.30
C TYR G 484 -80.90 30.91 49.76
N LEU G 485 -81.87 30.86 50.67
CA LEU G 485 -81.60 30.99 52.10
C LEU G 485 -80.97 29.71 52.63
N THR G 486 -80.03 29.85 53.57
CA THR G 486 -79.19 28.72 53.97
C THR G 486 -79.99 27.52 54.46
N SER G 487 -81.19 27.76 55.00
CA SER G 487 -81.89 26.70 55.72
C SER G 487 -82.16 25.50 54.81
N ARG G 488 -82.62 25.76 53.59
CA ARG G 488 -82.89 24.68 52.64
C ARG G 488 -81.60 24.13 52.04
N VAL G 489 -80.52 24.91 52.06
CA VAL G 489 -79.22 24.43 51.59
C VAL G 489 -78.73 23.27 52.43
N GLU G 490 -78.85 23.39 53.76
CA GLU G 490 -78.48 22.30 54.65
C GLU G 490 -79.32 21.06 54.36
N ALA G 491 -80.62 21.25 54.15
CA ALA G 491 -81.47 20.14 53.73
C ALA G 491 -81.15 19.67 52.33
N ALA G 492 -80.53 20.52 51.52
CA ALA G 492 -80.08 20.08 50.21
C ALA G 492 -78.87 19.16 50.34
N TRP G 493 -77.93 19.50 51.23
CA TRP G 493 -76.78 18.63 51.47
C TRP G 493 -77.19 17.36 52.21
N THR G 494 -78.02 17.50 53.26
CA THR G 494 -78.53 16.33 53.96
C THR G 494 -79.27 15.41 53.00
N GLN G 495 -80.06 15.97 52.10
CA GLN G 495 -80.67 15.18 51.04
C GLN G 495 -79.61 14.54 50.16
N LEU G 496 -78.67 15.35 49.66
CA LEU G 496 -77.69 14.87 48.70
C LEU G 496 -76.80 13.78 49.29
N LEU G 497 -76.35 13.94 50.54
CA LEU G 497 -75.37 13.01 51.09
C LEU G 497 -75.96 11.64 51.38
N LYS G 498 -77.23 11.57 51.77
CA LYS G 498 -77.90 10.28 51.88
C LYS G 498 -78.61 9.88 50.59
N GLU G 499 -78.57 10.74 49.57
CA GLU G 499 -79.08 10.39 48.24
C GLU G 499 -78.05 9.57 47.47
N VAL G 500 -76.77 9.94 47.58
CA VAL G 500 -75.72 9.17 46.93
C VAL G 500 -75.37 7.93 47.74
N ARG G 501 -75.49 7.99 49.07
CA ARG G 501 -75.14 6.86 49.92
C ARG G 501 -76.05 5.66 49.72
N ASP G 502 -77.16 5.81 48.99
CA ASP G 502 -78.01 4.69 48.62
C ASP G 502 -77.74 4.16 47.22
N ASP G 503 -76.81 4.77 46.48
CA ASP G 503 -76.43 4.27 45.16
C ASP G 503 -75.21 3.36 45.25
N MSE H 1 -1.71 9.23 74.36
CA MSE H 1 -1.46 8.50 73.13
C MSE H 1 -2.74 8.04 72.45
O MSE H 1 -3.64 7.49 73.11
CB MSE H 1 -0.57 7.29 73.39
CG MSE H 1 -0.01 6.64 72.14
SE MSE H 1 0.61 4.82 72.44
CE MSE H 1 2.24 4.89 71.38
N ILE H 2 -2.85 8.26 71.14
CA ILE H 2 -3.96 7.75 70.34
C ILE H 2 -3.44 7.29 68.98
N GLN H 3 -4.25 6.43 68.35
CA GLN H 3 -4.04 5.96 66.99
C GLN H 3 -5.08 6.63 66.10
N LEU H 4 -4.62 7.35 65.08
CA LEU H 4 -5.51 8.09 64.19
C LEU H 4 -5.39 7.50 62.79
N PHE H 5 -6.42 6.78 62.37
CA PHE H 5 -6.46 6.10 61.08
C PHE H 5 -7.57 6.70 60.24
N ASP H 6 -7.29 6.99 58.97
CA ASP H 6 -8.30 7.55 58.09
C ASP H 6 -9.23 6.47 57.56
N TYR H 7 -8.72 5.62 56.67
CA TYR H 7 -9.49 4.53 56.09
C TYR H 7 -9.24 3.24 56.87
N TYR H 8 -10.30 2.44 57.04
CA TYR H 8 -10.17 1.10 57.59
C TYR H 8 -10.02 0.11 56.45
N ASN H 9 -8.93 -0.66 56.48
CA ASN H 9 -8.60 -1.57 55.38
C ASN H 9 -7.74 -2.70 55.94
N GLN H 10 -7.31 -3.60 55.04
CA GLN H 10 -6.48 -4.72 55.46
C GLN H 10 -5.08 -4.29 55.83
N GLU H 11 -4.60 -3.15 55.33
CA GLU H 11 -3.31 -2.64 55.73
C GLU H 11 -3.37 -1.85 57.03
N THR H 12 -4.56 -1.54 57.52
CA THR H 12 -4.72 -0.89 58.82
C THR H 12 -4.61 -1.89 59.96
N GLN H 13 -5.31 -3.03 59.84
CA GLN H 13 -5.22 -4.07 60.86
C GLN H 13 -3.77 -4.46 61.13
N ASP H 14 -2.96 -4.57 60.08
CA ASP H 14 -1.59 -5.06 60.23
C ASP H 14 -0.69 -4.06 60.94
N LEU H 15 -0.97 -2.76 60.81
CA LEU H 15 -0.28 -1.81 61.68
C LEU H 15 -0.93 -1.74 63.05
N HIS H 16 -2.25 -1.89 63.12
CA HIS H 16 -2.90 -1.96 64.43
C HIS H 16 -2.53 -3.23 65.18
N ASP H 17 -2.24 -4.32 64.46
CA ASP H 17 -1.83 -5.56 65.10
C ASP H 17 -0.40 -5.46 65.63
N SER H 18 0.51 -4.90 64.82
CA SER H 18 1.92 -4.88 65.20
C SER H 18 2.18 -3.96 66.38
N LEU H 19 1.33 -2.96 66.59
CA LEU H 19 1.44 -2.12 67.78
C LEU H 19 0.90 -2.80 69.02
N LEU H 20 0.02 -3.79 68.86
CA LEU H 20 -0.52 -4.51 70.00
C LEU H 20 0.51 -5.47 70.57
N ALA H 21 1.28 -6.15 69.71
CA ALA H 21 2.31 -7.04 70.21
C ALA H 21 3.45 -6.26 70.85
N ALA H 22 3.69 -5.05 70.38
CA ALA H 22 4.66 -4.18 71.04
C ALA H 22 4.16 -3.62 72.37
N GLY H 23 2.87 -3.73 72.65
CA GLY H 23 2.34 -3.37 73.95
C GLY H 23 1.85 -1.94 74.09
N TYR H 24 1.51 -1.27 72.98
CA TYR H 24 1.04 0.10 73.01
C TYR H 24 -0.48 0.09 72.82
N ALA H 25 -1.19 0.36 73.93
CA ALA H 25 -2.57 -0.05 74.14
C ALA H 25 -3.61 1.03 73.88
N CYS H 26 -3.21 2.17 73.34
CA CYS H 26 -4.06 3.36 73.22
C CYS H 26 -5.39 3.06 72.55
N PRO H 27 -6.45 3.79 72.88
CA PRO H 27 -7.69 3.70 72.11
C PRO H 27 -7.48 4.22 70.70
N THR H 28 -8.31 3.74 69.78
CA THR H 28 -8.05 3.89 68.35
C THR H 28 -9.25 4.49 67.64
N ILE H 29 -9.01 5.49 66.79
CA ILE H 29 -10.05 6.25 66.13
C ILE H 29 -9.90 6.11 64.62
N VAL H 30 -11.02 6.04 63.92
CA VAL H 30 -11.02 5.91 62.46
C VAL H 30 -11.79 7.08 61.86
N ILE H 31 -11.21 7.67 60.81
CA ILE H 31 -11.86 8.78 60.12
C ILE H 31 -12.92 8.29 59.15
N GLU H 32 -12.65 7.21 58.43
CA GLU H 32 -13.63 6.64 57.52
C GLU H 32 -14.90 6.27 58.27
N ALA H 33 -16.05 6.42 57.60
CA ALA H 33 -17.36 6.33 58.21
C ALA H 33 -17.85 4.90 58.31
N ASN H 34 -16.95 3.94 58.08
CA ASN H 34 -17.28 2.51 58.02
C ASN H 34 -18.06 2.06 59.24
N GLY H 35 -18.94 1.08 59.03
CA GLY H 35 -19.74 0.54 60.12
C GLY H 35 -19.27 -0.80 60.62
N PHE H 36 -18.37 -1.43 59.88
CA PHE H 36 -17.84 -2.76 60.15
C PHE H 36 -16.57 -2.73 61.00
N LEU H 37 -16.31 -1.61 61.66
CA LEU H 37 -15.26 -1.48 62.66
C LEU H 37 -15.26 -2.68 63.59
N PRO H 38 -14.10 -3.29 63.84
CA PRO H 38 -14.01 -4.25 64.95
C PRO H 38 -14.33 -3.57 66.27
N ASP H 39 -14.71 -4.37 67.25
CA ASP H 39 -15.31 -3.84 68.47
C ASP H 39 -14.37 -2.91 69.22
N ASP H 40 -13.05 -3.14 69.13
CA ASP H 40 -12.12 -2.29 69.87
C ASP H 40 -12.17 -0.86 69.37
N MSE H 41 -12.17 -0.68 68.04
CA MSE H 41 -12.15 0.64 67.43
C MSE H 41 -13.51 1.33 67.43
O MSE H 41 -14.55 0.68 67.50
CB MSE H 41 -11.66 0.55 65.98
CG MSE H 41 -10.33 -0.15 65.80
SE MSE H 41 -9.65 0.07 63.98
CE MSE H 41 -8.66 -1.60 63.82
N ILE H 42 -13.48 2.66 67.33
CA ILE H 42 -14.68 3.44 67.07
C ILE H 42 -14.32 4.54 66.07
N SER H 43 -15.36 5.10 65.47
CA SER H 43 -15.25 6.22 64.55
C SER H 43 -16.30 7.25 64.91
N PRO H 44 -16.00 8.55 64.77
CA PRO H 44 -16.92 9.59 65.26
C PRO H 44 -18.34 9.45 64.75
N TYR H 45 -18.53 8.85 63.59
CA TYR H 45 -19.89 8.67 63.08
C TYR H 45 -20.61 7.52 63.77
N THR H 46 -19.92 6.41 64.04
CA THR H 46 -20.57 5.30 64.72
C THR H 46 -20.67 5.50 66.22
N TYR H 47 -19.95 6.47 66.79
CA TYR H 47 -19.85 6.59 68.24
C TYR H 47 -21.17 7.08 68.85
N PHE H 48 -21.68 8.20 68.36
CA PHE H 48 -22.83 8.84 69.01
C PHE H 48 -24.16 8.24 68.59
N LEU H 49 -24.14 7.19 67.75
CA LEU H 49 -25.38 6.58 67.26
C LEU H 49 -26.15 5.90 68.38
N GLY H 50 -25.50 5.03 69.15
CA GLY H 50 -26.16 4.18 70.11
C GLY H 50 -26.33 2.72 69.72
N ASP H 51 -25.66 2.25 68.69
CA ASP H 51 -25.60 0.82 68.42
C ASP H 51 -24.71 0.15 69.46
N GLU H 52 -25.13 -1.01 69.95
CA GLU H 52 -24.40 -1.66 71.02
C GLU H 52 -23.23 -2.46 70.45
N GLU H 53 -22.02 -2.05 70.83
CA GLU H 53 -20.82 -2.68 70.34
C GLU H 53 -20.68 -4.07 70.94
N GLY H 54 -20.26 -5.03 70.12
CA GLY H 54 -20.24 -6.41 70.51
C GLY H 54 -21.37 -7.25 69.95
N VAL H 55 -22.41 -6.61 69.42
CA VAL H 55 -23.37 -7.32 68.59
C VAL H 55 -22.79 -7.33 67.18
N ASP H 56 -22.45 -8.51 66.69
CA ASP H 56 -22.00 -8.68 65.31
C ASP H 56 -23.01 -9.59 64.63
N HIS H 57 -23.97 -9.00 63.92
CA HIS H 57 -24.91 -9.75 63.09
C HIS H 57 -25.39 -8.88 61.95
N PRO H 58 -24.58 -8.71 60.91
CA PRO H 58 -24.96 -7.82 59.80
C PRO H 58 -26.27 -8.23 59.15
N LEU H 59 -26.87 -7.28 58.44
CA LEU H 59 -28.05 -7.62 57.64
C LEU H 59 -27.68 -8.62 56.56
N PHE H 60 -28.67 -9.40 56.15
CA PHE H 60 -28.55 -10.31 55.03
C PHE H 60 -29.20 -9.70 53.80
N PHE H 61 -28.64 -10.00 52.63
CA PHE H 61 -29.04 -9.32 51.40
C PHE H 61 -30.54 -9.48 51.13
N ASN H 62 -31.09 -10.67 51.36
CA ASN H 62 -32.51 -10.88 51.15
C ASN H 62 -33.37 -10.19 52.22
N GLN H 63 -32.76 -9.77 53.32
CA GLN H 63 -33.46 -9.06 54.39
C GLN H 63 -33.35 -7.54 54.27
N VAL H 64 -32.74 -7.04 53.19
CA VAL H 64 -32.73 -5.59 52.97
C VAL H 64 -34.16 -5.07 52.96
N PRO H 65 -34.52 -4.07 53.75
CA PRO H 65 -35.91 -3.60 53.74
C PRO H 65 -36.29 -3.08 52.36
N VAL H 66 -37.37 -3.62 51.81
CA VAL H 66 -37.76 -3.28 50.44
C VAL H 66 -39.27 -3.06 50.44
N PRO H 67 -39.81 -2.26 49.51
CA PRO H 67 -41.26 -2.08 49.45
C PRO H 67 -41.94 -3.42 49.23
N PRO H 68 -43.23 -3.50 49.55
CA PRO H 68 -43.96 -4.78 49.38
C PRO H 68 -43.87 -5.29 47.95
N PHE H 69 -43.60 -6.59 47.83
CA PHE H 69 -43.62 -7.39 46.60
C PHE H 69 -42.42 -7.13 45.69
N TRP H 70 -41.54 -6.19 46.00
CA TRP H 70 -40.39 -5.91 45.16
C TRP H 70 -39.34 -7.00 45.37
N GLU H 71 -38.83 -7.57 44.29
CA GLU H 71 -38.03 -8.80 44.38
C GLU H 71 -36.54 -8.49 44.48
N ILE H 72 -35.84 -9.33 45.24
CA ILE H 72 -34.38 -9.23 45.40
C ILE H 72 -33.76 -10.49 44.80
N THR H 73 -33.17 -10.38 43.62
CA THR H 73 -32.31 -11.39 43.04
C THR H 73 -30.88 -11.22 43.53
N GLY H 74 -30.11 -12.31 43.49
CA GLY H 74 -28.68 -12.14 43.77
C GLY H 74 -27.68 -13.22 43.41
N ASP H 75 -26.45 -12.77 43.15
CA ASP H 75 -25.26 -13.58 42.92
C ASP H 75 -24.44 -13.65 44.21
N HIS H 76 -23.22 -14.15 44.10
CA HIS H 76 -22.22 -13.91 45.13
C HIS H 76 -21.43 -12.63 44.88
N GLN H 77 -21.58 -12.01 43.70
CA GLN H 77 -20.87 -10.77 43.37
C GLN H 77 -21.64 -9.54 43.85
N VAL H 78 -22.85 -9.33 43.33
CA VAL H 78 -23.72 -8.23 43.72
C VAL H 78 -25.10 -8.81 44.01
N ALA H 79 -26.04 -7.94 44.39
CA ALA H 79 -27.45 -8.30 44.49
C ALA H 79 -28.27 -7.09 44.08
N ARG H 80 -29.49 -7.33 43.60
CA ARG H 80 -30.23 -6.28 42.92
C ARG H 80 -31.70 -6.31 43.30
N VAL H 81 -32.26 -5.11 43.47
CA VAL H 81 -33.63 -4.90 43.92
C VAL H 81 -34.47 -4.48 42.72
N SER H 82 -35.50 -5.26 42.40
CA SER H 82 -36.34 -5.02 41.24
C SER H 82 -37.78 -4.75 41.65
N ASP H 83 -38.38 -3.76 40.99
CA ASP H 83 -39.82 -3.56 40.96
C ASP H 83 -40.29 -3.93 39.57
N MSE H 84 -41.15 -4.95 39.49
CA MSE H 84 -41.65 -5.43 38.20
C MSE H 84 -40.53 -5.87 37.26
O MSE H 84 -40.52 -5.54 36.08
CB MSE H 84 -42.51 -4.34 37.52
CG MSE H 84 -43.75 -3.98 38.32
SE MSE H 84 -44.84 -5.57 38.69
CE MSE H 84 -45.83 -5.64 37.02
N GLY H 85 -39.57 -6.62 37.81
CA GLY H 85 -38.44 -7.11 37.03
C GLY H 85 -37.51 -6.03 36.49
N GLU H 86 -37.69 -4.77 36.89
CA GLU H 86 -36.88 -3.67 36.40
C GLU H 86 -36.01 -3.10 37.52
N GLU H 87 -34.82 -2.65 37.15
CA GLU H 87 -33.81 -2.30 38.14
C GLU H 87 -34.21 -1.06 38.93
N ARG H 88 -34.05 -1.13 40.24
CA ARG H 88 -34.37 -0.03 41.14
C ARG H 88 -33.17 0.29 42.04
N ALA H 89 -32.71 -0.70 42.81
CA ALA H 89 -31.56 -0.51 43.71
C ALA H 89 -30.44 -1.51 43.42
N ARG H 90 -29.22 -1.10 43.74
CA ARG H 90 -28.05 -1.97 43.80
C ARG H 90 -27.72 -2.29 45.26
N ILE H 91 -27.22 -3.51 45.49
CA ILE H 91 -26.85 -3.98 46.82
C ILE H 91 -25.38 -4.35 46.81
N HIS H 92 -24.55 -3.58 47.51
CA HIS H 92 -23.16 -3.95 47.71
C HIS H 92 -23.02 -4.80 48.97
N TYR H 93 -22.27 -5.90 48.86
CA TYR H 93 -22.03 -6.78 49.98
C TYR H 93 -20.91 -6.23 50.86
N ALA H 94 -20.98 -6.54 52.15
CA ALA H 94 -19.80 -6.37 52.99
C ALA H 94 -18.67 -7.20 52.40
N SER H 95 -17.48 -6.60 52.32
CA SER H 95 -16.34 -7.24 51.68
C SER H 95 -15.88 -8.51 52.38
N GLN H 96 -16.48 -8.85 53.52
CA GLN H 96 -15.98 -9.92 54.39
C GLN H 96 -15.97 -11.27 53.68
N ALA H 97 -15.15 -12.19 54.20
CA ALA H 97 -15.17 -13.58 53.74
C ALA H 97 -16.60 -14.10 53.68
N ARG H 98 -17.35 -13.93 54.76
CA ARG H 98 -18.79 -14.18 54.70
C ARG H 98 -19.42 -13.27 53.65
N GLY H 99 -20.15 -13.89 52.72
CA GLY H 99 -20.74 -13.16 51.62
C GLY H 99 -22.18 -12.75 51.86
N ARG H 100 -22.61 -11.75 51.09
CA ARG H 100 -23.98 -11.25 51.06
C ARG H 100 -24.46 -10.72 52.40
N LEU H 101 -23.55 -10.36 53.30
CA LEU H 101 -23.88 -9.50 54.41
C LEU H 101 -23.76 -8.07 53.90
N VAL H 102 -24.78 -7.25 54.17
CA VAL H 102 -24.91 -5.99 53.46
C VAL H 102 -24.05 -4.91 54.10
N LYS H 103 -23.12 -4.37 53.31
CA LYS H 103 -22.44 -3.14 53.69
C LYS H 103 -23.28 -1.90 53.37
N GLN H 104 -23.88 -1.86 52.18
CA GLN H 104 -24.69 -0.70 51.80
C GLN H 104 -25.62 -1.09 50.67
N VAL H 105 -26.65 -0.27 50.48
CA VAL H 105 -27.59 -0.39 49.39
C VAL H 105 -27.68 0.97 48.70
N ASP H 106 -27.53 0.98 47.38
CA ASP H 106 -27.64 2.19 46.59
C ASP H 106 -28.90 2.14 45.74
N TRP H 107 -29.47 3.31 45.48
CA TRP H 107 -30.74 3.43 44.79
C TRP H 107 -30.57 4.25 43.52
N LEU H 108 -31.38 3.92 42.52
CA LEU H 108 -31.36 4.61 41.25
C LEU H 108 -32.75 5.16 40.96
N ASP H 109 -32.79 6.31 40.28
CA ASP H 109 -34.07 6.89 39.91
C ASP H 109 -34.72 6.05 38.81
N LYS H 110 -35.90 6.51 38.36
CA LYS H 110 -36.70 5.78 37.39
C LYS H 110 -35.87 5.38 36.17
N LYS H 111 -34.97 6.27 35.76
CA LYS H 111 -34.19 6.17 34.53
C LYS H 111 -32.88 5.38 34.68
N GLY H 112 -32.39 5.19 35.91
CA GLY H 112 -31.13 4.51 36.13
C GLY H 112 -29.96 5.35 36.58
N GLN H 113 -30.14 6.65 36.82
CA GLN H 113 -29.07 7.47 37.39
C GLN H 113 -29.00 7.28 38.89
N LEU H 114 -27.81 7.53 39.44
CA LEU H 114 -27.58 7.45 40.89
C LEU H 114 -28.33 8.57 41.62
N ARG H 115 -29.01 8.20 42.71
CA ARG H 115 -29.72 9.16 43.55
C ARG H 115 -29.40 8.98 45.04
N LEU H 116 -29.70 7.82 45.62
CA LEU H 116 -29.43 7.56 47.02
C LEU H 116 -28.34 6.51 47.22
N SER H 117 -27.59 6.65 48.32
CA SER H 117 -26.78 5.57 48.87
C SER H 117 -27.07 5.45 50.37
N GLU H 118 -27.69 4.34 50.76
CA GLU H 118 -27.98 4.06 52.16
C GLU H 118 -26.93 3.09 52.69
N ARG H 119 -26.16 3.52 53.70
CA ARG H 119 -25.03 2.77 54.21
C ARG H 119 -25.48 1.90 55.39
N TYR H 120 -24.89 0.71 55.49
CA TYR H 120 -25.25 -0.26 56.52
C TYR H 120 -24.03 -0.62 57.35
N ASN H 121 -24.28 -1.15 58.54
CA ASN H 121 -23.24 -1.38 59.53
C ASN H 121 -23.21 -2.86 59.94
N LYS H 122 -22.33 -3.16 60.89
CA LYS H 122 -22.19 -4.53 61.37
C LYS H 122 -23.32 -4.94 62.30
N GLN H 123 -23.92 -3.98 63.02
CA GLN H 123 -25.08 -4.30 63.85
C GLN H 123 -26.32 -4.58 63.03
N GLY H 124 -26.26 -4.41 61.71
CA GLY H 124 -27.36 -4.76 60.84
C GLY H 124 -28.37 -3.67 60.56
N ARG H 125 -27.97 -2.41 60.66
CA ARG H 125 -28.88 -1.29 60.52
C ARG H 125 -28.32 -0.28 59.52
N CYS H 126 -29.23 0.37 58.79
CA CYS H 126 -28.83 1.52 57.98
C CYS H 126 -28.73 2.72 58.91
N PHE H 127 -27.51 3.19 59.13
CA PHE H 127 -27.27 4.33 60.00
C PHE H 127 -26.98 5.62 59.26
N ALA H 128 -26.85 5.60 57.93
CA ALA H 128 -26.47 6.81 57.22
C ALA H 128 -26.97 6.74 55.77
N LYS H 129 -27.19 7.91 55.18
CA LYS H 129 -27.69 8.01 53.82
C LYS H 129 -26.97 9.14 53.08
N THR H 130 -26.45 8.83 51.91
CA THR H 130 -25.82 9.80 51.03
C THR H 130 -26.72 10.01 49.82
N ALA H 131 -27.35 11.16 49.76
CA ALA H 131 -28.17 11.56 48.62
C ALA H 131 -27.30 12.31 47.61
N TYR H 132 -27.62 12.11 46.33
CA TYR H 132 -26.72 12.48 45.23
C TYR H 132 -27.32 13.59 44.36
N LYS H 133 -26.42 14.33 43.72
CA LYS H 133 -26.67 15.43 42.80
C LYS H 133 -27.15 14.93 41.44
N SER H 134 -27.75 15.84 40.67
CA SER H 134 -28.13 15.51 39.30
C SER H 134 -26.92 15.25 38.43
N GLY H 135 -25.77 15.85 38.78
CA GLY H 135 -24.52 15.50 38.13
C GLY H 135 -24.02 14.09 38.45
N GLN H 136 -24.66 13.41 39.40
CA GLN H 136 -24.34 12.11 39.99
C GLN H 136 -23.28 12.28 41.07
N GLU H 137 -22.81 13.51 41.31
CA GLU H 137 -21.92 13.82 42.43
C GLU H 137 -22.67 13.78 43.76
N ALA H 138 -21.90 13.72 44.85
CA ALA H 138 -22.48 13.60 46.18
C ALA H 138 -22.87 14.96 46.75
N PHE H 139 -23.99 14.99 47.48
CA PHE H 139 -24.48 16.22 48.08
C PHE H 139 -24.24 16.24 49.59
N ASN H 140 -24.97 15.42 50.35
CA ASN H 140 -24.80 15.37 51.79
C ASN H 140 -24.68 13.92 52.26
N THR H 141 -24.51 13.76 53.56
CA THR H 141 -24.71 12.47 54.21
C THR H 141 -25.31 12.73 55.58
N THR H 142 -26.38 12.03 55.92
CA THR H 142 -27.04 12.17 57.22
C THR H 142 -26.82 10.88 58.02
N TYR H 143 -26.00 10.97 59.06
CA TYR H 143 -25.75 9.83 59.93
C TYR H 143 -26.81 9.83 61.03
N TYR H 144 -27.38 8.65 61.29
CA TYR H 144 -28.66 8.54 61.97
C TYR H 144 -28.56 7.83 63.33
N SER H 145 -29.44 8.24 64.23
CA SER H 145 -29.58 7.63 65.55
C SER H 145 -30.20 6.24 65.42
N THR H 146 -30.36 5.56 66.55
CA THR H 146 -31.07 4.29 66.57
C THR H 146 -32.58 4.50 66.50
N ASP H 147 -33.11 5.47 67.26
CA ASP H 147 -34.49 5.89 67.07
C ASP H 147 -34.70 6.55 65.73
N GLY H 148 -33.64 7.08 65.12
CA GLY H 148 -33.73 7.82 63.88
C GLY H 148 -33.50 9.31 64.01
N GLN H 149 -33.32 9.82 65.24
CA GLN H 149 -33.11 11.25 65.42
C GLN H 149 -31.93 11.74 64.59
N GLU H 150 -32.07 12.92 64.02
CA GLU H 150 -30.95 13.53 63.30
C GLU H 150 -29.77 13.69 64.24
N ARG H 151 -28.58 13.35 63.74
CA ARG H 151 -27.38 13.49 64.56
C ARG H 151 -26.30 14.26 63.81
N ILE H 152 -25.83 13.76 62.68
CA ILE H 152 -24.87 14.47 61.83
C ILE H 152 -25.44 14.64 60.44
N VAL H 153 -25.49 15.90 59.98
CA VAL H 153 -25.73 16.22 58.58
C VAL H 153 -24.47 16.86 58.05
N GLU H 154 -23.75 16.14 57.20
CA GLU H 154 -22.50 16.61 56.63
C GLU H 154 -22.73 17.04 55.19
N ASN H 155 -22.32 18.26 54.87
CA ASN H 155 -22.36 18.75 53.50
C ASN H 155 -21.12 18.29 52.74
N HIS H 156 -21.32 17.96 51.47
CA HIS H 156 -20.17 17.67 50.62
C HIS H 156 -19.80 18.77 49.63
N VAL H 157 -20.64 19.79 49.41
CA VAL H 157 -20.23 20.85 48.50
C VAL H 157 -19.44 21.95 49.20
N THR H 158 -19.92 22.39 50.36
CA THR H 158 -19.25 23.45 51.12
C THR H 158 -18.11 22.92 51.97
N GLY H 159 -18.25 21.71 52.51
CA GLY H 159 -17.37 21.22 53.54
C GLY H 159 -17.90 21.38 54.95
N ASP H 160 -19.07 21.99 55.10
CA ASP H 160 -19.66 22.27 56.41
C ASP H 160 -20.27 21.00 57.03
N ILE H 161 -20.32 20.97 58.36
CA ILE H 161 -20.89 19.85 59.10
C ILE H 161 -21.70 20.35 60.29
N ILE H 162 -22.86 19.73 60.50
CA ILE H 162 -23.74 20.04 61.64
C ILE H 162 -23.77 18.84 62.56
N LEU H 163 -23.77 19.08 63.87
CA LEU H 163 -23.83 18.02 64.87
C LEU H 163 -24.96 18.30 65.84
N THR H 164 -26.01 17.48 65.81
CA THR H 164 -27.06 17.54 66.82
C THR H 164 -27.11 16.20 67.55
N LEU H 165 -26.54 16.15 68.75
CA LEU H 165 -26.72 15.03 69.66
C LEU H 165 -28.02 15.20 70.45
N ASP H 166 -28.51 14.08 71.01
CA ASP H 166 -29.77 14.12 71.75
C ASP H 166 -29.69 15.11 72.91
N GLN H 167 -30.63 16.06 72.93
CA GLN H 167 -30.78 17.09 73.96
C GLN H 167 -29.51 17.95 74.10
N GLU H 168 -28.64 17.92 73.10
CA GLU H 168 -27.41 18.68 73.11
C GLU H 168 -27.45 19.75 72.03
N PRO H 169 -27.21 21.01 72.37
CA PRO H 169 -27.34 22.10 71.39
C PRO H 169 -26.58 21.83 70.11
N LEU H 170 -27.15 22.30 69.01
CA LEU H 170 -26.54 22.16 67.69
C LEU H 170 -25.24 22.96 67.60
N ARG H 171 -24.25 22.39 66.92
CA ARG H 171 -23.01 23.08 66.62
C ARG H 171 -22.65 22.85 65.15
N ILE H 172 -22.57 23.93 64.38
CA ILE H 172 -21.98 23.86 63.06
C ILE H 172 -20.47 23.73 63.21
N PHE H 173 -19.90 22.72 62.56
CA PHE H 173 -18.46 22.56 62.49
C PHE H 173 -17.98 23.08 61.14
N LYS H 174 -17.01 23.99 61.18
CA LYS H 174 -16.61 24.71 59.97
C LYS H 174 -16.03 23.77 58.93
N SER H 175 -15.15 22.87 59.36
CA SER H 175 -14.62 21.81 58.51
C SER H 175 -14.38 20.59 59.39
N ARG H 176 -14.16 19.44 58.75
CA ARG H 176 -14.12 18.17 59.48
C ARG H 176 -13.08 18.18 60.60
N VAL H 177 -12.07 19.05 60.52
CA VAL H 177 -11.02 19.07 61.53
C VAL H 177 -11.55 19.65 62.84
N ASP H 178 -12.31 20.75 62.77
CA ASP H 178 -12.95 21.29 63.98
C ASP H 178 -13.89 20.26 64.59
N PHE H 179 -14.37 19.30 63.80
CA PHE H 179 -15.10 18.16 64.34
C PHE H 179 -14.14 17.19 65.03
N ILE H 180 -13.03 16.86 64.38
CA ILE H 180 -12.07 15.92 64.96
C ILE H 180 -11.52 16.45 66.27
N ARG H 181 -11.04 17.71 66.28
CA ARG H 181 -10.58 18.33 67.51
C ARG H 181 -11.68 18.33 68.58
N PHE H 182 -12.94 18.33 68.16
CA PHE H 182 -14.06 18.28 69.10
C PHE H 182 -14.19 16.90 69.72
N PHE H 183 -14.23 15.86 68.88
CA PHE H 183 -14.37 14.48 69.38
C PHE H 183 -13.32 14.16 70.42
N LEU H 184 -12.05 14.44 70.10
CA LEU H 184 -10.94 14.25 71.02
C LEU H 184 -11.23 14.92 72.36
N GLU H 185 -11.30 16.25 72.34
CA GLU H 185 -11.45 17.05 73.54
C GLU H 185 -12.84 16.92 74.17
N ARG H 186 -13.74 16.20 73.52
CA ARG H 186 -14.96 15.76 74.20
C ARG H 186 -14.66 14.68 75.23
N LEU H 187 -13.77 13.74 74.90
CA LEU H 187 -13.40 12.65 75.79
C LEU H 187 -12.16 12.94 76.61
N ASP H 188 -11.55 14.12 76.45
CA ASP H 188 -10.33 14.52 77.16
C ASP H 188 -9.28 13.41 77.12
N LEU H 189 -9.18 12.75 75.97
CA LEU H 189 -8.13 11.75 75.80
C LEU H 189 -6.78 12.41 75.99
N ASP H 190 -5.81 11.63 76.45
CA ASP H 190 -4.54 12.21 76.84
C ASP H 190 -3.72 12.25 75.55
N LEU H 191 -3.51 13.43 75.01
CA LEU H 191 -2.73 13.47 73.78
C LEU H 191 -1.33 13.83 74.25
N ASP H 192 -0.56 12.78 74.53
CA ASP H 192 0.86 12.85 74.79
C ASP H 192 1.62 12.73 73.48
N HIS H 193 1.19 11.76 72.68
CA HIS H 193 1.74 11.46 71.37
C HIS H 193 0.60 10.84 70.56
N ILE H 194 0.76 10.82 69.24
CA ILE H 194 -0.31 10.38 68.35
C ILE H 194 0.30 9.60 67.19
N LEU H 195 -0.38 8.51 66.80
CA LEU H 195 0.08 7.63 65.74
C LEU H 195 -0.92 7.66 64.60
N PHE H 196 -0.43 7.87 63.37
CA PHE H 196 -1.30 8.02 62.22
C PHE H 196 -0.64 7.50 60.95
N ASN H 197 -1.45 6.88 60.08
CA ASN H 197 -0.97 6.15 58.91
C ASN H 197 -1.05 6.92 57.58
N SER H 198 -1.58 8.13 57.55
CA SER H 198 -1.81 8.79 56.29
C SER H 198 -1.57 10.29 56.39
N LEU H 199 -1.20 10.88 55.26
CA LEU H 199 -1.13 12.33 55.10
C LEU H 199 -2.50 12.92 54.79
N ALA H 200 -3.54 12.09 54.82
CA ALA H 200 -4.92 12.52 54.79
C ALA H 200 -5.27 13.15 56.12
N TYR H 201 -6.57 13.30 56.41
CA TYR H 201 -7.12 14.15 57.45
C TYR H 201 -6.33 14.08 58.76
N SER H 202 -5.85 12.89 59.10
CA SER H 202 -4.99 12.71 60.28
C SER H 202 -3.88 13.74 60.33
N PHE H 203 -2.98 13.72 59.33
CA PHE H 203 -1.89 14.70 59.30
C PHE H 203 -2.41 16.12 59.35
N LEU H 204 -3.58 16.35 58.74
CA LEU H 204 -4.21 17.66 58.81
C LEU H 204 -4.69 18.00 60.21
N VAL H 205 -4.82 17.00 61.09
CA VAL H 205 -5.16 17.27 62.48
C VAL H 205 -3.91 17.72 63.26
N SER H 206 -2.80 17.01 63.08
CA SER H 206 -1.58 17.36 63.80
C SER H 206 -1.15 18.78 63.51
N HIS H 207 -1.25 19.19 62.25
CA HIS H 207 -0.82 20.53 61.87
C HIS H 207 -1.68 21.62 62.50
N SER H 208 -2.89 21.27 62.96
CA SER H 208 -3.73 22.22 63.69
C SER H 208 -3.31 22.33 65.15
N LEU H 209 -2.72 21.27 65.71
CA LEU H 209 -2.36 21.21 67.12
C LEU H 209 -0.92 21.64 67.40
N THR H 210 -0.22 22.19 66.40
CA THR H 210 1.17 22.62 66.55
C THR H 210 1.39 23.41 67.84
N GLY H 211 0.41 24.25 68.20
CA GLY H 211 0.50 24.98 69.46
C GLY H 211 0.46 24.05 70.67
N ARG H 212 -0.52 23.14 70.70
CA ARG H 212 -0.71 22.30 71.87
C ARG H 212 0.50 21.40 72.10
N ALA H 213 0.87 21.24 73.38
CA ALA H 213 2.08 20.52 73.72
C ALA H 213 1.98 19.05 73.36
N GLY H 214 2.98 18.57 72.63
CA GLY H 214 3.02 17.17 72.24
C GLY H 214 3.91 16.96 71.04
N GLN H 215 4.14 15.68 70.72
CA GLN H 215 4.93 15.29 69.56
C GLN H 215 4.48 13.90 69.12
N ASP H 216 4.56 13.65 67.80
CA ASP H 216 3.86 12.52 67.17
C ASP H 216 4.77 11.78 66.19
N ILE H 217 4.19 10.75 65.55
CA ILE H 217 4.89 9.85 64.63
C ILE H 217 3.98 9.55 63.44
N LEU H 218 4.56 9.58 62.24
CA LEU H 218 3.88 9.14 61.03
C LEU H 218 4.32 7.73 60.66
N PHE H 219 3.37 6.92 60.21
CA PHE H 219 3.64 5.61 59.63
C PHE H 219 3.11 5.62 58.20
N TRP H 220 4.01 5.44 57.23
CA TRP H 220 3.65 5.67 55.84
C TRP H 220 3.60 4.35 55.08
N GLN H 221 2.38 3.87 54.76
CA GLN H 221 2.18 2.55 54.17
C GLN H 221 2.01 2.55 52.64
N GLU H 222 1.77 3.69 52.01
CA GLU H 222 1.31 3.70 50.62
C GLU H 222 2.47 3.83 49.62
N PRO H 223 2.26 3.43 48.35
CA PRO H 223 3.39 3.34 47.43
C PRO H 223 3.90 4.70 46.97
N LEU H 224 5.22 4.78 46.81
CA LEU H 224 5.92 5.99 46.40
C LEU H 224 6.56 5.80 45.04
N TYR H 225 6.19 6.68 44.11
CA TYR H 225 6.66 6.74 42.75
C TYR H 225 7.82 7.76 42.63
N ASP H 226 8.12 8.18 41.41
CA ASP H 226 9.31 8.97 41.12
C ASP H 226 9.43 10.24 41.96
N GLU H 227 8.32 10.82 42.41
CA GLU H 227 8.36 12.11 43.10
C GLU H 227 7.84 11.97 44.53
N LEU H 228 8.25 12.96 45.40
CA LEU H 228 7.79 12.98 46.79
C LEU H 228 6.50 13.78 46.92
N PRO H 229 5.60 13.38 47.82
CA PRO H 229 4.30 14.05 47.94
C PRO H 229 4.45 15.47 48.46
N GLY H 230 3.37 16.24 48.30
CA GLY H 230 3.34 17.60 48.78
C GLY H 230 3.59 17.72 50.26
N ASN H 231 2.79 17.02 51.08
CA ASN H 231 2.90 17.14 52.52
C ASN H 231 4.12 16.43 53.09
N MSE H 232 4.87 15.71 52.28
CA MSE H 232 6.02 14.97 52.77
C MSE H 232 7.15 15.94 53.11
O MSE H 232 7.55 16.05 54.26
CB MSE H 232 6.49 13.93 51.74
CG MSE H 232 7.83 13.27 52.07
SE MSE H 232 7.97 11.37 51.57
CE MSE H 232 7.04 10.56 53.08
N GLN H 233 7.65 16.63 52.09
CA GLN H 233 8.77 17.54 52.29
C GLN H 233 8.44 18.73 53.18
N LEU H 234 7.16 18.94 53.52
CA LEU H 234 6.84 19.94 54.53
C LEU H 234 7.38 19.53 55.89
N ILE H 235 7.25 18.25 56.23
CA ILE H 235 7.77 17.74 57.49
C ILE H 235 9.28 17.60 57.46
N LEU H 236 9.89 17.50 56.27
CA LEU H 236 11.33 17.37 56.12
C LEU H 236 12.04 18.70 56.19
N ASP H 237 11.30 19.80 56.26
CA ASP H 237 11.85 21.15 56.28
C ASP H 237 11.33 21.91 57.49
N ASN H 238 10.00 22.07 57.58
CA ASN H 238 9.41 22.71 58.75
C ASN H 238 9.82 21.99 60.03
N SER H 239 9.97 22.77 61.10
CA SER H 239 10.63 22.33 62.32
C SER H 239 9.64 22.07 63.47
N GLN H 240 8.87 23.09 63.87
CA GLN H 240 8.07 23.04 65.08
C GLN H 240 6.80 22.23 64.90
N LEU H 241 6.65 21.58 63.75
CA LEU H 241 5.56 20.65 63.51
C LEU H 241 5.52 19.55 64.58
N ARG H 242 4.29 19.12 64.92
CA ARG H 242 4.05 18.07 65.89
C ARG H 242 4.75 16.77 65.50
N THR H 243 4.34 16.17 64.39
CA THR H 243 5.01 14.97 63.93
C THR H 243 6.34 15.37 63.31
N GLN H 244 7.44 14.91 63.91
CA GLN H 244 8.75 15.02 63.27
C GLN H 244 9.32 13.70 62.76
N THR H 245 8.69 12.56 63.04
CA THR H 245 9.28 11.26 62.79
C THR H 245 8.45 10.49 61.78
N ILE H 246 9.12 9.79 60.86
CA ILE H 246 8.47 9.04 59.79
C ILE H 246 8.92 7.60 59.84
N VAL H 247 7.95 6.68 59.83
CA VAL H 247 8.22 5.26 59.76
C VAL H 247 7.70 4.75 58.42
N ILE H 248 8.51 3.93 57.76
CA ILE H 248 8.19 3.46 56.41
C ILE H 248 8.28 1.94 56.37
N PRO H 249 7.16 1.23 56.51
CA PRO H 249 7.21 -0.23 56.62
C PRO H 249 7.95 -0.96 55.50
N ASP H 250 7.65 -0.67 54.24
CA ASP H 250 8.22 -1.52 53.20
C ASP H 250 9.65 -1.10 52.90
N LEU H 251 10.42 -2.06 52.37
CA LEU H 251 11.82 -1.81 52.06
C LEU H 251 11.94 -0.94 50.81
N ALA H 252 11.43 -1.43 49.67
CA ALA H 252 11.57 -0.72 48.41
C ALA H 252 11.06 0.72 48.48
N THR H 253 10.22 1.05 49.47
CA THR H 253 9.89 2.45 49.72
C THR H 253 11.05 3.16 50.40
N TYR H 254 11.42 2.70 51.59
CA TYR H 254 12.51 3.30 52.35
C TYR H 254 13.77 3.48 51.49
N GLU H 255 14.05 2.52 50.61
CA GLU H 255 15.17 2.61 49.70
C GLU H 255 15.08 3.86 48.82
N LYS H 256 14.10 3.87 47.91
CA LYS H 256 13.92 4.98 46.99
C LYS H 256 13.50 6.26 47.70
N ALA H 257 13.09 6.18 48.97
CA ALA H 257 12.65 7.37 49.70
C ALA H 257 13.81 8.33 49.96
N MSE H 258 14.87 7.84 50.59
CA MSE H 258 16.01 8.69 50.88
C MSE H 258 16.89 8.82 49.65
O MSE H 258 17.92 9.50 49.67
CB MSE H 258 16.81 8.17 52.08
CG MSE H 258 16.72 6.67 52.27
SE MSE H 258 17.75 6.05 53.82
CE MSE H 258 17.03 7.25 55.18
N SER H 259 16.49 8.14 48.57
CA SER H 259 17.15 8.30 47.28
C SER H 259 16.73 9.58 46.57
N LEU H 260 15.50 10.03 46.81
CA LEU H 260 14.99 11.27 46.24
C LEU H 260 15.02 12.46 47.20
N ALA H 261 15.48 12.25 48.44
CA ALA H 261 15.58 13.32 49.43
C ALA H 261 17.06 13.62 49.71
N ALA H 262 17.31 14.59 50.59
CA ALA H 262 18.68 15.03 50.78
C ALA H 262 18.87 15.68 52.15
N ALA H 263 20.15 15.80 52.53
CA ALA H 263 20.61 16.62 53.65
C ALA H 263 20.00 16.09 54.95
N ASP H 264 19.43 16.94 55.81
CA ASP H 264 19.08 16.60 57.17
C ASP H 264 17.79 15.81 57.29
N GLN H 265 17.15 15.52 56.16
CA GLN H 265 15.86 14.85 56.18
C GLN H 265 15.98 13.39 56.59
N GLN H 266 17.15 12.78 56.40
CA GLN H 266 17.32 11.38 56.78
C GLN H 266 17.15 11.18 58.29
N GLN H 267 17.49 12.18 59.10
CA GLN H 267 17.39 12.02 60.56
C GLN H 267 15.97 11.69 61.00
N LYS H 268 14.97 12.00 60.17
CA LYS H 268 13.57 11.72 60.47
C LYS H 268 13.05 10.47 59.76
N PHE H 269 13.88 9.75 59.02
CA PHE H 269 13.47 8.51 58.37
C PHE H 269 13.79 7.32 59.27
N LEU H 270 12.74 6.68 59.79
CA LEU H 270 12.84 5.43 60.52
C LEU H 270 12.37 4.28 59.62
N HIS H 271 12.46 3.05 60.14
CA HIS H 271 12.02 1.88 59.38
C HIS H 271 11.55 0.78 60.33
N LEU H 272 10.52 0.05 59.91
CA LEU H 272 10.01 -1.11 60.64
C LEU H 272 9.42 -2.11 59.65
N GLY H 273 9.22 -3.34 60.13
CA GLY H 273 8.36 -4.30 59.49
C GLY H 273 7.04 -4.46 60.22
N TYR H 274 6.39 -5.59 59.99
CA TYR H 274 5.18 -5.97 60.69
C TYR H 274 5.39 -7.25 61.47
N HIS H 275 4.62 -7.40 62.55
CA HIS H 275 4.56 -8.65 63.30
C HIS H 275 3.29 -9.34 62.82
N TYR H 276 3.47 -10.36 61.99
CA TYR H 276 2.34 -11.05 61.39
C TYR H 276 1.95 -12.21 62.31
N ASP H 277 0.67 -12.35 62.58
CA ASP H 277 0.24 -13.41 63.47
C ASP H 277 0.00 -14.62 62.58
N PHE H 278 0.94 -15.55 62.59
CA PHE H 278 0.88 -16.71 61.71
C PHE H 278 -0.12 -17.72 62.27
N LYS H 279 -0.80 -18.39 61.36
CA LYS H 279 -1.83 -19.32 61.82
C LYS H 279 -1.22 -20.66 62.21
N ARG H 280 -0.26 -21.15 61.42
CA ARG H 280 0.45 -22.37 61.80
C ARG H 280 1.77 -22.43 61.03
N ASP H 281 2.69 -23.26 61.53
CA ASP H 281 3.96 -23.47 60.84
C ASP H 281 3.72 -24.33 59.59
N ASN H 282 4.75 -24.55 58.78
CA ASN H 282 4.48 -25.03 57.43
C ASN H 282 4.10 -26.51 57.39
N TYR H 283 5.00 -27.39 57.84
CA TYR H 283 4.86 -28.85 57.89
C TYR H 283 4.88 -29.54 56.52
N LEU H 284 5.48 -28.92 55.51
CA LEU H 284 6.09 -29.62 54.35
C LEU H 284 5.31 -30.78 53.74
N ARG H 285 4.02 -30.64 53.48
CA ARG H 285 3.31 -31.78 52.93
C ARG H 285 3.36 -31.77 51.40
N LYS H 286 2.76 -32.79 50.80
CA LYS H 286 2.85 -33.04 49.35
C LYS H 286 1.97 -32.09 48.55
N ASP H 287 0.73 -31.89 48.98
CA ASP H 287 -0.36 -31.32 48.21
C ASP H 287 -0.23 -29.81 47.99
N ALA H 288 -1.00 -29.31 47.01
CA ALA H 288 -1.01 -27.90 46.63
C ALA H 288 -2.43 -27.42 46.38
N LEU H 289 -2.59 -26.13 46.09
CA LEU H 289 -3.88 -25.48 45.97
C LEU H 289 -3.83 -24.30 45.02
N ILE H 290 -4.91 -24.11 44.24
CA ILE H 290 -5.06 -22.98 43.32
C ILE H 290 -6.50 -22.48 43.40
N LEU H 291 -6.69 -21.19 43.66
CA LEU H 291 -8.02 -20.57 43.71
C LEU H 291 -8.23 -19.76 42.44
N THR H 292 -9.24 -20.14 41.67
CA THR H 292 -9.42 -19.63 40.31
C THR H 292 -10.84 -19.14 40.11
N HIS H 293 -10.96 -17.87 39.73
CA HIS H 293 -12.20 -17.30 39.21
C HIS H 293 -12.21 -17.23 37.69
N SER H 294 -11.13 -17.67 37.03
CA SER H 294 -11.01 -17.58 35.58
C SER H 294 -10.46 -18.89 35.02
N ASP H 295 -11.26 -19.59 34.22
CA ASP H 295 -10.73 -20.70 33.43
C ASP H 295 -10.27 -20.11 32.10
N GLN H 296 -9.15 -20.59 31.58
CA GLN H 296 -8.44 -21.70 32.17
C GLN H 296 -7.19 -21.21 32.87
N ILE H 297 -6.46 -22.13 33.48
CA ILE H 297 -5.19 -21.82 34.13
C ILE H 297 -4.09 -22.07 33.12
N GLU H 298 -3.19 -21.11 32.97
CA GLU H 298 -2.24 -21.10 31.86
C GLU H 298 -0.89 -21.57 32.40
N GLY H 299 -0.51 -22.80 32.03
CA GLY H 299 0.66 -23.46 32.55
C GLY H 299 0.37 -24.58 33.53
N LEU H 300 -0.91 -24.84 33.84
CA LEU H 300 -1.24 -25.97 34.71
C LEU H 300 -0.95 -27.29 34.02
N ASP H 301 -1.36 -27.41 32.77
CA ASP H 301 -1.27 -28.67 32.03
C ASP H 301 0.14 -29.24 32.02
N THR H 302 1.16 -28.38 32.05
CA THR H 302 2.54 -28.83 32.00
C THR H 302 3.01 -29.37 33.36
N LEU H 303 2.74 -28.62 34.43
CA LEU H 303 3.33 -28.93 35.73
C LEU H 303 2.68 -30.13 36.39
N VAL H 304 1.52 -30.60 35.91
CA VAL H 304 0.99 -31.86 36.38
C VAL H 304 1.70 -33.03 35.70
N GLN H 305 2.13 -32.84 34.45
CA GLN H 305 2.97 -33.84 33.80
C GLN H 305 4.37 -33.86 34.43
N SER H 306 4.79 -32.75 35.02
CA SER H 306 6.16 -32.63 35.55
C SER H 306 6.29 -33.26 36.93
N LEU H 307 5.34 -32.99 37.82
CA LEU H 307 5.46 -33.33 39.23
C LEU H 307 4.23 -34.11 39.70
N PRO H 308 4.13 -35.39 39.37
CA PRO H 308 3.07 -36.19 39.95
C PRO H 308 3.51 -36.80 41.27
N GLN H 309 4.27 -36.03 42.04
CA GLN H 309 4.54 -36.31 43.44
C GLN H 309 3.49 -35.67 44.35
N LEU H 310 2.95 -34.54 43.92
CA LEU H 310 2.06 -33.70 44.70
C LEU H 310 0.62 -33.88 44.21
N VAL H 311 -0.31 -33.20 44.88
CA VAL H 311 -1.72 -33.25 44.54
C VAL H 311 -2.18 -31.84 44.21
N PHE H 312 -2.70 -31.65 43.01
CA PHE H 312 -3.20 -30.36 42.55
C PHE H 312 -4.69 -30.25 42.89
N ARG H 313 -5.02 -29.35 43.82
CA ARG H 313 -6.40 -29.03 44.15
C ARG H 313 -6.72 -27.66 43.56
N ILE H 314 -7.68 -27.63 42.65
CA ILE H 314 -8.21 -26.38 42.09
C ILE H 314 -9.69 -26.30 42.47
N ALA H 315 -10.13 -25.11 42.87
CA ALA H 315 -11.48 -24.97 43.39
C ALA H 315 -12.05 -23.60 43.04
N ALA H 316 -13.37 -23.56 42.95
CA ALA H 316 -14.13 -22.32 43.04
C ALA H 316 -15.52 -22.65 43.57
N LEU H 317 -16.05 -21.78 44.44
CA LEU H 317 -17.45 -21.97 44.80
C LEU H 317 -18.38 -21.57 43.68
N THR H 318 -17.85 -21.02 42.59
CA THR H 318 -18.58 -20.92 41.34
C THR H 318 -18.50 -22.27 40.64
N GLU H 319 -18.88 -22.32 39.37
CA GLU H 319 -19.09 -23.56 38.65
C GLU H 319 -17.90 -23.91 37.76
N MSE H 320 -17.64 -25.20 37.64
CA MSE H 320 -16.55 -25.70 36.82
C MSE H 320 -16.88 -25.62 35.33
O MSE H 320 -18.04 -25.54 34.94
CB MSE H 320 -16.21 -27.14 37.20
CG MSE H 320 -15.53 -27.27 38.55
SE MSE H 320 -13.61 -26.98 38.39
CE MSE H 320 -13.13 -27.25 40.26
N SER H 321 -15.84 -25.64 34.50
CA SER H 321 -15.95 -25.49 33.06
C SER H 321 -15.43 -26.73 32.32
N PRO H 322 -15.92 -26.98 31.10
CA PRO H 322 -15.42 -28.16 30.35
C PRO H 322 -13.97 -28.04 29.94
N LYS H 323 -13.45 -26.82 29.82
CA LYS H 323 -12.04 -26.59 29.56
C LYS H 323 -11.17 -26.93 30.76
N LEU H 324 -11.81 -27.03 31.93
CA LEU H 324 -11.19 -27.30 33.21
C LEU H 324 -11.50 -28.71 33.71
N LEU H 325 -12.79 -29.07 33.75
CA LEU H 325 -13.19 -30.42 34.10
C LEU H 325 -12.47 -31.49 33.28
N SER H 326 -11.83 -31.12 32.16
CA SER H 326 -10.93 -32.04 31.47
C SER H 326 -9.84 -32.56 32.40
N MSE H 327 -9.23 -31.68 33.20
CA MSE H 327 -8.02 -32.04 33.92
C MSE H 327 -8.26 -32.65 35.31
O MSE H 327 -7.31 -32.90 36.04
CB MSE H 327 -7.08 -30.84 34.02
CG MSE H 327 -6.89 -30.13 32.68
SE MSE H 327 -5.20 -29.16 32.45
CE MSE H 327 -5.57 -28.30 30.73
N LEU H 328 -9.52 -32.89 35.68
CA LEU H 328 -9.79 -33.90 36.70
C LEU H 328 -9.31 -35.27 36.26
N SER H 329 -9.21 -35.50 34.94
CA SER H 329 -8.72 -36.76 34.40
C SER H 329 -7.42 -37.18 35.08
N TYR H 330 -6.39 -36.35 34.96
CA TYR H 330 -5.10 -36.65 35.54
C TYR H 330 -5.23 -37.05 37.00
N LYS H 331 -4.55 -38.14 37.37
CA LYS H 331 -4.34 -38.40 38.78
C LYS H 331 -3.54 -37.25 39.37
N ASN H 332 -3.67 -37.06 40.68
CA ASN H 332 -3.10 -35.94 41.41
C ASN H 332 -3.83 -34.63 41.14
N VAL H 333 -4.87 -34.66 40.32
CA VAL H 333 -5.84 -33.57 40.26
C VAL H 333 -7.20 -34.13 40.64
N VAL H 334 -7.70 -33.76 41.81
CA VAL H 334 -9.09 -33.94 42.19
C VAL H 334 -9.63 -32.56 42.54
N LEU H 335 -10.83 -32.26 42.07
CA LEU H 335 -11.26 -30.86 42.00
C LEU H 335 -12.47 -30.61 42.90
N TYR H 336 -12.53 -29.39 43.42
CA TYR H 336 -13.53 -28.96 44.39
C TYR H 336 -14.36 -27.83 43.78
N GLN H 337 -15.68 -27.91 43.90
CA GLN H 337 -16.57 -26.95 43.25
C GLN H 337 -17.71 -26.59 44.17
N ASN H 338 -18.36 -25.45 43.86
CA ASN H 338 -19.53 -24.97 44.60
C ASN H 338 -19.25 -25.02 46.11
N ALA H 339 -18.05 -24.59 46.48
CA ALA H 339 -17.46 -24.95 47.77
C ALA H 339 -17.90 -24.00 48.89
N SER H 340 -18.41 -24.59 49.97
CA SER H 340 -18.58 -23.87 51.22
C SER H 340 -17.24 -23.27 51.64
N LEU H 341 -17.29 -22.07 52.23
CA LEU H 341 -16.05 -21.46 52.73
C LEU H 341 -15.35 -22.38 53.71
N LYS H 342 -16.11 -23.21 54.43
CA LYS H 342 -15.50 -24.27 55.23
C LYS H 342 -14.66 -25.19 54.36
N GLN H 343 -15.16 -25.51 53.16
CA GLN H 343 -14.45 -26.37 52.21
C GLN H 343 -13.40 -25.60 51.42
N ILE H 344 -13.53 -24.28 51.33
CA ILE H 344 -12.46 -23.47 50.73
C ILE H 344 -11.31 -23.31 51.71
N GLU H 345 -11.61 -22.97 52.97
CA GLU H 345 -10.56 -22.90 53.98
C GLU H 345 -10.11 -24.28 54.45
N GLN H 346 -10.82 -25.34 54.07
CA GLN H 346 -10.29 -26.68 54.19
C GLN H 346 -9.03 -26.84 53.34
N LEU H 347 -9.12 -26.48 52.06
CA LEU H 347 -7.98 -26.57 51.17
C LEU H 347 -6.83 -25.68 51.62
N TYR H 348 -7.12 -24.64 52.41
CA TYR H 348 -6.09 -23.79 52.99
C TYR H 348 -5.47 -24.42 54.22
N LEU H 349 -5.92 -25.62 54.59
CA LEU H 349 -5.36 -26.39 55.70
C LEU H 349 -4.65 -27.63 55.20
N GLU H 350 -5.34 -28.51 54.46
CA GLU H 350 -4.74 -29.72 53.92
C GLU H 350 -3.97 -29.46 52.64
N SER H 351 -3.61 -28.22 52.32
CA SER H 351 -2.55 -27.91 51.36
C SER H 351 -1.51 -26.99 51.98
N ASP H 352 -0.21 -27.26 51.72
CA ASP H 352 0.87 -26.38 52.17
C ASP H 352 1.50 -25.47 51.12
N ILE H 353 1.05 -25.50 49.87
CA ILE H 353 1.67 -24.69 48.81
C ILE H 353 0.58 -23.96 48.01
N TYR H 354 0.80 -22.68 47.76
CA TYR H 354 -0.08 -21.88 46.92
C TYR H 354 0.69 -21.25 45.77
N LEU H 355 0.00 -21.05 44.65
CA LEU H 355 0.58 -20.54 43.43
C LEU H 355 -0.39 -19.59 42.75
N ASP H 356 0.13 -18.48 42.21
CA ASP H 356 -0.69 -17.64 41.32
C ASP H 356 -0.26 -17.98 39.90
N ILE H 357 -0.94 -18.96 39.33
CA ILE H 357 -0.98 -19.22 37.90
C ILE H 357 -2.35 -18.87 37.32
N ASN H 358 -3.19 -18.19 38.11
CA ASN H 358 -4.51 -17.80 37.65
C ASN H 358 -4.37 -16.78 36.53
N HIS H 359 -5.51 -16.35 35.98
CA HIS H 359 -5.51 -15.26 35.01
C HIS H 359 -6.55 -14.25 35.46
N GLY H 360 -6.09 -13.07 35.88
CA GLY H 360 -6.97 -11.97 36.21
C GLY H 360 -8.13 -12.33 37.12
N GLY H 361 -7.84 -12.97 38.24
CA GLY H 361 -8.88 -13.33 39.18
C GLY H 361 -8.35 -13.38 40.59
N GLN H 362 -9.26 -13.21 41.54
CA GLN H 362 -8.92 -13.36 42.94
C GLN H 362 -10.20 -13.59 43.71
N VAL H 363 -10.07 -14.19 44.89
CA VAL H 363 -11.15 -14.28 45.87
C VAL H 363 -10.51 -14.20 47.24
N LEU H 364 -11.25 -13.66 48.22
CA LEU H 364 -10.89 -13.73 49.63
C LEU H 364 -9.52 -13.11 49.90
N GLN H 365 -9.05 -12.25 49.00
CA GLN H 365 -7.64 -11.87 48.94
C GLN H 365 -6.76 -13.12 49.07
N ALA H 366 -6.86 -13.94 48.01
CA ALA H 366 -6.36 -15.30 48.04
C ALA H 366 -4.92 -15.37 48.55
N VAL H 367 -4.04 -14.54 48.00
CA VAL H 367 -2.64 -14.59 48.37
C VAL H 367 -2.41 -14.18 49.82
N ARG H 368 -3.34 -13.42 50.41
CA ARG H 368 -3.17 -12.99 51.79
C ARG H 368 -3.39 -14.15 52.76
N LYS H 369 -4.60 -14.70 52.77
CA LYS H 369 -4.90 -15.86 53.60
C LYS H 369 -3.93 -17.01 53.31
N ALA H 370 -3.35 -17.05 52.10
CA ALA H 370 -2.27 -17.99 51.81
C ALA H 370 -1.03 -17.67 52.64
N PHE H 371 -0.53 -16.44 52.53
CA PHE H 371 0.65 -16.06 53.29
C PHE H 371 0.37 -16.10 54.79
N GLU H 372 -0.88 -15.84 55.19
CA GLU H 372 -1.25 -15.93 56.60
C GLU H 372 -0.92 -17.29 57.18
N ASN H 373 -1.22 -18.34 56.43
CA ASN H 373 -1.09 -19.73 56.86
C ASN H 373 0.30 -20.29 56.58
N ASN H 374 1.25 -19.43 56.18
CA ASN H 374 2.65 -19.78 55.93
C ASN H 374 2.81 -20.71 54.75
N LEU H 375 1.83 -20.70 53.83
CA LEU H 375 1.97 -21.42 52.58
C LEU H 375 3.03 -20.75 51.71
N LEU H 376 3.87 -21.55 51.09
CA LEU H 376 4.82 -20.99 50.14
C LEU H 376 4.08 -20.53 48.91
N ILE H 377 4.46 -19.36 48.41
CA ILE H 377 3.71 -18.69 47.34
C ILE H 377 4.67 -18.36 46.20
N LEU H 378 4.39 -18.91 45.02
CA LEU H 378 5.14 -18.60 43.80
C LEU H 378 4.13 -18.40 42.67
N GLY H 379 4.55 -17.68 41.62
CA GLY H 379 3.63 -17.43 40.54
C GLY H 379 4.29 -16.79 39.34
N PHE H 380 3.54 -16.78 38.23
CA PHE H 380 3.99 -16.18 36.98
C PHE H 380 3.62 -14.70 36.94
N GLU H 381 4.05 -14.01 35.88
CA GLU H 381 3.93 -12.55 35.84
C GLU H 381 2.49 -12.06 35.77
N GLN H 382 1.54 -12.95 35.55
CA GLN H 382 0.10 -12.69 35.62
C GLN H 382 -0.43 -12.86 37.04
N THR H 383 0.53 -12.85 37.97
CA THR H 383 0.28 -12.90 39.40
C THR H 383 -0.81 -11.90 39.79
N LEU H 384 -1.64 -12.34 40.72
CA LEU H 384 -2.75 -11.62 41.30
C LEU H 384 -2.27 -10.65 42.39
N HIS H 385 -3.11 -9.66 42.68
CA HIS H 385 -2.89 -8.77 43.83
C HIS H 385 -3.30 -9.46 45.13
N ASP H 386 -2.59 -9.17 46.22
CA ASP H 386 -1.42 -8.30 46.22
C ASP H 386 -0.12 -9.06 45.93
N ARG H 387 0.81 -8.41 45.22
CA ARG H 387 2.13 -8.95 44.98
C ARG H 387 3.11 -8.62 46.10
N HIS H 388 2.63 -8.01 47.19
CA HIS H 388 3.52 -7.65 48.31
C HIS H 388 4.23 -8.86 48.87
N TYR H 389 3.50 -9.93 49.19
CA TYR H 389 4.16 -11.08 49.82
C TYR H 389 4.45 -12.02 48.66
N ILE H 390 5.64 -11.86 48.08
CA ILE H 390 6.22 -12.77 47.11
C ILE H 390 7.72 -12.65 47.27
N ALA H 391 8.42 -13.77 47.36
CA ALA H 391 9.86 -13.70 47.53
C ALA H 391 10.50 -13.16 46.26
N GLN H 392 11.61 -12.45 46.44
CA GLN H 392 12.37 -11.99 45.29
C GLN H 392 12.87 -13.15 44.45
N GLN H 393 13.07 -14.32 45.07
CA GLN H 393 13.49 -15.52 44.36
C GLN H 393 12.32 -16.26 43.71
N HIS H 394 11.09 -16.03 44.17
CA HIS H 394 9.94 -16.72 43.62
C HIS H 394 9.24 -15.94 42.51
N ILE H 395 9.72 -14.73 42.19
CA ILE H 395 9.21 -14.03 41.03
C ILE H 395 9.54 -14.85 39.79
N PHE H 396 8.55 -15.01 38.92
CA PHE H 396 8.69 -15.87 37.75
C PHE H 396 7.93 -15.30 36.57
N ASP H 397 7.76 -16.14 35.56
CA ASP H 397 7.81 -15.77 34.15
C ASP H 397 6.46 -16.01 33.48
N SER H 398 6.11 -15.16 32.52
CA SER H 398 4.80 -15.23 31.90
C SER H 398 4.85 -16.13 30.67
N SER H 399 4.24 -17.31 30.78
CA SER H 399 4.22 -18.32 29.71
C SER H 399 5.62 -18.69 29.23
N GLN H 400 6.60 -18.57 30.13
CA GLN H 400 8.01 -18.79 29.85
C GLN H 400 8.42 -20.14 30.45
N PRO H 401 9.72 -20.52 30.47
CA PRO H 401 10.05 -21.87 30.96
C PRO H 401 9.78 -22.10 32.43
N ALA H 402 8.54 -22.50 32.73
CA ALA H 402 8.12 -22.82 34.10
C ALA H 402 9.08 -23.77 34.80
N GLN H 403 9.80 -24.59 34.04
CA GLN H 403 10.58 -25.70 34.62
C GLN H 403 11.54 -25.26 35.72
N LEU H 404 12.06 -24.02 35.64
CA LEU H 404 12.92 -23.53 36.72
C LEU H 404 12.17 -23.48 38.03
N ALA H 405 10.95 -22.93 38.00
CA ALA H 405 10.13 -22.92 39.21
C ALA H 405 9.92 -24.33 39.75
N SER H 406 9.80 -25.31 38.85
CA SER H 406 9.58 -26.70 39.23
C SER H 406 10.69 -27.23 40.14
N ILE H 407 11.90 -27.40 39.62
CA ILE H 407 12.97 -28.05 40.38
C ILE H 407 13.52 -27.10 41.45
N LEU H 408 13.41 -25.78 41.23
CA LEU H 408 13.79 -24.85 42.29
C LEU H 408 12.88 -25.02 43.50
N GLU H 409 11.59 -25.25 43.26
CA GLU H 409 10.67 -25.56 44.35
C GLU H 409 10.77 -27.01 44.79
N GLU H 410 10.94 -27.95 43.83
CA GLU H 410 11.16 -29.34 44.16
C GLU H 410 12.35 -29.52 45.07
N ALA H 411 13.23 -28.52 45.11
CA ALA H 411 14.36 -28.51 46.02
C ALA H 411 13.97 -28.14 47.43
N LEU H 412 12.70 -27.89 47.69
CA LEU H 412 12.25 -27.88 49.08
C LEU H 412 11.33 -29.08 49.22
N CYS H 413 11.96 -30.25 49.43
CA CYS H 413 11.40 -31.42 50.08
C CYS H 413 12.09 -31.68 51.42
N GLY H 414 12.92 -30.74 51.89
CA GLY H 414 13.67 -30.93 53.11
C GLY H 414 13.68 -29.63 53.90
N VAL H 415 14.00 -29.78 55.19
CA VAL H 415 13.41 -28.92 56.20
C VAL H 415 13.97 -27.50 56.12
N GLU H 416 15.29 -27.35 56.13
CA GLU H 416 15.86 -26.01 56.08
C GLU H 416 15.81 -25.41 54.67
N GLN H 417 15.74 -26.24 53.64
CA GLN H 417 15.46 -25.73 52.30
C GLN H 417 14.15 -24.95 52.28
N MSE H 418 13.15 -25.44 53.00
CA MSE H 418 11.85 -24.77 53.09
C MSE H 418 11.91 -23.45 53.87
O MSE H 418 11.51 -22.42 53.37
CB MSE H 418 10.82 -25.71 53.70
CG MSE H 418 9.50 -25.03 54.06
SE MSE H 418 8.69 -24.07 52.59
CE MSE H 418 8.42 -25.58 51.38
N ARG H 419 12.44 -23.52 55.10
CA ARG H 419 12.42 -22.35 55.98
C ARG H 419 13.26 -21.21 55.42
N SER H 420 14.23 -21.49 54.56
CA SER H 420 15.02 -20.43 53.94
C SER H 420 14.16 -19.61 52.99
N ALA H 421 13.48 -20.26 52.05
CA ALA H 421 12.61 -19.52 51.13
C ALA H 421 11.46 -18.85 51.87
N LEU H 422 11.04 -19.41 53.01
CA LEU H 422 10.02 -18.76 53.82
C LEU H 422 10.53 -17.45 54.41
N GLN H 423 11.79 -17.43 54.87
CA GLN H 423 12.35 -16.21 55.45
C GLN H 423 12.35 -15.06 54.44
N ALA H 424 12.64 -15.37 53.17
CA ALA H 424 12.56 -14.35 52.13
C ALA H 424 11.11 -13.91 51.93
N GLN H 425 10.21 -14.87 51.69
CA GLN H 425 8.79 -14.56 51.62
C GLN H 425 8.33 -13.80 52.85
N GLY H 426 8.90 -14.09 54.01
CA GLY H 426 8.63 -13.30 55.19
C GLY H 426 9.18 -11.90 55.10
N ARG H 427 10.49 -11.77 54.84
CA ARG H 427 11.13 -10.46 54.87
C ARG H 427 10.96 -9.66 53.59
N HIS H 428 10.54 -10.28 52.48
CA HIS H 428 10.10 -9.47 51.35
C HIS H 428 8.79 -8.76 51.68
N ALA H 429 7.93 -9.42 52.46
CA ALA H 429 6.82 -8.79 53.14
C ALA H 429 7.25 -8.18 54.47
N ASN H 430 8.53 -8.24 54.79
CA ASN H 430 9.12 -7.66 56.00
C ASN H 430 8.45 -8.24 57.26
N ASP H 431 8.77 -9.51 57.49
CA ASP H 431 8.30 -10.20 58.69
C ASP H 431 9.34 -9.93 59.76
N VAL H 432 8.98 -9.08 60.72
CA VAL H 432 9.96 -8.46 61.59
C VAL H 432 9.52 -8.72 63.02
N PRO H 433 10.44 -9.05 63.92
CA PRO H 433 10.03 -9.43 65.28
C PRO H 433 9.57 -8.22 66.07
N VAL H 434 8.71 -8.49 67.05
CA VAL H 434 8.22 -7.44 67.94
C VAL H 434 9.35 -6.76 68.70
N SER H 435 10.56 -7.34 68.66
CA SER H 435 11.74 -6.70 69.24
C SER H 435 11.93 -5.30 68.67
N LEU H 436 11.95 -5.19 67.33
CA LEU H 436 12.32 -3.93 66.69
C LEU H 436 11.26 -2.84 66.89
N TYR H 437 10.02 -3.22 67.21
CA TYR H 437 9.03 -2.21 67.58
C TYR H 437 9.36 -1.62 68.94
N GLN H 438 9.65 -2.46 69.91
CA GLN H 438 10.14 -2.02 71.20
C GLN H 438 11.52 -1.37 71.11
N GLU H 439 12.12 -1.39 69.92
CA GLU H 439 13.40 -0.73 69.65
C GLU H 439 13.20 0.71 69.18
N THR H 440 12.55 0.88 68.03
CA THR H 440 12.44 2.21 67.42
C THR H 440 11.59 3.14 68.26
N LEU H 441 10.42 2.67 68.69
CA LEU H 441 9.48 3.53 69.41
C LEU H 441 9.82 3.68 70.88
N GLN H 442 10.80 2.91 71.38
CA GLN H 442 11.35 3.19 72.70
C GLN H 442 11.89 4.61 72.79
N SER H 443 12.55 5.06 71.74
CA SER H 443 13.08 6.43 71.71
C SER H 443 12.00 7.46 71.91
N LEU H 444 10.78 7.16 71.48
CA LEU H 444 9.67 8.12 71.46
C LEU H 444 8.57 7.67 72.41
N LEU H 445 8.47 8.34 73.56
CA LEU H 445 7.46 8.05 74.59
C LEU H 445 7.60 9.05 75.75
N1 UDP I . 42.13 -47.91 -35.74
C2 UDP I . 41.46 -48.60 -36.73
N3 UDP I . 42.17 -49.34 -37.65
C4 UDP I . 43.55 -49.38 -37.59
C5 UDP I . 44.21 -48.66 -36.59
C6 UDP I . 43.48 -47.77 -35.81
O2 UDP I . 40.23 -48.57 -36.76
O4 UDP I . 44.21 -50.02 -38.42
C1' UDP I . 41.36 -47.13 -34.75
C2' UDP I . 41.04 -48.04 -33.57
O2' UDP I . 39.65 -48.19 -33.41
C3' UDP I . 41.66 -47.38 -32.37
C4' UDP I . 42.20 -46.05 -32.87
O4' UDP I . 42.16 -46.05 -34.28
O3' UDP I . 40.68 -47.17 -31.38
C5' UDP I . 43.63 -45.80 -32.39
O5' UDP I . 43.56 -45.31 -31.07
PA UDP I . 44.86 -45.28 -30.12
O1A UDP I . 45.42 -46.63 -29.98
O2A UDP I . 44.47 -44.74 -28.79
O3A UDP I . 45.85 -44.23 -30.84
PB UDP I . 45.86 -42.66 -30.47
O1B UDP I . 46.95 -42.37 -29.52
O2B UDP I . 46.04 -41.86 -31.70
O3B UDP I . 44.58 -42.27 -29.83
C1 NAG J . 44.77 -40.24 -27.09
C2 NAG J . 45.51 -41.30 -26.27
C3 NAG J . 44.77 -42.64 -26.34
C4 NAG J . 43.31 -42.47 -25.97
C5 NAG J . 42.67 -41.40 -26.84
C6 NAG J . 41.22 -41.12 -26.50
C7 NAG J . 47.94 -41.05 -26.01
C8 NAG J . 49.28 -41.29 -26.64
N2 NAG J . 46.88 -41.45 -26.72
O1 NAG J . 45.39 -39.01 -26.92
O3 NAG J . 45.40 -43.56 -25.44
O4 NAG J . 42.62 -43.70 -26.17
O5 NAG J . 43.40 -40.16 -26.67
O6 NAG J . 41.08 -40.47 -25.24
O7 NAG J . 47.82 -40.51 -24.92
MG MG K . 30.05 -5.79 -31.60
MG MG L . 36.06 -10.18 -25.00
MG MG M . -45.76 -2.24 42.44
N1 UDP N . -39.94 -39.17 30.79
C2 UDP N . -40.39 -39.66 29.58
N3 UDP N . -39.50 -40.01 28.60
C4 UDP N . -38.14 -39.87 28.83
C5 UDP N . -37.70 -39.37 30.05
C6 UDP N . -38.63 -38.80 30.90
O2 UDP N . -41.61 -39.77 29.38
O4 UDP N . -37.32 -40.18 27.96
C1' UDP N . -40.90 -38.79 31.84
C2' UDP N . -41.15 -39.92 32.82
O2' UDP N . -42.52 -40.25 32.86
C3' UDP N . -40.67 -39.40 34.16
C4' UDP N . -40.44 -37.90 33.96
O4' UDP N . -40.41 -37.67 32.57
O3' UDP N . -41.66 -39.64 35.13
C5' UDP N . -39.15 -37.42 34.63
O5' UDP N . -39.39 -36.91 35.94
PA UDP N . -38.22 -36.75 37.03
O1A UDP N . -37.74 -38.09 37.45
O2A UDP N . -38.71 -36.00 38.21
O3A UDP N . -37.09 -35.92 36.24
PB UDP N . -36.51 -34.48 36.72
O1B UDP N . -35.82 -34.64 38.02
O2B UDP N . -35.59 -33.93 35.70
O3B UDP N . -37.64 -33.54 36.88
C1 NAG O . -37.98 -31.42 39.37
C2 NAG O . -37.13 -32.04 40.48
C3 NAG O . -37.61 -33.45 40.79
C4 NAG O . -39.10 -33.45 41.10
C5 NAG O . -39.89 -32.77 39.98
C6 NAG O . -41.35 -32.62 40.30
C7 NAG O . -34.71 -32.35 40.92
C8 NAG O . -33.33 -32.29 40.33
N2 NAG O . -35.72 -32.04 40.10
O1 NAG O . -37.57 -30.11 39.11
O3 NAG O . -36.90 -33.97 41.91
O4 NAG O . -39.56 -34.79 41.25
O5 NAG O . -39.37 -31.45 39.75
O6 NAG O . -41.58 -32.27 41.66
O7 NAG O . -34.90 -32.69 42.09
MG MG P . -52.08 2.46 35.14
#